data_9PGS
#
_entry.id   9PGS
#
_cell.length_a   93.870
_cell.length_b   156.560
_cell.length_c   118.920
_cell.angle_alpha   90.000
_cell.angle_beta   97.817
_cell.angle_gamma   90.000
#
_symmetry.space_group_name_H-M   'P 1 21 1'
#
loop_
_entity.id
_entity.type
_entity.pdbx_description
1 polymer 'HIV-1 capsid'
2 non-polymer 3,5-difluoro-Nalpha-[(5-hydroxy-1H-indol-3-yl)acetyl]-N-(4-methoxyphenyl)-N-methyl-L-phenylalaninamide
3 water water
#
_entity_poly.entity_id   1
_entity_poly.type   'polypeptide(L)'
_entity_poly.pdbx_seq_one_letter_code
;MPIVQNLQGQMVHQCISPRTLNAWVKVVEEKAFSPEVIPMFSALSCGATPQDLNTMLNTVGGHQAAMQMLKETINEEAAE
WDRLHPVHAGPIAPGQMREPRGSDIAGTTSTLQEQIGWMTHNPPIPVGEIYKRWIILGLNKIVRMYSPTSILDIRQGPKE
PFRDYVDRFYKTLRAEQASQEVKNAATETLLVQNANPDCKTILKALGPGATLEEMMTACQGVGGPGHKARVL
;
_entity_poly.pdbx_strand_id   A,B,C,D,E,F,G,H,I,J,K,L
#
loop_
_chem_comp.id
_chem_comp.type
_chem_comp.name
_chem_comp.formula
A1CH4 non-polymer 3,5-difluoro-Nalpha-[(5-hydroxy-1H-indol-3-yl)acetyl]-N-(4-methoxyphenyl)-N-methyl-L-phenylalaninamide 'C27 H25 F2 N3 O4'
#
# COMPACT_ATOMS: atom_id res chain seq x y z
N PRO A 2 13.30 16.52 -9.37
CA PRO A 2 14.03 16.20 -8.15
C PRO A 2 13.86 14.75 -7.70
N ILE A 3 14.70 14.32 -6.77
CA ILE A 3 14.60 13.00 -6.15
C ILE A 3 13.93 13.15 -4.79
N VAL A 4 12.76 12.53 -4.64
CA VAL A 4 11.90 12.74 -3.50
C VAL A 4 11.58 11.40 -2.84
N GLN A 5 10.73 11.44 -1.83
CA GLN A 5 10.48 10.31 -0.94
C GLN A 5 9.16 9.64 -1.32
N ASN A 6 9.26 8.47 -1.95
CA ASN A 6 8.09 7.62 -2.14
C ASN A 6 7.74 6.98 -0.80
N LEU A 7 6.44 6.73 -0.59
CA LEU A 7 5.96 6.29 0.72
C LEU A 7 6.56 4.97 1.15
N GLN A 8 7.20 4.23 0.25
CA GLN A 8 7.86 2.97 0.61
C GLN A 8 9.30 3.24 0.99
N GLY A 9 9.57 4.43 1.52
CA GLY A 9 10.93 4.82 1.85
C GLY A 9 11.87 4.79 0.67
N GLN A 10 11.32 4.62 -0.54
CA GLN A 10 12.09 4.46 -1.76
C GLN A 10 12.33 5.81 -2.44
N MET A 11 13.54 5.99 -2.96
CA MET A 11 13.91 7.22 -3.65
C MET A 11 13.48 7.12 -5.12
N VAL A 12 12.56 7.98 -5.53
CA VAL A 12 12.04 7.99 -6.88
C VAL A 12 12.33 9.35 -7.52
N HIS A 13 12.46 9.35 -8.84
CA HIS A 13 12.59 10.59 -9.57
C HIS A 13 11.22 11.19 -9.85
N GLN A 14 11.17 12.52 -9.85
CA GLN A 14 9.92 13.23 -10.11
C GLN A 14 10.19 14.43 -10.98
N CYS A 15 9.21 14.78 -11.81
CA CYS A 15 9.32 15.95 -12.66
C CYS A 15 9.20 17.22 -11.84
N ILE A 16 9.91 18.26 -12.27
CA ILE A 16 9.76 19.57 -11.65
C ILE A 16 8.35 20.08 -11.95
N SER A 17 7.65 20.52 -10.91
CA SER A 17 6.28 20.94 -11.10
C SER A 17 6.23 22.29 -11.81
N PRO A 18 5.11 22.59 -12.49
CA PRO A 18 4.95 23.94 -13.04
C PRO A 18 4.98 25.03 -11.98
N ARG A 19 4.53 24.71 -10.76
CA ARG A 19 4.51 25.70 -9.70
C ARG A 19 5.91 26.15 -9.33
N THR A 20 6.83 25.20 -9.20
CA THR A 20 8.22 25.55 -8.91
C THR A 20 8.85 26.30 -10.08
N LEU A 21 8.63 25.83 -11.30
CA LEU A 21 9.16 26.51 -12.48
C LEU A 21 8.72 27.96 -12.52
N ASN A 22 7.41 28.21 -12.40
CA ASN A 22 6.90 29.57 -12.45
C ASN A 22 7.40 30.39 -11.27
N ALA A 23 7.59 29.76 -10.11
CA ALA A 23 8.07 30.49 -8.94
C ALA A 23 9.49 31.01 -9.15
N TRP A 24 10.38 30.15 -9.66
CA TRP A 24 11.76 30.59 -9.88
C TRP A 24 11.84 31.65 -10.96
N VAL A 25 11.02 31.52 -12.00
CA VAL A 25 10.98 32.54 -13.06
C VAL A 25 10.51 33.87 -12.49
N LYS A 26 9.44 33.85 -11.71
CA LYS A 26 8.90 35.09 -11.14
C LYS A 26 9.86 35.72 -10.15
N VAL A 27 10.63 34.91 -9.42
CA VAL A 27 11.58 35.45 -8.45
C VAL A 27 12.66 36.25 -9.16
N VAL A 28 13.18 35.72 -10.27
CA VAL A 28 14.25 36.43 -10.97
C VAL A 28 13.72 37.68 -11.65
N GLU A 29 12.51 37.61 -12.22
CA GLU A 29 11.97 38.77 -12.93
C GLU A 29 11.72 39.94 -11.97
N GLU A 30 11.36 39.65 -10.74
CA GLU A 30 10.95 40.71 -9.82
C GLU A 30 12.09 41.15 -8.90
N LYS A 31 12.92 40.22 -8.45
CA LYS A 31 13.96 40.51 -7.49
C LYS A 31 15.35 40.59 -8.10
N ALA A 32 15.49 40.28 -9.39
CA ALA A 32 16.77 40.31 -10.09
C ALA A 32 17.81 39.47 -9.36
N PHE A 33 18.79 40.12 -8.74
CA PHE A 33 19.78 39.43 -7.95
C PHE A 33 20.01 40.12 -6.62
N SER A 34 18.93 40.56 -5.97
CA SER A 34 19.04 40.92 -4.57
C SER A 34 19.47 39.68 -3.78
N PRO A 35 20.14 39.87 -2.64
CA PRO A 35 20.70 38.70 -1.91
C PRO A 35 19.69 37.64 -1.55
N GLU A 36 18.39 37.99 -1.46
CA GLU A 36 17.39 37.00 -1.07
C GLU A 36 17.04 36.04 -2.20
N VAL A 37 17.49 36.31 -3.43
CA VAL A 37 17.24 35.39 -4.54
C VAL A 37 17.98 34.07 -4.33
N ILE A 38 19.19 34.14 -3.75
CA ILE A 38 19.98 32.92 -3.57
C ILE A 38 19.31 31.90 -2.65
N PRO A 39 18.88 32.25 -1.44
CA PRO A 39 18.18 31.25 -0.60
C PRO A 39 16.86 30.82 -1.20
N MET A 40 16.24 31.64 -2.04
CA MET A 40 15.04 31.20 -2.75
C MET A 40 15.38 30.16 -3.82
N PHE A 41 16.53 30.32 -4.48
CA PHE A 41 16.96 29.31 -5.44
C PHE A 41 17.29 27.99 -4.75
N SER A 42 18.02 28.05 -3.64
CA SER A 42 18.37 26.85 -2.90
C SER A 42 17.12 26.13 -2.40
N ALA A 43 16.14 26.88 -1.90
CA ALA A 43 14.91 26.26 -1.38
C ALA A 43 14.03 25.72 -2.49
N LEU A 44 13.99 26.40 -3.64
CA LEU A 44 13.21 25.93 -4.78
C LEU A 44 13.88 24.77 -5.51
N SER A 45 15.17 24.51 -5.27
CA SER A 45 15.86 23.39 -5.89
C SER A 45 16.16 22.27 -4.89
N CYS A 46 15.30 22.11 -3.90
CA CYS A 46 15.50 21.09 -2.87
C CYS A 46 15.45 19.70 -3.48
N GLY A 47 16.54 18.94 -3.32
CA GLY A 47 16.62 17.59 -3.82
C GLY A 47 16.83 17.47 -5.31
N ALA A 48 17.58 18.38 -5.91
CA ALA A 48 17.65 18.46 -7.36
C ALA A 48 18.83 17.64 -7.90
N THR A 49 18.57 16.96 -9.01
CA THR A 49 19.63 16.41 -9.84
C THR A 49 20.25 17.54 -10.66
N PRO A 50 21.47 17.36 -11.15
CA PRO A 50 22.06 18.38 -12.02
C PRO A 50 21.18 18.77 -13.21
N GLN A 51 20.39 17.85 -13.74
CA GLN A 51 19.49 18.21 -14.83
C GLN A 51 18.43 19.20 -14.38
N ASP A 52 17.93 19.04 -13.15
CA ASP A 52 16.94 19.96 -12.60
C ASP A 52 17.52 21.37 -12.43
N LEU A 53 18.75 21.45 -11.92
CA LEU A 53 19.41 22.75 -11.76
C LEU A 53 19.62 23.43 -13.11
N ASN A 54 20.06 22.68 -14.12
CA ASN A 54 20.23 23.26 -15.44
C ASN A 54 18.91 23.72 -16.02
N THR A 55 17.83 23.01 -15.70
CA THR A 55 16.51 23.42 -16.17
C THR A 55 16.11 24.76 -15.57
N MET A 56 16.29 24.93 -14.26
CA MET A 56 15.91 26.19 -13.62
C MET A 56 16.76 27.34 -14.15
N LEU A 57 18.06 27.12 -14.33
CA LEU A 57 18.90 28.15 -14.93
C LEU A 57 18.49 28.44 -16.38
N ASN A 58 18.02 27.43 -17.12
CA ASN A 58 17.70 27.62 -18.52
C ASN A 58 16.39 28.36 -18.73
N THR A 59 15.50 28.39 -17.73
CA THR A 59 14.25 29.12 -17.87
C THR A 59 14.41 30.61 -17.61
N VAL A 60 15.56 31.05 -17.10
CA VAL A 60 15.82 32.47 -16.91
C VAL A 60 15.93 33.14 -18.27
N GLY A 61 15.06 34.09 -18.54
CA GLY A 61 15.00 34.75 -19.84
C GLY A 61 16.07 35.79 -20.04
N GLY A 62 16.10 36.79 -19.16
CA GLY A 62 17.09 37.84 -19.23
C GLY A 62 18.34 37.52 -18.43
N HIS A 63 19.06 38.57 -18.06
CA HIS A 63 20.24 38.46 -17.20
C HIS A 63 21.29 37.55 -17.81
N GLN A 64 21.40 37.52 -19.13
CA GLN A 64 22.31 36.60 -19.78
C GLN A 64 23.77 36.95 -19.54
N ALA A 65 24.06 38.17 -19.09
CA ALA A 65 25.42 38.48 -18.66
C ALA A 65 25.74 37.74 -17.38
N ALA A 66 24.82 37.77 -16.41
CA ALA A 66 25.01 37.03 -15.18
C ALA A 66 25.13 35.54 -15.46
N MET A 67 24.35 35.02 -16.41
CA MET A 67 24.38 33.59 -16.68
C MET A 67 25.71 33.15 -17.29
N GLN A 68 26.31 34.00 -18.14
CA GLN A 68 27.63 33.70 -18.66
C GLN A 68 28.67 33.71 -17.56
N MET A 69 28.58 34.67 -16.63
CA MET A 69 29.48 34.66 -15.48
C MET A 69 29.29 33.39 -14.66
N LEU A 70 28.04 32.99 -14.44
CA LEU A 70 27.77 31.76 -13.71
C LEU A 70 28.46 30.57 -14.35
N LYS A 71 28.44 30.49 -15.68
CA LYS A 71 29.12 29.38 -16.37
C LYS A 71 30.62 29.44 -16.16
N GLU A 72 31.21 30.64 -16.16
CA GLU A 72 32.65 30.73 -15.98
C GLU A 72 33.06 30.28 -14.58
N THR A 73 32.23 30.55 -13.58
CA THR A 73 32.50 30.03 -12.24
C THR A 73 32.31 28.51 -12.20
N ILE A 74 31.25 28.01 -12.84
CA ILE A 74 31.00 26.57 -12.87
C ILE A 74 32.17 25.84 -13.51
N ASN A 75 32.74 26.39 -14.58
CA ASN A 75 33.86 25.74 -15.24
C ASN A 75 35.11 25.76 -14.38
N GLU A 76 35.34 26.85 -13.65
CA GLU A 76 36.53 26.92 -12.81
C GLU A 76 36.40 26.01 -11.58
N GLU A 77 35.18 25.80 -11.09
CA GLU A 77 34.99 24.88 -9.97
C GLU A 77 35.07 23.43 -10.44
N ALA A 78 34.52 23.14 -11.61
CA ALA A 78 34.64 21.79 -12.16
C ALA A 78 36.10 21.44 -12.47
N ALA A 79 36.90 22.44 -12.88
CA ALA A 79 38.31 22.19 -13.12
C ALA A 79 39.05 21.86 -11.83
N GLU A 80 38.58 22.39 -10.70
CA GLU A 80 39.18 22.04 -9.42
C GLU A 80 38.71 20.68 -8.92
N TRP A 81 37.49 20.27 -9.27
CA TRP A 81 37.02 18.95 -8.88
C TRP A 81 37.78 17.86 -9.61
N ASP A 82 38.13 18.08 -10.88
CA ASP A 82 38.94 17.12 -11.63
C ASP A 82 40.33 16.98 -11.05
N ARG A 83 40.79 17.96 -10.28
CA ARG A 83 42.06 17.83 -9.57
C ARG A 83 41.92 16.98 -8.33
N LEU A 84 40.98 17.33 -7.45
CA LEU A 84 40.85 16.66 -6.16
C LEU A 84 40.23 15.27 -6.27
N HIS A 85 39.50 14.99 -7.36
CA HIS A 85 38.93 13.67 -7.60
C HIS A 85 39.11 13.32 -9.07
N PRO A 86 40.34 12.96 -9.47
CA PRO A 86 40.65 12.62 -10.87
C PRO A 86 39.83 11.47 -11.42
N GLY A 90 36.72 3.11 -18.42
CA GLY A 90 37.14 2.44 -17.20
C GLY A 90 36.12 1.43 -16.71
N PRO A 91 36.60 0.34 -16.13
CA PRO A 91 35.67 -0.70 -15.65
C PRO A 91 34.84 -0.21 -14.47
N ILE A 92 33.62 -0.73 -14.39
CA ILE A 92 32.67 -0.38 -13.35
C ILE A 92 32.20 -1.68 -12.70
N ALA A 93 32.48 -1.83 -11.41
CA ALA A 93 32.11 -3.03 -10.68
C ALA A 93 30.59 -3.23 -10.74
N PRO A 94 30.13 -4.48 -10.81
CA PRO A 94 28.68 -4.73 -10.88
C PRO A 94 27.95 -4.20 -9.66
N GLY A 95 26.78 -3.60 -9.90
CA GLY A 95 26.00 -2.96 -8.87
C GLY A 95 26.36 -1.51 -8.61
N GLN A 96 27.52 -1.05 -9.07
CA GLN A 96 28.00 0.27 -8.73
C GLN A 96 27.96 1.20 -9.96
N MET A 97 28.59 2.36 -9.84
CA MET A 97 28.58 3.35 -10.91
C MET A 97 29.97 3.91 -11.11
N ARG A 98 30.14 4.67 -12.19
CA ARG A 98 31.42 5.29 -12.49
C ARG A 98 31.70 6.41 -11.49
N GLU A 99 32.94 6.91 -11.52
CA GLU A 99 33.25 8.06 -10.68
C GLU A 99 33.05 9.36 -11.46
N PRO A 100 32.43 10.37 -10.84
CA PRO A 100 32.03 11.56 -11.60
C PRO A 100 33.19 12.54 -11.81
N ARG A 101 33.28 13.04 -13.03
CA ARG A 101 34.15 14.18 -13.32
C ARG A 101 33.34 15.47 -13.21
N GLY A 102 34.06 16.60 -13.35
CA GLY A 102 33.41 17.90 -13.21
C GLY A 102 32.28 18.10 -14.21
N SER A 103 32.50 17.68 -15.46
CA SER A 103 31.46 17.76 -16.47
C SER A 103 30.29 16.83 -16.17
N ASP A 104 30.51 15.76 -15.41
CA ASP A 104 29.41 14.90 -15.01
C ASP A 104 28.57 15.55 -13.92
N ILE A 105 29.22 16.25 -12.99
CA ILE A 105 28.50 16.94 -11.92
C ILE A 105 27.65 18.08 -12.50
N ALA A 106 28.21 18.83 -13.46
CA ALA A 106 27.48 19.92 -14.07
C ALA A 106 26.38 19.46 -15.03
N GLY A 107 26.31 18.17 -15.34
CA GLY A 107 25.27 17.67 -16.22
C GLY A 107 25.51 17.92 -17.69
N THR A 108 26.77 18.09 -18.11
CA THR A 108 27.08 18.30 -19.51
C THR A 108 27.45 17.00 -20.22
N THR A 109 28.10 16.08 -19.52
CA THR A 109 28.50 14.79 -20.09
C THR A 109 27.87 13.61 -19.36
N SER A 110 26.80 13.85 -18.59
CA SER A 110 26.13 12.79 -17.86
C SER A 110 24.65 12.80 -18.19
N THR A 111 24.00 11.67 -17.99
CA THR A 111 22.58 11.50 -18.26
C THR A 111 21.78 11.55 -16.97
N LEU A 112 20.45 11.62 -17.12
CA LEU A 112 19.59 11.54 -15.95
C LEU A 112 19.71 10.20 -15.25
N GLN A 113 19.93 9.12 -16.01
CA GLN A 113 20.09 7.81 -15.39
C GLN A 113 21.37 7.74 -14.57
N GLU A 114 22.47 8.28 -15.09
CA GLU A 114 23.72 8.30 -14.34
C GLU A 114 23.60 9.19 -13.11
N GLN A 115 22.88 10.31 -13.22
CA GLN A 115 22.71 11.20 -12.07
C GLN A 115 21.86 10.54 -10.98
N ILE A 116 20.69 10.01 -11.36
CA ILE A 116 19.84 9.32 -10.40
C ILE A 116 20.60 8.17 -9.74
N GLY A 117 21.37 7.42 -10.52
CA GLY A 117 22.14 6.32 -9.95
C GLY A 117 23.16 6.77 -8.93
N TRP A 118 23.73 7.96 -9.12
CA TRP A 118 24.68 8.48 -8.13
C TRP A 118 23.99 8.91 -6.85
N MET A 119 22.81 9.54 -6.97
CA MET A 119 22.13 10.10 -5.81
C MET A 119 21.25 9.10 -5.09
N THR A 120 21.12 7.87 -5.61
CA THR A 120 20.41 6.80 -4.92
C THR A 120 21.32 5.63 -4.57
N HIS A 121 22.63 5.75 -4.83
CA HIS A 121 23.58 4.68 -4.53
C HIS A 121 23.60 4.39 -3.02
N ASN A 122 23.85 3.13 -2.66
CA ASN A 122 24.02 2.79 -1.25
C ASN A 122 25.13 3.61 -0.62
N PRO A 123 26.31 3.77 -1.23
CA PRO A 123 27.21 4.85 -0.85
C PRO A 123 26.95 6.07 -1.72
N PRO A 124 26.09 6.98 -1.27
CA PRO A 124 25.58 8.04 -2.15
C PRO A 124 26.65 9.08 -2.50
N ILE A 125 26.56 9.59 -3.73
CA ILE A 125 27.37 10.73 -4.17
C ILE A 125 26.40 11.82 -4.63
N PRO A 126 26.17 12.88 -3.82
CA PRO A 126 25.16 13.91 -4.17
C PRO A 126 25.68 14.89 -5.21
N VAL A 127 25.63 14.47 -6.47
CA VAL A 127 26.11 15.32 -7.56
C VAL A 127 25.25 16.57 -7.68
N GLY A 128 23.98 16.47 -7.29
CA GLY A 128 23.13 17.66 -7.29
C GLY A 128 23.53 18.65 -6.22
N GLU A 129 23.87 18.16 -5.04
CA GLU A 129 24.30 19.06 -3.96
C GLU A 129 25.68 19.66 -4.24
N ILE A 130 26.57 18.89 -4.85
CA ILE A 130 27.87 19.43 -5.24
C ILE A 130 27.70 20.49 -6.32
N TYR A 131 26.85 20.22 -7.31
CA TYR A 131 26.57 21.19 -8.35
C TYR A 131 25.93 22.45 -7.76
N LYS A 132 24.99 22.28 -6.83
CA LYS A 132 24.33 23.44 -6.24
C LYS A 132 25.32 24.32 -5.49
N ARG A 133 26.31 23.70 -4.85
CA ARG A 133 27.37 24.49 -4.21
C ARG A 133 28.09 25.35 -5.23
N TRP A 134 28.42 24.77 -6.40
CA TRP A 134 29.09 25.54 -7.44
C TRP A 134 28.22 26.69 -7.93
N ILE A 135 26.92 26.44 -8.11
CA ILE A 135 26.02 27.47 -8.59
C ILE A 135 25.91 28.60 -7.57
N ILE A 136 25.75 28.27 -6.28
CA ILE A 136 25.62 29.30 -5.26
C ILE A 136 26.91 30.12 -5.16
N LEU A 137 28.06 29.47 -5.34
CA LEU A 137 29.32 30.21 -5.38
C LEU A 137 29.33 31.25 -6.50
N GLY A 138 28.70 30.93 -7.63
CA GLY A 138 28.60 31.88 -8.72
C GLY A 138 27.51 32.92 -8.53
N LEU A 139 26.40 32.54 -7.90
CA LEU A 139 25.34 33.49 -7.61
C LEU A 139 25.80 34.52 -6.59
N ASN A 140 26.68 34.13 -5.65
CA ASN A 140 27.22 35.09 -4.70
C ASN A 140 28.01 36.18 -5.42
N LYS A 141 28.85 35.79 -6.38
CA LYS A 141 29.59 36.77 -7.16
C LYS A 141 28.64 37.71 -7.90
N ILE A 142 27.57 37.15 -8.48
CA ILE A 142 26.61 37.97 -9.20
C ILE A 142 25.90 38.95 -8.26
N VAL A 143 25.68 38.55 -7.00
CA VAL A 143 25.05 39.45 -6.06
C VAL A 143 26.00 40.59 -5.67
N ARG A 144 27.28 40.28 -5.45
CA ARG A 144 28.25 41.35 -5.20
C ARG A 144 28.34 42.30 -6.39
N MET A 145 28.25 41.77 -7.61
CA MET A 145 28.32 42.60 -8.79
C MET A 145 27.13 43.56 -8.86
N TYR A 146 25.93 43.05 -8.61
CA TYR A 146 24.71 43.83 -8.76
C TYR A 146 24.49 44.84 -7.64
N SER A 147 25.22 44.75 -6.54
CA SER A 147 25.07 45.74 -5.47
C SER A 147 25.61 47.08 -5.94
N PRO A 148 24.78 48.12 -6.00
CA PRO A 148 25.22 49.39 -6.61
C PRO A 148 26.22 50.17 -5.76
N THR A 149 26.26 49.94 -4.45
CA THR A 149 27.01 50.79 -3.54
C THR A 149 27.91 49.94 -2.65
N SER A 150 29.04 50.51 -2.27
CA SER A 150 29.91 49.90 -1.29
C SER A 150 29.37 50.15 0.11
N ILE A 151 29.84 49.35 1.07
CA ILE A 151 29.42 49.54 2.46
C ILE A 151 30.00 50.84 3.02
N LEU A 152 31.14 51.28 2.48
CA LEU A 152 31.78 52.51 2.96
C LEU A 152 30.96 53.74 2.61
N ASP A 153 30.20 53.69 1.52
CA ASP A 153 29.45 54.84 1.00
C ASP A 153 28.03 54.93 1.55
N ILE A 154 27.67 54.11 2.54
CA ILE A 154 26.35 54.17 3.15
C ILE A 154 26.43 55.16 4.31
N ARG A 155 25.79 56.32 4.14
CA ARG A 155 25.83 57.39 5.13
C ARG A 155 24.42 57.90 5.38
N GLN A 156 24.07 58.07 6.66
CA GLN A 156 22.75 58.54 7.03
C GLN A 156 22.54 59.98 6.57
N GLY A 157 21.39 60.26 5.96
CA GLY A 157 21.05 61.59 5.53
C GLY A 157 20.82 62.52 6.71
N PRO A 158 20.71 63.82 6.42
CA PRO A 158 20.46 64.78 7.52
C PRO A 158 19.09 64.60 8.15
N LYS A 159 18.06 64.36 7.35
CA LYS A 159 16.70 64.15 7.86
C LYS A 159 16.24 62.71 7.67
N GLU A 160 17.16 61.77 7.50
CA GLU A 160 16.69 60.41 7.31
C GLU A 160 16.60 59.69 8.65
N PRO A 161 15.53 58.95 8.89
CA PRO A 161 15.41 58.21 10.15
C PRO A 161 16.51 57.16 10.27
N PHE A 162 17.00 56.99 11.51
CA PHE A 162 18.02 55.99 11.78
C PHE A 162 17.59 54.60 11.33
N ARG A 163 16.29 54.29 11.41
CA ARG A 163 15.81 52.97 11.00
C ARG A 163 16.04 52.75 9.50
N ASP A 164 15.69 53.75 8.70
CA ASP A 164 15.84 53.63 7.25
C ASP A 164 17.31 53.57 6.85
N TYR A 165 18.19 54.20 7.64
CA TYR A 165 19.61 54.18 7.31
C TYR A 165 20.24 52.84 7.65
N VAL A 166 19.88 52.25 8.80
CA VAL A 166 20.37 50.93 9.14
C VAL A 166 19.83 49.88 8.17
N ASP A 167 18.61 50.08 7.65
CA ASP A 167 18.09 49.17 6.64
C ASP A 167 18.98 49.12 5.40
N ARG A 168 19.48 50.28 4.98
CA ARG A 168 20.36 50.31 3.81
C ARG A 168 21.76 49.80 4.15
N PHE A 169 22.24 50.06 5.36
CA PHE A 169 23.56 49.60 5.76
C PHE A 169 23.66 48.08 5.72
N TYR A 170 22.68 47.39 6.31
CA TYR A 170 22.77 45.93 6.40
C TYR A 170 22.34 45.24 5.12
N LYS A 171 21.45 45.87 4.33
CA LYS A 171 21.13 45.32 3.02
C LYS A 171 22.33 45.39 2.10
N THR A 172 23.09 46.48 2.15
CA THR A 172 24.35 46.57 1.42
C THR A 172 25.36 45.55 1.94
N LEU A 173 25.52 45.50 3.26
CA LEU A 173 26.46 44.55 3.86
C LEU A 173 26.14 43.11 3.47
N ARG A 174 24.86 42.79 3.31
CA ARG A 174 24.48 41.42 2.94
C ARG A 174 24.96 41.08 1.54
N ALA A 175 24.81 42.01 0.59
CA ALA A 175 25.26 41.75 -0.77
C ALA A 175 26.77 41.70 -0.87
N GLU A 176 27.48 42.58 -0.16
CA GLU A 176 28.94 42.59 -0.22
C GLU A 176 29.52 41.33 0.40
N GLN A 177 29.00 40.90 1.55
CA GLN A 177 29.48 39.73 2.27
C GLN A 177 28.75 38.45 1.84
N ALA A 178 28.38 38.35 0.56
CA ALA A 178 27.55 37.25 0.07
C ALA A 178 28.26 35.89 0.16
N ASN A 184 30.60 41.59 13.87
CA ASN A 184 31.92 42.10 13.51
C ASN A 184 32.10 43.54 14.02
N ALA A 185 33.27 43.85 14.56
CA ALA A 185 33.52 45.16 15.13
C ALA A 185 33.75 46.23 14.05
N ALA A 186 34.38 45.86 12.93
CA ALA A 186 34.59 46.83 11.86
C ALA A 186 33.27 47.32 11.28
N THR A 187 32.25 46.46 11.26
CA THR A 187 30.94 46.89 10.80
C THR A 187 30.24 47.78 11.82
N GLU A 188 30.44 47.48 13.12
CA GLU A 188 29.82 48.30 14.16
C GLU A 188 30.39 49.70 14.19
N THR A 189 31.72 49.83 14.10
CA THR A 189 32.34 51.15 14.03
C THR A 189 31.94 51.88 12.75
N LEU A 190 31.84 51.15 11.64
CA LEU A 190 31.43 51.76 10.38
C LEU A 190 29.98 52.22 10.43
N LEU A 191 29.14 51.53 11.21
CA LEU A 191 27.73 51.92 11.32
C LEU A 191 27.58 53.26 12.04
N VAL A 192 28.23 53.41 13.20
CA VAL A 192 28.10 54.65 13.95
C VAL A 192 28.87 55.77 13.27
N GLN A 193 29.93 55.46 12.53
CA GLN A 193 30.77 56.48 11.92
C GLN A 193 30.07 57.23 10.80
N ASN A 194 29.02 56.65 10.20
CA ASN A 194 28.35 57.29 9.09
C ASN A 194 26.89 57.64 9.37
N ALA A 195 26.47 57.57 10.64
CA ALA A 195 25.22 58.21 11.00
C ALA A 195 25.39 59.73 10.87
N ASN A 196 24.26 60.42 10.71
CA ASN A 196 24.32 61.88 10.61
C ASN A 196 24.85 62.46 11.93
N PRO A 197 25.36 63.70 11.91
CA PRO A 197 26.07 64.19 13.12
C PRO A 197 25.25 64.15 14.40
N ASP A 198 23.95 64.46 14.34
CA ASP A 198 23.13 64.48 15.54
C ASP A 198 23.03 63.08 16.15
N CYS A 199 22.46 62.13 15.40
CA CYS A 199 22.42 60.73 15.83
C CYS A 199 23.79 60.21 16.24
N LYS A 200 24.85 60.73 15.61
CA LYS A 200 26.19 60.19 15.81
C LYS A 200 26.63 60.34 17.27
N THR A 201 26.49 61.53 17.84
CA THR A 201 26.97 61.75 19.20
C THR A 201 26.11 61.04 20.23
N ILE A 202 24.81 60.86 19.94
CA ILE A 202 23.98 60.04 20.82
C ILE A 202 24.49 58.61 20.85
N LEU A 203 24.98 58.12 19.71
CA LEU A 203 25.57 56.79 19.65
C LEU A 203 26.87 56.73 20.44
N LYS A 204 27.68 57.78 20.36
CA LYS A 204 28.89 57.84 21.18
C LYS A 204 28.57 58.01 22.65
N ALA A 205 27.42 58.59 22.97
CA ALA A 205 27.04 58.84 24.36
C ALA A 205 26.53 57.59 25.06
N LEU A 206 25.96 56.64 24.31
CA LEU A 206 25.52 55.38 24.90
C LEU A 206 26.68 54.52 25.37
N GLY A 207 27.91 54.83 24.98
CA GLY A 207 29.04 54.00 25.32
C GLY A 207 29.21 52.87 24.34
N PRO A 208 30.23 52.04 24.55
CA PRO A 208 30.47 50.90 23.65
C PRO A 208 29.68 49.67 24.08
N GLY A 209 29.68 48.68 23.19
CA GLY A 209 29.01 47.43 23.47
C GLY A 209 27.50 47.50 23.56
N ALA A 210 26.89 48.51 22.96
CA ALA A 210 25.44 48.66 23.00
C ALA A 210 24.78 47.91 21.86
N THR A 211 23.68 47.22 22.16
CA THR A 211 22.97 46.45 21.15
C THR A 211 22.36 47.37 20.10
N LEU A 212 22.02 46.77 18.95
CA LEU A 212 21.36 47.53 17.89
C LEU A 212 19.97 47.99 18.34
N GLU A 213 19.30 47.20 19.18
CA GLU A 213 18.00 47.61 19.69
C GLU A 213 18.13 48.86 20.57
N GLU A 214 19.16 48.92 21.40
CA GLU A 214 19.41 50.12 22.20
C GLU A 214 19.77 51.31 21.32
N MET A 215 20.59 51.08 20.30
CA MET A 215 20.98 52.18 19.41
C MET A 215 19.77 52.75 18.68
N MET A 216 18.88 51.89 18.19
CA MET A 216 17.79 52.37 17.36
C MET A 216 16.71 53.06 18.18
N THR A 217 16.47 52.59 19.41
CA THR A 217 15.51 53.27 20.26
C THR A 217 16.06 54.59 20.81
N ALA A 218 17.39 54.76 20.80
CA ALA A 218 17.99 56.01 21.27
C ALA A 218 17.98 57.08 20.17
N CYS A 219 18.22 56.67 18.93
CA CYS A 219 18.18 57.55 17.78
C CYS A 219 16.76 57.88 17.33
N GLN A 220 15.74 57.44 18.08
CA GLN A 220 14.37 57.58 17.63
C GLN A 220 13.96 59.05 17.51
N GLY A 221 14.54 59.92 18.32
CA GLY A 221 14.22 61.33 18.29
C GLY A 221 14.53 62.02 16.97
N PRO B 2 10.28 20.56 6.22
CA PRO B 2 9.74 20.15 7.52
C PRO B 2 9.72 18.64 7.72
N ILE B 3 9.43 18.20 8.95
CA ILE B 3 9.29 16.78 9.26
C ILE B 3 7.80 16.47 9.32
N VAL B 4 7.34 15.58 8.44
CA VAL B 4 5.93 15.26 8.30
C VAL B 4 5.73 13.75 8.46
N GLN B 5 4.47 13.35 8.61
CA GLN B 5 4.11 11.95 8.78
C GLN B 5 3.94 11.27 7.44
N ASN B 6 4.62 10.14 7.26
CA ASN B 6 4.40 9.22 6.16
C ASN B 6 3.29 8.23 6.52
N LEU B 7 2.60 7.75 5.49
CA LEU B 7 1.63 6.68 5.66
C LEU B 7 2.26 5.39 6.20
N GLN B 8 3.59 5.26 6.16
CA GLN B 8 4.28 4.17 6.83
C GLN B 8 4.41 4.41 8.33
N GLY B 9 3.91 5.54 8.82
CA GLY B 9 3.98 5.89 10.23
C GLY B 9 5.28 6.53 10.66
N GLN B 10 6.27 6.64 9.76
CA GLN B 10 7.56 7.20 10.13
C GLN B 10 7.61 8.68 9.79
N MET B 11 8.35 9.41 10.63
CA MET B 11 8.58 10.83 10.38
C MET B 11 9.64 10.98 9.29
N VAL B 12 9.27 11.67 8.21
CA VAL B 12 10.14 11.83 7.06
C VAL B 12 10.36 13.31 6.80
N HIS B 13 11.49 13.62 6.17
CA HIS B 13 11.77 15.00 5.81
C HIS B 13 11.15 15.33 4.45
N GLN B 14 10.63 16.54 4.34
CA GLN B 14 9.96 17.01 3.14
C GLN B 14 10.51 18.38 2.78
N CYS B 15 10.60 18.65 1.49
CA CYS B 15 11.03 19.97 1.03
C CYS B 15 9.94 20.99 1.32
N ILE B 16 10.34 22.17 1.77
CA ILE B 16 9.38 23.24 2.00
C ILE B 16 8.72 23.60 0.68
N SER B 17 7.40 23.72 0.69
CA SER B 17 6.69 23.88 -0.57
C SER B 17 6.87 25.31 -1.11
N PRO B 18 6.83 25.47 -2.44
CA PRO B 18 6.88 26.82 -3.00
C PRO B 18 5.70 27.69 -2.58
N ARG B 19 4.52 27.09 -2.39
CA ARG B 19 3.37 27.88 -1.95
C ARG B 19 3.60 28.43 -0.55
N THR B 20 4.24 27.66 0.32
CA THR B 20 4.56 28.14 1.66
C THR B 20 5.58 29.28 1.60
N LEU B 21 6.60 29.15 0.75
CA LEU B 21 7.60 30.20 0.60
C LEU B 21 6.97 31.49 0.11
N ASN B 22 6.10 31.40 -0.92
CA ASN B 22 5.48 32.60 -1.46
C ASN B 22 4.52 33.23 -0.47
N ALA B 23 3.82 32.40 0.32
CA ALA B 23 2.92 32.94 1.33
C ALA B 23 3.69 33.74 2.37
N TRP B 24 4.88 33.31 2.73
CA TRP B 24 5.65 34.03 3.75
C TRP B 24 6.24 35.31 3.19
N VAL B 25 6.71 35.28 1.93
CA VAL B 25 7.26 36.49 1.31
C VAL B 25 6.16 37.54 1.14
N LYS B 26 4.95 37.11 0.78
CA LYS B 26 3.84 38.05 0.61
C LYS B 26 3.42 38.66 1.94
N VAL B 27 3.37 37.86 3.00
CA VAL B 27 2.97 38.38 4.31
C VAL B 27 3.93 39.48 4.74
N VAL B 28 5.23 39.25 4.63
CA VAL B 28 6.20 40.26 5.04
C VAL B 28 6.11 41.50 4.16
N GLU B 29 5.77 41.34 2.87
CA GLU B 29 5.78 42.49 1.97
C GLU B 29 4.53 43.36 2.11
N GLU B 30 3.42 42.79 2.55
CA GLU B 30 2.17 43.54 2.61
C GLU B 30 1.81 44.00 4.02
N LYS B 31 2.30 43.31 5.06
CA LYS B 31 2.01 43.67 6.43
C LYS B 31 3.22 44.15 7.21
N ALA B 32 4.42 44.01 6.64
CA ALA B 32 5.67 44.32 7.32
C ALA B 32 5.73 43.53 8.63
N PHE B 33 5.74 44.24 9.76
CA PHE B 33 5.80 43.62 11.07
C PHE B 33 4.59 43.99 11.91
N SER B 34 3.43 44.07 11.27
CA SER B 34 2.18 44.12 12.00
C SER B 34 2.07 42.88 12.89
N PRO B 35 1.40 42.99 14.04
CA PRO B 35 1.37 41.87 14.99
C PRO B 35 0.96 40.52 14.39
N GLU B 36 -0.04 40.49 13.52
CA GLU B 36 -0.57 39.26 12.95
C GLU B 36 0.43 38.54 12.05
N VAL B 37 1.59 39.14 11.77
CA VAL B 37 2.61 38.46 10.96
C VAL B 37 3.25 37.32 11.74
N ILE B 38 3.36 37.44 13.06
CA ILE B 38 4.03 36.45 13.88
C ILE B 38 3.22 35.15 13.94
N PRO B 39 1.91 35.17 14.22
CA PRO B 39 1.16 33.90 14.17
C PRO B 39 1.13 33.29 12.77
N MET B 40 1.16 34.12 11.73
CA MET B 40 1.24 33.59 10.38
C MET B 40 2.58 32.91 10.12
N PHE B 41 3.65 33.46 10.70
CA PHE B 41 4.97 32.84 10.56
C PHE B 41 5.02 31.50 11.29
N SER B 42 4.47 31.45 12.51
CA SER B 42 4.47 30.20 13.26
C SER B 42 3.64 29.13 12.55
N ALA B 43 2.51 29.52 11.96
CA ALA B 43 1.68 28.53 11.27
C ALA B 43 2.35 28.04 10.00
N LEU B 44 2.94 28.94 9.23
CA LEU B 44 3.62 28.54 8.00
C LEU B 44 4.88 27.74 8.25
N SER B 45 5.43 27.77 9.46
CA SER B 45 6.61 27.01 9.82
C SER B 45 6.29 25.79 10.66
N CYS B 46 5.07 25.27 10.56
CA CYS B 46 4.68 24.08 11.30
C CYS B 46 5.50 22.88 10.83
N GLY B 47 6.18 22.23 11.78
CA GLY B 47 7.04 21.11 11.48
C GLY B 47 8.43 21.48 11.01
N ALA B 48 8.80 22.76 11.07
CA ALA B 48 10.05 23.21 10.46
C ALA B 48 11.28 22.66 11.17
N THR B 49 12.33 22.41 10.39
CA THR B 49 13.69 22.15 10.84
C THR B 49 14.40 23.49 10.94
N PRO B 50 15.48 23.56 11.73
CA PRO B 50 16.28 24.80 11.78
C PRO B 50 16.68 25.31 10.41
N GLN B 51 17.03 24.41 9.49
CA GLN B 51 17.38 24.81 8.13
C GLN B 51 16.20 25.45 7.43
N ASP B 52 14.99 24.91 7.62
CA ASP B 52 13.79 25.52 7.06
C ASP B 52 13.55 26.90 7.64
N LEU B 53 13.74 27.06 8.95
CA LEU B 53 13.49 28.35 9.57
C LEU B 53 14.46 29.39 9.05
N ASN B 54 15.73 29.03 8.88
CA ASN B 54 16.68 29.96 8.28
C ASN B 54 16.32 30.30 6.84
N THR B 55 15.71 29.36 6.12
CA THR B 55 15.28 29.66 4.75
C THR B 55 14.21 30.74 4.74
N MET B 56 13.19 30.61 5.60
CA MET B 56 12.13 31.61 5.65
C MET B 56 12.67 32.98 6.05
N LEU B 57 13.56 33.03 7.04
CA LEU B 57 14.15 34.29 7.42
C LEU B 57 14.99 34.87 6.28
N ASN B 58 15.69 34.01 5.54
CA ASN B 58 16.56 34.48 4.46
C ASN B 58 15.78 35.02 3.26
N THR B 59 14.50 34.69 3.13
CA THR B 59 13.75 35.21 1.99
C THR B 59 13.18 36.59 2.23
N VAL B 60 13.38 37.17 3.41
CA VAL B 60 12.90 38.52 3.67
C VAL B 60 13.79 39.51 2.92
N GLY B 61 13.18 40.32 2.06
CA GLY B 61 13.93 41.28 1.27
C GLY B 61 14.50 42.42 2.09
N GLY B 62 13.66 43.37 2.45
CA GLY B 62 14.09 44.51 3.23
C GLY B 62 14.15 44.20 4.72
N HIS B 63 13.87 45.23 5.53
CA HIS B 63 13.82 45.11 6.98
C HIS B 63 15.10 44.50 7.54
N GLN B 64 16.24 44.85 6.94
CA GLN B 64 17.50 44.26 7.38
C GLN B 64 17.93 44.77 8.75
N ALA B 65 17.47 45.96 9.15
CA ALA B 65 17.69 46.38 10.52
C ALA B 65 16.95 45.46 11.50
N ALA B 66 15.73 45.06 11.14
CA ALA B 66 15.00 44.12 11.97
C ALA B 66 15.66 42.75 11.96
N MET B 67 16.18 42.33 10.80
CA MET B 67 16.81 41.02 10.72
C MET B 67 18.09 40.96 11.55
N GLN B 68 18.83 42.07 11.60
CA GLN B 68 20.03 42.08 12.43
C GLN B 68 19.67 42.07 13.91
N MET B 69 18.62 42.79 14.29
CA MET B 69 18.10 42.71 15.66
C MET B 69 17.70 41.28 16.01
N LEU B 70 17.06 40.58 15.07
CA LEU B 70 16.65 39.21 15.32
C LEU B 70 17.86 38.31 15.55
N LYS B 71 18.93 38.49 14.76
CA LYS B 71 20.14 37.71 14.97
C LYS B 71 20.72 37.95 16.36
N GLU B 72 20.69 39.20 16.83
CA GLU B 72 21.22 39.49 18.16
C GLU B 72 20.37 38.85 19.24
N THR B 73 19.05 38.78 19.04
CA THR B 73 18.20 38.06 19.96
C THR B 73 18.48 36.57 19.93
N ILE B 74 18.70 36.02 18.73
CA ILE B 74 18.97 34.59 18.59
C ILE B 74 20.28 34.21 19.27
N ASN B 75 21.32 35.04 19.10
CA ASN B 75 22.59 34.75 19.73
C ASN B 75 22.48 34.79 21.25
N GLU B 76 21.71 35.73 21.79
CA GLU B 76 21.54 35.80 23.24
C GLU B 76 20.80 34.57 23.76
N GLU B 77 19.77 34.11 23.05
CA GLU B 77 19.05 32.93 23.49
C GLU B 77 19.90 31.67 23.37
N ALA B 78 20.75 31.61 22.34
CA ALA B 78 21.67 30.49 22.20
C ALA B 78 22.74 30.51 23.27
N ALA B 79 23.13 31.71 23.73
CA ALA B 79 24.08 31.81 24.82
C ALA B 79 23.45 31.38 26.14
N GLU B 80 22.21 31.81 26.41
CA GLU B 80 21.52 31.37 27.62
C GLU B 80 21.28 29.87 27.60
N TRP B 81 20.85 29.33 26.45
CA TRP B 81 20.72 27.89 26.31
C TRP B 81 22.02 27.19 26.68
N ASP B 82 23.16 27.76 26.26
CA ASP B 82 24.45 27.14 26.55
C ASP B 82 24.75 27.15 28.05
N ARG B 83 24.48 28.28 28.72
CA ARG B 83 24.69 28.33 30.16
C ARG B 83 23.74 27.42 30.92
N LEU B 84 22.53 27.23 30.41
CA LEU B 84 21.56 26.34 31.05
C LEU B 84 21.80 24.87 30.70
N HIS B 85 22.72 24.57 29.79
CA HIS B 85 23.05 23.20 29.41
C HIS B 85 24.56 23.04 29.33
N PRO B 86 25.24 23.01 30.49
CA PRO B 86 26.69 22.82 30.50
C PRO B 86 27.09 21.35 30.37
N ALA B 93 29.35 7.37 29.11
CA ALA B 93 28.28 6.45 28.71
C ALA B 93 28.47 5.99 27.26
N PRO B 94 28.50 4.66 27.06
CA PRO B 94 28.63 4.11 25.70
C PRO B 94 27.33 4.25 24.92
N GLY B 95 27.36 5.10 23.90
CA GLY B 95 26.16 5.43 23.16
C GLY B 95 25.43 6.68 23.61
N GLN B 96 26.09 7.57 24.35
CA GLN B 96 25.49 8.82 24.78
C GLN B 96 25.45 9.80 23.62
N MET B 97 24.24 10.19 23.21
CA MET B 97 24.11 11.09 22.06
C MET B 97 24.62 12.47 22.41
N ARG B 98 25.36 13.06 21.47
CA ARG B 98 25.85 14.43 21.64
C ARG B 98 24.67 15.40 21.53
N GLU B 99 24.46 16.17 22.58
CA GLU B 99 23.33 17.08 22.64
C GLU B 99 23.68 18.39 21.93
N PRO B 100 22.70 19.06 21.34
CA PRO B 100 22.99 20.25 20.54
C PRO B 100 23.43 21.42 21.40
N ARG B 101 24.33 22.23 20.83
CA ARG B 101 24.69 23.51 21.42
C ARG B 101 23.69 24.57 20.95
N GLY B 102 23.87 25.80 21.41
CA GLY B 102 23.04 26.89 20.93
C GLY B 102 23.16 27.09 19.43
N SER B 103 24.39 26.98 18.91
CA SER B 103 24.61 27.14 17.48
C SER B 103 24.05 25.95 16.69
N ASP B 104 23.98 24.77 17.32
CA ASP B 104 23.36 23.63 16.66
C ASP B 104 21.87 23.86 16.45
N ILE B 105 21.17 24.34 17.48
CA ILE B 105 19.74 24.60 17.37
C ILE B 105 19.48 25.68 16.33
N ALA B 106 20.27 26.75 16.35
CA ALA B 106 20.11 27.84 15.39
C ALA B 106 20.48 27.44 13.98
N GLY B 107 21.16 26.31 13.78
CA GLY B 107 21.50 25.84 12.46
C GLY B 107 22.81 26.34 11.89
N THR B 108 23.58 27.12 12.66
CA THR B 108 24.84 27.66 12.15
C THR B 108 25.96 26.62 12.15
N THR B 109 25.88 25.60 13.01
CA THR B 109 26.95 24.61 13.13
C THR B 109 26.44 23.17 13.03
N SER B 110 25.21 22.95 12.57
CA SER B 110 24.64 21.62 12.47
C SER B 110 24.15 21.35 11.06
N THR B 111 24.35 20.13 10.59
CA THR B 111 23.82 19.69 9.31
C THR B 111 22.34 19.34 9.44
N LEU B 112 21.67 19.23 8.29
CA LEU B 112 20.28 18.80 8.28
C LEU B 112 20.13 17.39 8.83
N GLN B 113 21.09 16.51 8.49
CA GLN B 113 21.07 15.15 9.04
C GLN B 113 21.11 15.15 10.55
N GLU B 114 21.94 16.01 11.15
CA GLU B 114 21.98 16.11 12.61
C GLU B 114 20.68 16.70 13.16
N GLN B 115 20.12 17.69 12.47
CA GLN B 115 18.86 18.27 12.91
C GLN B 115 17.75 17.23 12.95
N ILE B 116 17.62 16.44 11.88
CA ILE B 116 16.63 15.37 11.85
C ILE B 116 16.95 14.32 12.91
N GLY B 117 18.24 14.05 13.13
CA GLY B 117 18.61 13.10 14.17
C GLY B 117 18.09 13.48 15.54
N TRP B 118 18.18 14.77 15.88
CA TRP B 118 17.65 15.22 17.16
C TRP B 118 16.13 15.23 17.16
N MET B 119 15.51 15.62 16.04
CA MET B 119 14.06 15.80 16.00
C MET B 119 13.32 14.47 16.01
N THR B 120 13.89 13.43 15.41
CA THR B 120 13.25 12.12 15.34
C THR B 120 13.91 11.09 16.23
N HIS B 121 14.61 11.53 17.28
CA HIS B 121 15.23 10.63 18.23
C HIS B 121 14.22 10.21 19.29
N ASN B 122 14.54 9.13 20.00
CA ASN B 122 13.71 8.65 21.11
C ASN B 122 14.55 8.60 22.38
N PRO B 123 14.39 9.57 23.29
CA PRO B 123 13.47 10.72 23.25
C PRO B 123 13.95 11.81 22.31
N PRO B 124 13.05 12.64 21.79
CA PRO B 124 13.44 13.66 20.81
C PRO B 124 13.91 14.95 21.48
N ILE B 125 14.66 15.72 20.72
CA ILE B 125 15.04 17.08 21.06
C ILE B 125 14.55 18.00 19.94
N PRO B 126 13.41 18.68 20.14
CA PRO B 126 12.78 19.49 19.08
C PRO B 126 13.51 20.79 18.80
N VAL B 127 14.67 20.68 18.15
CA VAL B 127 15.50 21.85 17.85
C VAL B 127 14.76 22.84 16.98
N GLY B 128 13.84 22.38 16.13
CA GLY B 128 13.05 23.31 15.35
C GLY B 128 12.07 24.10 16.20
N GLU B 129 11.45 23.45 17.20
CA GLU B 129 10.54 24.16 18.08
C GLU B 129 11.29 25.07 19.04
N ILE B 130 12.46 24.65 19.49
CA ILE B 130 13.29 25.50 20.34
C ILE B 130 13.77 26.72 19.55
N TYR B 131 14.23 26.50 18.32
CA TYR B 131 14.68 27.62 17.50
C TYR B 131 13.53 28.57 17.19
N LYS B 132 12.35 28.02 16.88
CA LYS B 132 11.20 28.87 16.62
C LYS B 132 10.84 29.70 17.84
N ARG B 133 11.04 29.15 19.04
CA ARG B 133 10.79 29.91 20.26
C ARG B 133 11.67 31.16 20.32
N TRP B 134 12.94 31.02 19.96
CA TRP B 134 13.85 32.18 19.96
C TRP B 134 13.46 33.18 18.88
N ILE B 135 13.07 32.69 17.70
CA ILE B 135 12.71 33.58 16.60
C ILE B 135 11.48 34.40 16.97
N ILE B 136 10.45 33.74 17.52
CA ILE B 136 9.23 34.45 17.90
C ILE B 136 9.51 35.49 18.98
N LEU B 137 10.43 35.19 19.91
CA LEU B 137 10.81 36.19 20.89
C LEU B 137 11.40 37.43 20.22
N GLY B 138 12.36 37.22 19.31
CA GLY B 138 12.94 38.36 18.59
C GLY B 138 11.94 39.06 17.70
N LEU B 139 11.01 38.31 17.12
CA LEU B 139 9.97 38.92 16.30
C LEU B 139 9.04 39.77 17.14
N ASN B 140 8.73 39.33 18.36
CA ASN B 140 7.95 40.14 19.28
C ASN B 140 8.63 41.47 19.58
N LYS B 141 9.96 41.44 19.74
CA LYS B 141 10.69 42.68 19.97
C LYS B 141 10.56 43.63 18.80
N ILE B 142 10.64 43.10 17.57
CA ILE B 142 10.55 43.96 16.39
C ILE B 142 9.14 44.54 16.26
N VAL B 143 8.12 43.74 16.58
CA VAL B 143 6.74 44.24 16.51
C VAL B 143 6.55 45.42 17.45
N ARG B 144 7.05 45.30 18.69
CA ARG B 144 6.92 46.39 19.66
C ARG B 144 7.63 47.65 19.17
N MET B 145 8.88 47.51 18.75
CA MET B 145 9.65 48.66 18.29
C MET B 145 9.03 49.29 17.05
N TYR B 146 8.56 48.48 16.11
CA TYR B 146 7.95 48.99 14.89
C TYR B 146 6.59 49.63 15.12
N SER B 147 5.98 49.45 16.28
CA SER B 147 4.68 50.03 16.56
C SER B 147 4.78 51.55 16.54
N PRO B 148 4.02 52.24 15.69
CA PRO B 148 4.22 53.69 15.53
C PRO B 148 3.71 54.51 16.70
N THR B 149 2.50 54.19 17.16
CA THR B 149 1.78 55.01 18.13
C THR B 149 1.76 54.34 19.50
N SER B 150 1.80 55.16 20.54
CA SER B 150 1.60 54.72 21.91
C SER B 150 0.10 54.62 22.20
N ILE B 151 -0.26 53.68 23.07
CA ILE B 151 -1.66 53.50 23.44
C ILE B 151 -2.24 54.75 24.08
N LEU B 152 -1.39 55.60 24.68
CA LEU B 152 -1.87 56.81 25.32
C LEU B 152 -2.34 57.86 24.32
N ASP B 153 -1.87 57.80 23.09
CA ASP B 153 -2.22 58.78 22.07
C ASP B 153 -3.40 58.34 21.19
N ILE B 154 -4.12 57.29 21.59
CA ILE B 154 -5.28 56.83 20.84
C ILE B 154 -6.52 57.48 21.43
N ARG B 155 -7.08 58.45 20.71
CA ARG B 155 -8.17 59.27 21.21
C ARG B 155 -9.32 59.26 20.21
N GLN B 156 -10.53 59.04 20.70
CA GLN B 156 -11.68 59.03 19.81
C GLN B 156 -11.92 60.41 19.24
N GLY B 157 -12.03 60.49 17.92
CA GLY B 157 -12.34 61.73 17.25
C GLY B 157 -13.73 62.23 17.59
N PRO B 158 -13.96 63.53 17.41
CA PRO B 158 -15.29 64.10 17.71
C PRO B 158 -16.39 63.49 16.86
N LYS B 159 -16.10 63.18 15.60
CA LYS B 159 -17.07 62.57 14.70
C LYS B 159 -16.63 61.16 14.29
N GLU B 160 -15.87 60.49 15.15
CA GLU B 160 -15.42 59.13 14.88
C GLU B 160 -16.35 58.12 15.54
N PRO B 161 -16.85 57.14 14.78
CA PRO B 161 -17.68 56.10 15.41
C PRO B 161 -16.90 55.36 16.49
N PHE B 162 -17.61 55.00 17.56
CA PHE B 162 -16.96 54.36 18.70
C PHE B 162 -16.27 53.06 18.29
N ARG B 163 -16.86 52.30 17.37
CA ARG B 163 -16.28 51.04 16.96
C ARG B 163 -14.95 51.24 16.25
N ASP B 164 -14.83 52.27 15.43
CA ASP B 164 -13.56 52.56 14.78
C ASP B 164 -12.49 52.98 15.78
N TYR B 165 -12.90 53.68 16.85
CA TYR B 165 -11.94 54.05 17.89
C TYR B 165 -11.48 52.82 18.66
N VAL B 166 -12.40 51.92 19.02
CA VAL B 166 -12.01 50.70 19.72
C VAL B 166 -11.13 49.82 18.84
N ASP B 167 -11.38 49.83 17.52
CA ASP B 167 -10.52 49.11 16.58
C ASP B 167 -9.08 49.61 16.64
N ARG B 168 -8.90 50.93 16.54
CA ARG B 168 -7.54 51.47 16.62
C ARG B 168 -6.93 51.24 18.00
N PHE B 169 -7.74 51.32 19.05
CA PHE B 169 -7.24 51.14 20.41
C PHE B 169 -6.62 49.75 20.58
N TYR B 170 -7.40 48.71 20.30
CA TYR B 170 -6.92 47.35 20.55
C TYR B 170 -5.87 46.92 19.54
N LYS B 171 -5.93 47.43 18.32
CA LYS B 171 -4.87 47.15 17.37
C LYS B 171 -3.55 47.77 17.82
N THR B 172 -3.59 49.02 18.31
CA THR B 172 -2.39 49.64 18.87
C THR B 172 -1.90 48.87 20.09
N LEU B 173 -2.82 48.46 20.96
CA LEU B 173 -2.44 47.69 22.14
C LEU B 173 -1.80 46.36 21.77
N ARG B 174 -2.23 45.76 20.65
CA ARG B 174 -1.68 44.47 20.26
C ARG B 174 -0.22 44.59 19.83
N ALA B 175 0.12 45.66 19.11
CA ALA B 175 1.50 45.86 18.70
C ALA B 175 2.37 46.25 19.89
N GLU B 176 1.85 47.09 20.79
CA GLU B 176 2.62 47.54 21.94
C GLU B 176 2.90 46.42 22.93
N GLN B 177 2.08 45.38 22.95
CA GLN B 177 2.30 44.23 23.82
C GLN B 177 2.80 42.99 23.07
N ALA B 178 2.93 43.08 21.74
CA ALA B 178 3.32 41.94 20.89
C ALA B 178 2.38 40.75 21.09
N SER B 179 1.08 41.03 21.21
CA SER B 179 0.01 40.03 21.26
C SER B 179 0.07 39.16 22.52
N GLN B 180 0.51 39.72 23.64
CA GLN B 180 0.39 39.07 24.94
C GLN B 180 -0.70 39.75 25.75
N GLU B 181 -1.32 39.00 26.65
CA GLU B 181 -2.46 39.50 27.42
C GLU B 181 -2.06 40.68 28.32
N ASN B 184 -7.65 43.08 31.31
CA ASN B 184 -7.24 44.15 32.21
C ASN B 184 -8.24 45.30 32.23
N ALA B 185 -8.62 45.75 33.43
CA ALA B 185 -9.37 46.98 33.57
C ALA B 185 -8.50 48.22 33.49
N ALA B 186 -7.18 48.07 33.59
CA ALA B 186 -6.28 49.19 33.33
C ALA B 186 -6.36 49.65 31.88
N THR B 187 -6.67 48.73 30.98
CA THR B 187 -6.94 49.10 29.59
C THR B 187 -8.36 49.60 29.41
N GLU B 188 -9.31 49.07 30.17
CA GLU B 188 -10.68 49.58 30.10
C GLU B 188 -10.77 51.01 30.60
N THR B 189 -9.93 51.37 31.57
CA THR B 189 -9.89 52.74 32.05
C THR B 189 -9.38 53.67 30.96
N LEU B 190 -8.31 53.28 30.28
CA LEU B 190 -7.78 54.10 29.21
C LEU B 190 -8.76 54.20 28.04
N LEU B 191 -9.51 53.12 27.78
CA LEU B 191 -10.49 53.14 26.70
C LEU B 191 -11.60 54.14 26.99
N VAL B 192 -12.12 54.13 28.22
CA VAL B 192 -13.18 55.06 28.59
C VAL B 192 -12.66 56.49 28.64
N GLN B 193 -11.48 56.68 29.24
CA GLN B 193 -10.92 58.03 29.40
C GLN B 193 -10.66 58.73 28.08
N ASN B 194 -10.28 57.99 27.04
CA ASN B 194 -9.93 58.62 25.77
C ASN B 194 -11.09 58.61 24.78
N ALA B 195 -12.30 58.24 25.21
CA ALA B 195 -13.47 58.38 24.37
C ALA B 195 -13.93 59.83 24.36
N ASN B 196 -14.61 60.21 23.28
CA ASN B 196 -15.04 61.60 23.15
C ASN B 196 -16.11 61.91 24.21
N PRO B 197 -16.38 63.19 24.47
CA PRO B 197 -17.26 63.53 25.60
C PRO B 197 -18.64 62.91 25.54
N ASP B 198 -19.22 62.74 24.36
CA ASP B 198 -20.58 62.20 24.28
C ASP B 198 -20.61 60.72 24.63
N CYS B 199 -19.71 59.92 24.03
CA CYS B 199 -19.70 58.51 24.37
C CYS B 199 -19.17 58.27 25.78
N LYS B 200 -18.28 59.14 26.27
CA LYS B 200 -17.77 58.96 27.62
C LYS B 200 -18.87 59.15 28.66
N THR B 201 -19.78 60.10 28.43
CA THR B 201 -20.90 60.28 29.34
C THR B 201 -21.75 59.02 29.42
N ILE B 202 -21.96 58.35 28.28
CA ILE B 202 -22.75 57.13 28.27
C ILE B 202 -22.00 55.98 28.95
N LEU B 203 -20.69 55.89 28.72
CA LEU B 203 -19.90 54.83 29.32
C LEU B 203 -19.86 54.95 30.84
N LYS B 204 -19.80 56.18 31.35
CA LYS B 204 -19.84 56.37 32.80
C LYS B 204 -21.20 55.94 33.36
N ALA B 205 -22.28 56.25 32.64
CA ALA B 205 -23.61 55.88 33.10
C ALA B 205 -23.82 54.37 33.12
N LEU B 206 -23.06 53.62 32.30
CA LEU B 206 -23.18 52.17 32.29
C LEU B 206 -22.68 51.52 33.58
N GLY B 207 -22.05 52.29 34.47
CA GLY B 207 -21.43 51.72 35.63
C GLY B 207 -20.21 50.90 35.27
N PRO B 208 -19.41 50.54 36.27
CA PRO B 208 -18.22 49.71 36.01
C PRO B 208 -18.61 48.27 35.66
N GLY B 209 -17.61 47.52 35.20
CA GLY B 209 -17.81 46.11 34.91
C GLY B 209 -18.64 45.81 33.69
N ALA B 210 -18.82 46.78 32.79
CA ALA B 210 -19.61 46.54 31.58
C ALA B 210 -18.77 45.81 30.54
N THR B 211 -19.39 44.87 29.85
CA THR B 211 -18.72 44.18 28.76
C THR B 211 -18.45 45.15 27.62
N LEU B 212 -17.48 44.79 26.78
CA LEU B 212 -17.24 45.60 25.58
C LEU B 212 -18.49 45.64 24.71
N GLU B 213 -19.19 44.50 24.60
CA GLU B 213 -20.39 44.44 23.79
C GLU B 213 -21.41 45.49 24.22
N GLU B 214 -21.62 45.62 25.53
CA GLU B 214 -22.56 46.63 26.04
C GLU B 214 -22.06 48.04 25.78
N MET B 215 -20.75 48.26 25.87
CA MET B 215 -20.21 49.60 25.64
C MET B 215 -20.43 50.05 24.20
N MET B 216 -20.23 49.14 23.23
CA MET B 216 -20.34 49.55 21.84
C MET B 216 -21.80 49.69 21.42
N THR B 217 -22.71 48.94 22.07
CA THR B 217 -24.13 49.13 21.80
C THR B 217 -24.64 50.42 22.43
N ALA B 218 -24.02 50.86 23.52
CA ALA B 218 -24.41 52.12 24.15
C ALA B 218 -23.91 53.34 23.37
N CYS B 219 -22.81 53.20 22.63
CA CYS B 219 -22.25 54.32 21.90
C CYS B 219 -22.40 54.15 20.39
N GLN B 220 -23.60 53.82 19.92
CA GLN B 220 -23.83 53.62 18.49
C GLN B 220 -24.56 54.77 17.83
N GLY B 221 -25.43 55.47 18.55
CA GLY B 221 -26.24 56.54 17.98
C GLY B 221 -25.48 57.66 17.30
N PRO C 2 -5.08 20.51 11.59
CA PRO C 2 -6.29 19.78 11.94
C PRO C 2 -6.04 18.29 12.13
N ILE C 3 -7.10 17.54 12.45
CA ILE C 3 -7.03 16.10 12.67
C ILE C 3 -7.78 15.42 11.52
N VAL C 4 -7.06 14.71 10.66
CA VAL C 4 -7.63 13.97 9.55
C VAL C 4 -7.08 12.54 9.59
N GLN C 5 -7.76 11.64 8.87
CA GLN C 5 -7.40 10.23 8.91
C GLN C 5 -6.40 9.88 7.80
N ASN C 6 -5.42 9.05 8.15
CA ASN C 6 -4.47 8.50 7.20
C ASN C 6 -5.06 7.28 6.51
N LEU C 7 -4.21 6.47 5.87
CA LEU C 7 -4.65 5.28 5.17
C LEU C 7 -4.50 4.02 6.02
N GLN C 8 -4.53 4.17 7.34
CA GLN C 8 -4.60 3.04 8.26
C GLN C 8 -5.84 3.10 9.15
N GLY C 9 -6.79 3.97 8.83
CA GLY C 9 -7.93 4.19 9.71
C GLY C 9 -7.60 4.93 10.99
N GLN C 10 -6.39 5.47 11.10
CA GLN C 10 -5.98 6.20 12.30
C GLN C 10 -6.15 7.69 12.08
N MET C 11 -6.56 8.40 13.13
CA MET C 11 -6.66 9.86 13.08
C MET C 11 -5.29 10.46 13.35
N VAL C 12 -4.79 11.25 12.41
CA VAL C 12 -3.46 11.81 12.47
C VAL C 12 -3.55 13.33 12.47
N HIS C 13 -2.50 13.98 12.97
CA HIS C 13 -2.44 15.43 13.00
C HIS C 13 -1.75 15.95 11.75
N GLN C 14 -2.23 17.10 11.26
CA GLN C 14 -1.73 17.70 10.03
C GLN C 14 -1.55 19.19 10.25
N CYS C 15 -0.46 19.73 9.69
CA CYS C 15 -0.25 21.18 9.74
C CYS C 15 -1.37 21.88 8.97
N ILE C 16 -1.86 22.99 9.52
CA ILE C 16 -2.86 23.78 8.80
C ILE C 16 -2.25 24.28 7.50
N SER C 17 -3.06 24.25 6.41
CA SER C 17 -2.35 24.51 5.17
C SER C 17 -2.31 25.99 4.85
N PRO C 18 -1.30 26.41 4.07
CA PRO C 18 -1.25 27.82 3.63
C PRO C 18 -2.51 28.27 2.89
N ARG C 19 -3.09 27.38 2.08
CA ARG C 19 -4.26 27.77 1.30
C ARG C 19 -5.46 28.01 2.22
N THR C 20 -5.59 27.21 3.28
CA THR C 20 -6.68 27.43 4.24
C THR C 20 -6.49 28.74 4.99
N LEU C 21 -5.26 29.03 5.42
CA LEU C 21 -4.99 30.27 6.15
C LEU C 21 -5.31 31.49 5.29
N ASN C 22 -4.79 31.51 4.06
CA ASN C 22 -5.03 32.66 3.17
C ASN C 22 -6.51 32.81 2.85
N ALA C 23 -7.25 31.71 2.74
CA ALA C 23 -8.67 31.80 2.44
C ALA C 23 -9.43 32.49 3.57
N TRP C 24 -9.11 32.15 4.83
CA TRP C 24 -9.82 32.76 5.95
C TRP C 24 -9.45 34.22 6.11
N VAL C 25 -8.18 34.56 5.85
CA VAL C 25 -7.77 35.97 5.88
C VAL C 25 -8.52 36.77 4.84
N LYS C 26 -8.61 36.25 3.62
CA LYS C 26 -9.28 36.97 2.54
C LYS C 26 -10.79 37.04 2.78
N VAL C 27 -11.35 36.05 3.47
CA VAL C 27 -12.78 36.08 3.78
C VAL C 27 -13.09 37.25 4.73
N VAL C 28 -12.27 37.46 5.74
CA VAL C 28 -12.51 38.55 6.69
C VAL C 28 -12.27 39.90 6.01
N GLU C 29 -11.26 39.99 5.15
CA GLU C 29 -10.99 41.23 4.44
C GLU C 29 -12.15 41.60 3.52
N GLU C 30 -12.65 40.63 2.74
CA GLU C 30 -13.69 40.94 1.77
C GLU C 30 -15.04 41.17 2.44
N LYS C 31 -15.54 40.19 3.18
CA LYS C 31 -16.91 40.20 3.68
C LYS C 31 -17.06 40.76 5.08
N ALA C 32 -15.95 41.13 5.73
CA ALA C 32 -15.98 41.65 7.10
C ALA C 32 -16.72 40.69 8.02
N PHE C 33 -17.89 41.09 8.50
CA PHE C 33 -18.73 40.23 9.33
C PHE C 33 -20.15 40.16 8.80
N SER C 34 -20.27 40.03 7.47
CA SER C 34 -21.54 39.61 6.89
C SER C 34 -21.90 38.23 7.45
N PRO C 35 -23.19 37.92 7.58
CA PRO C 35 -23.58 36.65 8.21
C PRO C 35 -22.90 35.41 7.64
N GLU C 36 -22.64 35.36 6.34
CA GLU C 36 -22.05 34.19 5.71
C GLU C 36 -20.59 33.96 6.12
N VAL C 37 -19.98 34.89 6.84
CA VAL C 37 -18.61 34.70 7.31
C VAL C 37 -18.54 33.54 8.29
N ILE C 38 -19.60 33.33 9.06
CA ILE C 38 -19.62 32.32 10.13
C ILE C 38 -19.64 30.92 9.56
N PRO C 39 -20.56 30.54 8.64
CA PRO C 39 -20.46 29.20 8.05
C PRO C 39 -19.18 29.00 7.26
N MET C 40 -18.65 30.07 6.66
CA MET C 40 -17.35 29.96 6.00
C MET C 40 -16.25 29.62 6.99
N PHE C 41 -16.27 30.24 8.17
CA PHE C 41 -15.29 29.92 9.22
C PHE C 41 -15.42 28.47 9.65
N SER C 42 -16.65 28.01 9.91
CA SER C 42 -16.86 26.63 10.34
C SER C 42 -16.38 25.64 9.30
N ALA C 43 -16.48 25.98 8.03
CA ALA C 43 -16.04 25.06 6.97
C ALA C 43 -14.53 25.06 6.82
N LEU C 44 -13.90 26.22 6.95
CA LEU C 44 -12.44 26.29 6.84
C LEU C 44 -11.71 25.73 8.07
N SER C 45 -12.39 25.64 9.21
CA SER C 45 -11.81 25.06 10.42
C SER C 45 -12.25 23.62 10.63
N CYS C 46 -12.55 22.90 9.55
CA CYS C 46 -12.97 21.51 9.65
C CYS C 46 -11.89 20.65 10.29
N GLY C 47 -12.23 20.00 11.40
CA GLY C 47 -11.29 19.16 12.12
C GLY C 47 -10.21 19.88 12.89
N ALA C 48 -10.38 21.17 13.16
CA ALA C 48 -9.29 21.95 13.74
C ALA C 48 -9.10 21.62 15.22
N THR C 49 -7.85 21.68 15.65
CA THR C 49 -7.53 21.65 17.07
C THR C 49 -7.74 23.04 17.66
N PRO C 50 -7.80 23.15 19.00
CA PRO C 50 -7.80 24.49 19.60
C PRO C 50 -6.60 25.34 19.18
N GLN C 51 -5.43 24.73 18.98
CA GLN C 51 -4.29 25.50 18.49
C GLN C 51 -4.55 26.05 17.10
N ASP C 52 -5.24 25.29 16.25
CA ASP C 52 -5.53 25.77 14.90
C ASP C 52 -6.61 26.84 14.90
N LEU C 53 -7.57 26.75 15.82
CA LEU C 53 -8.58 27.80 15.92
C LEU C 53 -7.97 29.11 16.39
N ASN C 54 -7.04 29.04 17.36
CA ASN C 54 -6.33 30.25 17.78
C ASN C 54 -5.47 30.80 16.66
N THR C 55 -4.93 29.93 15.81
CA THR C 55 -4.14 30.40 14.67
C THR C 55 -5.00 31.20 13.69
N MET C 56 -6.21 30.70 13.39
CA MET C 56 -7.08 31.41 12.45
C MET C 56 -7.49 32.77 13.00
N LEU C 57 -7.85 32.82 14.28
CA LEU C 57 -8.27 34.09 14.88
C LEU C 57 -7.10 35.06 15.01
N ASN C 58 -5.88 34.54 15.22
CA ASN C 58 -4.73 35.41 15.39
C ASN C 58 -4.27 36.05 14.09
N THR C 59 -4.67 35.51 12.94
CA THR C 59 -4.25 36.08 11.66
C THR C 59 -5.19 37.18 11.17
N VAL C 60 -6.32 37.41 11.85
CA VAL C 60 -7.15 38.57 11.58
C VAL C 60 -6.36 39.84 11.92
N GLY C 61 -6.29 40.78 10.98
CA GLY C 61 -5.47 41.96 11.18
C GLY C 61 -6.20 43.11 11.84
N GLY C 62 -7.37 43.46 11.31
CA GLY C 62 -8.21 44.47 11.88
C GLY C 62 -9.29 43.87 12.75
N HIS C 63 -10.41 44.60 12.87
CA HIS C 63 -11.57 44.13 13.62
C HIS C 63 -11.19 43.72 15.04
N GLN C 64 -10.23 44.41 15.63
CA GLN C 64 -9.77 44.04 16.96
C GLN C 64 -10.81 44.34 18.03
N ALA C 65 -11.75 45.25 17.77
CA ALA C 65 -12.86 45.44 18.68
C ALA C 65 -13.72 44.19 18.76
N ALA C 66 -14.01 43.59 17.59
CA ALA C 66 -14.73 42.31 17.56
C ALA C 66 -13.89 41.18 18.15
N MET C 67 -12.57 41.21 17.94
CA MET C 67 -11.73 40.15 18.46
C MET C 67 -11.63 40.19 19.98
N GLN C 68 -11.74 41.39 20.58
CA GLN C 68 -11.79 41.47 22.04
C GLN C 68 -13.16 41.02 22.56
N MET C 69 -14.24 41.37 21.84
CA MET C 69 -15.56 40.84 22.17
C MET C 69 -15.56 39.32 22.14
N LEU C 70 -14.90 38.75 21.14
CA LEU C 70 -14.82 37.30 21.04
C LEU C 70 -14.12 36.70 22.26
N LYS C 71 -13.04 37.35 22.71
CA LYS C 71 -12.35 36.86 23.90
C LYS C 71 -13.25 36.89 25.14
N GLU C 72 -14.09 37.93 25.26
CA GLU C 72 -14.98 37.99 26.41
C GLU C 72 -16.07 36.92 26.33
N THR C 73 -16.54 36.61 25.12
CA THR C 73 -17.49 35.52 24.97
C THR C 73 -16.84 34.18 25.30
N ILE C 74 -15.62 33.97 24.82
CA ILE C 74 -14.91 32.73 25.11
C ILE C 74 -14.67 32.57 26.61
N ASN C 75 -14.33 33.67 27.29
CA ASN C 75 -14.11 33.60 28.73
C ASN C 75 -15.39 33.23 29.46
N GLU C 76 -16.54 33.70 28.98
CA GLU C 76 -17.80 33.38 29.63
C GLU C 76 -18.18 31.92 29.40
N GLU C 77 -17.90 31.39 28.21
CA GLU C 77 -18.21 29.99 27.94
C GLU C 77 -17.27 29.05 28.70
N ALA C 78 -15.99 29.42 28.81
CA ALA C 78 -15.05 28.60 29.55
C ALA C 78 -15.39 28.58 31.04
N ALA C 79 -15.83 29.72 31.58
CA ALA C 79 -16.22 29.75 32.98
C ALA C 79 -17.46 28.91 33.23
N GLU C 80 -18.39 28.91 32.27
CA GLU C 80 -19.58 28.09 32.43
C GLU C 80 -19.25 26.60 32.29
N TRP C 81 -18.28 26.26 31.45
CA TRP C 81 -17.82 24.89 31.36
C TRP C 81 -17.24 24.41 32.69
N ASP C 82 -16.41 25.26 33.32
CA ASP C 82 -15.84 24.92 34.62
C ASP C 82 -16.92 24.78 35.68
N ARG C 83 -18.00 25.54 35.58
CA ARG C 83 -19.10 25.39 36.53
C ARG C 83 -19.81 24.06 36.32
N LEU C 84 -20.00 23.65 35.06
CA LEU C 84 -20.73 22.44 34.74
C LEU C 84 -19.88 21.17 34.83
N HIS C 85 -18.57 21.31 34.99
CA HIS C 85 -17.66 20.18 35.15
C HIS C 85 -16.75 20.43 36.34
N PRO C 86 -17.29 20.37 37.56
CA PRO C 86 -16.44 20.62 38.74
C PRO C 86 -15.51 19.45 39.01
N VAL C 87 -14.45 19.73 39.75
CA VAL C 87 -13.47 18.71 40.13
C VAL C 87 -14.05 17.85 41.24
N HIS C 88 -13.78 16.54 41.17
CA HIS C 88 -14.32 15.61 42.16
C HIS C 88 -13.36 15.46 43.34
N GLY C 95 -6.44 4.82 36.62
CA GLY C 95 -6.54 4.78 35.18
C GLY C 95 -7.61 5.70 34.60
N GLN C 96 -7.96 6.75 35.35
CA GLN C 96 -8.97 7.71 34.93
C GLN C 96 -8.31 8.87 34.20
N MET C 97 -8.76 9.15 32.99
CA MET C 97 -8.14 10.19 32.19
C MET C 97 -8.53 11.57 32.70
N ARG C 98 -7.54 12.47 32.77
CA ARG C 98 -7.79 13.85 33.16
C ARG C 98 -8.62 14.56 32.09
N GLU C 99 -9.72 15.20 32.51
CA GLU C 99 -10.65 15.91 31.64
C GLU C 99 -10.25 17.39 31.53
N PRO C 100 -10.58 18.03 30.41
CA PRO C 100 -10.10 19.39 30.17
C PRO C 100 -10.89 20.43 30.95
N ARG C 101 -10.20 21.51 31.30
CA ARG C 101 -10.84 22.70 31.84
C ARG C 101 -11.25 23.62 30.70
N GLY C 102 -11.87 24.75 31.06
CA GLY C 102 -12.25 25.72 30.04
C GLY C 102 -11.04 26.31 29.35
N SER C 103 -9.98 26.58 30.10
CA SER C 103 -8.75 27.08 29.50
C SER C 103 -8.05 26.02 28.66
N ASP C 104 -8.31 24.74 28.92
CA ASP C 104 -7.75 23.69 28.09
C ASP C 104 -8.44 23.61 26.73
N ILE C 105 -9.76 23.81 26.71
CA ILE C 105 -10.50 23.81 25.45
C ILE C 105 -10.13 25.04 24.63
N ALA C 106 -9.91 26.18 25.29
CA ALA C 106 -9.54 27.39 24.57
C ALA C 106 -8.09 27.39 24.14
N GLY C 107 -7.29 26.42 24.59
CA GLY C 107 -5.89 26.36 24.22
C GLY C 107 -4.99 27.37 24.89
N THR C 108 -5.41 27.92 26.03
CA THR C 108 -4.53 28.83 26.78
C THR C 108 -3.65 28.11 27.80
N THR C 109 -4.04 26.91 28.24
CA THR C 109 -3.26 26.16 29.20
C THR C 109 -3.01 24.71 28.77
N SER C 110 -3.32 24.36 27.53
CA SER C 110 -3.13 23.02 27.02
C SER C 110 -2.14 23.04 25.87
N THR C 111 -1.38 21.96 25.74
CA THR C 111 -0.44 21.78 24.65
C THR C 111 -1.13 21.08 23.48
N LEU C 112 -0.44 21.06 22.33
CA LEU C 112 -0.98 20.36 21.18
C LEU C 112 -1.14 18.87 21.44
N GLN C 113 -0.18 18.28 22.16
CA GLN C 113 -0.25 16.85 22.44
C GLN C 113 -1.42 16.51 23.36
N GLU C 114 -1.78 17.41 24.27
CA GLU C 114 -2.95 17.18 25.12
C GLU C 114 -4.24 17.34 24.33
N GLN C 115 -4.28 18.31 23.41
CA GLN C 115 -5.49 18.48 22.60
C GLN C 115 -5.70 17.30 21.68
N ILE C 116 -4.62 16.77 21.09
CA ILE C 116 -4.72 15.57 20.28
C ILE C 116 -5.12 14.38 21.13
N GLY C 117 -4.53 14.25 22.32
CA GLY C 117 -4.87 13.14 23.20
C GLY C 117 -6.34 13.10 23.55
N TRP C 118 -6.96 14.28 23.73
CA TRP C 118 -8.40 14.32 23.99
C TRP C 118 -9.20 14.01 22.74
N MET C 119 -8.83 14.61 21.60
CA MET C 119 -9.63 14.49 20.39
C MET C 119 -9.57 13.09 19.78
N THR C 120 -8.55 12.30 20.08
CA THR C 120 -8.39 10.98 19.51
C THR C 120 -8.57 9.86 20.53
N HIS C 121 -8.85 10.19 21.79
CA HIS C 121 -9.12 9.18 22.80
C HIS C 121 -10.39 8.40 22.42
N ASN C 122 -10.54 7.23 23.03
CA ASN C 122 -11.74 6.43 22.81
C ASN C 122 -12.49 6.25 24.11
N PRO C 123 -13.66 6.89 24.30
CA PRO C 123 -14.32 7.82 23.37
C PRO C 123 -13.70 9.20 23.39
N PRO C 124 -13.79 9.95 22.30
CA PRO C 124 -13.13 11.25 22.22
C PRO C 124 -13.82 12.33 23.04
N ILE C 125 -13.00 13.23 23.57
CA ILE C 125 -13.49 14.51 24.10
C ILE C 125 -13.16 15.56 23.04
N PRO C 126 -14.12 15.98 22.21
CA PRO C 126 -13.81 16.87 21.07
C PRO C 126 -13.65 18.33 21.47
N VAL C 127 -12.53 18.63 22.11
CA VAL C 127 -12.27 19.99 22.57
C VAL C 127 -12.16 20.95 21.39
N GLY C 128 -11.76 20.46 20.23
CA GLY C 128 -11.75 21.31 19.04
C GLY C 128 -13.15 21.75 18.63
N GLU C 129 -14.11 20.82 18.62
CA GLU C 129 -15.48 21.17 18.27
C GLU C 129 -16.16 21.97 19.38
N ILE C 130 -15.83 21.69 20.64
CA ILE C 130 -16.39 22.49 21.74
C ILE C 130 -15.90 23.92 21.65
N TYR C 131 -14.60 24.11 21.40
CA TYR C 131 -14.07 25.45 21.24
C TYR C 131 -14.71 26.17 20.06
N LYS C 132 -14.86 25.47 18.92
CA LYS C 132 -15.49 26.09 17.77
C LYS C 132 -16.93 26.49 18.08
N ARG C 133 -17.61 25.73 18.95
CA ARG C 133 -18.95 26.11 19.37
C ARG C 133 -18.92 27.46 20.09
N TRP C 134 -17.96 27.65 21.00
CA TRP C 134 -17.86 28.91 21.72
C TRP C 134 -17.54 30.06 20.77
N ILE C 135 -16.66 29.81 19.79
CA ILE C 135 -16.24 30.86 18.87
C ILE C 135 -17.40 31.30 17.98
N ILE C 136 -18.21 30.34 17.53
CA ILE C 136 -19.34 30.68 16.66
C ILE C 136 -20.39 31.48 17.43
N LEU C 137 -20.62 31.12 18.69
CA LEU C 137 -21.49 31.93 19.54
C LEU C 137 -21.02 33.37 19.61
N GLY C 138 -19.70 33.58 19.69
CA GLY C 138 -19.18 34.93 19.76
C GLY C 138 -19.28 35.67 18.44
N LEU C 139 -19.05 34.96 17.33
CA LEU C 139 -19.21 35.57 16.02
C LEU C 139 -20.67 35.94 15.74
N ASN C 140 -21.62 35.20 16.32
CA ASN C 140 -23.03 35.55 16.14
C ASN C 140 -23.34 36.89 16.79
N LYS C 141 -22.78 37.15 17.98
CA LYS C 141 -22.93 38.46 18.61
C LYS C 141 -22.30 39.55 17.76
N ILE C 142 -21.16 39.26 17.15
CA ILE C 142 -20.45 40.24 16.34
C ILE C 142 -21.25 40.56 15.08
N VAL C 143 -21.73 39.53 14.37
CA VAL C 143 -22.54 39.75 13.18
C VAL C 143 -23.81 40.53 13.52
N ARG C 144 -24.43 40.20 14.65
CA ARG C 144 -25.59 40.96 15.10
C ARG C 144 -25.21 42.40 15.42
N MET C 145 -24.00 42.61 15.96
CA MET C 145 -23.53 43.95 16.26
C MET C 145 -23.34 44.76 14.97
N TYR C 146 -22.58 44.21 14.03
CA TYR C 146 -22.29 44.87 12.76
C TYR C 146 -23.52 45.09 11.89
N SER C 147 -24.64 44.43 12.18
CA SER C 147 -25.87 44.63 11.41
C SER C 147 -26.29 46.09 11.45
N PRO C 148 -26.25 46.79 10.30
CA PRO C 148 -26.46 48.24 10.33
C PRO C 148 -27.88 48.67 10.67
N THR C 149 -28.89 47.85 10.39
CA THR C 149 -30.27 48.29 10.48
C THR C 149 -31.13 47.23 11.16
N SER C 150 -32.10 47.71 11.94
CA SER C 150 -33.08 46.82 12.55
C SER C 150 -34.05 46.29 11.49
N ILE C 151 -34.59 45.09 11.75
CA ILE C 151 -35.53 44.49 10.81
C ILE C 151 -36.82 45.30 10.74
N LEU C 152 -37.17 46.00 11.83
CA LEU C 152 -38.35 46.85 11.83
C LEU C 152 -38.20 48.09 10.97
N ASP C 153 -36.99 48.44 10.55
CA ASP C 153 -36.75 49.63 9.76
C ASP C 153 -36.48 49.32 8.28
N ILE C 154 -36.64 48.07 7.87
CA ILE C 154 -36.53 47.69 6.46
C ILE C 154 -37.90 47.92 5.83
N ARG C 155 -38.01 48.94 4.98
CA ARG C 155 -39.27 49.32 4.37
C ARG C 155 -39.11 49.46 2.87
N GLN C 156 -40.10 49.00 2.12
CA GLN C 156 -40.03 49.04 0.67
C GLN C 156 -40.15 50.48 0.20
N GLY C 157 -39.15 50.94 -0.57
CA GLY C 157 -39.21 52.26 -1.16
C GLY C 157 -40.37 52.35 -2.12
N PRO C 158 -40.87 53.57 -2.34
CA PRO C 158 -41.99 53.74 -3.28
C PRO C 158 -41.66 53.33 -4.70
N LYS C 159 -40.39 53.34 -5.09
CA LYS C 159 -39.97 52.91 -6.42
C LYS C 159 -39.10 51.66 -6.36
N GLU C 160 -39.03 50.99 -5.23
CA GLU C 160 -38.15 49.84 -5.08
C GLU C 160 -38.86 48.58 -5.58
N PRO C 161 -38.21 47.78 -6.43
CA PRO C 161 -38.82 46.49 -6.83
C PRO C 161 -38.97 45.58 -5.62
N PHE C 162 -40.09 44.85 -5.60
CA PHE C 162 -40.40 44.01 -4.45
C PHE C 162 -39.31 42.97 -4.20
N ARG C 163 -38.67 42.47 -5.25
CA ARG C 163 -37.59 41.52 -5.07
C ARG C 163 -36.42 42.13 -4.31
N ASP C 164 -36.11 43.41 -4.59
CA ASP C 164 -35.01 44.06 -3.89
C ASP C 164 -35.35 44.29 -2.43
N TYR C 165 -36.60 44.65 -2.14
CA TYR C 165 -37.01 44.83 -0.76
C TYR C 165 -36.95 43.50 0.01
N VAL C 166 -37.32 42.39 -0.63
CA VAL C 166 -37.24 41.10 0.05
C VAL C 166 -35.80 40.67 0.22
N ASP C 167 -34.93 40.98 -0.75
CA ASP C 167 -33.49 40.74 -0.58
C ASP C 167 -32.95 41.44 0.67
N ARG C 168 -33.23 42.73 0.84
CA ARG C 168 -32.72 43.43 2.01
C ARG C 168 -33.36 42.92 3.28
N PHE C 169 -34.65 42.61 3.22
CA PHE C 169 -35.37 42.17 4.42
C PHE C 169 -34.76 40.90 5.00
N TYR C 170 -34.55 39.88 4.17
CA TYR C 170 -34.07 38.60 4.68
C TYR C 170 -32.57 38.61 4.97
N LYS C 171 -31.79 39.40 4.23
CA LYS C 171 -30.38 39.58 4.58
C LYS C 171 -30.26 40.23 5.96
N THR C 172 -31.16 41.17 6.27
CA THR C 172 -31.17 41.80 7.59
C THR C 172 -31.60 40.82 8.67
N LEU C 173 -32.68 40.07 8.41
CA LEU C 173 -33.15 39.08 9.36
C LEU C 173 -32.09 38.03 9.64
N ARG C 174 -31.26 37.71 8.64
CA ARG C 174 -30.22 36.71 8.86
C ARG C 174 -29.16 37.22 9.84
N ALA C 175 -28.76 38.49 9.71
CA ALA C 175 -27.78 39.06 10.61
C ALA C 175 -28.29 39.10 12.04
N GLU C 176 -29.58 39.34 12.24
CA GLU C 176 -30.14 39.44 13.58
C GLU C 176 -30.45 38.09 14.20
N GLN C 177 -30.58 37.03 13.39
CA GLN C 177 -30.92 35.71 13.89
C GLN C 177 -29.95 34.65 13.37
N ASN C 184 -41.78 31.43 10.03
CA ASN C 184 -42.21 32.22 11.19
C ASN C 184 -43.31 33.20 10.79
N ALA C 185 -44.41 33.17 11.54
CA ALA C 185 -45.57 33.99 11.19
C ALA C 185 -45.33 35.47 11.45
N ALA C 186 -44.57 35.81 12.50
CA ALA C 186 -44.30 37.21 12.81
C ALA C 186 -43.50 37.89 11.72
N THR C 187 -42.57 37.17 11.08
CA THR C 187 -41.80 37.77 9.99
C THR C 187 -42.64 37.94 8.74
N GLU C 188 -43.57 37.02 8.48
CA GLU C 188 -44.44 37.17 7.31
C GLU C 188 -45.39 38.33 7.50
N THR C 189 -45.72 38.67 8.75
CA THR C 189 -46.53 39.86 9.00
C THR C 189 -45.72 41.12 8.72
N LEU C 190 -44.50 41.18 9.23
CA LEU C 190 -43.67 42.38 9.08
C LEU C 190 -43.30 42.61 7.62
N LEU C 191 -43.13 41.54 6.84
CA LEU C 191 -42.80 41.69 5.43
C LEU C 191 -43.93 42.36 4.67
N VAL C 192 -45.17 41.93 4.90
CA VAL C 192 -46.32 42.53 4.22
C VAL C 192 -46.59 43.92 4.77
N GLN C 193 -46.40 44.11 6.08
CA GLN C 193 -46.71 45.39 6.71
C GLN C 193 -45.81 46.51 6.18
N ASN C 194 -44.53 46.22 5.94
CA ASN C 194 -43.58 47.25 5.54
C ASN C 194 -43.44 47.39 4.04
N ALA C 195 -44.21 46.66 3.24
CA ALA C 195 -44.23 46.89 1.81
C ALA C 195 -44.87 48.24 1.51
N ASN C 196 -44.57 48.78 0.34
CA ASN C 196 -45.17 50.05 -0.06
C ASN C 196 -46.68 49.85 -0.25
N PRO C 197 -47.46 50.93 -0.18
CA PRO C 197 -48.93 50.76 -0.19
C PRO C 197 -49.48 50.08 -1.43
N ASP C 198 -48.75 50.05 -2.54
CA ASP C 198 -49.25 49.41 -3.75
C ASP C 198 -49.13 47.89 -3.67
N CYS C 199 -47.90 47.38 -3.51
CA CYS C 199 -47.72 45.94 -3.38
C CYS C 199 -48.39 45.42 -2.11
N LYS C 200 -48.51 46.26 -1.08
CA LYS C 200 -49.20 45.82 0.13
C LYS C 200 -50.67 45.54 -0.13
N THR C 201 -51.28 46.28 -1.06
CA THR C 201 -52.66 45.98 -1.45
C THR C 201 -52.75 44.64 -2.16
N ILE C 202 -51.80 44.35 -3.05
CA ILE C 202 -51.81 43.10 -3.79
C ILE C 202 -51.54 41.92 -2.85
N LEU C 203 -50.63 42.09 -1.90
CA LEU C 203 -50.31 41.01 -0.97
C LEU C 203 -51.50 40.68 -0.07
N LYS C 204 -52.16 41.72 0.46
CA LYS C 204 -53.31 41.48 1.34
C LYS C 204 -54.50 40.91 0.57
N ALA C 205 -54.58 41.19 -0.74
CA ALA C 205 -55.63 40.61 -1.57
C ALA C 205 -55.36 39.15 -1.91
N LEU C 206 -54.12 38.68 -1.75
CA LEU C 206 -53.82 37.28 -2.02
C LEU C 206 -54.45 36.36 -0.98
N GLY C 207 -54.56 36.81 0.27
CA GLY C 207 -55.09 36.00 1.33
C GLY C 207 -54.00 35.23 2.05
N PRO C 208 -54.37 34.49 3.09
CA PRO C 208 -53.37 33.70 3.82
C PRO C 208 -52.91 32.50 3.03
N GLY C 209 -51.75 31.98 3.41
CA GLY C 209 -51.20 30.78 2.80
C GLY C 209 -50.36 31.02 1.56
N ALA C 210 -50.18 32.25 1.13
CA ALA C 210 -49.37 32.52 -0.05
C ALA C 210 -47.90 32.35 0.28
N THR C 211 -47.18 31.62 -0.59
CA THR C 211 -45.75 31.47 -0.43
C THR C 211 -45.04 32.75 -0.85
N LEU C 212 -43.75 32.84 -0.53
CA LEU C 212 -42.96 33.96 -1.02
C LEU C 212 -42.92 33.99 -2.54
N GLU C 213 -42.95 32.81 -3.17
CA GLU C 213 -42.99 32.74 -4.62
C GLU C 213 -44.25 33.40 -5.16
N GLU C 214 -45.40 33.15 -4.52
CA GLU C 214 -46.64 33.80 -4.92
C GLU C 214 -46.59 35.31 -4.68
N MET C 215 -46.05 35.73 -3.54
CA MET C 215 -45.99 37.16 -3.24
C MET C 215 -45.12 37.90 -4.26
N MET C 216 -43.95 37.34 -4.57
CA MET C 216 -43.04 37.97 -5.51
C MET C 216 -43.60 38.00 -6.93
N THR C 217 -44.39 36.99 -7.30
CA THR C 217 -45.00 37.00 -8.62
C THR C 217 -46.10 38.05 -8.70
N ALA C 218 -46.88 38.20 -7.62
CA ALA C 218 -47.98 39.16 -7.64
C ALA C 218 -47.50 40.61 -7.66
N CYS C 219 -46.27 40.87 -7.20
CA CYS C 219 -45.74 42.23 -7.14
C CYS C 219 -44.55 42.44 -8.09
N GLN C 220 -44.34 41.54 -9.05
CA GLN C 220 -43.19 41.68 -9.94
C GLN C 220 -43.34 42.87 -10.88
N GLY C 221 -44.55 43.37 -11.09
CA GLY C 221 -44.78 44.53 -11.94
C GLY C 221 -44.04 45.78 -11.48
N PRO D 2 -17.45 15.77 1.82
CA PRO D 2 -17.94 14.77 0.87
C PRO D 2 -17.59 13.34 1.27
N ILE D 3 -18.33 12.38 0.73
CA ILE D 3 -18.07 10.96 0.92
C ILE D 3 -17.47 10.47 -0.39
N VAL D 4 -16.15 10.41 -0.47
CA VAL D 4 -15.46 10.14 -1.72
C VAL D 4 -14.65 8.86 -1.61
N GLN D 5 -14.29 8.32 -2.79
CA GLN D 5 -13.40 7.18 -2.84
C GLN D 5 -12.04 7.54 -2.27
N ASN D 6 -11.51 6.64 -1.44
CA ASN D 6 -10.19 6.83 -0.85
C ASN D 6 -9.12 6.56 -1.87
N LEU D 7 -8.01 5.98 -1.40
CA LEU D 7 -7.00 5.41 -2.26
C LEU D 7 -6.85 3.91 -2.05
N GLN D 8 -7.40 3.38 -0.95
CA GLN D 8 -7.48 1.96 -0.68
C GLN D 8 -8.86 1.39 -1.00
N GLY D 9 -9.62 2.07 -1.86
CA GLY D 9 -10.92 1.57 -2.29
C GLY D 9 -12.01 1.61 -1.24
N GLN D 10 -12.01 2.62 -0.37
CA GLN D 10 -13.00 2.74 0.69
C GLN D 10 -13.60 4.14 0.68
N MET D 11 -14.89 4.23 1.00
CA MET D 11 -15.55 5.53 1.07
C MET D 11 -15.32 6.14 2.45
N VAL D 12 -14.74 7.34 2.47
CA VAL D 12 -14.42 8.05 3.71
C VAL D 12 -14.97 9.46 3.61
N HIS D 13 -15.03 10.13 4.75
CA HIS D 13 -15.51 11.50 4.81
C HIS D 13 -14.32 12.46 4.74
N GLN D 14 -14.36 13.38 3.79
CA GLN D 14 -13.36 14.43 3.68
C GLN D 14 -13.98 15.78 4.00
N CYS D 15 -13.13 16.70 4.43
CA CYS D 15 -13.57 18.08 4.60
C CYS D 15 -13.82 18.72 3.25
N ILE D 16 -14.81 19.62 3.21
CA ILE D 16 -15.06 20.38 1.99
C ILE D 16 -13.83 21.23 1.67
N SER D 17 -13.41 21.20 0.41
CA SER D 17 -12.18 21.88 0.03
C SER D 17 -12.38 23.39 0.00
N PRO D 18 -11.41 24.17 0.49
CA PRO D 18 -11.50 25.63 0.33
C PRO D 18 -11.61 26.06 -1.11
N ARG D 19 -10.94 25.36 -2.04
CA ARG D 19 -11.07 25.71 -3.45
C ARG D 19 -12.47 25.47 -3.98
N THR D 20 -13.17 24.46 -3.44
CA THR D 20 -14.55 24.20 -3.86
C THR D 20 -15.48 25.29 -3.36
N LEU D 21 -15.36 25.66 -2.08
CA LEU D 21 -16.20 26.72 -1.54
C LEU D 21 -15.98 28.03 -2.29
N ASN D 22 -14.73 28.36 -2.59
CA ASN D 22 -14.43 29.59 -3.31
C ASN D 22 -15.01 29.55 -4.72
N ALA D 23 -14.97 28.39 -5.37
CA ALA D 23 -15.52 28.28 -6.72
C ALA D 23 -17.02 28.48 -6.72
N TRP D 24 -17.69 27.99 -5.67
CA TRP D 24 -19.15 28.15 -5.60
C TRP D 24 -19.53 29.61 -5.32
N VAL D 25 -18.80 30.27 -4.41
CA VAL D 25 -19.10 31.66 -4.10
C VAL D 25 -18.91 32.55 -5.34
N LYS D 26 -17.84 32.30 -6.09
CA LYS D 26 -17.55 33.15 -7.25
C LYS D 26 -18.53 32.90 -8.40
N VAL D 27 -19.07 31.68 -8.50
CA VAL D 27 -20.05 31.40 -9.54
C VAL D 27 -21.34 32.15 -9.27
N VAL D 28 -21.79 32.18 -8.02
CA VAL D 28 -23.02 32.88 -7.69
C VAL D 28 -22.85 34.38 -7.90
N GLU D 29 -21.67 34.93 -7.59
CA GLU D 29 -21.48 36.36 -7.71
C GLU D 29 -21.45 36.82 -9.16
N GLU D 30 -20.87 36.01 -10.05
CA GLU D 30 -20.73 36.38 -11.45
C GLU D 30 -21.98 36.04 -12.27
N LYS D 31 -22.49 34.81 -12.14
CA LYS D 31 -23.60 34.35 -12.97
C LYS D 31 -24.96 34.50 -12.33
N ALA D 32 -25.03 34.89 -11.06
CA ALA D 32 -26.30 35.00 -10.33
C ALA D 32 -27.09 33.70 -10.45
N PHE D 33 -28.27 33.77 -11.08
CA PHE D 33 -29.07 32.57 -11.29
C PHE D 33 -29.34 32.33 -12.77
N SER D 34 -28.28 32.33 -13.57
CA SER D 34 -28.37 31.87 -14.94
C SER D 34 -28.54 30.35 -14.96
N PRO D 35 -29.15 29.81 -16.02
CA PRO D 35 -29.35 28.34 -16.07
C PRO D 35 -28.08 27.52 -15.85
N GLU D 36 -26.92 27.99 -16.34
CA GLU D 36 -25.68 27.24 -16.19
C GLU D 36 -25.18 27.20 -14.75
N VAL D 37 -25.80 27.94 -13.82
CA VAL D 37 -25.41 27.87 -12.42
C VAL D 37 -25.78 26.50 -11.82
N ILE D 38 -26.87 25.90 -12.29
CA ILE D 38 -27.38 24.67 -11.71
C ILE D 38 -26.42 23.51 -11.98
N PRO D 39 -25.98 23.26 -13.22
CA PRO D 39 -24.99 22.19 -13.41
C PRO D 39 -23.67 22.49 -12.72
N MET D 40 -23.33 23.76 -12.55
CA MET D 40 -22.12 24.11 -11.82
C MET D 40 -22.27 23.76 -10.33
N PHE D 41 -23.44 24.04 -9.75
CA PHE D 41 -23.69 23.64 -8.37
C PHE D 41 -23.63 22.13 -8.22
N SER D 42 -24.17 21.40 -9.19
CA SER D 42 -24.19 19.94 -9.10
C SER D 42 -22.80 19.33 -9.25
N ALA D 43 -21.93 19.95 -10.06
CA ALA D 43 -20.58 19.41 -10.22
C ALA D 43 -19.72 19.67 -8.99
N LEU D 44 -19.89 20.84 -8.37
CA LEU D 44 -19.11 21.20 -7.19
C LEU D 44 -19.60 20.53 -5.92
N SER D 45 -20.80 19.92 -5.94
CA SER D 45 -21.34 19.22 -4.79
C SER D 45 -21.28 17.70 -4.98
N CYS D 46 -20.33 17.23 -5.77
CA CYS D 46 -20.20 15.80 -6.06
C CYS D 46 -19.85 15.02 -4.80
N GLY D 47 -20.77 14.15 -4.37
CA GLY D 47 -20.54 13.33 -3.20
C GLY D 47 -20.83 13.99 -1.87
N ALA D 48 -21.49 15.15 -1.89
CA ALA D 48 -21.67 15.92 -0.66
C ALA D 48 -22.71 15.29 0.25
N THR D 49 -22.49 15.47 1.55
CA THR D 49 -23.48 15.11 2.55
C THR D 49 -24.49 16.26 2.69
N PRO D 50 -25.63 16.02 3.35
CA PRO D 50 -26.53 17.15 3.64
C PRO D 50 -25.84 18.30 4.35
N GLN D 51 -24.91 18.00 5.26
CA GLN D 51 -24.16 19.08 5.91
C GLN D 51 -23.35 19.88 4.90
N ASP D 52 -22.73 19.21 3.92
CA ASP D 52 -21.92 19.93 2.94
C ASP D 52 -22.81 20.80 2.05
N LEU D 53 -24.02 20.34 1.74
CA LEU D 53 -24.92 21.12 0.91
C LEU D 53 -25.42 22.36 1.62
N ASN D 54 -25.76 22.24 2.91
CA ASN D 54 -26.15 23.41 3.69
C ASN D 54 -24.99 24.40 3.79
N THR D 55 -23.76 23.89 3.88
CA THR D 55 -22.61 24.77 3.93
C THR D 55 -22.48 25.57 2.64
N MET D 56 -22.66 24.91 1.49
CA MET D 56 -22.57 25.62 0.22
C MET D 56 -23.63 26.70 0.11
N LEU D 57 -24.88 26.38 0.47
CA LEU D 57 -25.95 27.36 0.41
C LEU D 57 -25.74 28.49 1.41
N ASN D 58 -25.08 28.20 2.54
CA ASN D 58 -24.84 29.21 3.56
C ASN D 58 -23.75 30.20 3.17
N THR D 59 -22.90 29.86 2.21
CA THR D 59 -21.89 30.81 1.76
C THR D 59 -22.44 31.84 0.77
N VAL D 60 -23.69 31.70 0.36
CA VAL D 60 -24.31 32.69 -0.51
C VAL D 60 -24.64 33.93 0.32
N GLY D 61 -24.04 35.05 -0.04
CA GLY D 61 -24.19 36.28 0.73
C GLY D 61 -25.47 37.05 0.40
N GLY D 62 -25.68 37.34 -0.88
CA GLY D 62 -26.89 38.01 -1.32
C GLY D 62 -27.98 37.02 -1.67
N HIS D 63 -28.92 37.50 -2.51
CA HIS D 63 -29.98 36.66 -3.08
C HIS D 63 -30.81 35.99 -1.98
N GLN D 64 -31.03 36.70 -0.88
CA GLN D 64 -31.72 36.09 0.25
C GLN D 64 -33.22 35.90 0.01
N ALA D 65 -33.78 36.57 -0.99
CA ALA D 65 -35.14 36.24 -1.41
C ALA D 65 -35.17 34.87 -2.08
N ALA D 66 -34.22 34.62 -2.98
CA ALA D 66 -34.14 33.29 -3.60
C ALA D 66 -33.82 32.22 -2.59
N MET D 67 -32.95 32.51 -1.62
CA MET D 67 -32.60 31.51 -0.62
C MET D 67 -33.80 31.16 0.26
N GLN D 68 -34.72 32.10 0.44
CA GLN D 68 -35.92 31.81 1.22
C GLN D 68 -36.93 31.00 0.40
N MET D 69 -37.05 31.27 -0.89
CA MET D 69 -37.88 30.43 -1.74
C MET D 69 -37.31 29.02 -1.82
N LEU D 70 -35.98 28.91 -1.82
CA LEU D 70 -35.35 27.60 -1.80
C LEU D 70 -35.73 26.83 -0.55
N LYS D 71 -35.74 27.50 0.61
CA LYS D 71 -36.15 26.84 1.85
C LYS D 71 -37.60 26.37 1.78
N GLU D 72 -38.46 27.16 1.13
CA GLU D 72 -39.87 26.75 1.04
C GLU D 72 -40.05 25.59 0.07
N THR D 73 -39.21 25.49 -0.96
CA THR D 73 -39.24 24.31 -1.82
C THR D 73 -38.75 23.08 -1.07
N ILE D 74 -37.67 23.21 -0.31
CA ILE D 74 -37.15 22.10 0.47
C ILE D 74 -38.18 21.62 1.48
N ASN D 75 -38.87 22.55 2.14
CA ASN D 75 -39.90 22.12 3.09
C ASN D 75 -41.01 21.35 2.40
N GLU D 76 -41.37 21.75 1.17
CA GLU D 76 -42.44 21.04 0.46
C GLU D 76 -42.00 19.63 0.09
N GLU D 77 -40.78 19.49 -0.42
CA GLU D 77 -40.25 18.17 -0.73
C GLU D 77 -40.12 17.32 0.53
N ALA D 78 -39.60 17.89 1.61
CA ALA D 78 -39.44 17.13 2.85
C ALA D 78 -40.78 16.66 3.39
N ALA D 79 -41.81 17.53 3.34
CA ALA D 79 -43.12 17.11 3.82
C ALA D 79 -43.70 16.00 2.95
N GLU D 80 -43.43 16.05 1.64
CA GLU D 80 -43.91 14.99 0.75
C GLU D 80 -43.16 13.69 1.01
N TRP D 81 -41.86 13.78 1.28
CA TRP D 81 -41.09 12.59 1.66
C TRP D 81 -41.70 11.93 2.89
N ASP D 82 -42.04 12.73 3.91
CA ASP D 82 -42.65 12.18 5.12
C ASP D 82 -43.96 11.44 4.79
N ARG D 83 -44.75 11.99 3.88
CA ARG D 83 -46.02 11.35 3.54
C ARG D 83 -45.82 10.06 2.77
N LEU D 84 -44.84 10.02 1.87
CA LEU D 84 -44.58 8.85 1.07
C LEU D 84 -43.82 7.76 1.81
N HIS D 85 -43.26 8.07 2.97
CA HIS D 85 -42.54 7.10 3.80
C HIS D 85 -43.08 7.16 5.22
N PRO D 86 -44.31 6.69 5.43
CA PRO D 86 -44.92 6.82 6.76
C PRO D 86 -44.40 5.78 7.74
N VAL D 87 -44.43 6.15 9.02
CA VAL D 87 -43.97 5.28 10.10
C VAL D 87 -45.15 4.49 10.69
N MET D 97 -34.14 -0.92 11.19
CA MET D 97 -33.36 0.18 10.62
C MET D 97 -34.19 1.45 10.45
N ARG D 98 -33.85 2.49 11.22
CA ARG D 98 -34.56 3.76 11.17
C ARG D 98 -34.27 4.47 9.85
N GLU D 99 -35.30 4.67 9.05
CA GLU D 99 -35.16 5.36 7.79
C GLU D 99 -35.18 6.87 8.01
N PRO D 100 -34.48 7.65 7.17
CA PRO D 100 -34.38 9.09 7.40
C PRO D 100 -35.70 9.79 7.11
N ARG D 101 -36.00 10.80 7.91
CA ARG D 101 -37.15 11.66 7.66
C ARG D 101 -36.73 12.83 6.76
N GLY D 102 -37.71 13.65 6.39
CA GLY D 102 -37.41 14.79 5.53
C GLY D 102 -36.42 15.76 6.15
N SER D 103 -36.62 16.10 7.42
CA SER D 103 -35.69 16.97 8.12
C SER D 103 -34.31 16.33 8.26
N ASP D 104 -34.25 14.99 8.33
CA ASP D 104 -32.95 14.32 8.37
C ASP D 104 -32.22 14.49 7.04
N ILE D 105 -32.93 14.35 5.93
CA ILE D 105 -32.30 14.52 4.62
C ILE D 105 -31.83 15.96 4.44
N ALA D 106 -32.64 16.92 4.90
CA ALA D 106 -32.29 18.32 4.77
C ALA D 106 -31.17 18.73 5.72
N GLY D 107 -30.82 17.91 6.71
CA GLY D 107 -29.72 18.21 7.60
C GLY D 107 -30.07 19.05 8.81
N THR D 108 -31.35 19.19 9.14
CA THR D 108 -31.76 19.99 10.30
C THR D 108 -31.94 19.16 11.56
N THR D 109 -32.21 17.86 11.42
CA THR D 109 -32.43 17.00 12.58
C THR D 109 -31.49 15.80 12.61
N SER D 110 -30.51 15.75 11.71
CA SER D 110 -29.61 14.61 11.61
C SER D 110 -28.17 15.07 11.86
N THR D 111 -27.39 14.21 12.50
CA THR D 111 -25.98 14.49 12.72
C THR D 111 -25.18 14.08 11.49
N LEU D 112 -23.92 14.52 11.46
CA LEU D 112 -23.04 14.09 10.38
C LEU D 112 -22.83 12.58 10.40
N GLN D 113 -22.81 11.97 11.58
CA GLN D 113 -22.62 10.53 11.68
C GLN D 113 -23.83 9.77 11.14
N GLU D 114 -25.03 10.27 11.44
CA GLU D 114 -26.23 9.63 10.89
C GLU D 114 -26.27 9.75 9.37
N GLN D 115 -25.83 10.90 8.83
CA GLN D 115 -25.82 11.08 7.38
C GLN D 115 -24.86 10.11 6.72
N ILE D 116 -23.65 9.99 7.27
CA ILE D 116 -22.68 9.04 6.73
C ILE D 116 -23.20 7.61 6.88
N GLY D 117 -23.78 7.29 8.04
CA GLY D 117 -24.27 5.94 8.26
C GLY D 117 -25.38 5.55 7.30
N TRP D 118 -26.19 6.52 6.87
CA TRP D 118 -27.18 6.25 5.84
C TRP D 118 -26.52 6.11 4.48
N MET D 119 -25.56 6.99 4.16
CA MET D 119 -24.98 7.00 2.82
C MET D 119 -24.10 5.78 2.56
N THR D 120 -23.50 5.19 3.59
CA THR D 120 -22.58 4.07 3.42
C THR D 120 -23.16 2.75 3.89
N HIS D 121 -24.41 2.71 4.33
CA HIS D 121 -25.08 1.46 4.59
C HIS D 121 -25.17 0.65 3.30
N ASN D 122 -25.48 -0.64 3.44
CA ASN D 122 -25.60 -1.54 2.29
C ASN D 122 -26.91 -2.32 2.39
N PRO D 123 -27.93 -1.99 1.58
CA PRO D 123 -27.95 -0.96 0.53
C PRO D 123 -27.98 0.47 1.07
N PRO D 124 -27.29 1.40 0.40
CA PRO D 124 -27.25 2.78 0.89
C PRO D 124 -28.61 3.47 0.76
N ILE D 125 -28.81 4.45 1.62
CA ILE D 125 -29.87 5.45 1.44
C ILE D 125 -29.18 6.77 1.16
N PRO D 126 -29.10 7.20 -0.10
CA PRO D 126 -28.26 8.37 -0.47
C PRO D 126 -28.89 9.71 -0.11
N VAL D 127 -28.81 10.06 1.17
CA VAL D 127 -29.45 11.29 1.65
C VAL D 127 -28.78 12.52 1.04
N GLY D 128 -27.51 12.42 0.69
CA GLY D 128 -26.87 13.53 -0.02
C GLY D 128 -27.43 13.73 -1.41
N GLU D 129 -27.67 12.64 -2.14
CA GLU D 129 -28.21 12.77 -3.50
C GLU D 129 -29.68 13.13 -3.48
N ILE D 130 -30.43 12.67 -2.49
CA ILE D 130 -31.84 13.07 -2.38
C ILE D 130 -31.94 14.56 -2.09
N TYR D 131 -31.18 15.04 -1.10
CA TYR D 131 -31.24 16.45 -0.76
C TYR D 131 -30.80 17.32 -1.93
N LYS D 132 -29.77 16.87 -2.66
CA LYS D 132 -29.33 17.60 -3.85
C LYS D 132 -30.41 17.64 -4.91
N ARG D 133 -31.24 16.60 -5.00
CA ARG D 133 -32.36 16.63 -5.94
C ARG D 133 -33.35 17.73 -5.57
N TRP D 134 -33.68 17.86 -4.28
CA TRP D 134 -34.61 18.90 -3.84
C TRP D 134 -34.03 20.29 -4.07
N ILE D 135 -32.74 20.45 -3.81
CA ILE D 135 -32.08 21.74 -4.02
C ILE D 135 -32.15 22.12 -5.49
N ILE D 136 -31.82 21.19 -6.38
CA ILE D 136 -31.84 21.48 -7.81
C ILE D 136 -33.26 21.81 -8.27
N LEU D 137 -34.26 21.14 -7.72
CA LEU D 137 -35.64 21.49 -8.05
C LEU D 137 -35.98 22.89 -7.57
N GLY D 138 -35.47 23.29 -6.40
CA GLY D 138 -35.70 24.64 -5.92
C GLY D 138 -34.96 25.68 -6.74
N LEU D 139 -33.72 25.39 -7.11
CA LEU D 139 -32.94 26.30 -7.93
C LEU D 139 -33.54 26.45 -9.34
N ASN D 140 -34.17 25.39 -9.86
CA ASN D 140 -34.80 25.48 -11.17
C ASN D 140 -35.98 26.44 -11.14
N LYS D 141 -36.77 26.43 -10.06
CA LYS D 141 -37.88 27.37 -9.95
C LYS D 141 -37.38 28.80 -9.84
N ILE D 142 -36.17 28.99 -9.33
CA ILE D 142 -35.60 30.33 -9.20
C ILE D 142 -35.08 30.83 -10.54
N VAL D 143 -34.37 29.97 -11.28
CA VAL D 143 -33.94 30.33 -12.63
C VAL D 143 -35.13 30.68 -13.50
N ARG D 144 -36.21 29.92 -13.38
CA ARG D 144 -37.42 30.18 -14.16
C ARG D 144 -38.05 31.50 -13.76
N MET D 145 -38.09 31.77 -12.45
CA MET D 145 -38.68 33.01 -11.96
C MET D 145 -37.88 34.24 -12.40
N TYR D 146 -36.55 34.16 -12.32
CA TYR D 146 -35.70 35.30 -12.64
C TYR D 146 -35.40 35.44 -14.13
N SER D 147 -36.02 34.61 -14.96
CA SER D 147 -35.86 34.75 -16.40
C SER D 147 -36.55 36.02 -16.88
N PRO D 148 -35.87 36.90 -17.61
CA PRO D 148 -36.48 38.18 -17.98
C PRO D 148 -37.62 38.04 -18.99
N THR D 149 -37.47 37.17 -19.98
CA THR D 149 -38.37 37.16 -21.13
C THR D 149 -39.02 35.79 -21.31
N SER D 150 -40.27 35.81 -21.75
CA SER D 150 -40.92 34.60 -22.21
C SER D 150 -40.40 34.20 -23.59
N ILE D 151 -40.52 32.90 -23.90
CA ILE D 151 -40.08 32.41 -25.19
C ILE D 151 -40.92 32.97 -26.33
N LEU D 152 -42.16 33.36 -26.05
CA LEU D 152 -43.07 33.90 -27.06
C LEU D 152 -42.74 35.32 -27.48
N ASP D 153 -41.89 36.02 -26.73
CA ASP D 153 -41.51 37.39 -27.05
C ASP D 153 -40.15 37.47 -27.72
N ILE D 154 -39.51 36.34 -28.02
CA ILE D 154 -38.24 36.32 -28.75
C ILE D 154 -38.57 36.32 -30.24
N ARG D 155 -38.28 37.44 -30.91
CA ARG D 155 -38.59 37.62 -32.32
C ARG D 155 -37.37 38.18 -33.03
N GLN D 156 -37.10 37.67 -34.22
CA GLN D 156 -35.88 38.04 -34.93
C GLN D 156 -35.97 39.48 -35.41
N GLY D 157 -34.91 40.24 -35.15
CA GLY D 157 -34.84 41.61 -35.60
C GLY D 157 -34.71 41.69 -37.11
N PRO D 158 -35.25 42.77 -37.68
CA PRO D 158 -35.18 42.93 -39.14
C PRO D 158 -33.75 42.90 -39.68
N LYS D 159 -32.80 43.49 -38.96
CA LYS D 159 -31.40 43.45 -39.35
C LYS D 159 -30.58 42.50 -38.49
N GLU D 160 -31.25 41.65 -37.70
CA GLU D 160 -30.54 40.72 -36.81
C GLU D 160 -30.13 39.47 -37.58
N PRO D 161 -28.85 39.11 -37.57
CA PRO D 161 -28.44 37.85 -38.19
C PRO D 161 -29.17 36.67 -37.57
N PHE D 162 -29.45 35.66 -38.40
CA PHE D 162 -30.24 34.53 -37.93
C PHE D 162 -29.57 33.83 -36.76
N ARG D 163 -28.23 33.73 -36.80
CA ARG D 163 -27.52 33.06 -35.71
C ARG D 163 -27.77 33.74 -34.37
N ASP D 164 -27.75 35.08 -34.34
CA ASP D 164 -27.98 35.79 -33.08
C ASP D 164 -29.41 35.61 -32.59
N TYR D 165 -30.36 35.48 -33.51
CA TYR D 165 -31.74 35.22 -33.10
C TYR D 165 -31.87 33.82 -32.49
N VAL D 166 -31.21 32.83 -33.08
CA VAL D 166 -31.25 31.48 -32.53
C VAL D 166 -30.53 31.42 -31.19
N ASP D 167 -29.48 32.24 -31.02
CA ASP D 167 -28.81 32.34 -29.73
C ASP D 167 -29.78 32.80 -28.64
N ARG D 168 -30.49 33.91 -28.89
CA ARG D 168 -31.41 34.43 -27.88
C ARG D 168 -32.57 33.47 -27.64
N PHE D 169 -33.02 32.76 -28.69
CA PHE D 169 -34.18 31.89 -28.55
C PHE D 169 -33.88 30.74 -27.60
N TYR D 170 -32.74 30.08 -27.78
CA TYR D 170 -32.43 28.91 -26.96
C TYR D 170 -31.89 29.29 -25.59
N LYS D 171 -31.23 30.44 -25.47
CA LYS D 171 -30.89 30.93 -24.14
C LYS D 171 -32.14 31.22 -23.33
N THR D 172 -33.15 31.80 -23.96
CA THR D 172 -34.41 32.04 -23.28
C THR D 172 -35.15 30.75 -22.99
N LEU D 173 -35.15 29.82 -23.95
CA LEU D 173 -35.85 28.55 -23.76
C LEU D 173 -35.21 27.74 -22.62
N ARG D 174 -33.89 27.84 -22.47
CA ARG D 174 -33.21 27.14 -21.39
C ARG D 174 -33.64 27.67 -20.01
N ALA D 175 -33.76 29.00 -19.88
CA ALA D 175 -34.21 29.56 -18.61
C ALA D 175 -35.69 29.31 -18.38
N GLU D 176 -36.48 29.24 -19.45
CA GLU D 176 -37.91 29.00 -19.31
C GLU D 176 -38.19 27.55 -18.91
N GLN D 177 -37.74 26.60 -19.72
CA GLN D 177 -37.94 25.17 -19.43
C GLN D 177 -36.95 24.64 -18.40
N ALA D 178 -36.12 25.50 -17.82
CA ALA D 178 -35.18 25.13 -16.75
C ALA D 178 -34.31 23.94 -17.15
N SER D 179 -33.78 24.00 -18.37
CA SER D 179 -32.90 22.97 -18.93
C SER D 179 -33.57 21.60 -18.95
N GLN D 180 -34.73 21.54 -19.61
CA GLN D 180 -35.44 20.28 -19.77
C GLN D 180 -35.60 19.94 -21.24
N LYS D 183 -35.62 17.67 -29.87
CA LYS D 183 -36.24 18.84 -30.48
C LYS D 183 -37.76 18.75 -30.43
N ASN D 184 -38.37 19.56 -29.57
CA ASN D 184 -39.82 19.58 -29.41
C ASN D 184 -40.48 20.27 -30.60
N ALA D 185 -41.69 19.83 -30.93
CA ALA D 185 -42.38 20.33 -32.12
C ALA D 185 -42.83 21.77 -31.95
N ALA D 186 -43.35 22.12 -30.77
CA ALA D 186 -43.81 23.49 -30.54
C ALA D 186 -42.67 24.50 -30.59
N THR D 187 -41.46 24.08 -30.21
CA THR D 187 -40.32 24.98 -30.26
C THR D 187 -39.76 25.12 -31.67
N GLU D 188 -39.81 24.04 -32.47
CA GLU D 188 -39.37 24.14 -33.86
C GLU D 188 -40.29 25.03 -34.68
N THR D 189 -41.60 24.98 -34.40
CA THR D 189 -42.53 25.85 -35.09
C THR D 189 -42.42 27.29 -34.58
N LEU D 190 -42.19 27.46 -33.28
CA LEU D 190 -42.07 28.81 -32.72
C LEU D 190 -40.82 29.52 -33.24
N LEU D 191 -39.74 28.76 -33.48
CA LEU D 191 -38.51 29.37 -33.98
C LEU D 191 -38.68 29.90 -35.40
N VAL D 192 -39.39 29.15 -36.24
CA VAL D 192 -39.66 29.62 -37.61
C VAL D 192 -40.69 30.74 -37.58
N GLN D 193 -41.74 30.60 -36.77
CA GLN D 193 -42.84 31.55 -36.76
C GLN D 193 -42.39 32.96 -36.35
N ASN D 194 -41.39 33.07 -35.48
CA ASN D 194 -40.96 34.37 -34.97
C ASN D 194 -39.74 34.93 -35.68
N ALA D 195 -39.27 34.26 -36.75
CA ALA D 195 -38.20 34.82 -37.55
C ALA D 195 -38.73 35.95 -38.43
N ASN D 196 -37.83 36.84 -38.87
CA ASN D 196 -38.26 37.95 -39.71
C ASN D 196 -38.83 37.43 -41.03
N PRO D 197 -39.66 38.22 -41.70
CA PRO D 197 -40.37 37.70 -42.89
C PRO D 197 -39.44 37.20 -43.99
N ASP D 198 -38.19 37.65 -44.03
CA ASP D 198 -37.28 37.23 -45.09
C ASP D 198 -36.80 35.80 -44.86
N CYS D 199 -36.19 35.55 -43.70
CA CYS D 199 -35.70 34.20 -43.40
C CYS D 199 -36.86 33.22 -43.21
N LYS D 200 -38.01 33.70 -42.71
CA LYS D 200 -39.16 32.81 -42.55
C LYS D 200 -39.60 32.22 -43.89
N THR D 201 -39.35 32.94 -44.99
CA THR D 201 -39.64 32.39 -46.31
C THR D 201 -38.62 31.31 -46.69
N ILE D 202 -37.33 31.58 -46.45
CA ILE D 202 -36.29 30.62 -46.81
C ILE D 202 -36.41 29.34 -45.99
N LEU D 203 -36.86 29.45 -44.74
CA LEU D 203 -36.98 28.27 -43.89
C LEU D 203 -38.08 27.34 -44.41
N LYS D 204 -39.27 27.88 -44.65
CA LYS D 204 -40.36 27.07 -45.19
C LYS D 204 -40.07 26.59 -46.60
N ALA D 205 -39.13 27.23 -47.31
CA ALA D 205 -38.70 26.74 -48.61
C ALA D 205 -37.88 25.46 -48.50
N LEU D 206 -37.23 25.22 -47.36
CA LEU D 206 -36.47 23.99 -47.19
C LEU D 206 -37.39 22.79 -46.96
N GLY D 207 -38.52 23.00 -46.31
CA GLY D 207 -39.44 21.93 -46.03
C GLY D 207 -39.46 21.55 -44.56
N PRO D 208 -40.08 20.42 -44.24
CA PRO D 208 -40.16 19.98 -42.86
C PRO D 208 -39.00 19.09 -42.45
N GLY D 209 -38.67 19.16 -41.16
CA GLY D 209 -37.63 18.32 -40.61
C GLY D 209 -36.23 18.71 -41.01
N ALA D 210 -36.01 19.98 -41.33
CA ALA D 210 -34.66 20.45 -41.61
C ALA D 210 -33.86 20.58 -40.31
N THR D 211 -32.57 20.28 -40.41
CA THR D 211 -31.69 20.43 -39.26
C THR D 211 -31.40 21.91 -39.02
N LEU D 212 -30.97 22.22 -37.79
CA LEU D 212 -30.59 23.59 -37.47
C LEU D 212 -29.40 24.03 -38.31
N GLU D 213 -28.47 23.12 -38.60
CA GLU D 213 -27.34 23.47 -39.44
C GLU D 213 -27.78 23.86 -40.85
N GLU D 214 -28.82 23.19 -41.36
CA GLU D 214 -29.38 23.58 -42.67
C GLU D 214 -30.08 24.93 -42.59
N MET D 215 -30.83 25.17 -41.52
CA MET D 215 -31.57 26.42 -41.40
C MET D 215 -30.65 27.62 -41.21
N MET D 216 -29.47 27.41 -40.63
CA MET D 216 -28.54 28.50 -40.42
C MET D 216 -27.61 28.72 -41.60
N THR D 217 -27.35 27.66 -42.38
CA THR D 217 -26.59 27.84 -43.61
C THR D 217 -27.41 28.58 -44.65
N ALA D 218 -28.71 28.31 -44.70
CA ALA D 218 -29.59 29.02 -45.62
C ALA D 218 -29.67 30.50 -45.28
N CYS D 219 -30.02 30.81 -44.03
CA CYS D 219 -30.22 32.21 -43.67
C CYS D 219 -28.91 32.82 -43.16
N GLN D 220 -27.78 32.37 -43.71
CA GLN D 220 -26.50 32.92 -43.30
C GLN D 220 -26.25 34.31 -43.86
N GLY D 221 -27.04 34.76 -44.83
CA GLY D 221 -26.91 36.10 -45.38
C GLY D 221 -25.65 36.34 -46.17
N PRO E 2 -14.41 11.99 -13.42
CA PRO E 2 -13.68 11.10 -14.34
C PRO E 2 -13.22 9.80 -13.68
N ILE E 3 -12.65 8.90 -14.49
CA ILE E 3 -12.14 7.62 -14.01
C ILE E 3 -10.61 7.72 -13.98
N VAL E 4 -10.03 7.61 -12.79
CA VAL E 4 -8.59 7.66 -12.60
C VAL E 4 -8.15 6.36 -11.92
N GLN E 5 -6.83 6.20 -11.80
CA GLN E 5 -6.25 5.00 -11.20
C GLN E 5 -5.84 5.27 -9.77
N ASN E 6 -6.20 4.36 -8.87
CA ASN E 6 -5.88 4.50 -7.45
C ASN E 6 -4.62 3.69 -7.13
N LEU E 7 -4.31 3.57 -5.84
CA LEU E 7 -3.06 2.94 -5.44
C LEU E 7 -3.12 1.42 -5.44
N GLN E 8 -4.31 0.83 -5.64
CA GLN E 8 -4.44 -0.59 -5.85
C GLN E 8 -4.43 -0.97 -7.33
N GLY E 9 -3.99 -0.07 -8.20
CA GLY E 9 -4.02 -0.32 -9.63
C GLY E 9 -5.41 -0.49 -10.21
N GLN E 10 -6.43 0.04 -9.54
CA GLN E 10 -7.81 -0.08 -9.99
C GLN E 10 -8.32 1.26 -10.46
N MET E 11 -9.21 1.23 -11.44
CA MET E 11 -9.83 2.44 -11.97
C MET E 11 -11.08 2.75 -11.14
N VAL E 12 -11.12 3.97 -10.57
CA VAL E 12 -12.19 4.38 -9.68
C VAL E 12 -12.67 5.76 -10.10
N HIS E 13 -13.92 6.06 -9.72
CA HIS E 13 -14.50 7.35 -10.05
C HIS E 13 -13.98 8.43 -9.11
N GLN E 14 -13.84 9.63 -9.66
CA GLN E 14 -13.33 10.78 -8.94
C GLN E 14 -14.15 11.99 -9.37
N CYS E 15 -14.47 12.86 -8.41
CA CYS E 15 -15.24 14.04 -8.74
C CYS E 15 -14.45 14.95 -9.67
N ILE E 16 -15.16 15.63 -10.57
CA ILE E 16 -14.52 16.57 -11.47
C ILE E 16 -14.03 17.77 -10.68
N SER E 17 -12.83 18.30 -11.04
CA SER E 17 -12.29 19.27 -10.10
C SER E 17 -12.71 20.69 -10.48
N PRO E 18 -12.80 21.57 -9.48
CA PRO E 18 -13.08 22.99 -9.77
C PRO E 18 -12.14 23.62 -10.79
N ARG E 19 -10.86 23.22 -10.80
CA ARG E 19 -9.91 23.76 -11.76
C ARG E 19 -10.28 23.40 -13.19
N THR E 20 -10.62 22.12 -13.41
CA THR E 20 -11.01 21.68 -14.75
C THR E 20 -12.25 22.42 -15.22
N LEU E 21 -13.20 22.64 -14.33
CA LEU E 21 -14.43 23.33 -14.71
C LEU E 21 -14.16 24.79 -15.04
N ASN E 22 -13.39 25.48 -14.19
CA ASN E 22 -13.07 26.87 -14.46
C ASN E 22 -12.22 27.01 -15.72
N ALA E 23 -11.32 26.06 -15.98
CA ALA E 23 -10.51 26.12 -17.19
C ALA E 23 -11.38 25.99 -18.44
N TRP E 24 -12.36 25.09 -18.42
CA TRP E 24 -13.21 24.93 -19.60
C TRP E 24 -14.10 26.16 -19.80
N VAL E 25 -14.61 26.72 -18.72
CA VAL E 25 -15.41 27.94 -18.82
C VAL E 25 -14.58 29.08 -19.40
N LYS E 26 -13.30 29.17 -18.98
CA LYS E 26 -12.48 30.31 -19.40
C LYS E 26 -12.11 30.23 -20.88
N VAL E 27 -11.80 29.04 -21.39
CA VAL E 27 -11.41 28.97 -22.80
C VAL E 27 -12.60 29.27 -23.71
N VAL E 28 -13.82 29.00 -23.23
CA VAL E 28 -15.00 29.31 -24.03
C VAL E 28 -15.30 30.80 -23.97
N GLU E 29 -15.12 31.42 -22.80
CA GLU E 29 -15.38 32.84 -22.68
C GLU E 29 -14.37 33.66 -23.47
N GLU E 30 -13.12 33.21 -23.53
CA GLU E 30 -12.05 34.00 -24.11
C GLU E 30 -11.77 33.68 -25.57
N LYS E 31 -12.11 32.47 -26.03
CA LYS E 31 -11.74 32.04 -27.37
C LYS E 31 -12.92 31.51 -28.18
N ALA E 32 -14.14 31.58 -27.67
CA ALA E 32 -15.37 31.22 -28.39
C ALA E 32 -15.18 29.82 -28.97
N PHE E 33 -15.37 29.62 -30.27
CA PHE E 33 -15.11 28.31 -30.87
C PHE E 33 -14.03 28.41 -31.93
N SER E 34 -12.91 29.02 -31.59
CA SER E 34 -11.72 28.93 -32.41
C SER E 34 -11.22 27.49 -32.43
N PRO E 35 -10.53 27.07 -33.50
CA PRO E 35 -10.15 25.65 -33.63
C PRO E 35 -9.37 25.09 -32.44
N GLU E 36 -8.52 25.89 -31.79
CA GLU E 36 -7.73 25.43 -30.65
C GLU E 36 -8.58 25.08 -29.43
N VAL E 37 -9.86 25.48 -29.41
CA VAL E 37 -10.74 25.10 -28.32
C VAL E 37 -10.94 23.60 -28.27
N ILE E 38 -11.00 22.94 -29.42
CA ILE E 38 -11.34 21.51 -29.50
C ILE E 38 -10.28 20.64 -28.85
N PRO E 39 -8.98 20.78 -29.16
CA PRO E 39 -8.00 19.98 -28.41
C PRO E 39 -7.97 20.32 -26.93
N MET E 40 -8.29 21.57 -26.58
CA MET E 40 -8.37 21.93 -25.16
C MET E 40 -9.52 21.20 -24.47
N PHE E 41 -10.68 21.14 -25.14
CA PHE E 41 -11.78 20.35 -24.61
C PHE E 41 -11.38 18.88 -24.48
N SER E 42 -10.67 18.35 -25.47
CA SER E 42 -10.27 16.95 -25.43
C SER E 42 -9.29 16.68 -24.30
N ALA E 43 -8.46 17.66 -23.95
CA ALA E 43 -7.47 17.46 -22.90
C ALA E 43 -8.09 17.60 -21.52
N LEU E 44 -8.99 18.58 -21.34
CA LEU E 44 -9.61 18.80 -20.04
C LEU E 44 -10.63 17.71 -19.68
N SER E 45 -11.17 17.01 -20.68
CA SER E 45 -12.09 15.91 -20.44
C SER E 45 -11.41 14.55 -20.49
N CYS E 46 -10.12 14.51 -20.20
CA CYS E 46 -9.39 13.25 -20.19
C CYS E 46 -9.93 12.35 -19.09
N GLY E 47 -10.38 11.16 -19.47
CA GLY E 47 -10.93 10.21 -18.52
C GLY E 47 -12.37 10.47 -18.12
N ALA E 48 -13.08 11.34 -18.83
CA ALA E 48 -14.41 11.77 -18.43
C ALA E 48 -15.45 10.69 -18.68
N THR E 49 -16.44 10.62 -17.79
CA THR E 49 -17.65 9.85 -18.00
C THR E 49 -18.64 10.69 -18.81
N PRO E 50 -19.63 10.06 -19.42
CA PRO E 50 -20.71 10.84 -20.07
C PRO E 50 -21.32 11.90 -19.16
N GLN E 51 -21.44 11.62 -17.86
CA GLN E 51 -21.94 12.63 -16.93
C GLN E 51 -21.00 13.84 -16.89
N ASP E 52 -19.68 13.60 -16.88
CA ASP E 52 -18.73 14.72 -16.87
C ASP E 52 -18.82 15.53 -18.15
N LEU E 53 -18.91 14.86 -19.30
CA LEU E 53 -18.98 15.58 -20.57
C LEU E 53 -20.21 16.46 -20.64
N ASN E 54 -21.35 15.96 -20.18
CA ASN E 54 -22.55 16.80 -20.13
C ASN E 54 -22.37 17.95 -19.14
N THR E 55 -21.65 17.72 -18.04
CA THR E 55 -21.39 18.80 -17.09
C THR E 55 -20.61 19.92 -17.77
N MET E 56 -19.51 19.59 -18.44
CA MET E 56 -18.71 20.60 -19.10
C MET E 56 -19.52 21.35 -20.16
N LEU E 57 -20.29 20.61 -20.97
CA LEU E 57 -21.13 21.27 -21.97
C LEU E 57 -22.20 22.13 -21.33
N ASN E 58 -22.67 21.76 -20.13
CA ASN E 58 -23.71 22.52 -19.46
C ASN E 58 -23.20 23.80 -18.81
N THR E 59 -21.88 23.98 -18.69
CA THR E 59 -21.37 25.22 -18.12
C THR E 59 -21.23 26.32 -19.17
N VAL E 60 -21.45 26.01 -20.44
CA VAL E 60 -21.42 27.03 -21.49
C VAL E 60 -22.71 27.85 -21.40
N GLY E 61 -22.56 29.14 -21.10
CA GLY E 61 -23.71 30.00 -20.90
C GLY E 61 -24.31 30.53 -22.18
N GLY E 62 -23.47 31.03 -23.08
CA GLY E 62 -23.91 31.54 -24.36
C GLY E 62 -23.81 30.49 -25.45
N HIS E 63 -23.77 30.98 -26.69
CA HIS E 63 -23.58 30.13 -27.86
C HIS E 63 -24.62 29.02 -27.92
N GLN E 64 -25.85 29.34 -27.52
CA GLN E 64 -26.88 28.31 -27.41
C GLN E 64 -27.33 27.78 -28.77
N ALA E 65 -27.17 28.55 -29.85
CA ALA E 65 -27.42 27.99 -31.17
C ALA E 65 -26.40 26.91 -31.50
N ALA E 66 -25.14 27.11 -31.12
CA ALA E 66 -24.12 26.09 -31.34
C ALA E 66 -24.41 24.85 -30.50
N MET E 67 -24.87 25.05 -29.26
CA MET E 67 -25.15 23.91 -28.39
C MET E 67 -26.32 23.08 -28.93
N GLN E 68 -27.33 23.73 -29.50
CA GLN E 68 -28.45 22.98 -30.06
C GLN E 68 -28.04 22.18 -31.29
N MET E 69 -27.14 22.74 -32.11
CA MET E 69 -26.59 21.99 -33.23
C MET E 69 -25.80 20.79 -32.74
N LEU E 70 -24.98 20.98 -31.70
CA LEU E 70 -24.23 19.87 -31.14
C LEU E 70 -25.15 18.76 -30.65
N LYS E 71 -26.32 19.13 -30.11
CA LYS E 71 -27.29 18.12 -29.69
C LYS E 71 -27.80 17.34 -30.89
N GLU E 72 -28.13 18.03 -31.99
CA GLU E 72 -28.63 17.34 -33.17
C GLU E 72 -27.56 16.46 -33.80
N THR E 73 -26.28 16.83 -33.66
CA THR E 73 -25.21 15.97 -34.13
C THR E 73 -25.09 14.73 -33.24
N ILE E 74 -25.19 14.91 -31.93
CA ILE E 74 -25.12 13.76 -31.01
C ILE E 74 -26.27 12.81 -31.26
N ASN E 75 -27.47 13.35 -31.53
CA ASN E 75 -28.62 12.49 -31.80
C ASN E 75 -28.44 11.68 -33.08
N GLU E 76 -27.73 12.22 -34.07
CA GLU E 76 -27.51 11.47 -35.30
C GLU E 76 -26.43 10.41 -35.14
N GLU E 77 -25.47 10.65 -34.24
CA GLU E 77 -24.46 9.63 -33.95
C GLU E 77 -25.02 8.54 -33.04
N ALA E 78 -25.96 8.90 -32.16
CA ALA E 78 -26.60 7.89 -31.32
C ALA E 78 -27.53 7.01 -32.14
N ALA E 79 -28.24 7.59 -33.11
CA ALA E 79 -29.08 6.78 -34.00
C ALA E 79 -28.23 5.81 -34.82
N GLU E 80 -27.07 6.27 -35.30
CA GLU E 80 -26.19 5.37 -36.04
C GLU E 80 -25.62 4.28 -35.15
N TRP E 81 -25.34 4.62 -33.88
CA TRP E 81 -24.87 3.60 -32.94
C TRP E 81 -25.93 2.54 -32.71
N ASP E 82 -27.20 2.96 -32.60
CA ASP E 82 -28.29 2.01 -32.39
C ASP E 82 -28.48 1.11 -33.60
N ARG E 83 -28.18 1.61 -34.79
CA ARG E 83 -28.29 0.79 -36.00
C ARG E 83 -27.21 -0.27 -36.05
N LEU E 84 -25.96 0.12 -35.75
CA LEU E 84 -24.82 -0.79 -35.85
C LEU E 84 -24.67 -1.69 -34.64
N HIS E 85 -25.20 -1.31 -33.48
CA HIS E 85 -25.08 -2.09 -32.25
C HIS E 85 -26.47 -2.20 -31.62
N PRO E 86 -27.32 -3.07 -32.15
CA PRO E 86 -28.65 -3.27 -31.55
C PRO E 86 -28.52 -3.88 -30.16
N VAL E 87 -29.52 -3.61 -29.33
CA VAL E 87 -29.58 -4.16 -27.98
C VAL E 87 -30.42 -5.44 -28.03
N HIS E 88 -29.82 -6.55 -27.64
CA HIS E 88 -30.51 -7.83 -27.62
C HIS E 88 -31.34 -7.96 -26.35
N ALA E 89 -32.57 -8.43 -26.51
CA ALA E 89 -33.47 -8.58 -25.38
C ALA E 89 -33.07 -9.77 -24.52
N GLY E 90 -33.58 -9.79 -23.28
CA GLY E 90 -33.32 -10.88 -22.38
C GLY E 90 -32.57 -10.44 -21.13
N PRO E 91 -32.35 -11.37 -20.21
CA PRO E 91 -31.62 -11.04 -18.99
C PRO E 91 -30.11 -10.97 -19.22
N ILE E 92 -29.47 -10.12 -18.43
CA ILE E 92 -28.04 -9.88 -18.57
C ILE E 92 -27.27 -11.01 -17.90
N ALA E 93 -26.28 -11.55 -18.60
CA ALA E 93 -25.45 -12.60 -18.05
C ALA E 93 -24.79 -12.14 -16.76
N PRO E 94 -24.61 -13.04 -15.80
CA PRO E 94 -24.08 -12.64 -14.49
C PRO E 94 -22.65 -12.14 -14.59
N GLY E 95 -22.35 -11.09 -13.83
CA GLY E 95 -21.06 -10.43 -13.91
C GLY E 95 -20.87 -9.57 -15.13
N GLN E 96 -21.93 -9.29 -15.89
CA GLN E 96 -21.85 -8.51 -17.12
C GLN E 96 -22.74 -7.29 -17.02
N MET E 97 -22.53 -6.37 -17.95
CA MET E 97 -23.33 -5.16 -18.08
C MET E 97 -24.30 -5.28 -19.24
N ARG E 98 -25.42 -4.58 -19.12
CA ARG E 98 -26.35 -4.50 -20.25
C ARG E 98 -25.70 -3.72 -21.39
N GLU E 99 -26.17 -3.98 -22.59
CA GLU E 99 -25.60 -3.33 -23.77
C GLU E 99 -26.00 -1.85 -23.80
N PRO E 100 -25.06 -0.95 -24.03
CA PRO E 100 -25.39 0.48 -24.08
C PRO E 100 -26.02 0.86 -25.40
N ARG E 101 -27.18 1.51 -25.34
CA ARG E 101 -27.74 2.15 -26.51
C ARG E 101 -27.15 3.56 -26.63
N GLY E 102 -27.54 4.28 -27.69
CA GLY E 102 -26.99 5.60 -27.92
C GLY E 102 -27.28 6.56 -26.80
N SER E 103 -28.50 6.52 -26.27
CA SER E 103 -28.86 7.41 -25.17
C SER E 103 -28.15 7.06 -23.87
N ASP E 104 -27.63 5.83 -23.75
CA ASP E 104 -26.79 5.50 -22.60
C ASP E 104 -25.41 6.16 -22.73
N ILE E 105 -24.83 6.08 -23.92
CA ILE E 105 -23.52 6.67 -24.16
C ILE E 105 -23.58 8.19 -23.98
N ALA E 106 -24.70 8.79 -24.35
CA ALA E 106 -24.89 10.23 -24.19
C ALA E 106 -25.31 10.62 -22.77
N GLY E 107 -25.50 9.66 -21.87
CA GLY E 107 -25.76 9.98 -20.49
C GLY E 107 -27.15 10.48 -20.21
N THR E 108 -28.10 10.25 -21.11
CA THR E 108 -29.47 10.68 -20.89
C THR E 108 -30.34 9.60 -20.26
N THR E 109 -30.05 8.33 -20.52
CA THR E 109 -30.83 7.23 -19.98
C THR E 109 -30.02 6.29 -19.10
N SER E 110 -28.74 6.56 -18.89
CA SER E 110 -27.89 5.72 -18.05
C SER E 110 -27.53 6.46 -16.76
N THR E 111 -27.27 5.69 -15.72
CA THR E 111 -26.83 6.22 -14.44
C THR E 111 -25.31 6.36 -14.43
N LEU E 112 -24.80 7.10 -13.43
CA LEU E 112 -23.35 7.20 -13.26
C LEU E 112 -22.74 5.83 -12.99
N GLN E 113 -23.39 5.03 -12.14
CA GLN E 113 -22.87 3.71 -11.80
C GLN E 113 -22.83 2.79 -13.02
N GLU E 114 -23.79 2.92 -13.95
CA GLU E 114 -23.71 2.13 -15.18
C GLU E 114 -22.56 2.59 -16.06
N GLN E 115 -22.34 3.90 -16.13
CA GLN E 115 -21.21 4.41 -16.90
C GLN E 115 -19.89 3.92 -16.32
N ILE E 116 -19.76 3.94 -14.98
CA ILE E 116 -18.59 3.38 -14.33
C ILE E 116 -18.48 1.89 -14.64
N GLY E 117 -19.60 1.18 -14.65
CA GLY E 117 -19.58 -0.24 -14.93
C GLY E 117 -19.01 -0.55 -16.31
N TRP E 118 -19.45 0.19 -17.32
CA TRP E 118 -18.93 -0.02 -18.67
C TRP E 118 -17.46 0.38 -18.77
N MET E 119 -17.10 1.51 -18.16
CA MET E 119 -15.74 2.03 -18.36
C MET E 119 -14.69 1.26 -17.57
N THR E 120 -15.08 0.54 -16.51
CA THR E 120 -14.14 -0.23 -15.72
C THR E 120 -14.31 -1.73 -15.88
N HIS E 121 -15.18 -2.17 -16.79
CA HIS E 121 -15.30 -3.60 -17.08
C HIS E 121 -14.02 -4.10 -17.74
N ASN E 122 -13.86 -5.43 -17.74
CA ASN E 122 -12.73 -6.07 -18.41
C ASN E 122 -13.27 -7.11 -19.39
N PRO E 123 -13.28 -6.83 -20.70
CA PRO E 123 -12.78 -5.61 -21.36
C PRO E 123 -13.70 -4.41 -21.15
N PRO E 124 -13.18 -3.18 -21.21
CA PRO E 124 -14.02 -2.01 -20.97
C PRO E 124 -14.76 -1.57 -22.23
N ILE E 125 -16.02 -1.19 -22.04
CA ILE E 125 -16.82 -0.54 -23.06
C ILE E 125 -16.64 0.96 -22.85
N PRO E 126 -15.77 1.63 -23.60
CA PRO E 126 -15.36 3.02 -23.30
C PRO E 126 -16.41 4.05 -23.71
N VAL E 127 -17.50 4.11 -22.96
CA VAL E 127 -18.60 4.99 -23.32
C VAL E 127 -18.23 6.46 -23.17
N GLY E 128 -17.19 6.77 -22.39
CA GLY E 128 -16.72 8.14 -22.33
C GLY E 128 -15.99 8.55 -23.60
N GLU E 129 -15.23 7.63 -24.19
CA GLU E 129 -14.49 7.93 -25.41
C GLU E 129 -15.41 7.94 -26.63
N ILE E 130 -16.39 7.05 -26.66
CA ILE E 130 -17.37 7.04 -27.75
C ILE E 130 -18.15 8.34 -27.77
N TYR E 131 -18.66 8.75 -26.60
CA TYR E 131 -19.42 9.99 -26.52
C TYR E 131 -18.56 11.19 -26.88
N LYS E 132 -17.29 11.18 -26.46
CA LYS E 132 -16.42 12.32 -26.74
C LYS E 132 -16.11 12.43 -28.23
N ARG E 133 -16.02 11.29 -28.92
CA ARG E 133 -15.88 11.34 -30.38
C ARG E 133 -17.06 12.06 -31.01
N TRP E 134 -18.28 11.71 -30.59
CA TRP E 134 -19.48 12.37 -31.12
C TRP E 134 -19.45 13.86 -30.85
N ILE E 135 -19.07 14.26 -29.63
CA ILE E 135 -19.05 15.67 -29.28
C ILE E 135 -18.03 16.42 -30.11
N ILE E 136 -16.85 15.83 -30.31
CA ILE E 136 -15.83 16.50 -31.11
C ILE E 136 -16.24 16.56 -32.57
N LEU E 137 -16.99 15.56 -33.07
CA LEU E 137 -17.56 15.65 -34.40
C LEU E 137 -18.52 16.83 -34.51
N GLY E 138 -19.35 17.04 -33.49
CA GLY E 138 -20.26 18.19 -33.52
C GLY E 138 -19.53 19.51 -33.37
N LEU E 139 -18.52 19.55 -32.50
CA LEU E 139 -17.79 20.80 -32.30
C LEU E 139 -16.99 21.18 -33.55
N ASN E 140 -16.49 20.19 -34.29
CA ASN E 140 -15.80 20.48 -35.53
C ASN E 140 -16.72 21.13 -36.56
N LYS E 141 -17.99 20.75 -36.59
CA LYS E 141 -18.93 21.42 -37.48
C LYS E 141 -19.23 22.84 -37.00
N ILE E 142 -19.12 23.09 -35.70
CA ILE E 142 -19.33 24.43 -35.18
C ILE E 142 -18.14 25.32 -35.53
N VAL E 143 -16.93 24.77 -35.50
CA VAL E 143 -15.73 25.55 -35.82
C VAL E 143 -15.79 26.04 -37.26
N ARG E 144 -16.30 25.21 -38.18
CA ARG E 144 -16.39 25.63 -39.57
C ARG E 144 -17.46 26.69 -39.77
N MET E 145 -18.64 26.50 -39.16
CA MET E 145 -19.71 27.48 -39.32
C MET E 145 -19.34 28.82 -38.71
N TYR E 146 -18.53 28.82 -37.65
CA TYR E 146 -18.12 30.05 -37.00
C TYR E 146 -16.95 30.73 -37.69
N SER E 147 -16.30 30.06 -38.63
CA SER E 147 -15.14 30.64 -39.30
C SER E 147 -15.59 31.80 -40.19
N PRO E 148 -15.00 32.99 -40.04
CA PRO E 148 -15.45 34.14 -40.82
C PRO E 148 -14.93 34.12 -42.26
N THR E 149 -13.63 34.34 -42.42
CA THR E 149 -13.03 34.42 -43.74
C THR E 149 -12.85 33.04 -44.36
N SER E 150 -12.83 33.01 -45.68
CA SER E 150 -12.55 31.78 -46.43
C SER E 150 -11.06 31.68 -46.71
N ILE E 151 -10.60 30.44 -46.91
CA ILE E 151 -9.19 30.23 -47.26
C ILE E 151 -8.89 30.87 -48.60
N LEU E 152 -9.88 30.92 -49.51
CA LEU E 152 -9.71 31.62 -50.77
C LEU E 152 -9.61 33.12 -50.58
N ASP E 153 -10.22 33.65 -49.52
CA ASP E 153 -10.25 35.08 -49.30
C ASP E 153 -8.90 35.62 -48.84
N ILE E 154 -8.13 34.82 -48.10
CA ILE E 154 -6.89 35.28 -47.50
C ILE E 154 -5.85 35.51 -48.58
N ARG E 155 -5.59 36.78 -48.90
CA ARG E 155 -4.59 37.18 -49.88
C ARG E 155 -3.63 38.17 -49.25
N GLN E 156 -2.36 38.08 -49.64
CA GLN E 156 -1.32 38.89 -49.03
C GLN E 156 -1.51 40.36 -49.37
N GLY E 157 -1.27 41.23 -48.39
CA GLY E 157 -1.35 42.65 -48.59
C GLY E 157 -0.17 43.18 -49.37
N PRO E 158 -0.12 44.51 -49.52
CA PRO E 158 0.96 45.13 -50.27
C PRO E 158 2.29 45.05 -49.54
N LYS E 159 2.44 45.89 -48.51
CA LYS E 159 3.66 45.92 -47.69
C LYS E 159 3.58 45.01 -46.48
N GLU E 160 2.77 43.96 -46.55
CA GLU E 160 2.67 43.04 -45.43
C GLU E 160 3.75 41.97 -45.54
N PRO E 161 4.53 41.73 -44.47
CA PRO E 161 5.56 40.70 -44.53
C PRO E 161 4.99 39.33 -44.81
N PHE E 162 5.80 38.47 -45.44
CA PHE E 162 5.33 37.17 -45.88
C PHE E 162 4.91 36.30 -44.69
N ARG E 163 5.64 36.38 -43.59
CA ARG E 163 5.33 35.55 -42.42
C ARG E 163 3.97 35.89 -41.83
N ASP E 164 3.57 37.16 -41.86
CA ASP E 164 2.25 37.51 -41.37
C ASP E 164 1.16 37.00 -42.29
N TYR E 165 1.43 36.94 -43.60
CA TYR E 165 0.45 36.40 -44.53
C TYR E 165 0.28 34.90 -44.34
N VAL E 166 1.38 34.18 -44.07
CA VAL E 166 1.29 32.76 -43.78
C VAL E 166 0.59 32.53 -42.44
N ASP E 167 0.83 33.40 -41.46
CA ASP E 167 0.13 33.31 -40.19
C ASP E 167 -1.38 33.34 -40.38
N ARG E 168 -1.89 34.36 -41.08
CA ARG E 168 -3.31 34.42 -41.35
C ARG E 168 -3.77 33.27 -42.24
N PHE E 169 -2.87 32.74 -43.07
CA PHE E 169 -3.25 31.69 -44.00
C PHE E 169 -3.57 30.39 -43.27
N TYR E 170 -2.60 29.87 -42.52
CA TYR E 170 -2.80 28.58 -41.85
C TYR E 170 -3.76 28.68 -40.67
N LYS E 171 -3.94 29.88 -40.10
CA LYS E 171 -4.96 30.02 -39.06
C LYS E 171 -6.35 29.88 -39.65
N THR E 172 -6.61 30.54 -40.78
CA THR E 172 -7.90 30.38 -41.44
C THR E 172 -8.08 28.96 -41.95
N LEU E 173 -7.01 28.38 -42.51
CA LEU E 173 -7.06 26.99 -42.96
C LEU E 173 -7.40 26.04 -41.82
N ARG E 174 -6.91 26.34 -40.62
CA ARG E 174 -7.22 25.50 -39.47
C ARG E 174 -8.70 25.57 -39.12
N ALA E 175 -9.32 26.75 -39.27
CA ALA E 175 -10.76 26.86 -39.01
C ALA E 175 -11.59 26.26 -40.13
N GLU E 176 -11.10 26.30 -41.37
CA GLU E 176 -11.86 25.75 -42.49
C GLU E 176 -11.90 24.23 -42.45
N GLN E 177 -10.80 23.59 -42.09
CA GLN E 177 -10.74 22.14 -41.96
C GLN E 177 -11.03 21.64 -40.55
N ALA E 178 -11.27 22.55 -39.59
CA ALA E 178 -11.46 22.21 -38.18
C ALA E 178 -10.28 21.39 -37.64
N SER E 179 -9.07 21.93 -37.83
CA SER E 179 -7.82 21.34 -37.35
C SER E 179 -7.56 19.96 -37.98
N GLN E 180 -7.86 19.82 -39.26
CA GLN E 180 -7.63 18.59 -39.99
C GLN E 180 -6.46 18.76 -40.95
N GLU E 181 -5.50 17.84 -40.89
CA GLU E 181 -4.33 17.90 -41.76
C GLU E 181 -4.15 16.61 -42.54
N ASN E 184 0.34 19.16 -48.43
CA ASN E 184 -0.73 19.14 -49.42
C ASN E 184 -0.49 20.20 -50.49
N ALA E 185 -0.28 19.74 -51.72
CA ALA E 185 0.01 20.66 -52.82
C ALA E 185 -1.19 21.52 -53.18
N ALA E 186 -2.40 21.14 -52.75
CA ALA E 186 -3.57 21.99 -52.98
C ALA E 186 -3.45 23.31 -52.22
N THR E 187 -3.20 23.22 -50.90
CA THR E 187 -3.02 24.43 -50.11
C THR E 187 -1.68 25.09 -50.39
N GLU E 188 -0.68 24.31 -50.80
CA GLU E 188 0.62 24.89 -51.13
C GLU E 188 0.52 25.83 -52.32
N THR E 189 -0.26 25.44 -53.34
CA THR E 189 -0.42 26.29 -54.51
C THR E 189 -1.34 27.48 -54.24
N LEU E 190 -2.28 27.35 -53.31
CA LEU E 190 -3.09 28.49 -52.91
C LEU E 190 -2.24 29.54 -52.19
N LEU E 191 -1.25 29.09 -51.41
CA LEU E 191 -0.40 30.03 -50.68
C LEU E 191 0.41 30.91 -51.64
N VAL E 192 1.01 30.30 -52.66
CA VAL E 192 1.82 31.07 -53.59
C VAL E 192 0.93 31.91 -54.50
N GLN E 193 -0.23 31.39 -54.88
CA GLN E 193 -1.10 32.12 -55.82
C GLN E 193 -1.62 33.41 -55.20
N ASN E 194 -2.03 33.36 -53.93
CA ASN E 194 -2.65 34.50 -53.27
C ASN E 194 -1.64 35.43 -52.63
N ALA E 195 -0.35 35.28 -52.93
CA ALA E 195 0.67 36.15 -52.37
C ALA E 195 0.68 37.50 -53.10
N ASN E 196 1.69 38.33 -52.81
CA ASN E 196 1.85 39.57 -53.55
C ASN E 196 2.82 39.35 -54.71
N PRO E 197 2.78 40.22 -55.73
CA PRO E 197 3.59 39.96 -56.94
C PRO E 197 5.10 39.91 -56.67
N ASP E 198 5.59 40.66 -55.69
CA ASP E 198 7.03 40.68 -55.42
C ASP E 198 7.53 39.33 -54.93
N CYS E 199 6.88 38.78 -53.90
CA CYS E 199 7.30 37.49 -53.36
C CYS E 199 6.87 36.33 -54.25
N LYS E 200 5.71 36.45 -54.92
CA LYS E 200 5.24 35.40 -55.82
C LYS E 200 6.24 35.13 -56.94
N THR E 201 6.96 36.15 -57.39
CA THR E 201 7.98 35.94 -58.41
C THR E 201 9.12 35.08 -57.87
N ILE E 202 9.63 35.42 -56.69
CA ILE E 202 10.73 34.65 -56.11
C ILE E 202 10.29 33.26 -55.67
N LEU E 203 9.00 33.08 -55.39
CA LEU E 203 8.51 31.78 -54.95
C LEU E 203 8.59 30.74 -56.06
N LYS E 204 8.20 31.12 -57.28
CA LYS E 204 8.35 30.22 -58.41
C LYS E 204 9.83 29.94 -58.70
N ALA E 205 10.70 30.92 -58.47
CA ALA E 205 12.12 30.77 -58.74
C ALA E 205 12.81 29.82 -57.76
N LEU E 206 12.18 29.54 -56.61
CA LEU E 206 12.78 28.63 -55.65
C LEU E 206 12.87 27.21 -56.19
N GLY E 207 11.92 26.83 -57.03
CA GLY E 207 11.92 25.51 -57.63
C GLY E 207 10.71 24.69 -57.21
N PRO E 208 10.82 23.38 -57.31
CA PRO E 208 9.70 22.50 -56.97
C PRO E 208 9.77 21.99 -55.54
N GLY E 209 8.61 22.02 -54.89
CA GLY E 209 8.47 21.46 -53.55
C GLY E 209 9.40 22.06 -52.52
N ALA E 210 9.57 23.39 -52.55
CA ALA E 210 10.41 24.04 -51.55
C ALA E 210 9.73 23.99 -50.19
N THR E 211 10.53 23.85 -49.15
CA THR E 211 10.02 23.86 -47.80
C THR E 211 9.57 25.27 -47.42
N LEU E 212 8.61 25.35 -46.48
CA LEU E 212 8.16 26.65 -45.99
C LEU E 212 9.33 27.44 -45.38
N GLU E 213 10.27 26.75 -44.73
CA GLU E 213 11.48 27.41 -44.27
C GLU E 213 12.20 28.10 -45.42
N GLU E 214 12.37 27.40 -46.54
CA GLU E 214 13.03 27.99 -47.69
C GLU E 214 12.22 29.15 -48.26
N MET E 215 10.89 29.01 -48.31
CA MET E 215 10.06 30.08 -48.87
C MET E 215 10.19 31.35 -48.03
N MET E 216 10.12 31.23 -46.71
CA MET E 216 10.11 32.41 -45.86
C MET E 216 11.50 33.04 -45.74
N THR E 217 12.57 32.27 -45.95
CA THR E 217 13.89 32.88 -46.06
C THR E 217 14.03 33.64 -47.37
N ALA E 218 13.37 33.17 -48.43
CA ALA E 218 13.48 33.82 -49.73
C ALA E 218 12.72 35.14 -49.77
N CYS E 219 11.67 35.28 -48.98
CA CYS E 219 10.90 36.52 -48.91
C CYS E 219 11.03 37.19 -47.54
N GLN E 220 12.23 37.14 -46.97
CA GLN E 220 12.45 37.73 -45.65
C GLN E 220 12.31 39.24 -45.70
N GLY E 221 12.86 39.88 -46.72
CA GLY E 221 12.78 41.31 -46.86
C GLY E 221 11.86 41.77 -47.97
N PRO F 2 0.77 12.41 -19.04
CA PRO F 2 2.13 11.86 -18.96
C PRO F 2 2.17 10.51 -18.27
N ILE F 3 3.35 9.90 -18.20
CA ILE F 3 3.56 8.62 -17.54
C ILE F 3 4.41 8.89 -16.30
N VAL F 4 3.84 8.65 -15.12
CA VAL F 4 4.46 9.01 -13.86
C VAL F 4 4.62 7.77 -12.99
N GLN F 5 5.47 7.90 -11.98
CA GLN F 5 5.71 6.82 -11.03
C GLN F 5 4.56 6.70 -10.05
N ASN F 6 3.99 5.51 -9.95
CA ASN F 6 2.96 5.25 -8.95
C ASN F 6 3.62 5.19 -7.57
N LEU F 7 2.79 5.33 -6.52
CA LEU F 7 3.31 5.14 -5.17
C LEU F 7 3.78 3.71 -4.99
N GLN F 8 3.13 2.75 -5.67
CA GLN F 8 3.65 1.39 -5.71
C GLN F 8 5.02 1.37 -6.38
N GLY F 9 5.19 2.16 -7.44
CA GLY F 9 6.45 2.24 -8.15
C GLY F 9 6.32 1.84 -9.62
N GLN F 10 5.09 1.88 -10.14
CA GLN F 10 4.81 1.44 -11.51
C GLN F 10 4.53 2.65 -12.39
N MET F 11 5.01 2.58 -13.63
CA MET F 11 4.79 3.66 -14.59
C MET F 11 3.36 3.58 -15.11
N VAL F 12 2.55 4.58 -14.76
CA VAL F 12 1.13 4.60 -15.08
C VAL F 12 0.78 5.93 -15.72
N HIS F 13 -0.29 5.92 -16.52
CA HIS F 13 -0.71 7.10 -17.27
C HIS F 13 -1.57 8.02 -16.40
N GLN F 14 -1.22 9.29 -16.40
CA GLN F 14 -1.99 10.33 -15.74
C GLN F 14 -2.42 11.36 -16.79
N CYS F 15 -3.57 11.96 -16.58
CA CYS F 15 -4.04 12.98 -17.50
C CYS F 15 -3.15 14.22 -17.40
N ILE F 16 -3.04 14.94 -18.53
CA ILE F 16 -2.34 16.21 -18.51
C ILE F 16 -3.08 17.18 -17.60
N SER F 17 -2.35 17.88 -16.76
CA SER F 17 -3.02 18.68 -15.75
C SER F 17 -3.47 20.01 -16.34
N PRO F 18 -4.62 20.53 -15.89
CA PRO F 18 -5.04 21.86 -16.33
C PRO F 18 -4.04 22.95 -16.01
N ARG F 19 -3.28 22.81 -14.93
CA ARG F 19 -2.26 23.81 -14.59
C ARG F 19 -1.10 23.76 -15.59
N THR F 20 -0.71 22.56 -16.01
CA THR F 20 0.33 22.43 -17.02
C THR F 20 -0.12 23.00 -18.36
N LEU F 21 -1.35 22.68 -18.77
CA LEU F 21 -1.90 23.22 -20.01
C LEU F 21 -1.87 24.75 -19.99
N ASN F 22 -2.35 25.35 -18.90
CA ASN F 22 -2.43 26.80 -18.83
C ASN F 22 -1.04 27.43 -18.73
N ALA F 23 -0.07 26.72 -18.15
CA ALA F 23 1.28 27.27 -18.07
C ALA F 23 1.92 27.38 -19.44
N TRP F 24 1.75 26.35 -20.28
CA TRP F 24 2.33 26.39 -21.62
C TRP F 24 1.64 27.45 -22.47
N VAL F 25 0.32 27.61 -22.32
CA VAL F 25 -0.39 28.64 -23.06
C VAL F 25 0.10 30.02 -22.66
N LYS F 26 0.33 30.24 -21.37
CA LYS F 26 0.79 31.55 -20.90
C LYS F 26 2.21 31.84 -21.37
N VAL F 27 3.06 30.82 -21.44
CA VAL F 27 4.45 31.03 -21.86
C VAL F 27 4.50 31.48 -23.31
N VAL F 28 3.66 30.89 -24.15
CA VAL F 28 3.66 31.24 -25.57
C VAL F 28 3.07 32.63 -25.78
N GLU F 29 2.04 32.98 -25.01
CA GLU F 29 1.41 34.29 -25.20
C GLU F 29 2.24 35.42 -24.62
N GLU F 30 3.11 35.13 -23.66
CA GLU F 30 3.91 36.17 -23.03
C GLU F 30 5.30 36.28 -23.64
N LYS F 31 5.96 35.15 -23.87
CA LYS F 31 7.35 35.13 -24.33
C LYS F 31 7.48 34.83 -25.82
N ALA F 32 6.37 34.56 -26.51
CA ALA F 32 6.41 34.16 -27.92
C ALA F 32 7.37 32.99 -28.11
N PHE F 33 8.47 33.21 -28.82
CA PHE F 33 9.49 32.19 -29.04
C PHE F 33 10.87 32.72 -28.69
N SER F 34 10.96 33.35 -27.52
CA SER F 34 12.26 33.65 -26.95
C SER F 34 13.00 32.34 -26.68
N PRO F 35 14.34 32.34 -26.64
CA PRO F 35 15.07 31.08 -26.44
C PRO F 35 14.67 30.31 -25.19
N GLU F 36 14.40 30.97 -24.07
CA GLU F 36 14.07 30.27 -22.83
C GLU F 36 12.72 29.56 -22.89
N VAL F 37 11.98 29.71 -23.99
CA VAL F 37 10.72 29.00 -24.14
C VAL F 37 10.95 27.50 -24.30
N ILE F 38 12.06 27.11 -24.92
CA ILE F 38 12.30 25.70 -25.24
C ILE F 38 12.55 24.91 -23.95
N PRO F 39 13.46 25.30 -23.05
CA PRO F 39 13.60 24.55 -21.80
C PRO F 39 12.35 24.58 -20.94
N MET F 40 11.49 25.60 -21.11
CA MET F 40 10.22 25.61 -20.42
C MET F 40 9.24 24.61 -21.04
N PHE F 41 9.29 24.45 -22.36
CA PHE F 41 8.46 23.44 -23.03
C PHE F 41 8.88 22.04 -22.61
N SER F 42 10.18 21.77 -22.58
CA SER F 42 10.66 20.44 -22.22
C SER F 42 10.33 20.11 -20.77
N ALA F 43 10.42 21.11 -19.88
CA ALA F 43 10.15 20.88 -18.47
C ALA F 43 8.66 20.67 -18.21
N LEU F 44 7.79 21.41 -18.90
CA LEU F 44 6.35 21.21 -18.70
C LEU F 44 5.88 19.90 -19.29
N SER F 45 6.60 19.37 -20.28
CA SER F 45 6.22 18.13 -20.94
C SER F 45 7.04 16.94 -20.45
N CYS F 46 7.49 16.99 -19.20
CA CYS F 46 8.27 15.90 -18.63
C CYS F 46 7.41 14.63 -18.52
N GLY F 47 7.88 13.55 -19.12
CA GLY F 47 7.17 12.30 -19.14
C GLY F 47 6.02 12.21 -20.12
N ALA F 48 5.94 13.13 -21.07
CA ALA F 48 4.75 13.21 -21.92
C ALA F 48 4.73 12.08 -22.95
N THR F 49 3.53 11.60 -23.25
CA THR F 49 3.31 10.76 -24.42
C THR F 49 3.32 11.63 -25.67
N PRO F 50 3.42 11.02 -26.85
CA PRO F 50 3.21 11.81 -28.08
C PRO F 50 1.86 12.53 -28.08
N GLN F 51 0.82 11.90 -27.54
CA GLN F 51 -0.49 12.55 -27.50
C GLN F 51 -0.46 13.81 -26.66
N ASP F 52 0.26 13.79 -25.54
CA ASP F 52 0.40 15.00 -24.71
C ASP F 52 1.16 16.08 -25.48
N LEU F 53 2.27 15.72 -26.11
CA LEU F 53 3.03 16.69 -26.89
C LEU F 53 2.18 17.30 -27.99
N ASN F 54 1.39 16.47 -28.68
CA ASN F 54 0.48 17.04 -29.69
C ASN F 54 -0.55 17.95 -29.05
N THR F 55 -0.97 17.63 -27.84
CA THR F 55 -1.95 18.48 -27.16
C THR F 55 -1.35 19.84 -26.83
N MET F 56 -0.11 19.87 -26.34
CA MET F 56 0.51 21.15 -26.00
C MET F 56 0.70 22.02 -27.23
N LEU F 57 1.16 21.43 -28.35
CA LEU F 57 1.30 22.18 -29.59
C LEU F 57 -0.06 22.66 -30.11
N ASN F 58 -1.13 21.90 -29.87
CA ASN F 58 -2.44 22.28 -30.38
C ASN F 58 -3.06 23.44 -29.62
N THR F 59 -2.64 23.70 -28.38
CA THR F 59 -3.17 24.84 -27.66
C THR F 59 -2.60 26.16 -28.15
N VAL F 60 -1.55 26.13 -28.98
CA VAL F 60 -1.01 27.35 -29.56
C VAL F 60 -2.01 27.89 -30.57
N GLY F 61 -2.51 29.10 -30.32
CA GLY F 61 -3.49 29.70 -31.20
C GLY F 61 -2.88 30.37 -32.42
N GLY F 62 -1.95 31.28 -32.19
CA GLY F 62 -1.27 31.99 -33.26
C GLY F 62 -0.01 31.29 -33.71
N HIS F 63 0.91 32.08 -34.28
CA HIS F 63 2.19 31.58 -34.76
C HIS F 63 2.02 30.38 -35.67
N GLN F 64 0.95 30.41 -36.48
CA GLN F 64 0.63 29.25 -37.32
C GLN F 64 1.65 29.02 -38.41
N ALA F 65 2.37 30.06 -38.84
CA ALA F 65 3.49 29.87 -39.75
C ALA F 65 4.57 29.02 -39.09
N ALA F 66 4.97 29.39 -37.87
CA ALA F 66 5.95 28.60 -37.13
C ALA F 66 5.44 27.19 -36.87
N MET F 67 4.13 27.02 -36.69
CA MET F 67 3.58 25.69 -36.44
C MET F 67 3.63 24.82 -37.69
N GLN F 68 3.35 25.41 -38.85
CA GLN F 68 3.47 24.65 -40.10
C GLN F 68 4.91 24.27 -40.37
N MET F 69 5.85 25.19 -40.13
CA MET F 69 7.26 24.85 -40.25
C MET F 69 7.66 23.79 -39.24
N LEU F 70 7.05 23.80 -38.06
CA LEU F 70 7.33 22.76 -37.06
C LEU F 70 6.89 21.39 -37.56
N LYS F 71 5.73 21.32 -38.22
CA LYS F 71 5.29 20.06 -38.81
C LYS F 71 6.30 19.55 -39.84
N GLU F 72 6.84 20.46 -40.65
CA GLU F 72 7.75 20.03 -41.72
C GLU F 72 9.05 19.47 -41.16
N THR F 73 9.55 20.02 -40.06
CA THR F 73 10.73 19.44 -39.41
C THR F 73 10.41 18.05 -38.85
N ILE F 74 9.21 17.87 -38.30
CA ILE F 74 8.86 16.58 -37.69
C ILE F 74 8.73 15.51 -38.76
N ASN F 75 8.14 15.85 -39.91
CA ASN F 75 8.04 14.90 -41.01
C ASN F 75 9.42 14.47 -41.52
N GLU F 76 10.38 15.41 -41.55
CA GLU F 76 11.72 15.04 -42.01
C GLU F 76 12.44 14.15 -40.99
N GLU F 77 12.18 14.35 -39.70
CA GLU F 77 12.77 13.46 -38.71
C GLU F 77 12.10 12.10 -38.72
N ALA F 78 10.78 12.06 -38.95
CA ALA F 78 10.07 10.78 -38.97
C ALA F 78 10.49 9.95 -40.17
N ALA F 79 10.63 10.58 -41.34
CA ALA F 79 11.13 9.88 -42.51
C ALA F 79 12.53 9.33 -42.26
N GLU F 80 13.33 10.05 -41.46
CA GLU F 80 14.67 9.56 -41.14
C GLU F 80 14.62 8.39 -40.15
N TRP F 81 13.64 8.38 -39.25
CA TRP F 81 13.49 7.24 -38.36
C TRP F 81 13.12 5.99 -39.14
N ASP F 82 12.29 6.13 -40.17
CA ASP F 82 11.91 4.98 -40.99
C ASP F 82 13.12 4.40 -41.72
N ARG F 83 14.02 5.26 -42.19
CA ARG F 83 15.18 4.80 -42.93
C ARG F 83 16.12 3.98 -42.03
N LEU F 84 16.26 4.38 -40.77
CA LEU F 84 17.16 3.69 -39.85
C LEU F 84 16.51 2.51 -39.15
N HIS F 85 15.21 2.59 -38.85
CA HIS F 85 14.50 1.54 -38.12
C HIS F 85 13.25 1.14 -38.89
N PRO F 86 13.42 0.38 -39.97
CA PRO F 86 12.23 -0.15 -40.68
C PRO F 86 11.52 -1.18 -39.83
N VAL F 87 10.22 -1.32 -40.06
CA VAL F 87 9.39 -2.26 -39.32
C VAL F 87 9.48 -3.62 -39.99
N HIS F 88 9.95 -4.61 -39.24
CA HIS F 88 9.93 -5.99 -39.71
C HIS F 88 8.49 -6.47 -39.83
N ALA F 89 8.06 -6.79 -41.05
CA ALA F 89 6.69 -7.23 -41.27
C ALA F 89 6.45 -8.59 -40.65
N GLY F 90 5.22 -8.83 -40.23
CA GLY F 90 4.83 -10.11 -39.68
C GLY F 90 4.10 -9.97 -38.36
N PRO F 91 3.73 -11.10 -37.76
CA PRO F 91 3.03 -11.07 -36.48
C PRO F 91 3.97 -10.76 -35.32
N ILE F 92 3.40 -10.15 -34.29
CA ILE F 92 4.15 -9.69 -33.12
C ILE F 92 4.12 -10.77 -32.06
N ALA F 93 5.30 -11.10 -31.51
CA ALA F 93 5.40 -12.12 -30.49
C ALA F 93 4.55 -11.75 -29.27
N PRO F 94 4.04 -12.75 -28.55
CA PRO F 94 3.21 -12.46 -27.38
C PRO F 94 4.01 -11.74 -26.30
N GLY F 95 3.36 -10.78 -25.64
CA GLY F 95 4.03 -9.94 -24.67
C GLY F 95 5.01 -8.95 -25.25
N GLN F 96 4.91 -8.63 -26.54
CA GLN F 96 5.79 -7.66 -27.18
C GLN F 96 4.98 -6.54 -27.81
N MET F 97 5.67 -5.47 -28.17
CA MET F 97 5.07 -4.37 -28.91
C MET F 97 5.52 -4.42 -30.37
N ARG F 98 4.64 -3.98 -31.26
CA ARG F 98 5.02 -3.83 -32.65
C ARG F 98 6.06 -2.72 -32.78
N GLU F 99 6.93 -2.86 -33.79
CA GLU F 99 7.98 -1.87 -33.99
C GLU F 99 7.35 -0.55 -34.43
N PRO F 100 7.69 0.56 -33.79
CA PRO F 100 7.06 1.84 -34.15
C PRO F 100 7.71 2.48 -35.36
N ARG F 101 6.87 3.05 -36.23
CA ARG F 101 7.35 3.83 -37.36
C ARG F 101 7.32 5.32 -36.99
N GLY F 102 7.72 6.15 -37.95
CA GLY F 102 7.85 7.57 -37.68
C GLY F 102 6.54 8.22 -37.27
N SER F 103 5.46 7.89 -37.99
CA SER F 103 4.16 8.46 -37.66
C SER F 103 3.61 7.93 -36.34
N ASP F 104 4.12 6.80 -35.84
CA ASP F 104 3.71 6.33 -34.52
C ASP F 104 4.35 7.17 -33.43
N ILE F 105 5.63 7.52 -33.61
CA ILE F 105 6.32 8.39 -32.66
C ILE F 105 5.68 9.78 -32.64
N ALA F 106 5.30 10.28 -33.81
CA ALA F 106 4.66 11.58 -33.88
C ALA F 106 3.21 11.55 -33.42
N GLY F 107 2.66 10.38 -33.14
CA GLY F 107 1.31 10.27 -32.62
C GLY F 107 0.20 10.40 -33.65
N THR F 108 0.50 10.23 -34.93
CA THR F 108 -0.52 10.35 -35.97
C THR F 108 -1.13 9.01 -36.38
N THR F 109 -0.39 7.90 -36.27
CA THR F 109 -0.92 6.58 -36.59
C THR F 109 -0.85 5.64 -35.39
N SER F 110 -0.65 6.16 -34.19
CA SER F 110 -0.57 5.36 -32.98
C SER F 110 -1.66 5.80 -32.01
N THR F 111 -2.12 4.85 -31.20
CA THR F 111 -3.14 5.14 -30.20
C THR F 111 -2.47 5.44 -28.85
N LEU F 112 -3.26 5.97 -27.93
CA LEU F 112 -2.76 6.23 -26.59
C LEU F 112 -2.31 4.94 -25.91
N GLN F 113 -3.06 3.85 -26.12
CA GLN F 113 -2.70 2.59 -25.49
C GLN F 113 -1.38 2.05 -26.03
N GLU F 114 -1.12 2.25 -27.31
CA GLU F 114 0.15 1.83 -27.89
C GLU F 114 1.32 2.64 -27.33
N GLN F 115 1.14 3.95 -27.20
CA GLN F 115 2.22 4.78 -26.67
C GLN F 115 2.53 4.42 -25.23
N ILE F 116 1.49 4.11 -24.44
CA ILE F 116 1.69 3.67 -23.07
C ILE F 116 2.47 2.37 -23.04
N GLY F 117 2.15 1.44 -23.95
CA GLY F 117 2.85 0.17 -23.99
C GLY F 117 4.33 0.33 -24.33
N TRP F 118 4.64 1.22 -25.27
CA TRP F 118 6.04 1.42 -25.65
C TRP F 118 6.83 2.04 -24.50
N MET F 119 6.26 3.04 -23.83
CA MET F 119 7.00 3.78 -22.83
C MET F 119 7.16 3.02 -21.52
N THR F 120 6.28 2.07 -21.23
CA THR F 120 6.38 1.27 -20.02
C THR F 120 6.90 -0.14 -20.28
N HIS F 121 7.36 -0.43 -21.49
CA HIS F 121 7.87 -1.75 -21.81
C HIS F 121 9.21 -1.98 -21.11
N ASN F 122 9.62 -3.25 -21.07
CA ASN F 122 10.90 -3.65 -20.49
C ASN F 122 11.74 -4.33 -21.55
N PRO F 123 12.73 -3.64 -22.14
CA PRO F 123 13.13 -2.25 -21.90
C PRO F 123 12.19 -1.26 -22.60
N PRO F 124 12.15 -0.01 -22.15
CA PRO F 124 11.22 0.95 -22.77
C PRO F 124 11.72 1.44 -24.12
N ILE F 125 10.78 1.68 -25.02
CA ILE F 125 11.07 2.45 -26.22
C ILE F 125 10.50 3.83 -25.99
N PRO F 126 11.33 4.84 -25.75
CA PRO F 126 10.81 6.15 -25.28
C PRO F 126 10.28 6.99 -26.43
N VAL F 127 9.12 6.59 -26.96
CA VAL F 127 8.52 7.30 -28.08
C VAL F 127 8.16 8.72 -27.69
N GLY F 128 7.90 8.96 -26.40
CA GLY F 128 7.65 10.33 -25.95
C GLY F 128 8.91 11.17 -25.97
N GLU F 129 10.05 10.59 -25.59
CA GLU F 129 11.30 11.33 -25.59
C GLU F 129 11.84 11.52 -27.00
N ILE F 130 11.67 10.52 -27.86
CA ILE F 130 12.11 10.65 -29.25
C ILE F 130 11.33 11.75 -29.95
N TYR F 131 10.01 11.79 -29.73
CA TYR F 131 9.19 12.83 -30.35
C TYR F 131 9.59 14.21 -29.86
N LYS F 132 9.82 14.35 -28.54
CA LYS F 132 10.23 15.64 -27.99
C LYS F 132 11.56 16.11 -28.55
N ARG F 133 12.48 15.16 -28.82
CA ARG F 133 13.74 15.53 -29.45
C ARG F 133 13.50 16.11 -30.84
N TRP F 134 12.50 15.61 -31.56
CA TRP F 134 12.18 16.17 -32.88
C TRP F 134 11.52 17.52 -32.76
N ILE F 135 10.64 17.68 -31.77
CA ILE F 135 9.94 18.95 -31.58
C ILE F 135 10.92 20.06 -31.23
N ILE F 136 11.88 19.76 -30.35
CA ILE F 136 12.89 20.75 -29.99
C ILE F 136 13.75 21.11 -31.19
N LEU F 137 14.04 20.15 -32.07
CA LEU F 137 14.79 20.46 -33.28
C LEU F 137 14.04 21.48 -34.14
N GLY F 138 12.74 21.31 -34.30
CA GLY F 138 11.96 22.29 -35.05
C GLY F 138 11.81 23.60 -34.31
N LEU F 139 11.78 23.56 -32.98
CA LEU F 139 11.67 24.80 -32.22
C LEU F 139 12.96 25.59 -32.24
N ASN F 140 14.10 24.92 -32.41
CA ASN F 140 15.35 25.64 -32.61
C ASN F 140 15.29 26.52 -33.85
N LYS F 141 14.77 25.99 -34.96
CA LYS F 141 14.62 26.81 -36.16
C LYS F 141 13.71 28.00 -35.91
N ILE F 142 12.62 27.78 -35.16
CA ILE F 142 11.64 28.85 -34.93
C ILE F 142 12.24 29.95 -34.08
N VAL F 143 13.07 29.60 -33.10
CA VAL F 143 13.69 30.60 -32.25
C VAL F 143 14.62 31.49 -33.08
N ARG F 144 15.37 30.89 -34.00
CA ARG F 144 16.26 31.68 -34.85
C ARG F 144 15.46 32.58 -35.79
N MET F 145 14.32 32.10 -36.29
CA MET F 145 13.52 32.92 -37.20
C MET F 145 12.90 34.12 -36.49
N TYR F 146 12.51 33.95 -35.23
CA TYR F 146 11.96 35.05 -34.45
C TYR F 146 13.03 35.96 -33.86
N SER F 147 14.30 35.60 -34.01
CA SER F 147 15.41 36.44 -33.56
C SER F 147 16.19 36.90 -34.78
N PRO F 148 15.72 37.92 -35.50
CA PRO F 148 16.39 38.30 -36.75
C PRO F 148 17.72 39.02 -36.53
N THR F 149 17.83 39.83 -35.49
CA THR F 149 19.02 40.66 -35.28
C THR F 149 20.26 39.79 -35.11
N SER F 150 21.25 40.00 -35.96
CA SER F 150 22.49 39.25 -35.91
C SER F 150 23.35 39.70 -34.72
N ILE F 151 24.20 38.80 -34.26
CA ILE F 151 25.15 39.13 -33.19
C ILE F 151 26.14 40.20 -33.65
N LEU F 152 26.38 40.32 -34.96
CA LEU F 152 27.26 41.36 -35.47
C LEU F 152 26.66 42.75 -35.34
N ASP F 153 25.34 42.84 -35.18
CA ASP F 153 24.65 44.13 -35.07
C ASP F 153 24.30 44.49 -33.63
N ILE F 154 24.84 43.78 -32.64
CA ILE F 154 24.65 44.12 -31.24
C ILE F 154 25.80 45.03 -30.82
N ARG F 155 25.51 46.31 -30.61
CA ARG F 155 26.53 47.30 -30.30
C ARG F 155 26.10 48.15 -29.12
N GLN F 156 27.00 48.30 -28.15
CA GLN F 156 26.73 49.10 -26.98
C GLN F 156 26.47 50.55 -27.36
N GLY F 157 25.39 51.12 -26.84
CA GLY F 157 25.10 52.52 -27.01
C GLY F 157 26.13 53.39 -26.34
N PRO F 158 26.19 54.67 -26.74
CA PRO F 158 27.20 55.57 -26.16
C PRO F 158 27.07 55.71 -24.65
N LYS F 159 25.85 55.73 -24.13
CA LYS F 159 25.61 55.82 -22.69
C LYS F 159 24.87 54.60 -22.15
N GLU F 160 24.83 53.51 -22.91
CA GLU F 160 24.22 52.28 -22.42
C GLU F 160 25.13 51.60 -21.40
N PRO F 161 24.62 51.20 -20.24
CA PRO F 161 25.46 50.48 -19.28
C PRO F 161 26.01 49.20 -19.90
N PHE F 162 27.23 48.85 -19.50
CA PHE F 162 27.89 47.68 -20.06
C PHE F 162 27.10 46.40 -19.79
N ARG F 163 26.53 46.29 -18.60
CA ARG F 163 25.77 45.09 -18.25
C ARG F 163 24.55 44.92 -19.15
N ASP F 164 23.87 46.02 -19.49
CA ASP F 164 22.73 45.89 -20.40
C ASP F 164 23.18 45.53 -21.81
N TYR F 165 24.38 45.96 -22.21
CA TYR F 165 24.91 45.58 -23.51
C TYR F 165 25.27 44.10 -23.54
N VAL F 166 25.93 43.60 -22.49
CA VAL F 166 26.24 42.18 -22.43
C VAL F 166 24.96 41.34 -22.36
N ASP F 167 23.90 41.84 -21.71
CA ASP F 167 22.63 41.11 -21.69
C ASP F 167 22.08 40.91 -23.09
N ARG F 168 22.00 41.99 -23.87
CA ARG F 168 21.50 41.86 -25.24
C ARG F 168 22.42 40.97 -26.06
N PHE F 169 23.72 41.02 -25.78
CA PHE F 169 24.69 40.25 -26.56
C PHE F 169 24.44 38.76 -26.41
N TYR F 170 24.44 38.27 -25.17
CA TYR F 170 24.31 36.82 -24.95
C TYR F 170 22.89 36.31 -25.15
N LYS F 171 21.88 37.16 -24.98
CA LYS F 171 20.53 36.70 -25.34
C LYS F 171 20.40 36.54 -26.84
N THR F 172 20.99 37.45 -27.62
CA THR F 172 21.04 37.27 -29.07
C THR F 172 21.88 36.06 -29.45
N LEU F 173 23.02 35.88 -28.78
CA LEU F 173 23.85 34.71 -29.01
C LEU F 173 23.14 33.42 -28.65
N ARG F 174 22.22 33.47 -27.67
CA ARG F 174 21.55 32.25 -27.24
C ARG F 174 20.58 31.76 -28.29
N ALA F 175 19.84 32.67 -28.93
CA ALA F 175 18.93 32.29 -30.00
C ALA F 175 19.70 31.75 -31.20
N GLU F 176 20.80 32.40 -31.58
CA GLU F 176 21.56 31.95 -32.75
C GLU F 176 22.14 30.57 -32.55
N GLN F 177 22.56 30.25 -31.33
CA GLN F 177 23.26 29.00 -31.05
C GLN F 177 22.36 27.92 -30.44
N ALA F 178 21.04 28.08 -30.51
CA ALA F 178 20.09 27.08 -30.01
C ALA F 178 20.37 26.67 -28.56
N SER F 179 20.86 27.60 -27.74
CA SER F 179 21.19 27.37 -26.34
C SER F 179 22.26 26.30 -26.16
N GLN F 180 23.07 26.04 -27.18
CA GLN F 180 24.17 25.10 -27.05
C GLN F 180 25.36 25.76 -26.37
N GLU F 181 25.99 25.05 -25.46
CA GLU F 181 27.17 25.58 -24.78
C GLU F 181 28.34 25.64 -25.77
N VAL F 182 28.95 26.82 -25.88
CA VAL F 182 30.03 27.04 -26.84
C VAL F 182 31.09 27.90 -26.16
N LYS F 183 32.26 27.33 -25.93
CA LYS F 183 33.43 28.10 -25.54
C LYS F 183 34.18 28.50 -26.80
N ASN F 184 34.35 29.81 -27.01
CA ASN F 184 34.95 30.30 -28.24
C ASN F 184 35.55 31.67 -27.99
N ALA F 185 36.83 31.83 -28.31
CA ALA F 185 37.49 33.12 -28.08
C ALA F 185 36.93 34.20 -28.99
N ALA F 186 36.59 33.85 -30.24
CA ALA F 186 36.22 34.86 -31.23
C ALA F 186 35.00 35.67 -30.79
N THR F 187 33.98 34.99 -30.25
CA THR F 187 32.80 35.71 -29.78
C THR F 187 33.13 36.57 -28.56
N GLU F 188 34.08 36.13 -27.74
CA GLU F 188 34.47 36.92 -26.59
C GLU F 188 35.28 38.15 -26.97
N THR F 189 35.95 38.14 -28.14
CA THR F 189 36.56 39.36 -28.65
C THR F 189 35.59 40.19 -29.46
N LEU F 190 34.58 39.57 -30.06
CA LEU F 190 33.51 40.35 -30.69
C LEU F 190 32.75 41.17 -29.67
N LEU F 191 32.63 40.67 -28.44
CA LEU F 191 31.98 41.43 -27.37
C LEU F 191 32.74 42.73 -27.09
N VAL F 192 34.06 42.63 -26.94
CA VAL F 192 34.88 43.81 -26.70
C VAL F 192 34.94 44.68 -27.95
N GLN F 193 34.88 44.05 -29.14
CA GLN F 193 34.96 44.82 -30.38
C GLN F 193 33.77 45.75 -30.56
N ASN F 194 32.60 45.40 -30.02
CA ASN F 194 31.40 46.18 -30.22
C ASN F 194 30.97 46.95 -28.97
N ALA F 195 31.83 47.07 -27.97
CA ALA F 195 31.58 47.98 -26.86
C ALA F 195 31.69 49.43 -27.33
N ASN F 196 31.18 50.35 -26.53
CA ASN F 196 31.26 51.76 -26.87
C ASN F 196 32.70 52.25 -26.62
N PRO F 197 33.06 53.43 -27.14
CA PRO F 197 34.46 53.89 -26.98
C PRO F 197 34.92 54.00 -25.53
N ASP F 198 34.05 54.43 -24.61
CA ASP F 198 34.50 54.60 -23.22
C ASP F 198 34.88 53.27 -22.59
N CYS F 199 34.01 52.26 -22.70
CA CYS F 199 34.33 50.97 -22.08
C CYS F 199 35.35 50.20 -22.90
N LYS F 200 35.37 50.39 -24.23
CA LYS F 200 36.38 49.74 -25.05
C LYS F 200 37.79 50.17 -24.66
N THR F 201 37.96 51.45 -24.30
CA THR F 201 39.24 51.92 -23.80
C THR F 201 39.63 51.18 -22.52
N ILE F 202 38.70 51.09 -21.57
CA ILE F 202 38.99 50.46 -20.29
C ILE F 202 39.27 48.97 -20.48
N LEU F 203 38.53 48.31 -21.38
CA LEU F 203 38.73 46.89 -21.59
C LEU F 203 40.10 46.58 -22.17
N LYS F 204 40.53 47.37 -23.16
CA LYS F 204 41.87 47.17 -23.73
C LYS F 204 42.97 47.42 -22.70
N ALA F 205 42.74 48.35 -21.77
CA ALA F 205 43.70 48.62 -20.71
C ALA F 205 43.72 47.54 -19.63
N LEU F 206 42.93 46.48 -19.78
CA LEU F 206 42.94 45.36 -18.84
C LEU F 206 43.84 44.23 -19.30
N GLY F 207 44.20 44.19 -20.58
CA GLY F 207 44.98 43.11 -21.12
C GLY F 207 44.08 42.02 -21.66
N PRO F 208 44.63 41.16 -22.52
CA PRO F 208 43.82 40.10 -23.11
C PRO F 208 43.50 39.02 -22.09
N GLY F 209 42.61 38.11 -22.51
CA GLY F 209 42.25 36.97 -21.68
C GLY F 209 41.66 37.33 -20.33
N ALA F 210 40.84 38.37 -20.28
CA ALA F 210 40.16 38.75 -19.05
C ALA F 210 38.81 38.04 -18.95
N THR F 211 38.46 37.62 -17.75
CA THR F 211 37.17 36.98 -17.53
C THR F 211 36.05 38.00 -17.69
N LEU F 212 34.82 37.50 -17.84
CA LEU F 212 33.68 38.40 -17.99
C LEU F 212 33.44 39.19 -16.72
N GLU F 213 33.63 38.57 -15.55
CA GLU F 213 33.44 39.27 -14.29
C GLU F 213 34.39 40.46 -14.18
N GLU F 214 35.66 40.28 -14.53
CA GLU F 214 36.61 41.38 -14.49
C GLU F 214 36.21 42.48 -15.47
N MET F 215 35.70 42.11 -16.64
CA MET F 215 35.32 43.11 -17.63
C MET F 215 34.14 43.94 -17.16
N MET F 216 33.15 43.30 -16.54
CA MET F 216 31.98 44.04 -16.08
C MET F 216 32.30 44.91 -14.88
N THR F 217 33.22 44.47 -14.02
CA THR F 217 33.65 45.32 -12.91
C THR F 217 34.36 46.56 -13.41
N ALA F 218 35.18 46.42 -14.46
CA ALA F 218 35.96 47.53 -14.96
C ALA F 218 35.08 48.61 -15.59
N CYS F 219 34.04 48.20 -16.33
CA CYS F 219 33.12 49.13 -16.97
C CYS F 219 31.88 49.42 -16.11
N GLN F 220 31.99 49.26 -14.79
CA GLN F 220 30.85 49.51 -13.92
C GLN F 220 30.50 50.98 -13.80
N GLY F 221 31.41 51.88 -14.14
CA GLY F 221 31.15 53.31 -14.04
C GLY F 221 30.09 53.79 -15.01
N PRO G 2 -12.05 -20.44 -3.89
CA PRO G 2 -13.04 -19.72 -3.08
C PRO G 2 -12.98 -18.20 -3.27
N ILE G 3 -14.05 -17.52 -2.89
CA ILE G 3 -14.14 -16.07 -2.92
C ILE G 3 -13.83 -15.57 -1.52
N VAL G 4 -12.70 -14.88 -1.37
CA VAL G 4 -12.22 -14.45 -0.06
C VAL G 4 -11.95 -12.95 -0.08
N GLN G 5 -11.80 -12.40 1.12
CA GLN G 5 -11.37 -11.02 1.29
C GLN G 5 -9.84 -10.96 1.20
N ASN G 6 -9.35 -10.00 0.44
CA ASN G 6 -7.92 -9.89 0.17
C ASN G 6 -7.20 -9.30 1.38
N LEU G 7 -5.93 -8.92 1.19
CA LEU G 7 -5.18 -8.13 2.14
C LEU G 7 -5.44 -6.63 2.00
N GLN G 8 -6.26 -6.23 1.01
CA GLN G 8 -6.59 -4.83 0.77
C GLN G 8 -8.10 -4.62 0.72
N GLY G 9 -8.86 -5.49 1.39
CA GLY G 9 -10.30 -5.36 1.46
C GLY G 9 -11.02 -5.50 0.14
N GLN G 10 -10.70 -6.55 -0.62
CA GLN G 10 -11.30 -6.81 -1.91
C GLN G 10 -11.82 -8.24 -1.95
N MET G 11 -12.88 -8.48 -2.70
CA MET G 11 -13.45 -9.82 -2.88
C MET G 11 -12.87 -10.43 -4.15
N VAL G 12 -11.82 -11.24 -3.99
CA VAL G 12 -11.12 -11.84 -5.11
C VAL G 12 -11.40 -13.34 -5.12
N HIS G 13 -11.01 -13.99 -6.22
CA HIS G 13 -11.08 -15.44 -6.33
C HIS G 13 -9.70 -16.04 -6.14
N GLN G 14 -9.60 -17.03 -5.26
CA GLN G 14 -8.37 -17.76 -5.03
C GLN G 14 -8.57 -19.22 -5.39
N CYS G 15 -7.48 -19.90 -5.73
CA CYS G 15 -7.53 -21.33 -5.94
C CYS G 15 -7.69 -22.04 -4.59
N ILE G 16 -8.20 -23.27 -4.64
CA ILE G 16 -8.28 -24.08 -3.43
C ILE G 16 -6.88 -24.39 -2.96
N SER G 17 -6.67 -24.31 -1.64
CA SER G 17 -5.35 -24.56 -1.09
C SER G 17 -5.02 -26.05 -1.12
N PRO G 18 -3.78 -26.40 -1.42
CA PRO G 18 -3.37 -27.82 -1.26
C PRO G 18 -3.58 -28.34 0.16
N ARG G 19 -3.41 -27.48 1.17
CA ARG G 19 -3.70 -27.89 2.55
C ARG G 19 -5.17 -28.20 2.72
N THR G 20 -6.04 -27.34 2.19
CA THR G 20 -7.48 -27.54 2.35
C THR G 20 -7.93 -28.85 1.69
N LEU G 21 -7.36 -29.18 0.53
CA LEU G 21 -7.73 -30.41 -0.14
C LEU G 21 -7.24 -31.64 0.60
N ASN G 22 -5.99 -31.63 1.06
CA ASN G 22 -5.47 -32.77 1.80
C ASN G 22 -6.22 -32.97 3.12
N ALA G 23 -6.69 -31.90 3.75
CA ALA G 23 -7.43 -32.04 4.99
C ALA G 23 -8.76 -32.72 4.77
N TRP G 24 -9.48 -32.35 3.70
CA TRP G 24 -10.77 -32.97 3.42
C TRP G 24 -10.60 -34.44 3.06
N VAL G 25 -9.57 -34.76 2.26
CA VAL G 25 -9.32 -36.16 1.90
C VAL G 25 -9.02 -36.99 3.14
N LYS G 26 -8.16 -36.46 4.02
CA LYS G 26 -7.81 -37.21 5.22
C LYS G 26 -8.99 -37.37 6.17
N VAL G 27 -9.90 -36.38 6.22
CA VAL G 27 -11.07 -36.50 7.08
C VAL G 27 -11.98 -37.61 6.58
N VAL G 28 -12.21 -37.69 5.28
CA VAL G 28 -13.05 -38.75 4.73
C VAL G 28 -12.41 -40.11 4.95
N GLU G 29 -11.08 -40.20 4.81
CA GLU G 29 -10.41 -41.48 4.97
C GLU G 29 -10.40 -41.95 6.42
N GLU G 30 -10.27 -41.01 7.36
CA GLU G 30 -10.13 -41.36 8.77
C GLU G 30 -11.46 -41.54 9.49
N LYS G 31 -12.48 -40.74 9.14
CA LYS G 31 -13.73 -40.73 9.88
C LYS G 31 -14.93 -41.19 9.06
N ALA G 32 -14.75 -41.58 7.80
CA ALA G 32 -15.87 -41.96 6.95
C ALA G 32 -16.97 -40.92 6.98
N PHE G 33 -18.16 -41.30 7.41
CA PHE G 33 -19.30 -40.38 7.51
C PHE G 33 -19.80 -40.30 8.95
N SER G 34 -18.87 -40.26 9.90
CA SER G 34 -19.21 -39.91 11.27
C SER G 34 -19.83 -38.52 11.27
N PRO G 35 -20.72 -38.23 12.23
CA PRO G 35 -21.45 -36.95 12.17
C PRO G 35 -20.56 -35.72 12.15
N GLU G 36 -19.39 -35.78 12.80
CA GLU G 36 -18.52 -34.60 12.84
C GLU G 36 -17.85 -34.31 11.50
N VAL G 37 -18.04 -35.17 10.49
CA VAL G 37 -17.44 -34.92 9.19
C VAL G 37 -18.12 -33.75 8.49
N ILE G 38 -19.42 -33.58 8.68
CA ILE G 38 -20.20 -32.57 7.96
C ILE G 38 -19.81 -31.14 8.39
N PRO G 39 -19.73 -30.82 9.68
CA PRO G 39 -19.20 -29.50 10.05
C PRO G 39 -17.75 -29.31 9.63
N MET G 40 -16.98 -30.39 9.48
CA MET G 40 -15.63 -30.27 8.95
C MET G 40 -15.66 -29.94 7.47
N PHE G 41 -16.60 -30.52 6.72
CA PHE G 41 -16.75 -30.18 5.31
C PHE G 41 -17.19 -28.73 5.14
N SER G 42 -18.12 -28.28 5.99
CA SER G 42 -18.60 -26.90 5.90
C SER G 42 -17.48 -25.92 6.19
N ALA G 43 -16.67 -26.18 7.22
CA ALA G 43 -15.62 -25.25 7.59
C ALA G 43 -14.51 -25.22 6.55
N LEU G 44 -14.21 -26.36 5.94
CA LEU G 44 -13.17 -26.44 4.92
C LEU G 44 -13.61 -25.88 3.58
N SER G 45 -14.91 -25.61 3.39
CA SER G 45 -15.42 -25.02 2.16
C SER G 45 -15.90 -23.58 2.37
N CYS G 46 -15.26 -22.86 3.28
CA CYS G 46 -15.67 -21.49 3.57
C CYS G 46 -15.44 -20.60 2.36
N GLY G 47 -16.49 -19.92 1.92
CA GLY G 47 -16.41 -19.05 0.77
C GLY G 47 -16.28 -19.74 -0.57
N ALA G 48 -16.63 -21.02 -0.65
CA ALA G 48 -16.37 -21.79 -1.86
C ALA G 48 -17.37 -21.46 -2.96
N THR G 49 -16.90 -21.58 -4.19
CA THR G 49 -17.76 -21.56 -5.36
C THR G 49 -18.30 -22.97 -5.61
N PRO G 50 -19.36 -23.09 -6.40
CA PRO G 50 -19.83 -24.44 -6.78
C PRO G 50 -18.74 -25.30 -7.41
N GLN G 51 -17.89 -24.71 -8.26
CA GLN G 51 -16.76 -25.45 -8.81
C GLN G 51 -15.86 -26.00 -7.71
N ASP G 52 -15.60 -25.21 -6.67
CA ASP G 52 -14.79 -25.69 -5.56
C ASP G 52 -15.48 -26.83 -4.83
N LEU G 53 -16.80 -26.74 -4.64
CA LEU G 53 -17.51 -27.80 -3.94
C LEU G 53 -17.43 -29.11 -4.71
N ASN G 54 -17.65 -29.07 -6.02
CA ASN G 54 -17.50 -30.26 -6.84
C ASN G 54 -16.08 -30.79 -6.81
N THR G 55 -15.10 -29.89 -6.67
CA THR G 55 -13.71 -30.33 -6.58
C THR G 55 -13.48 -31.14 -5.32
N MET G 56 -13.92 -30.63 -4.17
CA MET G 56 -13.77 -31.36 -2.91
C MET G 56 -14.50 -32.69 -2.95
N LEU G 57 -15.71 -32.71 -3.50
CA LEU G 57 -16.43 -33.98 -3.61
C LEU G 57 -15.73 -34.94 -4.57
N ASN G 58 -15.06 -34.43 -5.61
CA ASN G 58 -14.43 -35.32 -6.58
C ASN G 58 -13.18 -35.97 -6.03
N THR G 59 -12.50 -35.35 -5.06
CA THR G 59 -11.31 -35.96 -4.49
C THR G 59 -11.64 -37.18 -3.64
N VAL G 60 -12.91 -37.34 -3.24
CA VAL G 60 -13.30 -38.52 -2.48
C VAL G 60 -13.09 -39.76 -3.33
N GLY G 61 -12.19 -40.63 -2.88
CA GLY G 61 -11.85 -41.83 -3.62
C GLY G 61 -12.84 -42.97 -3.50
N GLY G 62 -13.05 -43.47 -2.29
CA GLY G 62 -14.01 -44.53 -2.05
C GLY G 62 -15.39 -43.97 -1.84
N HIS G 63 -16.21 -44.77 -1.14
CA HIS G 63 -17.57 -44.36 -0.76
C HIS G 63 -18.40 -43.95 -1.97
N GLN G 64 -18.20 -44.65 -3.09
CA GLN G 64 -18.87 -44.26 -4.32
C GLN G 64 -20.38 -44.51 -4.28
N ALA G 65 -20.87 -45.35 -3.38
CA ALA G 65 -22.31 -45.51 -3.23
C ALA G 65 -22.94 -44.27 -2.62
N ALA G 66 -22.30 -43.73 -1.58
CA ALA G 66 -22.81 -42.51 -0.96
C ALA G 66 -22.75 -41.33 -1.92
N MET G 67 -21.71 -41.25 -2.75
CA MET G 67 -21.61 -40.14 -3.68
C MET G 67 -22.73 -40.18 -4.71
N GLN G 68 -23.17 -41.36 -5.13
CA GLN G 68 -24.30 -41.46 -6.04
C GLN G 68 -25.59 -41.03 -5.36
N MET G 69 -25.77 -41.41 -4.08
CA MET G 69 -26.92 -40.92 -3.32
C MET G 69 -26.87 -39.40 -3.18
N LEU G 70 -25.68 -38.85 -2.99
CA LEU G 70 -25.54 -37.40 -2.86
C LEU G 70 -25.97 -36.71 -4.13
N LYS G 71 -25.58 -37.23 -5.30
CA LYS G 71 -26.00 -36.65 -6.56
C LYS G 71 -27.52 -36.68 -6.72
N GLU G 72 -28.16 -37.75 -6.24
CA GLU G 72 -29.61 -37.84 -6.34
C GLU G 72 -30.29 -36.85 -5.41
N THR G 73 -29.71 -36.59 -4.24
CA THR G 73 -30.25 -35.53 -3.38
C THR G 73 -30.05 -34.17 -4.03
N ILE G 74 -28.90 -33.95 -4.65
CA ILE G 74 -28.62 -32.68 -5.32
C ILE G 74 -29.59 -32.46 -6.47
N ASN G 75 -29.95 -33.53 -7.19
CA ASN G 75 -30.85 -33.38 -8.33
C ASN G 75 -32.26 -33.01 -7.87
N GLU G 76 -32.74 -33.59 -6.78
CA GLU G 76 -34.09 -33.25 -6.33
C GLU G 76 -34.14 -31.91 -5.61
N GLU G 77 -33.05 -31.49 -4.98
CA GLU G 77 -32.99 -30.13 -4.46
C GLU G 77 -32.97 -29.11 -5.60
N ALA G 78 -32.19 -29.39 -6.65
CA ALA G 78 -32.15 -28.50 -7.79
C ALA G 78 -33.49 -28.43 -8.50
N ALA G 79 -34.19 -29.56 -8.60
CA ALA G 79 -35.51 -29.57 -9.21
C ALA G 79 -36.49 -28.75 -8.39
N GLU G 80 -36.39 -28.82 -7.07
CA GLU G 80 -37.25 -28.00 -6.21
C GLU G 80 -36.92 -26.53 -6.33
N TRP G 81 -35.66 -26.19 -6.61
CA TRP G 81 -35.29 -24.80 -6.80
C TRP G 81 -35.96 -24.23 -8.05
N ASP G 82 -35.94 -24.97 -9.16
CA ASP G 82 -36.57 -24.50 -10.38
C ASP G 82 -38.08 -24.38 -10.22
N ARG G 83 -38.67 -25.22 -9.38
CA ARG G 83 -40.10 -25.12 -9.11
C ARG G 83 -40.41 -23.88 -8.27
N LEU G 84 -39.59 -23.58 -7.27
CA LEU G 84 -39.76 -22.38 -6.47
C LEU G 84 -39.60 -21.10 -7.29
N HIS G 85 -38.68 -21.11 -8.25
CA HIS G 85 -38.39 -19.95 -9.10
C HIS G 85 -38.78 -20.31 -10.53
N PRO G 86 -39.99 -19.97 -10.98
CA PRO G 86 -40.46 -20.31 -12.33
C PRO G 86 -39.60 -19.69 -13.43
N ILE G 92 -38.98 -7.67 -19.29
CA ILE G 92 -37.67 -7.64 -18.66
C ILE G 92 -37.16 -6.21 -18.51
N ALA G 93 -36.53 -5.92 -17.38
CA ALA G 93 -35.85 -4.64 -17.22
C ALA G 93 -34.55 -4.66 -18.02
N PRO G 94 -34.03 -3.49 -18.41
CA PRO G 94 -32.79 -3.47 -19.20
C PRO G 94 -31.62 -4.12 -18.50
N GLY G 95 -31.44 -3.85 -17.20
CA GLY G 95 -30.32 -4.40 -16.47
C GLY G 95 -30.70 -5.55 -15.55
N GLN G 96 -31.78 -6.25 -15.87
CA GLN G 96 -32.22 -7.39 -15.09
C GLN G 96 -31.27 -8.56 -15.30
N MET G 97 -30.63 -9.01 -14.22
CA MET G 97 -29.65 -10.09 -14.30
C MET G 97 -30.35 -11.44 -14.44
N ARG G 98 -29.67 -12.37 -15.10
CA ARG G 98 -30.19 -13.71 -15.31
C ARG G 98 -29.99 -14.55 -14.05
N GLU G 99 -31.10 -14.97 -13.44
CA GLU G 99 -31.03 -15.76 -12.23
C GLU G 99 -30.63 -17.20 -12.54
N PRO G 100 -29.95 -17.87 -11.61
CA PRO G 100 -29.48 -19.23 -11.87
C PRO G 100 -30.59 -20.26 -11.74
N ARG G 101 -30.48 -21.31 -12.55
CA ARG G 101 -31.29 -22.51 -12.40
C ARG G 101 -30.57 -23.49 -11.48
N GLY G 102 -31.22 -24.62 -11.19
CA GLY G 102 -30.61 -25.59 -10.30
C GLY G 102 -29.29 -26.12 -10.81
N SER G 103 -29.21 -26.40 -12.11
CA SER G 103 -27.97 -26.89 -12.70
C SER G 103 -26.88 -25.82 -12.69
N ASP G 104 -27.24 -24.55 -12.57
CA ASP G 104 -26.23 -23.51 -12.43
C ASP G 104 -25.68 -23.46 -11.01
N ILE G 105 -26.54 -23.71 -10.01
CA ILE G 105 -26.10 -23.71 -8.63
C ILE G 105 -25.18 -24.89 -8.36
N ALA G 106 -25.52 -26.07 -8.89
CA ALA G 106 -24.70 -27.26 -8.74
C ALA G 106 -23.44 -27.23 -9.61
N GLY G 107 -23.28 -26.22 -10.45
CA GLY G 107 -22.07 -26.12 -11.25
C GLY G 107 -21.99 -27.09 -12.41
N THR G 108 -23.13 -27.54 -12.94
CA THR G 108 -23.12 -28.41 -14.10
C THR G 108 -23.34 -27.65 -15.41
N THR G 109 -24.05 -26.52 -15.38
CA THR G 109 -24.30 -25.74 -16.58
C THR G 109 -23.80 -24.30 -16.44
N SER G 110 -22.96 -24.02 -15.45
CA SER G 110 -22.43 -22.69 -15.24
C SER G 110 -20.91 -22.74 -15.27
N THR G 111 -20.31 -21.66 -15.76
CA THR G 111 -18.88 -21.50 -15.73
C THR G 111 -18.44 -20.95 -14.38
N LEU G 112 -17.13 -21.00 -14.13
CA LEU G 112 -16.61 -20.37 -12.92
C LEU G 112 -16.89 -18.87 -12.90
N GLN G 113 -16.88 -18.23 -14.07
CA GLN G 113 -17.06 -16.79 -14.12
C GLN G 113 -18.52 -16.40 -13.87
N GLU G 114 -19.46 -17.23 -14.31
CA GLU G 114 -20.86 -16.98 -13.99
C GLU G 114 -21.13 -17.12 -12.50
N GLN G 115 -20.50 -18.12 -11.86
CA GLN G 115 -20.68 -18.30 -10.42
C GLN G 115 -20.12 -17.12 -9.65
N ILE G 116 -18.94 -16.64 -10.03
CA ILE G 116 -18.37 -15.46 -9.39
C ILE G 116 -19.26 -14.25 -9.64
N GLY G 117 -19.84 -14.14 -10.83
CA GLY G 117 -20.74 -13.04 -11.12
C GLY G 117 -21.94 -13.01 -10.18
N TRP G 118 -22.51 -14.17 -9.89
CA TRP G 118 -23.62 -14.23 -8.94
C TRP G 118 -23.14 -13.93 -7.52
N MET G 119 -22.04 -14.56 -7.10
CA MET G 119 -21.63 -14.47 -5.71
C MET G 119 -21.14 -13.08 -5.35
N THR G 120 -20.59 -12.34 -6.30
CA THR G 120 -20.09 -10.99 -6.05
C THR G 120 -21.02 -9.90 -6.55
N HIS G 121 -22.20 -10.27 -7.05
CA HIS G 121 -23.16 -9.28 -7.50
C HIS G 121 -23.65 -8.45 -6.30
N ASN G 122 -24.25 -7.31 -6.62
CA ASN G 122 -24.84 -6.41 -5.63
C ASN G 122 -26.30 -6.17 -5.97
N PRO G 123 -27.25 -6.83 -5.29
CA PRO G 123 -27.08 -7.78 -4.19
C PRO G 123 -26.65 -9.17 -4.67
N PRO G 124 -25.92 -9.92 -3.86
CA PRO G 124 -25.38 -11.20 -4.32
C PRO G 124 -26.41 -12.33 -4.25
N ILE G 125 -26.29 -13.25 -5.21
CA ILE G 125 -27.00 -14.52 -5.17
C ILE G 125 -25.98 -15.58 -4.78
N PRO G 126 -25.95 -16.03 -3.53
CA PRO G 126 -24.85 -16.89 -3.03
C PRO G 126 -24.99 -18.35 -3.46
N VAL G 127 -24.63 -18.62 -4.73
CA VAL G 127 -24.81 -19.95 -5.28
C VAL G 127 -23.91 -20.97 -4.58
N GLY G 128 -22.78 -20.52 -4.05
CA GLY G 128 -21.94 -21.42 -3.28
C GLY G 128 -22.58 -21.86 -1.98
N GLU G 129 -23.24 -20.94 -1.29
CA GLU G 129 -23.92 -21.30 -0.04
C GLU G 129 -25.22 -22.04 -0.29
N ILE G 130 -25.89 -21.74 -1.41
CA ILE G 130 -27.09 -22.49 -1.76
C ILE G 130 -26.74 -23.93 -2.11
N TYR G 131 -25.64 -24.12 -2.85
CA TYR G 131 -25.21 -25.47 -3.19
C TYR G 131 -24.74 -26.21 -1.94
N LYS G 132 -23.99 -25.54 -1.06
CA LYS G 132 -23.52 -26.19 0.15
C LYS G 132 -24.67 -26.64 1.04
N ARG G 133 -25.79 -25.90 1.05
CA ARG G 133 -26.96 -26.36 1.77
C ARG G 133 -27.48 -27.69 1.21
N TRP G 134 -27.53 -27.81 -0.12
CA TRP G 134 -28.01 -29.05 -0.72
C TRP G 134 -27.07 -30.20 -0.41
N ILE G 135 -25.76 -29.96 -0.53
CA ILE G 135 -24.77 -30.99 -0.26
C ILE G 135 -24.86 -31.45 1.19
N ILE G 136 -24.99 -30.52 2.12
CA ILE G 136 -25.10 -30.88 3.54
C ILE G 136 -26.38 -31.67 3.80
N LEU G 137 -27.46 -31.35 3.09
CA LEU G 137 -28.67 -32.16 3.21
C LEU G 137 -28.42 -33.60 2.77
N GLY G 138 -27.64 -33.78 1.70
CA GLY G 138 -27.32 -35.12 1.25
C GLY G 138 -26.36 -35.84 2.17
N LEU G 139 -25.38 -35.11 2.71
CA LEU G 139 -24.46 -35.73 3.67
C LEU G 139 -25.18 -36.15 4.94
N ASN G 140 -26.22 -35.40 5.35
CA ASN G 140 -26.98 -35.80 6.53
C ASN G 140 -27.68 -37.14 6.30
N LYS G 141 -28.27 -37.34 5.12
CA LYS G 141 -28.88 -38.63 4.80
C LYS G 141 -27.86 -39.76 4.85
N ILE G 142 -26.63 -39.49 4.42
CA ILE G 142 -25.61 -40.54 4.39
C ILE G 142 -25.13 -40.86 5.79
N VAL G 143 -25.01 -39.85 6.66
CA VAL G 143 -24.63 -40.11 8.04
C VAL G 143 -25.70 -40.92 8.75
N ARG G 144 -26.98 -40.61 8.50
CA ARG G 144 -28.07 -41.37 9.10
C ARG G 144 -28.05 -42.82 8.62
N MET G 145 -27.81 -43.04 7.32
CA MET G 145 -27.80 -44.40 6.79
C MET G 145 -26.60 -45.18 7.29
N TYR G 146 -25.44 -44.55 7.34
CA TYR G 146 -24.23 -45.18 7.85
C TYR G 146 -24.24 -45.37 9.36
N SER G 147 -25.27 -44.89 10.05
CA SER G 147 -25.34 -45.06 11.50
C SER G 147 -25.57 -46.54 11.82
N PRO G 148 -24.62 -47.20 12.49
CA PRO G 148 -24.79 -48.64 12.76
C PRO G 148 -25.96 -48.95 13.66
N THR G 149 -26.02 -48.31 14.83
CA THR G 149 -27.01 -48.62 15.84
C THR G 149 -28.12 -47.56 15.85
N SER G 150 -29.34 -48.01 16.06
CA SER G 150 -30.46 -47.11 16.33
C SER G 150 -30.40 -46.63 17.77
N ILE G 151 -30.92 -45.42 18.00
CA ILE G 151 -30.98 -44.88 19.35
C ILE G 151 -31.82 -45.76 20.26
N LEU G 152 -32.74 -46.54 19.68
CA LEU G 152 -33.58 -47.43 20.48
C LEU G 152 -32.82 -48.65 21.00
N ASP G 153 -31.66 -48.97 20.43
CA ASP G 153 -30.88 -50.13 20.89
C ASP G 153 -29.69 -49.74 21.75
N ILE G 154 -29.53 -48.46 22.08
CA ILE G 154 -28.48 -48.02 22.98
C ILE G 154 -28.96 -48.24 24.41
N ARG G 155 -28.33 -49.17 25.12
CA ARG G 155 -28.72 -49.51 26.48
C ARG G 155 -27.47 -49.70 27.33
N GLN G 156 -27.50 -49.16 28.55
CA GLN G 156 -26.35 -49.23 29.43
C GLN G 156 -26.03 -50.66 29.81
N GLY G 157 -24.76 -51.04 29.67
CA GLY G 157 -24.32 -52.35 30.06
C GLY G 157 -24.37 -52.57 31.55
N PRO G 158 -24.29 -53.82 31.99
CA PRO G 158 -24.32 -54.09 33.44
C PRO G 158 -23.17 -53.46 34.18
N LYS G 159 -21.95 -53.53 33.63
CA LYS G 159 -20.76 -52.99 34.26
C LYS G 159 -20.19 -51.82 33.46
N GLU G 160 -21.05 -51.04 32.80
CA GLU G 160 -20.58 -49.90 32.00
C GLU G 160 -20.78 -48.60 32.76
N PRO G 161 -19.73 -47.79 32.91
CA PRO G 161 -19.90 -46.49 33.58
C PRO G 161 -20.93 -45.62 32.86
N PHE G 162 -21.66 -44.84 33.65
CA PHE G 162 -22.77 -44.06 33.11
C PHE G 162 -22.29 -43.07 32.06
N ARG G 163 -21.14 -42.43 32.28
CA ARG G 163 -20.62 -41.47 31.31
C ARG G 163 -20.39 -42.12 29.95
N ASP G 164 -19.88 -43.35 29.95
CA ASP G 164 -19.67 -44.06 28.69
C ASP G 164 -20.99 -44.32 27.98
N TYR G 165 -22.04 -44.64 28.76
CA TYR G 165 -23.34 -44.89 28.16
C TYR G 165 -23.98 -43.62 27.62
N VAL G 166 -23.74 -42.48 28.28
CA VAL G 166 -24.24 -41.22 27.74
C VAL G 166 -23.45 -40.83 26.48
N ASP G 167 -22.16 -41.14 26.43
CA ASP G 167 -21.37 -40.83 25.24
C ASP G 167 -21.91 -41.58 24.03
N ARG G 168 -22.17 -42.87 24.18
CA ARG G 168 -22.73 -43.64 23.06
C ARG G 168 -24.11 -43.13 22.69
N PHE G 169 -24.91 -42.76 23.68
CA PHE G 169 -26.29 -42.34 23.43
C PHE G 169 -26.33 -41.08 22.58
N TYR G 170 -25.59 -40.05 22.96
CA TYR G 170 -25.66 -38.77 22.26
C TYR G 170 -24.88 -38.79 20.95
N LYS G 171 -23.87 -39.65 20.81
CA LYS G 171 -23.26 -39.83 19.50
C LYS G 171 -24.20 -40.54 18.54
N THR G 172 -24.96 -41.51 19.04
CA THR G 172 -25.96 -42.17 18.21
C THR G 172 -27.07 -41.20 17.83
N LEU G 173 -27.50 -40.37 18.79
CA LEU G 173 -28.56 -39.42 18.51
C LEU G 173 -28.13 -38.36 17.50
N ARG G 174 -26.84 -37.99 17.51
CA ARG G 174 -26.34 -37.00 16.57
C ARG G 174 -26.43 -37.49 15.14
N ALA G 175 -26.16 -38.79 14.92
CA ALA G 175 -26.18 -39.34 13.56
C ALA G 175 -27.60 -39.41 12.99
N GLU G 176 -28.61 -39.56 13.86
CA GLU G 176 -29.99 -39.67 13.39
C GLU G 176 -30.69 -38.33 13.23
N GLN G 177 -30.09 -37.23 13.68
CA GLN G 177 -30.69 -35.91 13.56
C GLN G 177 -29.71 -34.91 12.96
N ALA G 185 -35.88 -32.40 22.45
CA ALA G 185 -35.31 -33.45 23.28
C ALA G 185 -36.38 -34.44 23.74
N ALA G 186 -37.05 -35.08 22.79
CA ALA G 186 -38.10 -36.03 23.13
C ALA G 186 -37.54 -37.36 23.63
N THR G 187 -36.37 -37.76 23.13
CA THR G 187 -35.73 -39.00 23.55
C THR G 187 -34.98 -38.88 24.87
N GLU G 188 -35.13 -37.75 25.58
CA GLU G 188 -34.53 -37.63 26.91
C GLU G 188 -35.14 -38.64 27.87
N THR G 189 -36.43 -38.95 27.71
CA THR G 189 -37.04 -40.02 28.48
C THR G 189 -36.48 -41.39 28.11
N LEU G 190 -35.95 -41.53 26.90
CA LEU G 190 -35.34 -42.80 26.50
C LEU G 190 -33.97 -42.99 27.15
N LEU G 191 -33.30 -41.89 27.52
CA LEU G 191 -31.99 -42.00 28.16
C LEU G 191 -32.11 -42.65 29.54
N VAL G 192 -33.04 -42.16 30.36
CA VAL G 192 -33.25 -42.75 31.69
C VAL G 192 -33.81 -44.16 31.57
N GLN G 193 -34.75 -44.37 30.63
CA GLN G 193 -35.39 -45.66 30.50
C GLN G 193 -34.41 -46.79 30.20
N ASN G 194 -33.35 -46.50 29.45
CA ASN G 194 -32.40 -47.53 29.01
C ASN G 194 -31.14 -47.58 29.88
N ALA G 195 -31.11 -46.88 31.00
CA ALA G 195 -30.02 -47.05 31.95
C ALA G 195 -30.21 -48.34 32.74
N ASN G 196 -29.11 -48.83 33.32
CA ASN G 196 -29.18 -50.04 34.12
C ASN G 196 -30.00 -49.78 35.39
N PRO G 197 -30.48 -50.83 36.05
CA PRO G 197 -31.42 -50.63 37.17
C PRO G 197 -30.96 -49.63 38.23
N ASP G 198 -29.72 -49.74 38.71
CA ASP G 198 -29.28 -48.92 39.84
C ASP G 198 -29.22 -47.44 39.48
N CYS G 199 -28.62 -47.11 38.33
CA CYS G 199 -28.56 -45.71 37.94
C CYS G 199 -29.92 -45.20 37.49
N LYS G 200 -30.79 -46.07 36.98
CA LYS G 200 -32.14 -45.64 36.62
C LYS G 200 -32.92 -45.21 37.85
N THR G 201 -32.75 -45.93 38.97
CA THR G 201 -33.40 -45.52 40.21
C THR G 201 -32.92 -44.15 40.66
N ILE G 202 -31.61 -43.89 40.52
CA ILE G 202 -31.05 -42.60 40.92
C ILE G 202 -31.57 -41.49 40.03
N LEU G 203 -31.69 -41.75 38.73
CA LEU G 203 -32.15 -40.72 37.80
C LEU G 203 -33.61 -40.36 38.04
N LYS G 204 -34.43 -41.36 38.37
CA LYS G 204 -35.83 -41.08 38.68
C LYS G 204 -35.97 -40.25 39.94
N ALA G 205 -35.14 -40.51 40.95
CA ALA G 205 -35.19 -39.71 42.17
C ALA G 205 -34.82 -38.27 41.90
N LEU G 206 -33.81 -38.04 41.03
CA LEU G 206 -33.52 -36.67 40.60
C LEU G 206 -34.69 -36.09 39.82
N GLY G 207 -35.40 -36.91 39.05
CA GLY G 207 -36.54 -36.48 38.29
C GLY G 207 -36.17 -35.51 37.18
N PRO G 208 -37.15 -35.18 36.34
CA PRO G 208 -36.95 -34.11 35.35
C PRO G 208 -36.59 -32.81 36.04
N GLY G 209 -35.97 -31.91 35.27
CA GLY G 209 -35.39 -30.71 35.83
C GLY G 209 -33.98 -30.90 36.35
N ALA G 210 -33.51 -32.14 36.43
CA ALA G 210 -32.12 -32.42 36.79
C ALA G 210 -31.23 -32.23 35.56
N THR G 211 -30.22 -31.37 35.67
CA THR G 211 -29.26 -31.19 34.60
C THR G 211 -28.50 -32.49 34.35
N LEU G 212 -27.92 -32.60 33.15
CA LEU G 212 -27.12 -33.77 32.85
C LEU G 212 -25.91 -33.86 33.77
N GLU G 213 -25.38 -32.71 34.19
CA GLU G 213 -24.27 -32.71 35.14
C GLU G 213 -24.66 -33.37 36.45
N GLU G 214 -25.83 -33.02 37.00
CA GLU G 214 -26.29 -33.66 38.23
C GLU G 214 -26.54 -35.15 38.02
N MET G 215 -26.99 -35.54 36.82
CA MET G 215 -27.25 -36.95 36.56
C MET G 215 -25.97 -37.77 36.54
N MET G 216 -24.95 -37.30 35.80
CA MET G 216 -23.70 -38.06 35.72
C MET G 216 -22.92 -37.99 37.02
N THR G 217 -23.05 -36.90 37.77
CA THR G 217 -22.44 -36.82 39.08
C THR G 217 -23.06 -37.84 40.03
N ALA G 218 -24.38 -38.01 39.99
CA ALA G 218 -25.07 -38.92 40.89
C ALA G 218 -24.82 -40.38 40.57
N CYS G 219 -24.46 -40.72 39.32
CA CYS G 219 -24.20 -42.11 38.93
C CYS G 219 -22.72 -42.40 38.72
N GLN G 220 -21.83 -41.48 39.11
CA GLN G 220 -20.41 -41.57 38.83
C GLN G 220 -19.80 -42.91 39.25
N GLY G 221 -19.68 -43.14 40.55
CA GLY G 221 -19.15 -44.41 41.03
C GLY G 221 -20.15 -45.54 40.95
N PRO H 2 -12.17 -16.22 11.94
CA PRO H 2 -11.87 -15.22 12.96
C PRO H 2 -11.74 -13.79 12.40
N ILE H 3 -11.49 -12.84 13.28
CA ILE H 3 -11.32 -11.44 12.92
C ILE H 3 -9.85 -11.09 13.06
N VAL H 4 -9.21 -10.72 11.95
CA VAL H 4 -7.79 -10.41 11.92
C VAL H 4 -7.63 -8.94 11.49
N GLN H 5 -6.40 -8.46 11.60
CA GLN H 5 -6.07 -7.08 11.24
C GLN H 5 -5.58 -7.03 9.80
N ASN H 6 -6.31 -6.31 8.97
CA ASN H 6 -5.90 -6.06 7.61
C ASN H 6 -4.62 -5.24 7.58
N LEU H 7 -3.88 -5.34 6.47
CA LEU H 7 -2.71 -4.49 6.28
C LEU H 7 -3.08 -3.03 6.10
N GLN H 8 -4.37 -2.71 6.01
CA GLN H 8 -4.86 -1.35 6.01
C GLN H 8 -5.45 -0.95 7.36
N GLY H 9 -5.21 -1.75 8.40
CA GLY H 9 -5.70 -1.43 9.73
C GLY H 9 -7.17 -1.70 9.97
N GLN H 10 -7.80 -2.54 9.15
CA GLN H 10 -9.22 -2.84 9.27
C GLN H 10 -9.43 -4.21 9.90
N MET H 11 -10.57 -4.37 10.57
CA MET H 11 -10.96 -5.66 11.12
C MET H 11 -11.81 -6.39 10.08
N VAL H 12 -11.30 -7.52 9.58
CA VAL H 12 -11.97 -8.25 8.51
C VAL H 12 -12.15 -9.71 8.92
N HIS H 13 -13.05 -10.39 8.19
CA HIS H 13 -13.28 -11.80 8.40
C HIS H 13 -12.24 -12.65 7.67
N GLN H 14 -11.87 -13.76 8.30
CA GLN H 14 -10.99 -14.75 7.70
C GLN H 14 -11.56 -16.15 7.93
N CYS H 15 -11.35 -17.03 6.96
CA CYS H 15 -11.73 -18.43 7.12
C CYS H 15 -10.90 -19.06 8.23
N ILE H 16 -11.56 -19.89 9.05
CA ILE H 16 -10.82 -20.66 10.05
C ILE H 16 -9.90 -21.64 9.33
N SER H 17 -8.63 -21.64 9.72
CA SER H 17 -7.65 -22.36 8.92
C SER H 17 -7.68 -23.86 9.22
N PRO H 18 -7.30 -24.69 8.25
CA PRO H 18 -7.17 -26.13 8.53
C PRO H 18 -6.17 -26.43 9.63
N ARG H 19 -5.10 -25.63 9.76
CA ARG H 19 -4.16 -25.81 10.86
C ARG H 19 -4.87 -25.66 12.21
N THR H 20 -5.74 -24.67 12.32
CA THR H 20 -6.43 -24.44 13.60
C THR H 20 -7.40 -25.56 13.92
N LEU H 21 -8.24 -25.94 12.94
CA LEU H 21 -9.21 -27.02 13.15
C LEU H 21 -8.52 -28.31 13.54
N ASN H 22 -7.46 -28.67 12.82
CA ASN H 22 -6.73 -29.90 13.10
C ASN H 22 -6.12 -29.88 14.50
N ALA H 23 -5.58 -28.74 14.92
CA ALA H 23 -4.93 -28.66 16.22
C ALA H 23 -5.93 -28.85 17.35
N TRP H 24 -7.13 -28.29 17.20
CA TRP H 24 -8.14 -28.44 18.25
C TRP H 24 -8.64 -29.87 18.32
N VAL H 25 -8.79 -30.53 17.17
CA VAL H 25 -9.20 -31.93 17.16
C VAL H 25 -8.13 -32.81 17.80
N LYS H 26 -6.85 -32.50 17.54
CA LYS H 26 -5.78 -33.34 18.06
C LYS H 26 -5.65 -33.21 19.58
N VAL H 27 -5.84 -32.00 20.11
CA VAL H 27 -5.72 -31.81 21.55
C VAL H 27 -6.84 -32.54 22.28
N VAL H 28 -8.05 -32.52 21.72
CA VAL H 28 -9.17 -33.22 22.35
C VAL H 28 -8.94 -34.72 22.33
N GLU H 29 -8.42 -35.24 21.21
CA GLU H 29 -8.18 -36.67 21.12
C GLU H 29 -7.05 -37.13 22.04
N GLU H 30 -6.05 -36.28 22.27
CA GLU H 30 -4.86 -36.72 23.01
C GLU H 30 -4.97 -36.44 24.51
N LYS H 31 -5.52 -35.30 24.89
CA LYS H 31 -5.54 -34.88 26.29
C LYS H 31 -6.94 -34.91 26.90
N ALA H 32 -7.96 -35.26 26.13
CA ALA H 32 -9.34 -35.30 26.60
C ALA H 32 -9.72 -33.98 27.26
N PHE H 33 -10.06 -34.03 28.55
CA PHE H 33 -10.40 -32.81 29.27
C PHE H 33 -9.48 -32.59 30.46
N SER H 34 -8.17 -32.73 30.23
CA SER H 34 -7.22 -32.27 31.22
C SER H 34 -7.32 -30.75 31.34
N PRO H 35 -6.94 -30.19 32.49
CA PRO H 35 -7.11 -28.73 32.68
C PRO H 35 -6.42 -27.90 31.61
N GLU H 36 -5.28 -28.35 31.09
CA GLU H 36 -4.54 -27.56 30.10
C GLU H 36 -5.23 -27.50 28.75
N VAL H 37 -6.31 -28.25 28.55
CA VAL H 37 -7.05 -28.18 27.29
C VAL H 37 -7.76 -26.85 27.15
N ILE H 38 -8.23 -26.27 28.26
CA ILE H 38 -9.01 -25.04 28.24
C ILE H 38 -8.18 -23.86 27.75
N PRO H 39 -6.95 -23.63 28.26
CA PRO H 39 -6.12 -22.59 27.65
C PRO H 39 -5.78 -22.86 26.19
N MET H 40 -5.69 -24.14 25.80
CA MET H 40 -5.47 -24.46 24.40
C MET H 40 -6.68 -24.06 23.55
N PHE H 41 -7.89 -24.29 24.06
CA PHE H 41 -9.09 -23.89 23.33
C PHE H 41 -9.14 -22.38 23.18
N SER H 42 -8.86 -21.64 24.26
CA SER H 42 -8.94 -20.19 24.21
C SER H 42 -7.91 -19.60 23.26
N ALA H 43 -6.70 -20.15 23.27
CA ALA H 43 -5.64 -19.67 22.38
C ALA H 43 -5.96 -19.96 20.92
N LEU H 44 -6.45 -21.17 20.64
CA LEU H 44 -6.79 -21.54 19.26
C LEU H 44 -8.02 -20.83 18.75
N SER H 45 -8.88 -20.34 19.65
CA SER H 45 -10.07 -19.57 19.27
C SER H 45 -9.85 -18.07 19.39
N CYS H 46 -8.61 -17.62 19.24
CA CYS H 46 -8.31 -16.19 19.34
C CYS H 46 -8.93 -15.44 18.17
N GLY H 47 -9.85 -14.53 18.48
CA GLY H 47 -10.53 -13.75 17.46
C GLY H 47 -11.73 -14.42 16.83
N ALA H 48 -12.16 -15.57 17.35
CA ALA H 48 -13.21 -16.34 16.71
C ALA H 48 -14.57 -15.67 16.89
N THR H 49 -15.49 -16.02 16.00
CA THR H 49 -16.85 -15.53 15.96
C THR H 49 -17.81 -16.54 16.59
N PRO H 50 -19.05 -16.14 16.88
CA PRO H 50 -20.05 -17.12 17.34
C PRO H 50 -20.45 -18.13 16.27
N GLN H 51 -19.68 -18.21 15.19
CA GLN H 51 -19.78 -19.29 14.22
C GLN H 51 -18.57 -20.20 14.25
N ASP H 52 -17.37 -19.63 14.42
CA ASP H 52 -16.16 -20.46 14.48
C ASP H 52 -16.13 -21.30 15.76
N LEU H 53 -16.61 -20.75 16.88
CA LEU H 53 -16.62 -21.53 18.11
C LEU H 53 -17.54 -22.74 17.97
N ASN H 54 -18.70 -22.54 17.36
CA ASN H 54 -19.59 -23.67 17.08
C ASN H 54 -18.93 -24.66 16.13
N THR H 55 -18.18 -24.16 15.16
CA THR H 55 -17.44 -25.04 14.27
C THR H 55 -16.46 -25.92 15.04
N MET H 56 -15.69 -25.30 15.95
CA MET H 56 -14.71 -26.06 16.70
C MET H 56 -15.36 -27.06 17.64
N LEU H 57 -16.43 -26.65 18.31
CA LEU H 57 -17.15 -27.60 19.16
C LEU H 57 -17.79 -28.72 18.33
N ASN H 58 -18.18 -28.42 17.09
CA ASN H 58 -18.80 -29.43 16.24
C ASN H 58 -17.78 -30.41 15.67
N THR H 59 -16.50 -30.05 15.58
CA THR H 59 -15.50 -30.99 15.10
C THR H 59 -15.10 -32.02 16.16
N VAL H 60 -15.64 -31.92 17.37
CA VAL H 60 -15.36 -32.90 18.42
C VAL H 60 -16.14 -34.17 18.11
N GLY H 61 -15.43 -35.26 17.87
CA GLY H 61 -16.05 -36.53 17.52
C GLY H 61 -16.71 -37.22 18.70
N GLY H 62 -15.95 -37.47 19.76
CA GLY H 62 -16.45 -38.15 20.94
C GLY H 62 -16.87 -37.20 22.03
N HIS H 63 -16.85 -37.70 23.25
CA HIS H 63 -17.16 -36.91 24.46
C HIS H 63 -18.51 -36.21 24.31
N GLN H 64 -19.47 -36.91 23.71
CA GLN H 64 -20.77 -36.29 23.45
C GLN H 64 -21.57 -36.07 24.73
N ALA H 65 -21.25 -36.79 25.81
CA ALA H 65 -21.86 -36.46 27.10
C ALA H 65 -21.39 -35.10 27.58
N ALA H 66 -20.08 -34.85 27.48
CA ALA H 66 -19.55 -33.55 27.84
C ALA H 66 -20.13 -32.45 26.96
N MET H 67 -20.32 -32.73 25.67
CA MET H 67 -20.83 -31.72 24.75
C MET H 67 -22.29 -31.40 25.01
N GLN H 68 -23.08 -32.37 25.49
CA GLN H 68 -24.43 -32.07 25.89
C GLN H 68 -24.47 -31.24 27.17
N MET H 69 -23.55 -31.51 28.11
CA MET H 69 -23.45 -30.65 29.29
C MET H 69 -23.03 -29.24 28.91
N LEU H 70 -22.13 -29.13 27.93
CA LEU H 70 -21.71 -27.81 27.46
C LEU H 70 -22.90 -27.02 26.94
N LYS H 71 -23.79 -27.69 26.20
CA LYS H 71 -24.99 -27.02 25.70
C LYS H 71 -25.86 -26.52 26.84
N GLU H 72 -26.07 -27.34 27.88
CA GLU H 72 -26.92 -26.96 29.00
C GLU H 72 -26.31 -25.79 29.77
N THR H 73 -24.99 -25.72 29.89
CA THR H 73 -24.36 -24.54 30.48
C THR H 73 -24.61 -23.31 29.63
N ILE H 74 -24.52 -23.45 28.31
CA ILE H 74 -24.70 -22.30 27.42
C ILE H 74 -26.13 -21.79 27.48
N ASN H 75 -27.10 -22.69 27.60
CA ASN H 75 -28.49 -22.26 27.69
C ASN H 75 -28.74 -21.46 28.97
N GLU H 76 -28.08 -21.84 30.07
CA GLU H 76 -28.31 -21.12 31.32
C GLU H 76 -27.58 -19.78 31.32
N GLU H 77 -26.40 -19.71 30.73
CA GLU H 77 -25.71 -18.44 30.58
C GLU H 77 -26.41 -17.52 29.59
N ALA H 78 -27.21 -18.08 28.67
CA ALA H 78 -27.95 -17.26 27.71
C ALA H 78 -29.25 -16.73 28.32
N ALA H 79 -29.93 -17.54 29.12
CA ALA H 79 -31.09 -17.04 29.85
C ALA H 79 -30.69 -15.94 30.82
N GLU H 80 -29.49 -16.04 31.40
CA GLU H 80 -29.00 -14.98 32.29
C GLU H 80 -28.75 -13.70 31.50
N TRP H 81 -28.19 -13.81 30.31
CA TRP H 81 -27.97 -12.63 29.48
C TRP H 81 -29.28 -11.99 29.05
N ASP H 82 -30.35 -12.79 28.97
CA ASP H 82 -31.64 -12.25 28.54
C ASP H 82 -32.29 -11.39 29.63
N ARG H 83 -32.01 -11.69 30.90
CA ARG H 83 -32.48 -10.86 32.00
C ARG H 83 -31.59 -9.67 32.27
N LEU H 84 -30.28 -9.79 32.03
CA LEU H 84 -29.35 -8.71 32.34
C LEU H 84 -29.32 -7.67 31.23
N HIS H 85 -29.24 -8.12 29.97
CA HIS H 85 -29.20 -7.23 28.81
C HIS H 85 -30.37 -7.54 27.89
N PRO H 86 -31.60 -7.21 28.29
CA PRO H 86 -32.74 -7.40 27.38
C PRO H 86 -32.65 -6.49 26.18
N VAL H 87 -33.23 -6.94 25.08
CA VAL H 87 -33.20 -6.22 23.80
C VAL H 87 -34.42 -5.33 23.71
N HIS H 88 -34.21 -4.06 23.36
CA HIS H 88 -35.28 -3.09 23.27
C HIS H 88 -36.01 -3.21 21.92
N ALA H 89 -37.16 -2.56 21.84
CA ALA H 89 -37.95 -2.52 20.62
C ALA H 89 -37.79 -1.16 19.93
N GLY H 90 -38.22 -1.11 18.67
CA GLY H 90 -38.14 0.10 17.90
C GLY H 90 -37.16 -0.01 16.75
N PRO H 91 -36.85 1.12 16.13
CA PRO H 91 -35.94 1.12 14.99
C PRO H 91 -34.48 1.07 15.43
N ILE H 92 -33.61 0.75 14.47
CA ILE H 92 -32.16 0.69 14.69
C ILE H 92 -31.54 1.96 14.10
N ALA H 93 -30.88 2.74 14.95
CA ALA H 93 -30.30 4.00 14.49
C ALA H 93 -29.28 3.72 13.38
N PRO H 94 -29.19 4.60 12.38
CA PRO H 94 -28.24 4.36 11.27
C PRO H 94 -26.81 4.41 11.76
N GLY H 95 -25.98 3.53 11.20
CA GLY H 95 -24.64 3.32 11.68
C GLY H 95 -24.52 2.45 12.90
N GLN H 96 -25.63 2.09 13.54
CA GLN H 96 -25.64 1.22 14.71
C GLN H 96 -26.13 -0.17 14.30
N MET H 97 -26.37 -1.02 15.29
CA MET H 97 -26.89 -2.35 15.04
C MET H 97 -27.81 -2.77 16.18
N ARG H 98 -28.53 -3.86 15.95
CA ARG H 98 -29.50 -4.35 16.93
C ARG H 98 -28.80 -4.98 18.12
N GLU H 99 -29.52 -5.05 19.24
CA GLU H 99 -28.95 -5.57 20.47
C GLU H 99 -28.92 -7.09 20.43
N PRO H 100 -27.77 -7.71 20.67
CA PRO H 100 -27.70 -9.18 20.58
C PRO H 100 -28.46 -9.85 21.72
N ARG H 101 -29.28 -10.83 21.37
CA ARG H 101 -29.97 -11.66 22.35
C ARG H 101 -29.02 -12.74 22.85
N GLY H 102 -29.53 -13.62 23.73
CA GLY H 102 -28.70 -14.73 24.20
C GLY H 102 -28.36 -15.70 23.10
N SER H 103 -29.37 -16.14 22.34
CA SER H 103 -29.14 -17.05 21.23
C SER H 103 -28.33 -16.41 20.12
N ASP H 104 -28.31 -15.08 20.03
CA ASP H 104 -27.50 -14.42 19.00
C ASP H 104 -26.01 -14.53 19.33
N ILE H 105 -25.66 -14.46 20.62
CA ILE H 105 -24.26 -14.63 20.99
C ILE H 105 -23.86 -16.10 20.88
N ALA H 106 -24.80 -17.01 21.10
CA ALA H 106 -24.56 -18.44 20.92
C ALA H 106 -24.50 -18.86 19.46
N GLY H 107 -24.80 -17.95 18.53
CA GLY H 107 -24.69 -18.26 17.12
C GLY H 107 -25.80 -19.13 16.56
N THR H 108 -26.92 -19.25 17.27
CA THR H 108 -28.03 -20.05 16.78
C THR H 108 -29.07 -19.24 16.02
N THR H 109 -29.18 -17.94 16.30
CA THR H 109 -30.16 -17.08 15.64
C THR H 109 -29.52 -15.87 14.97
N SER H 110 -28.20 -15.83 14.88
CA SER H 110 -27.49 -14.71 14.26
C SER H 110 -26.73 -15.21 13.04
N THR H 111 -26.56 -14.31 12.07
CA THR H 111 -25.83 -14.62 10.86
C THR H 111 -24.37 -14.21 10.99
N LEU H 112 -23.53 -14.75 10.12
CA LEU H 112 -22.11 -14.45 10.17
C LEU H 112 -21.86 -12.95 10.04
N GLN H 113 -22.56 -12.30 9.09
CA GLN H 113 -22.32 -10.88 8.87
C GLN H 113 -22.78 -10.04 10.05
N GLU H 114 -23.84 -10.45 10.77
CA GLU H 114 -24.20 -9.78 12.00
C GLU H 114 -23.08 -9.88 13.03
N GLN H 115 -22.47 -11.05 13.12
CA GLN H 115 -21.34 -11.22 14.04
C GLN H 115 -20.14 -10.39 13.59
N ILE H 116 -19.90 -10.32 12.28
CA ILE H 116 -18.85 -9.43 11.76
C ILE H 116 -19.04 -8.03 12.28
N GLY H 117 -20.26 -7.50 12.12
CA GLY H 117 -20.52 -6.12 12.46
C GLY H 117 -20.34 -5.82 13.94
N TRP H 118 -20.85 -6.71 14.80
CA TRP H 118 -20.72 -6.50 16.24
C TRP H 118 -19.26 -6.43 16.66
N MET H 119 -18.41 -7.27 16.08
CA MET H 119 -17.00 -7.30 16.45
C MET H 119 -16.21 -6.16 15.83
N THR H 120 -16.64 -5.64 14.68
CA THR H 120 -15.93 -4.55 14.00
C THR H 120 -16.48 -3.17 14.35
N HIS H 121 -17.67 -3.10 14.95
CA HIS H 121 -18.25 -1.81 15.34
C HIS H 121 -17.35 -1.10 16.33
N ASN H 122 -17.44 0.23 16.35
CA ASN H 122 -16.69 1.05 17.29
C ASN H 122 -17.67 1.87 18.12
N PRO H 123 -17.91 1.53 19.39
CA PRO H 123 -17.28 0.47 20.19
C PRO H 123 -17.74 -0.93 19.81
N PRO H 124 -16.90 -1.95 19.98
CA PRO H 124 -17.30 -3.31 19.63
C PRO H 124 -18.13 -3.97 20.73
N ILE H 125 -19.12 -4.74 20.31
CA ILE H 125 -19.77 -5.69 21.19
C ILE H 125 -19.14 -7.05 20.90
N PRO H 126 -18.23 -7.52 21.76
CA PRO H 126 -17.46 -8.75 21.44
C PRO H 126 -18.24 -10.01 21.77
N VAL H 127 -19.24 -10.32 20.93
CA VAL H 127 -20.04 -11.51 21.16
C VAL H 127 -19.26 -12.78 20.92
N GLY H 128 -18.11 -12.68 20.25
CA GLY H 128 -17.19 -13.81 20.21
C GLY H 128 -16.54 -14.08 21.55
N GLU H 129 -16.20 -13.01 22.28
CA GLU H 129 -15.59 -13.17 23.60
C GLU H 129 -16.63 -13.48 24.67
N ILE H 130 -17.84 -12.94 24.54
CA ILE H 130 -18.89 -13.27 25.50
C ILE H 130 -19.30 -14.73 25.36
N TYR H 131 -19.40 -15.22 24.11
CA TYR H 131 -19.73 -16.62 23.90
C TYR H 131 -18.60 -17.53 24.38
N LYS H 132 -17.35 -17.16 24.07
CA LYS H 132 -16.23 -17.94 24.56
C LYS H 132 -16.22 -18.01 26.08
N ARG H 133 -16.62 -16.93 26.74
CA ARG H 133 -16.69 -16.95 28.20
C ARG H 133 -17.68 -17.99 28.70
N TRP H 134 -18.84 -18.11 28.04
CA TRP H 134 -19.81 -19.11 28.43
C TRP H 134 -19.28 -20.52 28.17
N ILE H 135 -18.59 -20.71 27.04
CA ILE H 135 -18.06 -22.02 26.68
C ILE H 135 -17.00 -22.46 27.69
N ILE H 136 -16.09 -21.56 28.04
CA ILE H 136 -15.07 -21.89 29.04
C ILE H 136 -15.71 -22.18 30.39
N LEU H 137 -16.83 -21.53 30.70
CA LEU H 137 -17.54 -21.82 31.94
C LEU H 137 -18.05 -23.26 31.95
N GLY H 138 -18.54 -23.74 30.81
CA GLY H 138 -18.97 -25.13 30.72
C GLY H 138 -17.82 -26.11 30.66
N LEU H 139 -16.71 -25.73 30.03
CA LEU H 139 -15.52 -26.57 30.02
C LEU H 139 -14.94 -26.75 31.42
N ASN H 140 -15.04 -25.72 32.26
CA ASN H 140 -14.56 -25.84 33.63
C ASN H 140 -15.34 -26.92 34.39
N LYS H 141 -16.67 -26.95 34.24
CA LYS H 141 -17.45 -27.97 34.93
C LYS H 141 -17.17 -29.36 34.39
N ILE H 142 -16.73 -29.46 33.13
CA ILE H 142 -16.38 -30.76 32.55
C ILE H 142 -15.02 -31.22 33.05
N VAL H 143 -14.04 -30.31 33.10
CA VAL H 143 -12.72 -30.66 33.62
C VAL H 143 -12.84 -31.16 35.06
N ARG H 144 -13.67 -30.49 35.87
CA ARG H 144 -13.86 -30.91 37.25
C ARG H 144 -14.50 -32.30 37.33
N MET H 145 -15.51 -32.55 36.50
CA MET H 145 -16.15 -33.86 36.53
C MET H 145 -15.23 -34.96 36.04
N TYR H 146 -14.41 -34.68 35.04
CA TYR H 146 -13.52 -35.72 34.52
C TYR H 146 -12.32 -35.94 35.43
N SER H 147 -12.07 -35.04 36.37
CA SER H 147 -10.94 -35.18 37.29
C SER H 147 -11.09 -36.48 38.07
N PRO H 148 -10.16 -37.43 37.92
CA PRO H 148 -10.37 -38.77 38.49
C PRO H 148 -10.19 -38.86 40.00
N THR H 149 -9.60 -37.85 40.63
CA THR H 149 -9.26 -37.96 42.05
C THR H 149 -9.52 -36.65 42.77
N SER H 150 -10.05 -36.75 43.98
CA SER H 150 -10.19 -35.60 44.85
C SER H 150 -8.84 -35.24 45.47
N ILE H 151 -8.69 -33.95 45.82
CA ILE H 151 -7.42 -33.50 46.39
C ILE H 151 -7.15 -34.17 47.74
N LEU H 152 -8.22 -34.55 48.46
CA LEU H 152 -8.05 -35.19 49.76
C LEU H 152 -7.45 -36.59 49.66
N ASP H 153 -7.42 -37.18 48.47
CA ASP H 153 -6.85 -38.51 48.25
C ASP H 153 -5.41 -38.47 47.77
N ILE H 154 -4.78 -37.29 47.74
CA ILE H 154 -3.42 -37.14 47.26
C ILE H 154 -2.50 -37.14 48.48
N ARG H 155 -1.73 -38.22 48.65
CA ARG H 155 -0.88 -38.42 49.81
C ARG H 155 0.49 -38.91 49.35
N GLN H 156 1.55 -38.37 49.97
CA GLN H 156 2.89 -38.78 49.64
C GLN H 156 3.13 -40.21 50.09
N GLY H 157 3.50 -41.08 49.16
CA GLY H 157 3.79 -42.46 49.47
C GLY H 157 5.03 -42.59 50.33
N PRO H 158 5.29 -43.81 50.83
CA PRO H 158 6.47 -44.01 51.69
C PRO H 158 7.79 -43.77 50.97
N LYS H 159 7.95 -44.36 49.79
CA LYS H 159 9.16 -44.21 49.00
C LYS H 159 8.97 -43.27 47.81
N GLU H 160 8.10 -42.27 47.95
CA GLU H 160 7.84 -41.34 46.86
C GLU H 160 8.61 -40.05 47.09
N PRO H 161 9.40 -39.59 46.11
CA PRO H 161 10.09 -38.30 46.28
C PRO H 161 9.09 -37.16 46.42
N PHE H 162 9.47 -36.17 47.24
CA PHE H 162 8.57 -35.06 47.52
C PHE H 162 8.18 -34.29 46.26
N ARG H 163 9.07 -34.25 45.28
CA ARG H 163 8.76 -33.55 44.03
C ARG H 163 7.58 -34.20 43.31
N ASP H 164 7.61 -35.52 43.16
CA ASP H 164 6.52 -36.20 42.44
C ASP H 164 5.20 -36.06 43.17
N TYR H 165 5.23 -35.97 44.50
CA TYR H 165 4.00 -35.82 45.27
C TYR H 165 3.39 -34.43 45.08
N VAL H 166 4.21 -33.38 45.12
CA VAL H 166 3.72 -32.04 44.83
C VAL H 166 3.23 -31.94 43.39
N ASP H 167 3.85 -32.69 42.49
CA ASP H 167 3.37 -32.76 41.11
C ASP H 167 1.93 -33.23 41.05
N ARG H 168 1.62 -34.36 41.70
CA ARG H 168 0.26 -34.88 41.68
C ARG H 168 -0.69 -33.98 42.46
N PHE H 169 -0.19 -33.32 43.49
CA PHE H 169 -1.05 -32.46 44.32
C PHE H 169 -1.56 -31.28 43.50
N TYR H 170 -0.66 -30.51 42.90
CA TYR H 170 -1.09 -29.30 42.20
C TYR H 170 -1.76 -29.64 40.87
N LYS H 171 -1.42 -30.78 40.28
CA LYS H 171 -2.17 -31.24 39.11
C LYS H 171 -3.61 -31.55 39.47
N THR H 172 -3.83 -32.29 40.57
CA THR H 172 -5.18 -32.55 41.03
C THR H 172 -5.89 -31.27 41.45
N LEU H 173 -5.16 -30.35 42.08
CA LEU H 173 -5.75 -29.09 42.50
C LEU H 173 -6.21 -28.28 41.30
N ARG H 174 -5.42 -28.26 40.22
CA ARG H 174 -5.78 -27.52 39.01
C ARG H 174 -7.07 -28.07 38.40
N ALA H 175 -7.27 -29.39 38.46
CA ALA H 175 -8.50 -29.96 37.91
C ALA H 175 -9.70 -29.68 38.79
N GLU H 176 -9.50 -29.55 40.11
CA GLU H 176 -10.62 -29.32 41.01
C GLU H 176 -11.09 -27.86 40.98
N GLN H 177 -10.15 -26.92 41.04
CA GLN H 177 -10.48 -25.50 40.95
C GLN H 177 -10.60 -25.01 39.52
N ALA H 178 -10.44 -25.89 38.53
CA ALA H 178 -10.50 -25.53 37.10
C ALA H 178 -9.52 -24.40 36.77
N SER H 179 -8.26 -24.60 37.14
CA SER H 179 -7.18 -23.64 36.90
C SER H 179 -7.45 -22.29 37.57
N GLN H 180 -7.88 -22.34 38.82
CA GLN H 180 -8.13 -21.12 39.60
C GLN H 180 -7.26 -21.09 40.85
N ASN H 184 -3.72 -20.09 49.01
CA ASN H 184 -4.66 -20.40 50.08
C ASN H 184 -3.96 -21.22 51.17
N ALA H 185 -4.05 -20.75 52.42
CA ALA H 185 -3.42 -21.47 53.53
C ALA H 185 -3.98 -22.87 53.71
N ALA H 186 -5.22 -23.10 53.26
CA ALA H 186 -5.79 -24.44 53.33
C ALA H 186 -5.00 -25.42 52.47
N THR H 187 -4.64 -25.02 51.25
CA THR H 187 -3.85 -25.90 50.39
C THR H 187 -2.46 -26.12 50.96
N GLU H 188 -1.88 -25.09 51.58
CA GLU H 188 -0.55 -25.24 52.17
C GLU H 188 -0.58 -26.19 53.36
N THR H 189 -1.68 -26.20 54.13
CA THR H 189 -1.77 -27.10 55.27
C THR H 189 -2.12 -28.52 54.83
N LEU H 190 -2.96 -28.66 53.80
CA LEU H 190 -3.28 -29.99 53.30
C LEU H 190 -2.07 -30.62 52.61
N LEU H 191 -1.19 -29.80 52.01
CA LEU H 191 0.01 -30.34 51.38
C LEU H 191 0.98 -30.89 52.41
N VAL H 192 1.13 -30.20 53.53
CA VAL H 192 2.01 -30.69 54.59
C VAL H 192 1.36 -31.85 55.34
N GLN H 193 0.04 -31.79 55.53
CA GLN H 193 -0.65 -32.82 56.29
C GLN H 193 -0.55 -34.19 55.60
N ASN H 194 -0.65 -34.22 54.28
CA ASN H 194 -0.67 -35.47 53.54
C ASN H 194 0.71 -35.91 53.05
N ALA H 195 1.78 -35.23 53.47
CA ALA H 195 3.12 -35.71 53.21
C ALA H 195 3.44 -36.89 54.13
N ASN H 196 4.32 -37.76 53.66
CA ASN H 196 4.68 -38.94 54.44
C ASN H 196 5.36 -38.52 55.74
N PRO H 197 5.33 -39.38 56.78
CA PRO H 197 5.83 -38.98 58.09
C PRO H 197 7.26 -38.47 58.11
N ASP H 198 8.11 -38.92 57.19
CA ASP H 198 9.49 -38.44 57.12
C ASP H 198 9.54 -36.97 56.74
N CYS H 199 9.15 -36.65 55.51
CA CYS H 199 9.21 -35.28 55.03
C CYS H 199 8.29 -34.36 55.83
N LYS H 200 7.17 -34.89 56.33
CA LYS H 200 6.22 -34.07 57.08
C LYS H 200 6.86 -33.47 58.33
N THR H 201 7.86 -34.14 58.90
CA THR H 201 8.55 -33.60 60.07
C THR H 201 9.61 -32.59 59.65
N ILE H 202 10.33 -32.85 58.56
CA ILE H 202 11.33 -31.91 58.07
C ILE H 202 10.67 -30.61 57.64
N LEU H 203 9.44 -30.68 57.15
CA LEU H 203 8.73 -29.47 56.78
C LEU H 203 8.28 -28.69 58.01
N LYS H 204 7.77 -29.38 59.03
CA LYS H 204 7.44 -28.71 60.29
C LYS H 204 8.69 -28.13 60.95
N ALA H 205 9.86 -28.73 60.68
CA ALA H 205 11.12 -28.20 61.17
C ALA H 205 11.55 -26.94 60.43
N LEU H 206 11.24 -26.85 59.13
CA LEU H 206 11.52 -25.63 58.39
C LEU H 206 10.73 -24.45 58.94
N GLY H 207 9.59 -24.71 59.57
CA GLY H 207 8.75 -23.68 60.10
C GLY H 207 7.68 -23.25 59.11
N PRO H 208 6.78 -22.36 59.54
CA PRO H 208 5.72 -21.90 58.66
C PRO H 208 6.21 -20.79 57.73
N GLY H 209 5.37 -20.46 56.75
CA GLY H 209 5.70 -19.40 55.82
C GLY H 209 6.89 -19.66 54.93
N ALA H 210 7.29 -20.92 54.77
CA ALA H 210 8.42 -21.24 53.90
C ALA H 210 7.97 -21.33 52.46
N THR H 211 8.86 -20.94 51.55
CA THR H 211 8.58 -21.03 50.13
C THR H 211 8.54 -22.49 49.68
N LEU H 212 7.83 -22.74 48.58
CA LEU H 212 7.81 -24.09 48.03
C LEU H 212 9.19 -24.55 47.59
N GLU H 213 10.03 -23.62 47.13
CA GLU H 213 11.40 -23.98 46.79
C GLU H 213 12.16 -24.48 48.02
N GLU H 214 11.98 -23.80 49.16
CA GLU H 214 12.62 -24.27 50.39
C GLU H 214 12.06 -25.60 50.83
N MET H 215 10.75 -25.80 50.70
CA MET H 215 10.13 -27.07 51.09
C MET H 215 10.67 -28.23 50.26
N MET H 216 10.85 -28.02 48.95
CA MET H 216 11.33 -29.10 48.11
C MET H 216 12.84 -29.30 48.21
N THR H 217 13.58 -28.29 48.66
CA THR H 217 15.01 -28.47 48.89
C THR H 217 15.26 -29.30 50.14
N ALA H 218 14.48 -29.07 51.20
CA ALA H 218 14.67 -29.78 52.45
C ALA H 218 14.33 -31.27 52.32
N CYS H 219 13.41 -31.63 51.44
CA CYS H 219 13.04 -33.03 51.23
C CYS H 219 13.58 -33.57 49.91
N GLN H 220 14.73 -33.07 49.46
CA GLN H 220 15.35 -33.60 48.24
C GLN H 220 15.91 -35.00 48.43
N GLY H 221 16.25 -35.38 49.65
CA GLY H 221 16.82 -36.69 49.92
C GLY H 221 15.86 -37.85 49.64
N PRO I 2 1.07 -12.25 19.92
CA PRO I 2 2.20 -11.33 20.06
C PRO I 2 1.97 -9.98 19.38
N ILE I 3 2.94 -9.08 19.49
CA ILE I 3 2.90 -7.78 18.83
C ILE I 3 3.89 -7.83 17.67
N VAL I 4 3.36 -7.74 16.44
CA VAL I 4 4.19 -7.83 15.24
C VAL I 4 3.91 -6.62 14.36
N GLN I 5 4.77 -6.43 13.37
CA GLN I 5 4.72 -5.27 12.50
C GLN I 5 3.99 -5.62 11.21
N ASN I 6 2.88 -4.94 10.95
CA ASN I 6 2.28 -5.00 9.63
C ASN I 6 3.15 -4.21 8.65
N LEU I 7 2.94 -4.47 7.35
CA LEU I 7 3.75 -3.82 6.33
C LEU I 7 3.58 -2.30 6.33
N GLN I 8 2.44 -1.80 6.83
CA GLN I 8 2.15 -0.36 6.88
C GLN I 8 2.76 0.33 8.10
N GLY I 9 3.82 -0.21 8.68
CA GLY I 9 4.57 0.47 9.74
C GLY I 9 4.05 0.28 11.15
N GLN I 10 2.75 0.05 11.32
CA GLN I 10 2.16 -0.01 12.64
C GLN I 10 2.47 -1.32 13.34
N MET I 11 2.53 -1.26 14.67
CA MET I 11 2.63 -2.44 15.52
C MET I 11 1.23 -2.88 15.90
N VAL I 12 0.87 -4.12 15.55
CA VAL I 12 -0.49 -4.61 15.75
C VAL I 12 -0.45 -5.96 16.46
N HIS I 13 -1.58 -6.28 17.09
CA HIS I 13 -1.72 -7.50 17.87
C HIS I 13 -2.08 -8.68 16.98
N GLN I 14 -1.35 -9.78 17.13
CA GLN I 14 -1.56 -10.99 16.36
C GLN I 14 -1.85 -12.15 17.31
N CYS I 15 -2.68 -13.08 16.86
CA CYS I 15 -2.97 -14.27 17.65
C CYS I 15 -1.77 -15.21 17.65
N ILE I 16 -1.64 -16.00 18.71
CA ILE I 16 -0.61 -17.02 18.76
C ILE I 16 -0.92 -18.09 17.71
N SER I 17 0.05 -18.37 16.85
CA SER I 17 -0.15 -19.38 15.82
C SER I 17 -0.25 -20.76 16.46
N PRO I 18 -1.03 -21.66 15.88
CA PRO I 18 -1.04 -23.04 16.36
C PRO I 18 0.32 -23.70 16.34
N ARG I 19 1.18 -23.33 15.38
CA ARG I 19 2.51 -23.92 15.31
C ARG I 19 3.38 -23.50 16.49
N THR I 20 3.18 -22.28 17.00
CA THR I 20 3.94 -21.83 18.16
C THR I 20 3.48 -22.55 19.42
N LEU I 21 2.18 -22.74 19.59
CA LEU I 21 1.65 -23.42 20.76
C LEU I 21 2.13 -24.85 20.82
N ASN I 22 2.05 -25.56 19.69
CA ASN I 22 2.44 -26.97 19.67
C ASN I 22 3.93 -27.13 19.90
N ALA I 23 4.75 -26.26 19.30
CA ALA I 23 6.20 -26.39 19.46
C ALA I 23 6.62 -26.24 20.92
N TRP I 24 5.94 -25.35 21.66
CA TRP I 24 6.29 -25.17 23.07
C TRP I 24 5.84 -26.37 23.90
N VAL I 25 4.64 -26.89 23.66
CA VAL I 25 4.20 -28.09 24.36
C VAL I 25 5.14 -29.25 24.07
N LYS I 26 5.70 -29.30 22.86
CA LYS I 26 6.56 -30.43 22.50
C LYS I 26 7.94 -30.34 23.15
N VAL I 27 8.49 -29.13 23.31
CA VAL I 27 9.82 -29.04 23.92
C VAL I 27 9.75 -29.36 25.41
N VAL I 28 8.62 -29.10 26.07
CA VAL I 28 8.52 -29.43 27.48
C VAL I 28 8.22 -30.92 27.66
N GLU I 29 7.55 -31.54 26.69
CA GLU I 29 7.24 -32.96 26.79
C GLU I 29 8.47 -33.81 26.51
N GLU I 30 9.41 -33.31 25.70
CA GLU I 30 10.60 -34.06 25.32
C GLU I 30 11.84 -33.66 26.11
N LYS I 31 11.96 -32.40 26.51
CA LYS I 31 13.17 -31.93 27.18
C LYS I 31 12.97 -31.61 28.66
N ALA I 32 11.74 -31.62 29.14
CA ALA I 32 11.42 -31.28 30.55
C ALA I 32 12.01 -29.90 30.81
N PHE I 33 12.81 -29.72 31.86
CA PHE I 33 13.46 -28.46 32.15
C PHE I 33 14.98 -28.57 32.02
N SER I 34 15.41 -29.25 30.97
CA SER I 34 16.80 -29.22 30.56
C SER I 34 17.20 -27.78 30.22
N PRO I 35 18.48 -27.42 30.41
CA PRO I 35 18.89 -26.01 30.23
C PRO I 35 18.51 -25.41 28.89
N GLU I 36 18.55 -26.18 27.80
CA GLU I 36 18.23 -25.61 26.49
C GLU I 36 16.75 -25.25 26.32
N VAL I 37 15.91 -25.55 27.32
CA VAL I 37 14.50 -25.20 27.22
C VAL I 37 14.29 -23.70 27.40
N ILE I 38 15.13 -23.06 28.22
CA ILE I 38 14.95 -21.63 28.49
C ILE I 38 15.13 -20.80 27.23
N PRO I 39 16.22 -20.94 26.45
CA PRO I 39 16.31 -20.15 25.21
C PRO I 39 15.27 -20.52 24.18
N MET I 40 14.74 -21.74 24.22
CA MET I 40 13.64 -22.11 23.33
C MET I 40 12.36 -21.40 23.74
N PHE I 41 12.12 -21.26 25.04
CA PHE I 41 10.96 -20.52 25.51
C PHE I 41 11.05 -19.05 25.12
N SER I 42 12.26 -18.48 25.22
CA SER I 42 12.43 -17.07 24.90
C SER I 42 12.22 -16.80 23.41
N ALA I 43 12.67 -17.71 22.56
CA ALA I 43 12.51 -17.51 21.12
C ALA I 43 11.08 -17.75 20.67
N LEU I 44 10.41 -18.76 21.23
CA LEU I 44 9.03 -19.04 20.87
C LEU I 44 8.08 -17.97 21.37
N SER I 45 8.49 -17.16 22.35
CA SER I 45 7.66 -16.11 22.91
C SER I 45 8.14 -14.72 22.46
N CYS I 46 8.79 -14.65 21.31
CA CYS I 46 9.26 -13.38 20.79
C CYS I 46 8.09 -12.44 20.53
N GLY I 47 8.13 -11.26 21.14
CA GLY I 47 7.07 -10.28 21.00
C GLY I 47 5.80 -10.58 21.76
N ALA I 48 5.85 -11.48 22.73
CA ALA I 48 4.63 -11.91 23.41
C ALA I 48 4.11 -10.82 24.35
N THR I 49 2.80 -10.67 24.37
CA THR I 49 2.15 -9.92 25.44
C THR I 49 2.12 -10.78 26.70
N PRO I 50 1.89 -10.17 27.86
CA PRO I 50 1.76 -10.98 29.08
C PRO I 50 0.66 -12.03 28.98
N GLN I 51 -0.41 -11.76 28.24
CA GLN I 51 -1.45 -12.76 28.06
C GLN I 51 -0.93 -13.97 27.28
N ASP I 52 -0.06 -13.73 26.29
CA ASP I 52 0.53 -14.84 25.54
C ASP I 52 1.46 -15.66 26.45
N LEU I 53 2.29 -15.00 27.24
CA LEU I 53 3.18 -15.71 28.15
C LEU I 53 2.39 -16.57 29.13
N ASN I 54 1.23 -16.08 29.59
CA ASN I 54 0.39 -16.88 30.47
C ASN I 54 -0.26 -18.03 29.72
N THR I 55 -0.57 -17.84 28.44
CA THR I 55 -1.11 -18.93 27.63
C THR I 55 -0.07 -20.04 27.47
N MET I 56 1.17 -19.67 27.13
CA MET I 56 2.21 -20.68 26.96
C MET I 56 2.45 -21.45 28.25
N LEU I 57 2.52 -20.76 29.39
CA LEU I 57 2.71 -21.43 30.66
C LEU I 57 1.50 -22.29 31.03
N ASN I 58 0.29 -21.91 30.58
CA ASN I 58 -0.90 -22.68 30.87
C ASN I 58 -1.01 -23.95 30.04
N THR I 59 -0.31 -24.04 28.91
CA THR I 59 -0.39 -25.25 28.08
C THR I 59 0.47 -26.39 28.62
N VAL I 60 1.30 -26.13 29.63
CA VAL I 60 2.11 -27.19 30.23
C VAL I 60 1.21 -28.09 31.06
N GLY I 61 1.22 -29.38 30.76
CA GLY I 61 0.37 -30.34 31.43
C GLY I 61 0.85 -30.73 32.82
N GLY I 62 2.06 -31.27 32.91
CA GLY I 62 2.65 -31.71 34.16
C GLY I 62 3.57 -30.67 34.76
N HIS I 63 4.49 -31.14 35.60
CA HIS I 63 5.47 -30.29 36.28
C HIS I 63 4.79 -29.17 37.06
N GLN I 64 3.64 -29.49 37.66
CA GLN I 64 2.89 -28.48 38.39
C GLN I 64 3.61 -28.02 39.65
N ALA I 65 4.52 -28.83 40.19
CA ALA I 65 5.33 -28.34 41.32
C ALA I 65 6.24 -27.21 40.86
N ALA I 66 6.89 -27.39 39.71
CA ALA I 66 7.73 -26.33 39.15
C ALA I 66 6.90 -25.11 38.77
N MET I 67 5.66 -25.32 38.32
CA MET I 67 4.82 -24.21 37.93
C MET I 67 4.34 -23.41 39.13
N GLN I 68 4.14 -24.06 40.28
CA GLN I 68 3.79 -23.32 41.49
C GLN I 68 4.99 -22.53 42.01
N MET I 69 6.19 -23.12 41.94
CA MET I 69 7.40 -22.37 42.25
C MET I 69 7.55 -21.18 41.33
N LEU I 70 7.18 -21.34 40.06
CA LEU I 70 7.28 -20.25 39.09
C LEU I 70 6.39 -19.09 39.48
N LYS I 71 5.16 -19.38 39.90
CA LYS I 71 4.26 -18.31 40.36
C LYS I 71 4.85 -17.55 41.54
N GLU I 72 5.51 -18.27 42.46
CA GLU I 72 6.08 -17.60 43.63
C GLU I 72 7.24 -16.69 43.24
N THR I 73 8.05 -17.10 42.26
CA THR I 73 9.11 -16.23 41.77
C THR I 73 8.54 -14.98 41.12
N ILE I 74 7.47 -15.13 40.33
CA ILE I 74 6.84 -13.99 39.70
C ILE I 74 6.28 -13.03 40.75
N ASN I 75 5.73 -13.59 41.83
CA ASN I 75 5.19 -12.74 42.89
C ASN I 75 6.27 -11.93 43.59
N GLU I 76 7.46 -12.50 43.75
CA GLU I 76 8.57 -11.73 44.32
C GLU I 76 9.06 -10.66 43.36
N GLU I 77 9.14 -10.98 42.07
CA GLU I 77 9.60 -9.98 41.10
C GLU I 77 8.61 -8.85 40.96
N ALA I 78 7.31 -9.16 40.99
CA ALA I 78 6.29 -8.12 40.94
C ALA I 78 6.31 -7.27 42.20
N ALA I 79 6.60 -7.88 43.36
CA ALA I 79 6.76 -7.10 44.58
C ALA I 79 7.94 -6.15 44.47
N GLU I 80 9.04 -6.60 43.87
CA GLU I 80 10.19 -5.73 43.69
C GLU I 80 9.88 -4.60 42.71
N TRP I 81 9.16 -4.91 41.62
CA TRP I 81 8.78 -3.86 40.68
C TRP I 81 7.94 -2.79 41.36
N ASP I 82 6.97 -3.19 42.18
CA ASP I 82 6.15 -2.20 42.88
C ASP I 82 7.00 -1.35 43.83
N ARG I 83 8.09 -1.91 44.34
CA ARG I 83 8.98 -1.16 45.20
C ARG I 83 9.82 -0.16 44.41
N LEU I 84 10.22 -0.51 43.18
CA LEU I 84 11.04 0.38 42.38
C LEU I 84 10.22 1.43 41.63
N HIS I 85 9.00 1.07 41.22
CA HIS I 85 8.19 1.91 40.34
C HIS I 85 6.78 2.03 40.91
N PRO I 86 6.63 2.77 42.00
CA PRO I 86 5.29 2.95 42.59
C PRO I 86 4.39 3.76 41.67
N VAL I 87 3.13 3.37 41.59
CA VAL I 87 2.15 4.09 40.79
C VAL I 87 1.86 5.43 41.45
N HIS I 88 2.07 6.52 40.71
CA HIS I 88 1.74 7.85 41.22
C HIS I 88 0.26 8.11 41.05
N ALA I 89 -0.39 8.57 42.12
CA ALA I 89 -1.81 8.82 42.10
C ALA I 89 -2.12 10.05 41.25
N GLY I 90 -3.41 10.22 40.95
CA GLY I 90 -3.86 11.34 40.16
C GLY I 90 -4.40 10.89 38.82
N PRO I 91 -4.98 11.81 38.06
CA PRO I 91 -5.53 11.46 36.75
C PRO I 91 -4.43 11.31 35.71
N ILE I 92 -4.76 10.58 34.64
CA ILE I 92 -3.82 10.28 33.58
C ILE I 92 -3.83 11.42 32.57
N ALA I 93 -2.65 11.89 32.17
CA ALA I 93 -2.59 12.92 31.16
C ALA I 93 -3.20 12.40 29.86
N PRO I 94 -3.86 13.25 29.07
CA PRO I 94 -4.46 12.77 27.83
C PRO I 94 -3.41 12.25 26.86
N GLY I 95 -3.68 11.08 26.29
CA GLY I 95 -2.73 10.42 25.39
C GLY I 95 -1.70 9.55 26.07
N GLN I 96 -1.74 9.40 27.39
CA GLN I 96 -0.78 8.60 28.13
C GLN I 96 -1.44 7.36 28.71
N MET I 97 -0.61 6.38 29.06
CA MET I 97 -1.05 5.17 29.73
C MET I 97 -0.83 5.33 31.23
N ARG I 98 -1.73 4.72 32.01
CA ARG I 98 -1.49 4.63 33.45
C ARG I 98 -0.25 3.79 33.72
N GLU I 99 0.39 4.05 34.85
CA GLU I 99 1.60 3.32 35.19
C GLU I 99 1.25 1.87 35.55
N PRO I 100 2.02 0.90 35.07
CA PRO I 100 1.72 -0.51 35.38
C PRO I 100 2.36 -0.95 36.69
N ARG I 101 1.59 -1.64 37.52
CA ARG I 101 2.16 -2.26 38.70
C ARG I 101 2.49 -3.71 38.39
N GLY I 102 3.02 -4.42 39.39
CA GLY I 102 3.54 -5.76 39.13
C GLY I 102 2.49 -6.72 38.63
N SER I 103 1.25 -6.57 39.11
CA SER I 103 0.19 -7.48 38.68
C SER I 103 -0.28 -7.16 37.26
N ASP I 104 -0.13 -5.90 36.82
CA ASP I 104 -0.44 -5.58 35.44
C ASP I 104 0.56 -6.23 34.49
N ILE I 105 1.85 -6.18 34.84
CA ILE I 105 2.88 -6.78 34.00
C ILE I 105 2.68 -8.29 33.92
N ALA I 106 2.27 -8.90 35.03
CA ALA I 106 2.03 -10.34 35.06
C ALA I 106 0.74 -10.76 34.39
N GLY I 107 -0.10 -9.80 34.00
CA GLY I 107 -1.33 -10.09 33.29
C GLY I 107 -2.52 -10.47 34.16
N THR I 108 -2.42 -10.35 35.48
CA THR I 108 -3.52 -10.76 36.35
C THR I 108 -4.55 -9.66 36.54
N THR I 109 -4.15 -8.39 36.46
CA THR I 109 -5.04 -7.26 36.70
C THR I 109 -5.11 -6.30 35.52
N SER I 110 -4.52 -6.63 34.38
CA SER I 110 -4.52 -5.77 33.21
C SER I 110 -5.20 -6.46 32.03
N THR I 111 -5.97 -5.70 31.28
CA THR I 111 -6.62 -6.22 30.08
C THR I 111 -5.62 -6.32 28.94
N LEU I 112 -6.01 -7.04 27.88
CA LEU I 112 -5.17 -7.14 26.70
C LEU I 112 -5.02 -5.78 26.03
N GLN I 113 -6.08 -4.98 26.04
CA GLN I 113 -6.01 -3.64 25.45
C GLN I 113 -4.98 -2.77 26.15
N GLU I 114 -4.83 -2.92 27.47
CA GLU I 114 -3.83 -2.15 28.19
C GLU I 114 -2.42 -2.63 27.87
N GLN I 115 -2.22 -3.95 27.79
CA GLN I 115 -0.90 -4.48 27.48
C GLN I 115 -0.45 -4.04 26.09
N ILE I 116 -1.35 -4.06 25.11
CA ILE I 116 -1.04 -3.53 23.78
C ILE I 116 -0.73 -2.04 23.87
N GLY I 117 -1.53 -1.30 24.65
CA GLY I 117 -1.29 0.13 24.79
C GLY I 117 0.09 0.45 25.33
N TRP I 118 0.59 -0.38 26.26
CA TRP I 118 1.91 -0.14 26.80
C TRP I 118 3.00 -0.49 25.78
N MET I 119 2.85 -1.63 25.11
CA MET I 119 3.91 -2.11 24.23
C MET I 119 4.00 -1.31 22.94
N THR I 120 2.88 -0.77 22.45
CA THR I 120 2.88 0.04 21.24
C THR I 120 2.91 1.54 21.52
N HIS I 121 3.02 1.95 22.78
CA HIS I 121 3.17 3.36 23.09
C HIS I 121 4.53 3.86 22.58
N ASN I 122 4.66 5.17 22.48
CA ASN I 122 5.89 5.81 22.01
C ASN I 122 6.34 6.85 23.02
N PRO I 123 7.41 6.59 23.79
CA PRO I 123 8.21 5.36 23.82
C PRO I 123 7.47 4.24 24.55
N PRO I 124 7.78 2.98 24.25
CA PRO I 124 6.98 1.89 24.80
C PRO I 124 7.43 1.47 26.19
N ILE I 125 6.46 0.99 26.97
CA ILE I 125 6.73 0.30 28.22
C ILE I 125 6.59 -1.18 27.94
N PRO I 126 7.69 -1.91 27.76
CA PRO I 126 7.61 -3.31 27.27
C PRO I 126 7.23 -4.30 28.37
N VAL I 127 5.94 -4.31 28.73
CA VAL I 127 5.46 -5.18 29.78
C VAL I 127 5.61 -6.65 29.40
N GLY I 128 5.65 -6.96 28.11
CA GLY I 128 5.88 -8.33 27.70
C GLY I 128 7.30 -8.78 27.98
N GLU I 129 8.28 -7.93 27.66
CA GLU I 129 9.68 -8.28 27.92
C GLU I 129 10.00 -8.25 29.40
N ILE I 130 9.36 -7.35 30.16
CA ILE I 130 9.58 -7.32 31.61
C ILE I 130 9.04 -8.59 32.26
N TYR I 131 7.81 -8.99 31.87
CA TYR I 131 7.25 -10.23 32.40
C TYR I 131 8.09 -11.43 31.99
N LYS I 132 8.65 -11.39 30.78
CA LYS I 132 9.44 -12.52 30.29
C LYS I 132 10.74 -12.66 31.08
N ARG I 133 11.32 -11.55 31.53
CA ARG I 133 12.51 -11.64 32.38
C ARG I 133 12.19 -12.33 33.70
N TRP I 134 11.00 -12.07 34.26
CA TRP I 134 10.62 -12.71 35.51
C TRP I 134 10.42 -14.20 35.34
N ILE I 135 9.80 -14.61 34.23
CA ILE I 135 9.60 -16.04 33.95
C ILE I 135 10.93 -16.75 33.79
N ILE I 136 11.81 -16.20 32.96
CA ILE I 136 13.12 -16.80 32.72
C ILE I 136 13.91 -16.91 34.01
N LEU I 137 13.72 -15.96 34.93
CA LEU I 137 14.36 -16.06 36.23
C LEU I 137 13.88 -17.29 37.00
N GLY I 138 12.56 -17.52 36.99
CA GLY I 138 12.03 -18.68 37.69
C GLY I 138 12.34 -19.99 36.99
N LEU I 139 12.32 -20.00 35.66
CA LEU I 139 12.69 -21.19 34.91
C LEU I 139 14.13 -21.60 35.20
N ASN I 140 15.03 -20.62 35.33
CA ASN I 140 16.42 -20.93 35.65
C ASN I 140 16.53 -21.60 37.01
N LYS I 141 15.83 -21.09 38.01
CA LYS I 141 15.85 -21.73 39.33
C LYS I 141 15.21 -23.12 39.30
N ILE I 142 14.34 -23.38 38.33
CA ILE I 142 13.82 -24.73 38.16
C ILE I 142 14.85 -25.63 37.49
N VAL I 143 15.65 -25.08 36.57
CA VAL I 143 16.71 -25.85 35.93
C VAL I 143 17.75 -26.31 36.95
N ARG I 144 18.05 -25.46 37.94
CA ARG I 144 19.10 -25.79 38.90
C ARG I 144 18.70 -26.97 39.78
N MET I 145 17.50 -26.93 40.35
CA MET I 145 17.08 -28.01 41.23
C MET I 145 16.79 -29.29 40.45
N TYR I 146 16.27 -29.16 39.23
CA TYR I 146 16.11 -30.32 38.36
C TYR I 146 17.43 -30.91 37.91
N SER I 147 18.54 -30.20 38.10
CA SER I 147 19.85 -30.74 37.76
C SER I 147 20.18 -31.88 38.72
N PRO I 148 20.48 -33.09 38.23
CA PRO I 148 20.71 -34.22 39.13
C PRO I 148 22.04 -34.15 39.88
N THR I 149 23.12 -33.86 39.16
CA THR I 149 24.47 -33.96 39.70
C THR I 149 25.08 -32.57 39.91
N SER I 150 25.97 -32.47 40.89
CA SER I 150 26.77 -31.29 41.09
C SER I 150 28.03 -31.36 40.24
N ILE I 151 28.57 -30.19 39.90
CA ILE I 151 29.77 -30.15 39.07
C ILE I 151 30.98 -30.70 39.82
N LEU I 152 30.94 -30.71 41.15
CA LEU I 152 32.02 -31.33 41.93
C LEU I 152 31.99 -32.84 41.83
N ASP I 153 30.85 -33.43 41.47
CA ASP I 153 30.71 -34.88 41.35
C ASP I 153 30.94 -35.39 39.94
N ILE I 154 31.28 -34.51 38.99
CA ILE I 154 31.51 -34.91 37.61
C ILE I 154 32.99 -35.23 37.47
N ARG I 155 33.33 -36.51 37.42
CA ARG I 155 34.71 -36.95 37.37
C ARG I 155 34.91 -37.88 36.18
N GLN I 156 36.03 -37.71 35.49
CA GLN I 156 36.35 -38.56 34.35
C GLN I 156 36.52 -40.00 34.80
N GLY I 157 35.86 -40.92 34.09
CA GLY I 157 35.99 -42.33 34.37
C GLY I 157 37.40 -42.82 34.11
N PRO I 158 37.73 -44.00 34.63
CA PRO I 158 39.07 -44.55 34.37
C PRO I 158 39.34 -44.80 32.90
N LYS I 159 38.34 -45.27 32.15
CA LYS I 159 38.48 -45.53 30.72
C LYS I 159 37.58 -44.62 29.88
N GLU I 160 37.13 -43.50 30.43
CA GLU I 160 36.26 -42.60 29.69
C GLU I 160 37.09 -41.67 28.80
N PRO I 161 36.75 -41.53 27.53
CA PRO I 161 37.46 -40.57 26.68
C PRO I 161 37.31 -39.16 27.21
N PHE I 162 38.31 -38.32 26.94
CA PHE I 162 38.32 -36.98 27.47
C PHE I 162 37.18 -36.14 26.90
N ARG I 163 36.84 -36.35 25.62
CA ARG I 163 35.77 -35.58 25.02
C ARG I 163 34.43 -35.88 25.70
N ASP I 164 34.17 -37.14 26.02
CA ASP I 164 32.91 -37.48 26.69
C ASP I 164 32.88 -36.93 28.11
N TYR I 165 34.03 -36.82 28.76
CA TYR I 165 34.08 -36.23 30.10
C TYR I 165 33.81 -34.72 30.05
N VAL I 166 34.38 -34.02 29.06
CA VAL I 166 34.13 -32.60 28.92
C VAL I 166 32.67 -32.34 28.53
N ASP I 167 32.07 -33.24 27.75
CA ASP I 167 30.65 -33.14 27.44
C ASP I 167 29.80 -33.19 28.71
N ARG I 168 30.07 -34.17 29.58
CA ARG I 168 29.31 -34.27 30.83
C ARG I 168 29.62 -33.10 31.76
N PHE I 169 30.85 -32.60 31.73
CA PHE I 169 31.22 -31.51 32.64
C PHE I 169 30.45 -30.24 32.33
N TYR I 170 30.54 -29.77 31.08
CA TYR I 170 29.90 -28.50 30.75
C TYR I 170 28.39 -28.63 30.66
N LYS I 171 27.87 -29.80 30.28
CA LYS I 171 26.44 -30.01 30.30
C LYS I 171 25.89 -29.86 31.73
N THR I 172 26.64 -30.33 32.72
CA THR I 172 26.25 -30.15 34.11
C THR I 172 26.44 -28.69 34.54
N LEU I 173 27.57 -28.09 34.15
CA LEU I 173 27.84 -26.69 34.49
C LEU I 173 26.71 -25.78 34.00
N ARG I 174 26.17 -26.07 32.82
CA ARG I 174 25.14 -25.21 32.25
C ARG I 174 23.88 -25.21 33.10
N ALA I 175 23.56 -26.35 33.72
CA ALA I 175 22.37 -26.43 34.55
C ALA I 175 22.53 -25.67 35.85
N GLU I 176 23.74 -25.61 36.41
CA GLU I 176 23.95 -25.00 37.71
C GLU I 176 24.07 -23.48 37.60
N GLN I 177 24.92 -23.01 36.69
CA GLN I 177 25.12 -21.58 36.49
C GLN I 177 24.11 -20.98 35.51
N ALA I 178 22.96 -21.61 35.35
CA ALA I 178 21.97 -21.23 34.33
C ALA I 178 22.62 -21.20 32.95
N ALA I 186 37.69 -20.05 37.33
CA ALA I 186 37.41 -20.91 38.48
C ALA I 186 36.86 -22.26 38.03
N THR I 187 36.29 -22.30 36.83
CA THR I 187 35.74 -23.54 36.31
C THR I 187 36.82 -24.43 35.70
N GLU I 188 37.80 -23.83 35.02
CA GLU I 188 38.86 -24.61 34.38
C GLU I 188 39.72 -25.34 35.40
N THR I 189 39.78 -24.85 36.64
CA THR I 189 40.53 -25.55 37.68
C THR I 189 39.80 -26.80 38.14
N LEU I 190 38.47 -26.77 38.16
CA LEU I 190 37.69 -27.94 38.53
C LEU I 190 37.60 -28.96 37.41
N LEU I 191 37.77 -28.53 36.15
CA LEU I 191 37.81 -29.48 35.05
C LEU I 191 39.07 -30.34 35.10
N VAL I 192 40.21 -29.72 35.40
CA VAL I 192 41.44 -30.52 35.46
C VAL I 192 41.51 -31.30 36.77
N GLN I 193 41.01 -30.75 37.88
CA GLN I 193 41.13 -31.45 39.15
C GLN I 193 40.17 -32.62 39.28
N ASN I 194 39.23 -32.76 38.34
CA ASN I 194 38.30 -33.88 38.32
C ASN I 194 38.54 -34.82 37.13
N ALA I 195 39.61 -34.59 36.38
CA ALA I 195 40.00 -35.53 35.33
C ALA I 195 40.68 -36.75 35.94
N ASN I 196 40.83 -37.79 35.13
CA ASN I 196 41.50 -38.99 35.61
C ASN I 196 43.00 -38.75 35.69
N PRO I 197 43.70 -39.47 36.58
CA PRO I 197 45.12 -39.15 36.83
C PRO I 197 46.00 -39.17 35.60
N ASP I 198 45.70 -39.99 34.60
CA ASP I 198 46.49 -40.02 33.37
C ASP I 198 46.45 -38.67 32.66
N CYS I 199 45.26 -38.25 32.23
CA CYS I 199 45.14 -36.99 31.52
C CYS I 199 45.36 -35.80 32.46
N LYS I 200 45.11 -35.98 33.76
CA LYS I 200 45.26 -34.89 34.72
C LYS I 200 46.68 -34.37 34.76
N THR I 201 47.67 -35.27 34.63
CA THR I 201 49.06 -34.85 34.62
C THR I 201 49.44 -34.22 33.29
N ILE I 202 48.83 -34.65 32.19
CA ILE I 202 49.11 -34.03 30.90
C ILE I 202 48.58 -32.61 30.87
N LEU I 203 47.45 -32.36 31.54
CA LEU I 203 46.85 -31.03 31.51
C LEU I 203 47.63 -30.06 32.38
N LYS I 204 48.10 -30.50 33.55
CA LYS I 204 48.84 -29.61 34.44
C LYS I 204 50.16 -29.18 33.83
N ALA I 205 50.73 -29.99 32.95
CA ALA I 205 52.04 -29.73 32.35
C ALA I 205 51.96 -29.12 30.95
N LEU I 206 50.76 -28.88 30.43
CA LEU I 206 50.63 -28.30 29.09
C LEU I 206 51.06 -26.85 29.06
N GLY I 207 50.78 -26.11 30.13
CA GLY I 207 51.03 -24.69 30.16
C GLY I 207 49.79 -23.95 30.59
N PRO I 208 49.62 -23.76 31.91
CA PRO I 208 48.38 -23.17 32.45
C PRO I 208 47.91 -21.93 31.72
N GLY I 209 46.81 -22.06 30.99
CA GLY I 209 46.32 -21.01 30.11
C GLY I 209 46.13 -21.52 28.71
N ALA I 210 45.88 -22.82 28.57
CA ALA I 210 45.75 -23.48 27.29
C ALA I 210 44.29 -23.49 26.84
N THR I 211 44.10 -23.48 25.52
CA THR I 211 42.76 -23.59 24.97
C THR I 211 42.19 -24.98 25.21
N LEU I 212 40.86 -25.07 25.25
CA LEU I 212 40.21 -26.36 25.43
C LEU I 212 40.57 -27.34 24.32
N GLU I 213 40.80 -26.83 23.10
CA GLU I 213 41.23 -27.69 22.01
C GLU I 213 42.58 -28.32 22.29
N GLU I 214 43.52 -27.52 22.79
CA GLU I 214 44.84 -28.05 23.14
C GLU I 214 44.73 -29.11 24.23
N MET I 215 43.80 -28.91 25.18
CA MET I 215 43.62 -29.88 26.26
C MET I 215 43.06 -31.20 25.74
N MET I 216 42.24 -31.16 24.69
CA MET I 216 41.60 -32.37 24.19
C MET I 216 42.41 -33.09 23.13
N THR I 217 43.17 -32.36 22.31
CA THR I 217 44.11 -33.02 21.41
C THR I 217 45.21 -33.71 22.19
N ALA I 218 45.53 -33.20 23.39
CA ALA I 218 46.57 -33.81 24.21
C ALA I 218 46.10 -35.13 24.81
N CYS I 219 44.82 -35.23 25.15
CA CYS I 219 44.25 -36.44 25.75
C CYS I 219 43.32 -37.16 24.79
N GLN I 220 43.60 -37.08 23.48
CA GLN I 220 42.81 -37.75 22.47
C GLN I 220 43.19 -39.21 22.28
N GLY I 221 44.28 -39.66 22.89
CA GLY I 221 44.87 -40.97 22.68
C GLY I 221 43.94 -42.14 22.40
N PRO J 2 15.32 -12.35 12.76
CA PRO J 2 16.14 -11.87 11.63
C PRO J 2 15.59 -10.58 11.01
N ILE J 3 16.42 -9.88 10.25
CA ILE J 3 16.02 -8.68 9.55
C ILE J 3 15.61 -9.07 8.14
N VAL J 4 14.34 -8.82 7.79
CA VAL J 4 13.83 -9.13 6.46
C VAL J 4 13.31 -7.86 5.81
N GLN J 5 12.62 -8.01 4.68
CA GLN J 5 12.22 -6.89 3.83
C GLN J 5 10.72 -6.64 3.93
N ASN J 6 10.36 -5.37 4.05
CA ASN J 6 8.98 -4.94 4.23
C ASN J 6 8.35 -4.65 2.88
N LEU J 7 7.02 -4.79 2.81
CA LEU J 7 6.30 -4.37 1.61
C LEU J 7 6.51 -2.87 1.32
N GLN J 8 7.10 -2.13 2.26
CA GLN J 8 7.41 -0.72 2.12
C GLN J 8 8.90 -0.48 2.01
N GLY J 9 9.59 -1.42 1.35
CA GLY J 9 11.00 -1.34 1.04
C GLY J 9 11.95 -1.18 2.20
N GLN J 10 11.49 -1.30 3.43
CA GLN J 10 12.32 -1.08 4.61
C GLN J 10 12.70 -2.40 5.26
N MET J 11 13.93 -2.49 5.77
CA MET J 11 14.35 -3.68 6.50
C MET J 11 13.80 -3.61 7.92
N VAL J 12 13.02 -4.62 8.30
CA VAL J 12 12.38 -4.67 9.61
C VAL J 12 12.77 -5.96 10.32
N HIS J 13 12.66 -5.93 11.64
CA HIS J 13 12.96 -7.12 12.43
C HIS J 13 11.76 -8.06 12.46
N GLN J 14 12.04 -9.35 12.39
CA GLN J 14 11.02 -10.38 12.41
C GLN J 14 11.46 -11.46 13.38
N CYS J 15 10.51 -12.02 14.12
CA CYS J 15 10.85 -13.08 15.06
C CYS J 15 11.34 -14.32 14.31
N ILE J 16 12.31 -15.00 14.91
CA ILE J 16 12.77 -16.27 14.36
C ILE J 16 11.66 -17.29 14.48
N SER J 17 11.37 -17.98 13.37
CA SER J 17 10.17 -18.78 13.27
C SER J 17 10.35 -20.14 13.94
N PRO J 18 9.25 -20.75 14.41
CA PRO J 18 9.35 -22.09 14.99
C PRO J 18 9.89 -23.13 14.02
N ARG J 19 9.56 -23.03 12.73
CA ARG J 19 10.04 -24.02 11.77
C ARG J 19 11.55 -23.92 11.61
N THR J 20 12.11 -22.72 11.66
CA THR J 20 13.55 -22.56 11.50
C THR J 20 14.30 -23.13 12.69
N LEU J 21 13.84 -22.83 13.91
CA LEU J 21 14.47 -23.38 15.10
C LEU J 21 14.41 -24.91 15.10
N ASN J 22 13.26 -25.47 14.74
CA ASN J 22 13.13 -26.92 14.74
C ASN J 22 14.02 -27.56 13.67
N ALA J 23 14.21 -26.87 12.54
CA ALA J 23 15.07 -27.42 11.50
C ALA J 23 16.53 -27.44 11.94
N TRP J 24 16.95 -26.44 12.71
CA TRP J 24 18.32 -26.42 13.21
C TRP J 24 18.54 -27.45 14.30
N VAL J 25 17.52 -27.69 15.14
CA VAL J 25 17.64 -28.68 16.20
C VAL J 25 17.74 -30.08 15.61
N LYS J 26 16.87 -30.39 14.64
CA LYS J 26 16.87 -31.73 14.06
C LYS J 26 18.14 -32.02 13.26
N VAL J 27 18.73 -30.98 12.64
CA VAL J 27 19.95 -31.18 11.89
C VAL J 27 21.09 -31.61 12.80
N VAL J 28 21.20 -30.98 13.98
CA VAL J 28 22.26 -31.33 14.91
C VAL J 28 22.03 -32.71 15.49
N GLU J 29 20.77 -33.04 15.81
CA GLU J 29 20.48 -34.31 16.48
C GLU J 29 20.71 -35.50 15.57
N GLU J 30 20.54 -35.32 14.25
CA GLU J 30 20.70 -36.41 13.29
C GLU J 30 22.08 -36.47 12.65
N LYS J 31 22.71 -35.33 12.38
CA LYS J 31 23.98 -35.30 11.67
C LYS J 31 25.17 -34.89 12.54
N ALA J 32 24.94 -34.53 13.80
CA ALA J 32 26.02 -34.08 14.68
C ALA J 32 26.81 -32.95 14.03
N PHE J 33 28.10 -33.17 13.79
CA PHE J 33 28.96 -32.18 13.16
C PHE J 33 29.62 -32.72 11.90
N SER J 34 28.84 -33.42 11.07
CA SER J 34 29.28 -33.73 9.73
C SER J 34 29.36 -32.43 8.92
N PRO J 35 30.18 -32.41 7.86
CA PRO J 35 30.43 -31.12 7.18
C PRO J 35 29.19 -30.44 6.64
N GLU J 36 28.18 -31.20 6.20
CA GLU J 36 26.98 -30.61 5.63
C GLU J 36 26.17 -29.80 6.64
N VAL J 37 26.57 -29.81 7.91
CA VAL J 37 25.87 -29.04 8.93
C VAL J 37 26.18 -27.55 8.81
N ILE J 38 27.40 -27.20 8.41
CA ILE J 38 27.83 -25.80 8.33
C ILE J 38 27.04 -25.04 7.27
N PRO J 39 26.90 -25.52 6.03
CA PRO J 39 26.05 -24.80 5.08
C PRO J 39 24.58 -24.80 5.47
N MET J 40 24.13 -25.77 6.27
CA MET J 40 22.75 -25.76 6.76
C MET J 40 22.56 -24.71 7.84
N PHE J 41 23.55 -24.53 8.72
CA PHE J 41 23.47 -23.47 9.71
C PHE J 41 23.49 -22.10 9.04
N SER J 42 24.40 -21.90 8.10
CA SER J 42 24.50 -20.62 7.41
C SER J 42 23.21 -20.30 6.67
N ALA J 43 22.57 -21.32 6.09
CA ALA J 43 21.33 -21.10 5.36
C ALA J 43 20.16 -20.81 6.31
N LEU J 44 20.01 -21.62 7.36
CA LEU J 44 18.93 -21.40 8.31
C LEU J 44 19.08 -20.12 9.13
N SER J 45 20.25 -19.49 9.10
CA SER J 45 20.50 -18.25 9.83
C SER J 45 20.57 -17.06 8.89
N CYS J 46 19.85 -17.12 7.77
CA CYS J 46 19.86 -16.05 6.79
C CYS J 46 19.22 -14.79 7.36
N GLY J 47 19.96 -13.69 7.34
CA GLY J 47 19.46 -12.43 7.84
C GLY J 47 19.40 -12.30 9.35
N ALA J 48 20.12 -13.14 10.09
CA ALA J 48 19.98 -13.18 11.53
C ALA J 48 20.74 -12.05 12.22
N THR J 49 20.19 -11.60 13.35
CA THR J 49 20.92 -10.75 14.27
C THR J 49 21.86 -11.61 15.11
N PRO J 50 22.84 -10.99 15.76
CA PRO J 50 23.63 -11.74 16.76
C PRO J 50 22.76 -12.41 17.83
N GLN J 51 21.64 -11.79 18.21
CA GLN J 51 20.75 -12.41 19.17
C GLN J 51 20.13 -13.69 18.62
N ASP J 52 19.80 -13.70 17.33
CA ASP J 52 19.23 -14.90 16.72
C ASP J 52 20.28 -16.00 16.62
N LEU J 53 21.54 -15.63 16.35
CA LEU J 53 22.60 -16.63 16.27
C LEU J 53 22.85 -17.27 17.63
N ASN J 54 22.90 -16.45 18.69
CA ASN J 54 23.03 -17.02 20.03
C ASN J 54 21.83 -17.88 20.40
N THR J 55 20.64 -17.51 19.91
CA THR J 55 19.47 -18.34 20.13
C THR J 55 19.65 -19.72 19.49
N MET J 56 20.17 -19.76 18.25
CA MET J 56 20.36 -21.04 17.58
C MET J 56 21.45 -21.86 18.27
N LEU J 57 22.57 -21.24 18.64
CA LEU J 57 23.61 -21.97 19.35
C LEU J 57 23.12 -22.44 20.71
N ASN J 58 22.18 -21.75 21.34
CA ASN J 58 21.67 -22.15 22.64
C ASN J 58 20.71 -23.33 22.57
N THR J 59 20.13 -23.63 21.41
CA THR J 59 19.21 -24.74 21.31
C THR J 59 19.90 -26.09 21.17
N VAL J 60 21.23 -26.11 21.10
CA VAL J 60 21.98 -27.36 21.09
C VAL J 60 22.07 -27.90 22.50
N GLY J 61 21.61 -29.13 22.70
CA GLY J 61 21.55 -29.71 24.03
C GLY J 61 22.82 -30.43 24.45
N GLY J 62 23.37 -31.25 23.55
CA GLY J 62 24.61 -31.94 23.78
C GLY J 62 25.78 -31.22 23.15
N HIS J 63 26.86 -31.97 22.92
CA HIS J 63 28.06 -31.45 22.25
C HIS J 63 28.61 -30.22 22.96
N GLN J 64 28.56 -30.23 24.30
CA GLN J 64 28.95 -29.03 25.04
C GLN J 64 30.46 -28.79 25.01
N ALA J 65 31.26 -29.83 24.81
CA ALA J 65 32.70 -29.61 24.59
C ALA J 65 32.93 -28.80 23.33
N ALA J 66 32.25 -29.16 22.25
CA ALA J 66 32.36 -28.40 21.01
C ALA J 66 31.85 -26.97 21.20
N MET J 67 30.78 -26.82 21.99
CA MET J 67 30.22 -25.49 22.22
C MET J 67 31.17 -24.61 23.01
N GLN J 68 31.91 -25.18 23.95
CA GLN J 68 32.89 -24.39 24.70
C GLN J 68 34.07 -23.99 23.83
N MET J 69 34.49 -24.86 22.90
CA MET J 69 35.52 -24.46 21.94
C MET J 69 35.02 -23.34 21.04
N LEU J 70 33.75 -23.41 20.64
CA LEU J 70 33.18 -22.36 19.80
C LEU J 70 33.21 -21.03 20.52
N LYS J 71 32.91 -21.04 21.83
CA LYS J 71 32.99 -19.81 22.61
C LYS J 71 34.40 -19.25 22.62
N GLU J 72 35.40 -20.13 22.77
CA GLU J 72 36.79 -19.67 22.82
C GLU J 72 37.27 -19.17 21.47
N THR J 73 36.81 -19.79 20.38
CA THR J 73 37.12 -19.26 19.05
C THR J 73 36.47 -17.90 18.84
N ILE J 74 35.23 -17.73 19.32
CA ILE J 74 34.55 -16.45 19.19
C ILE J 74 35.26 -15.38 20.02
N ASN J 75 35.80 -15.76 21.19
CA ASN J 75 36.56 -14.82 22.00
C ASN J 75 37.79 -14.32 21.26
N GLU J 76 38.49 -15.22 20.55
CA GLU J 76 39.68 -14.81 19.82
C GLU J 76 39.33 -13.85 18.67
N GLU J 77 38.31 -14.19 17.89
CA GLU J 77 37.91 -13.33 16.78
C GLU J 77 37.44 -11.97 17.28
N ALA J 78 36.80 -11.93 18.44
CA ALA J 78 36.35 -10.65 19.00
C ALA J 78 37.54 -9.80 19.45
N ALA J 79 38.54 -10.42 20.08
CA ALA J 79 39.72 -9.66 20.49
C ALA J 79 40.49 -9.13 19.30
N GLU J 80 40.47 -9.87 18.18
CA GLU J 80 41.13 -9.38 16.98
C GLU J 80 40.36 -8.22 16.36
N TRP J 81 39.03 -8.27 16.41
CA TRP J 81 38.23 -7.17 15.90
C TRP J 81 38.47 -5.89 16.68
N ASP J 82 38.66 -6.00 17.99
CA ASP J 82 38.93 -4.85 18.84
C ASP J 82 40.27 -4.21 18.49
N ARG J 83 41.25 -5.00 18.04
CA ARG J 83 42.51 -4.44 17.59
C ARG J 83 42.33 -3.62 16.33
N LEU J 84 41.85 -4.26 15.25
CA LEU J 84 41.74 -3.60 13.96
C LEU J 84 40.81 -2.39 13.99
N HIS J 85 39.75 -2.45 14.79
CA HIS J 85 38.75 -1.38 14.84
C HIS J 85 38.54 -0.95 16.29
N PRO J 86 39.42 -0.12 16.83
CA PRO J 86 39.20 0.40 18.19
C PRO J 86 38.02 1.36 18.21
N VAL J 87 37.21 1.26 19.26
CA VAL J 87 36.04 2.12 19.41
C VAL J 87 36.52 3.49 19.87
N HIS J 88 36.42 4.48 18.97
CA HIS J 88 36.78 5.85 19.34
C HIS J 88 35.84 6.36 20.42
N ALA J 89 36.42 6.85 21.52
CA ALA J 89 35.63 7.34 22.63
C ALA J 89 35.03 8.71 22.32
N GLY J 90 33.93 9.01 22.97
CA GLY J 90 33.27 10.28 22.81
C GLY J 90 31.77 10.16 22.61
N PRO J 91 31.09 11.29 22.50
CA PRO J 91 29.64 11.26 22.29
C PRO J 91 29.29 10.90 20.85
N ILE J 92 28.12 10.29 20.69
CA ILE J 92 27.66 9.80 19.40
C ILE J 92 26.86 10.90 18.71
N ALA J 93 27.22 11.20 17.46
CA ALA J 93 26.52 12.24 16.72
C ALA J 93 25.05 11.87 16.56
N PRO J 94 24.15 12.86 16.54
CA PRO J 94 22.72 12.56 16.42
C PRO J 94 22.41 11.89 15.09
N GLY J 95 21.53 10.89 15.14
CA GLY J 95 21.21 10.11 13.97
C GLY J 95 22.22 9.05 13.61
N GLN J 96 23.32 8.94 14.35
CA GLN J 96 24.37 7.96 14.10
C GLN J 96 24.31 6.87 15.17
N MET J 97 25.09 5.82 14.94
CA MET J 97 25.20 4.70 15.86
C MET J 97 26.61 4.65 16.45
N ARG J 98 26.68 4.19 17.70
CA ARG J 98 27.98 3.99 18.34
C ARG J 98 28.73 2.86 17.65
N GLU J 99 30.05 2.94 17.68
CA GLU J 99 30.86 1.95 16.99
C GLU J 99 30.85 0.63 17.78
N PRO J 100 30.72 -0.51 17.11
CA PRO J 100 30.56 -1.79 17.82
C PRO J 100 31.87 -2.44 18.20
N ARG J 101 31.98 -2.92 19.43
CA ARG J 101 33.12 -3.71 19.87
C ARG J 101 32.85 -5.18 19.58
N GLY J 102 33.84 -6.03 19.85
CA GLY J 102 33.69 -7.45 19.54
C GLY J 102 32.54 -8.09 20.31
N SER J 103 32.40 -7.75 21.58
CA SER J 103 31.31 -8.29 22.39
C SER J 103 29.94 -7.78 21.93
N ASP J 104 29.90 -6.63 21.26
CA ASP J 104 28.66 -6.19 20.63
C ASP J 104 28.27 -7.12 19.49
N ILE J 105 29.22 -7.45 18.62
CA ILE J 105 28.95 -8.35 17.52
C ILE J 105 28.62 -9.75 18.04
N ALA J 106 29.24 -10.16 19.13
CA ALA J 106 28.93 -11.46 19.73
C ALA J 106 27.60 -11.47 20.45
N GLY J 107 26.98 -10.32 20.64
CA GLY J 107 25.67 -10.25 21.25
C GLY J 107 25.64 -10.38 22.75
N THR J 108 26.74 -10.10 23.43
CA THR J 108 26.79 -10.17 24.89
C THR J 108 26.54 -8.82 25.56
N THR J 109 27.06 -7.73 25.00
CA THR J 109 26.92 -6.41 25.59
C THR J 109 26.08 -5.47 24.74
N SER J 110 25.41 -5.99 23.72
CA SER J 110 24.57 -5.18 22.84
C SER J 110 23.12 -5.61 22.96
N THR J 111 22.22 -4.66 22.79
CA THR J 111 20.79 -4.93 22.79
C THR J 111 20.32 -5.26 21.38
N LEU J 112 19.09 -5.79 21.30
CA LEU J 112 18.51 -6.09 19.99
C LEU J 112 18.29 -4.80 19.20
N GLN J 113 17.86 -3.73 19.87
CA GLN J 113 17.64 -2.47 19.17
C GLN J 113 18.94 -1.89 18.62
N GLU J 114 20.06 -2.08 19.32
CA GLU J 114 21.35 -1.66 18.80
C GLU J 114 21.77 -2.52 17.61
N GLN J 115 21.54 -3.83 17.69
CA GLN J 115 21.87 -4.70 16.57
C GLN J 115 21.03 -4.36 15.34
N ILE J 116 19.74 -4.13 15.53
CA ILE J 116 18.88 -3.70 14.43
C ILE J 116 19.37 -2.37 13.86
N GLY J 117 19.82 -1.47 14.73
CA GLY J 117 20.29 -0.17 14.27
C GLY J 117 21.49 -0.28 13.35
N TRP J 118 22.46 -1.11 13.72
CA TRP J 118 23.64 -1.28 12.87
C TRP J 118 23.28 -1.91 11.53
N MET J 119 22.44 -2.93 11.55
CA MET J 119 22.13 -3.69 10.35
C MET J 119 21.19 -2.96 9.39
N THR J 120 20.42 -1.98 9.87
CA THR J 120 19.54 -1.20 9.01
C THR J 120 20.02 0.22 8.78
N HIS J 121 21.17 0.60 9.34
CA HIS J 121 21.74 1.91 9.07
C HIS J 121 22.14 2.02 7.59
N ASN J 122 22.31 3.24 7.12
CA ASN J 122 22.81 3.46 5.75
C ASN J 122 24.09 4.29 5.81
N PRO J 123 25.25 3.73 5.45
CA PRO J 123 25.46 2.32 5.04
C PRO J 123 25.39 1.36 6.23
N PRO J 124 25.08 0.09 6.00
CA PRO J 124 24.86 -0.83 7.13
C PRO J 124 26.16 -1.42 7.64
N ILE J 125 26.21 -1.62 8.96
CA ILE J 125 27.27 -2.37 9.61
C ILE J 125 26.70 -3.75 9.95
N PRO J 126 27.10 -4.80 9.25
CA PRO J 126 26.43 -6.12 9.39
C PRO J 126 27.00 -6.97 10.52
N VAL J 127 26.58 -6.65 11.75
CA VAL J 127 27.06 -7.41 12.90
C VAL J 127 26.59 -8.86 12.83
N GLY J 128 25.45 -9.11 12.18
CA GLY J 128 24.98 -10.47 12.03
C GLY J 128 25.86 -11.30 11.11
N GLU J 129 26.36 -10.69 10.04
CA GLU J 129 27.22 -11.40 9.10
C GLU J 129 28.65 -11.52 9.63
N ILE J 130 29.12 -10.51 10.36
CA ILE J 130 30.46 -10.61 10.96
C ILE J 130 30.48 -11.69 12.02
N TYR J 131 29.44 -11.76 12.85
CA TYR J 131 29.36 -12.80 13.88
C TYR J 131 29.28 -14.17 13.25
N LYS J 132 28.44 -14.34 12.21
CA LYS J 132 28.29 -15.64 11.58
C LYS J 132 29.60 -16.11 10.97
N ARG J 133 30.39 -15.18 10.44
CA ARG J 133 31.70 -15.56 9.91
C ARG J 133 32.58 -16.15 11.02
N TRP J 134 32.53 -15.56 12.22
CA TRP J 134 33.29 -16.12 13.34
C TRP J 134 32.76 -17.49 13.75
N ILE J 135 31.44 -17.65 13.72
CA ILE J 135 30.84 -18.93 14.13
C ILE J 135 31.23 -20.04 13.16
N ILE J 136 31.20 -19.76 11.86
CA ILE J 136 31.61 -20.75 10.87
C ILE J 136 33.07 -21.15 11.10
N LEU J 137 33.92 -20.19 11.46
CA LEU J 137 35.33 -20.49 11.70
C LEU J 137 35.49 -21.48 12.85
N GLY J 138 34.71 -21.31 13.93
CA GLY J 138 34.76 -22.24 15.04
C GLY J 138 34.11 -23.57 14.74
N LEU J 139 33.02 -23.58 13.95
CA LEU J 139 32.38 -24.84 13.60
C LEU J 139 33.24 -25.67 12.66
N ASN J 140 34.04 -25.01 11.81
CA ASN J 140 34.93 -25.76 10.92
C ASN J 140 35.99 -26.52 11.72
N LYS J 141 36.58 -25.86 12.72
CA LYS J 141 37.55 -26.53 13.57
C LYS J 141 36.92 -27.72 14.30
N ILE J 142 35.64 -27.60 14.66
CA ILE J 142 34.94 -28.70 15.31
C ILE J 142 34.74 -29.84 14.33
N VAL J 143 34.39 -29.53 13.09
CA VAL J 143 34.18 -30.57 12.08
C VAL J 143 35.47 -31.34 11.81
N ARG J 144 36.61 -30.64 11.81
CA ARG J 144 37.87 -31.30 11.49
C ARG J 144 38.31 -32.26 12.59
N MET J 145 37.97 -31.96 13.84
CA MET J 145 38.36 -32.83 14.94
C MET J 145 37.36 -33.95 15.17
N TYR J 146 36.07 -33.71 14.89
CA TYR J 146 35.10 -34.79 14.89
C TYR J 146 35.31 -35.76 13.72
N SER J 147 36.04 -35.33 12.70
CA SER J 147 36.34 -36.19 11.56
C SER J 147 37.12 -37.43 12.03
N PRO J 148 36.62 -38.64 11.78
CA PRO J 148 37.22 -39.83 12.39
C PRO J 148 38.38 -40.43 11.59
N THR J 149 38.36 -40.31 10.28
CA THR J 149 39.28 -41.03 9.41
C THR J 149 40.14 -40.06 8.60
N SER J 150 41.40 -40.41 8.42
CA SER J 150 42.30 -39.64 7.57
C SER J 150 42.10 -40.03 6.10
N ILE J 151 42.39 -39.08 5.21
CA ILE J 151 42.22 -39.33 3.79
C ILE J 151 43.20 -40.40 3.32
N LEU J 152 44.34 -40.55 4.02
CA LEU J 152 45.32 -41.56 3.66
C LEU J 152 44.90 -42.96 4.07
N ASP J 153 43.82 -43.11 4.83
CA ASP J 153 43.33 -44.40 5.28
C ASP J 153 42.18 -44.93 4.43
N ILE J 154 41.88 -44.28 3.31
CA ILE J 154 40.76 -44.67 2.45
C ILE J 154 41.33 -45.38 1.23
N ARG J 155 41.16 -46.70 1.18
CA ARG J 155 41.64 -47.50 0.06
C ARG J 155 40.51 -48.40 -0.43
N GLN J 156 40.52 -48.68 -1.73
CA GLN J 156 39.47 -49.46 -2.35
C GLN J 156 39.62 -50.93 -2.01
N GLY J 157 38.51 -51.57 -1.64
CA GLY J 157 38.51 -52.98 -1.33
C GLY J 157 38.71 -53.82 -2.57
N PRO J 158 39.04 -55.10 -2.38
CA PRO J 158 39.28 -55.98 -3.54
C PRO J 158 38.05 -56.15 -4.43
N LYS J 159 36.85 -56.11 -3.85
CA LYS J 159 35.61 -56.19 -4.63
C LYS J 159 34.69 -55.01 -4.41
N GLU J 160 35.18 -53.95 -3.76
CA GLU J 160 34.35 -52.77 -3.52
C GLU J 160 34.19 -51.97 -4.81
N PRO J 161 32.96 -51.62 -5.19
CA PRO J 161 32.77 -50.87 -6.44
C PRO J 161 33.49 -49.53 -6.42
N PHE J 162 33.85 -49.06 -7.62
CA PHE J 162 34.66 -47.85 -7.71
C PHE J 162 33.88 -46.61 -7.30
N ARG J 163 32.58 -46.58 -7.58
CA ARG J 163 31.76 -45.44 -7.15
C ARG J 163 31.69 -45.34 -5.64
N ASP J 164 31.57 -46.48 -4.95
CA ASP J 164 31.53 -46.46 -3.50
C ASP J 164 32.88 -46.03 -2.92
N TYR J 165 33.98 -46.37 -3.58
CA TYR J 165 35.29 -45.94 -3.09
C TYR J 165 35.45 -44.43 -3.23
N VAL J 166 35.05 -43.87 -4.37
CA VAL J 166 35.09 -42.42 -4.54
C VAL J 166 34.13 -41.73 -3.59
N ASP J 167 32.97 -42.34 -3.32
CA ASP J 167 32.05 -41.80 -2.33
C ASP J 167 32.73 -41.61 -0.98
N ARG J 168 33.38 -42.67 -0.48
CA ARG J 168 34.01 -42.57 0.83
C ARG J 168 35.23 -41.64 0.79
N PHE J 169 35.93 -41.58 -0.34
CA PHE J 169 37.11 -40.75 -0.44
C PHE J 169 36.75 -39.28 -0.26
N TYR J 170 35.82 -38.77 -1.07
CA TYR J 170 35.49 -37.36 -1.03
C TYR J 170 34.67 -37.00 0.20
N LYS J 171 33.94 -37.95 0.78
CA LYS J 171 33.26 -37.68 2.04
C LYS J 171 34.26 -37.51 3.18
N THR J 172 35.34 -38.28 3.15
CA THR J 172 36.41 -38.11 4.14
C THR J 172 37.22 -36.86 3.86
N LEU J 173 37.50 -36.58 2.58
CA LEU J 173 38.22 -35.37 2.23
C LEU J 173 37.44 -34.13 2.61
N ARG J 174 36.11 -34.20 2.51
CA ARG J 174 35.27 -33.06 2.90
C ARG J 174 35.35 -32.81 4.40
N ALA J 175 35.27 -33.87 5.21
CA ALA J 175 35.28 -33.70 6.65
C ALA J 175 36.64 -33.28 7.17
N GLU J 176 37.72 -33.75 6.55
CA GLU J 176 39.06 -33.41 7.02
C GLU J 176 39.40 -31.95 6.82
N GLN J 177 38.88 -31.34 5.75
CA GLN J 177 39.20 -29.96 5.41
C GLN J 177 38.02 -29.02 5.57
N ALA J 178 36.94 -29.47 6.22
CA ALA J 178 35.78 -28.62 6.52
C ALA J 178 35.21 -27.96 5.26
N SER J 179 35.05 -28.75 4.19
CA SER J 179 34.42 -28.34 2.95
C SER J 179 35.18 -27.23 2.23
N GLN J 180 36.51 -27.21 2.35
CA GLN J 180 37.33 -26.21 1.68
C GLN J 180 38.06 -26.84 0.49
N GLU J 181 38.39 -26.00 -0.49
CA GLU J 181 39.07 -26.42 -1.70
C GLU J 181 40.49 -26.90 -1.40
N ASN J 184 43.01 -30.42 -5.40
CA ASN J 184 44.37 -30.18 -5.85
C ASN J 184 44.95 -31.41 -6.56
N ALA J 185 46.18 -31.27 -7.04
CA ALA J 185 46.83 -32.37 -7.76
C ALA J 185 47.20 -33.51 -6.81
N ALA J 186 47.51 -33.19 -5.56
CA ALA J 186 47.94 -34.23 -4.62
C ALA J 186 46.82 -35.19 -4.28
N THR J 187 45.57 -34.74 -4.37
CA THR J 187 44.43 -35.59 -4.04
C THR J 187 43.96 -36.45 -5.21
N GLU J 188 44.17 -35.99 -6.45
CA GLU J 188 43.83 -36.83 -7.60
C GLU J 188 44.74 -38.03 -7.67
N THR J 189 46.04 -37.85 -7.41
CA THR J 189 46.97 -38.96 -7.45
C THR J 189 46.69 -39.96 -6.33
N LEU J 190 46.37 -39.46 -5.13
CA LEU J 190 46.08 -40.35 -4.02
C LEU J 190 44.85 -41.20 -4.29
N LEU J 191 43.92 -40.71 -5.12
CA LEU J 191 42.71 -41.47 -5.43
C LEU J 191 43.04 -42.67 -6.31
N VAL J 192 43.84 -42.46 -7.36
CA VAL J 192 44.23 -43.58 -8.22
C VAL J 192 45.20 -44.50 -7.49
N GLN J 193 46.10 -43.93 -6.69
CA GLN J 193 47.10 -44.74 -5.99
C GLN J 193 46.44 -45.74 -5.04
N ASN J 194 45.50 -45.27 -4.22
CA ASN J 194 44.88 -46.11 -3.21
C ASN J 194 43.72 -46.95 -3.75
N ALA J 195 43.49 -46.95 -5.06
CA ALA J 195 42.55 -47.87 -5.67
C ALA J 195 43.16 -49.26 -5.77
N ASN J 196 42.30 -50.27 -5.97
CA ASN J 196 42.77 -51.64 -6.06
C ASN J 196 43.52 -51.86 -7.37
N PRO J 197 44.35 -52.92 -7.44
CA PRO J 197 45.20 -53.10 -8.62
C PRO J 197 44.44 -53.31 -9.92
N ASP J 198 43.22 -53.85 -9.90
CA ASP J 198 42.55 -54.14 -11.16
C ASP J 198 41.96 -52.88 -11.80
N CYS J 199 41.41 -51.96 -10.99
CA CYS J 199 40.94 -50.71 -11.56
C CYS J 199 42.09 -49.74 -11.82
N LYS J 200 43.14 -49.78 -10.99
CA LYS J 200 44.30 -48.93 -11.21
C LYS J 200 44.95 -49.20 -12.57
N THR J 201 44.92 -50.45 -13.02
CA THR J 201 45.43 -50.75 -14.36
C THR J 201 44.60 -50.05 -15.43
N ILE J 202 43.28 -50.06 -15.29
CA ILE J 202 42.41 -49.39 -16.26
C ILE J 202 42.64 -47.88 -16.23
N LEU J 203 42.86 -47.32 -15.05
CA LEU J 203 43.05 -45.87 -14.93
C LEU J 203 44.36 -45.42 -15.56
N LYS J 204 45.44 -46.15 -15.29
CA LYS J 204 46.74 -45.80 -15.87
C LYS J 204 46.75 -45.95 -17.38
N ALA J 205 45.78 -46.69 -17.96
CA ALA J 205 45.68 -46.85 -19.40
C ALA J 205 44.72 -45.87 -20.05
N LEU J 206 43.87 -45.21 -19.26
CA LEU J 206 42.86 -44.31 -19.81
C LEU J 206 43.46 -43.11 -20.52
N GLY J 207 44.71 -42.76 -20.22
CA GLY J 207 45.31 -41.59 -20.78
C GLY J 207 45.17 -40.42 -19.82
N PRO J 208 46.09 -39.46 -19.92
CA PRO J 208 46.11 -38.37 -18.94
C PRO J 208 44.94 -37.42 -19.12
N GLY J 209 44.63 -36.71 -18.05
CA GLY J 209 43.57 -35.72 -18.07
C GLY J 209 42.17 -36.29 -18.13
N ALA J 210 41.98 -37.53 -17.69
CA ALA J 210 40.66 -38.15 -17.71
C ALA J 210 39.78 -37.58 -16.61
N THR J 211 38.58 -37.17 -16.99
CA THR J 211 37.61 -36.66 -16.02
C THR J 211 37.21 -37.77 -15.05
N LEU J 212 36.65 -37.35 -13.91
CA LEU J 212 36.15 -38.34 -12.96
C LEU J 212 35.06 -39.21 -13.59
N GLU J 213 34.23 -38.62 -14.44
CA GLU J 213 33.19 -39.40 -15.11
C GLU J 213 33.79 -40.52 -15.93
N GLU J 214 34.78 -40.21 -16.77
CA GLU J 214 35.44 -41.23 -17.59
C GLU J 214 36.11 -42.29 -16.72
N MET J 215 36.65 -41.87 -15.57
CA MET J 215 37.31 -42.82 -14.68
C MET J 215 36.31 -43.81 -14.08
N MET J 216 35.13 -43.34 -13.67
CA MET J 216 34.15 -44.23 -13.08
C MET J 216 33.42 -45.06 -14.13
N THR J 217 33.24 -44.51 -15.33
CA THR J 217 32.71 -45.29 -16.44
C THR J 217 33.67 -46.39 -16.87
N ALA J 218 34.97 -46.23 -16.60
CA ALA J 218 35.94 -47.24 -17.00
C ALA J 218 36.01 -48.40 -16.01
N CYS J 219 35.79 -48.14 -14.73
CA CYS J 219 35.85 -49.17 -13.68
C CYS J 219 34.46 -49.55 -13.18
N GLN J 220 33.48 -49.57 -14.08
CA GLN J 220 32.10 -49.87 -13.68
C GLN J 220 31.82 -51.38 -13.61
N GLY J 221 32.86 -52.22 -13.62
CA GLY J 221 32.67 -53.65 -13.54
C GLY J 221 32.90 -54.21 -12.14
N PRO K 2 16.29 -16.64 -2.71
CA PRO K 2 15.98 -16.32 -4.12
C PRO K 2 15.65 -14.85 -4.36
N ILE K 3 15.31 -14.52 -5.60
CA ILE K 3 14.87 -13.19 -6.00
C ILE K 3 13.47 -13.35 -6.58
N VAL K 4 12.47 -12.83 -5.89
CA VAL K 4 11.07 -13.04 -6.26
C VAL K 4 10.40 -11.68 -6.46
N GLN K 5 9.17 -11.74 -6.96
CA GLN K 5 8.34 -10.54 -7.09
C GLN K 5 7.61 -10.29 -5.79
N ASN K 6 7.76 -9.07 -5.27
CA ASN K 6 6.98 -8.65 -4.12
C ASN K 6 5.49 -8.71 -4.45
N LEU K 7 4.67 -8.69 -3.41
CA LEU K 7 3.23 -8.53 -3.62
C LEU K 7 2.87 -7.16 -4.17
N GLN K 8 3.86 -6.31 -4.47
CA GLN K 8 3.60 -5.06 -5.19
C GLN K 8 4.24 -5.02 -6.56
N GLY K 9 5.41 -5.64 -6.75
CA GLY K 9 6.03 -5.69 -8.06
C GLY K 9 7.46 -5.19 -8.08
N GLN K 10 8.17 -5.37 -6.97
CA GLN K 10 9.58 -5.03 -6.86
C GLN K 10 10.37 -6.32 -6.66
N MET K 11 11.43 -6.49 -7.45
CA MET K 11 12.29 -7.67 -7.31
C MET K 11 13.09 -7.55 -6.02
N VAL K 12 12.81 -8.44 -5.07
CA VAL K 12 13.39 -8.38 -3.74
C VAL K 12 14.05 -9.72 -3.44
N HIS K 13 15.15 -9.67 -2.69
CA HIS K 13 15.85 -10.87 -2.26
C HIS K 13 15.20 -11.42 -1.00
N GLN K 14 14.87 -12.71 -1.02
CA GLN K 14 14.29 -13.41 0.11
C GLN K 14 15.18 -14.58 0.48
N CYS K 15 15.17 -14.96 1.75
CA CYS K 15 15.94 -16.13 2.18
C CYS K 15 15.31 -17.40 1.61
N ILE K 16 16.12 -18.47 1.56
CA ILE K 16 15.58 -19.77 1.23
C ILE K 16 14.75 -20.26 2.41
N SER K 17 13.52 -20.68 2.12
CA SER K 17 12.66 -21.14 3.20
C SER K 17 13.18 -22.48 3.73
N PRO K 18 13.10 -22.71 5.04
CA PRO K 18 13.46 -24.04 5.56
C PRO K 18 12.64 -25.16 4.95
N ARG K 19 11.46 -24.89 4.39
CA ARG K 19 10.70 -25.94 3.75
C ARG K 19 11.27 -26.29 2.38
N THR K 20 11.86 -25.33 1.68
CA THR K 20 12.54 -25.63 0.44
C THR K 20 13.83 -26.42 0.69
N LEU K 21 14.56 -26.06 1.75
CA LEU K 21 15.79 -26.77 2.07
C LEU K 21 15.51 -28.23 2.43
N ASN K 22 14.54 -28.45 3.32
CA ASN K 22 14.22 -29.81 3.72
C ASN K 22 13.63 -30.62 2.56
N ALA K 23 12.86 -29.97 1.69
CA ALA K 23 12.31 -30.68 0.53
C ALA K 23 13.40 -31.21 -0.37
N TRP K 24 14.44 -30.39 -0.63
CA TRP K 24 15.53 -30.83 -1.49
C TRP K 24 16.35 -31.92 -0.82
N VAL K 25 16.57 -31.81 0.50
CA VAL K 25 17.32 -32.83 1.21
C VAL K 25 16.58 -34.15 1.18
N LYS K 26 15.25 -34.12 1.32
CA LYS K 26 14.49 -35.37 1.33
C LYS K 26 14.44 -36.00 -0.06
N VAL K 27 14.43 -35.19 -1.12
CA VAL K 27 14.38 -35.75 -2.47
C VAL K 27 15.65 -36.53 -2.76
N VAL K 28 16.80 -36.02 -2.32
CA VAL K 28 18.06 -36.70 -2.58
C VAL K 28 18.18 -37.95 -1.72
N GLU K 29 17.67 -37.90 -0.49
CA GLU K 29 17.74 -39.06 0.39
C GLU K 29 16.78 -40.16 -0.04
N GLU K 30 15.64 -39.81 -0.65
CA GLU K 30 14.61 -40.79 -0.96
C GLU K 30 14.61 -41.22 -2.43
N LYS K 31 15.16 -40.43 -3.35
CA LYS K 31 15.19 -40.77 -4.76
C LYS K 31 16.59 -40.85 -5.35
N ALA K 32 17.63 -40.50 -4.58
CA ALA K 32 19.01 -40.48 -5.07
C ALA K 32 19.13 -39.64 -6.33
N PHE K 33 19.41 -40.28 -7.47
CA PHE K 33 19.55 -39.58 -8.74
C PHE K 33 18.70 -40.25 -9.81
N SER K 34 17.46 -40.55 -9.44
CA SER K 34 16.47 -40.92 -10.43
C SER K 34 16.23 -39.73 -11.36
N PRO K 35 15.78 -39.98 -12.60
CA PRO K 35 15.62 -38.85 -13.54
C PRO K 35 14.71 -37.74 -13.04
N GLU K 36 13.68 -38.07 -12.26
CA GLU K 36 12.75 -37.04 -11.79
C GLU K 36 13.37 -36.11 -10.75
N VAL K 37 14.58 -36.40 -10.28
CA VAL K 37 15.22 -35.53 -9.30
C VAL K 37 15.57 -34.18 -9.94
N ILE K 38 15.93 -34.17 -11.21
CA ILE K 38 16.35 -32.94 -11.90
C ILE K 38 15.19 -31.95 -12.01
N PRO K 39 14.02 -32.31 -12.53
CA PRO K 39 12.92 -31.32 -12.55
C PRO K 39 12.50 -30.89 -11.17
N MET K 40 12.67 -31.74 -10.16
CA MET K 40 12.39 -31.32 -8.79
C MET K 40 13.39 -30.29 -8.31
N PHE K 41 14.67 -30.45 -8.68
CA PHE K 41 15.69 -29.48 -8.29
C PHE K 41 15.40 -28.12 -8.90
N SER K 42 15.20 -28.08 -10.22
CA SER K 42 14.95 -26.82 -10.90
C SER K 42 13.70 -26.14 -10.35
N ALA K 43 12.68 -26.93 -10.01
CA ALA K 43 11.44 -26.37 -9.48
C ALA K 43 11.58 -25.88 -8.05
N LEU K 44 12.48 -26.48 -7.26
CA LEU K 44 12.75 -25.98 -5.91
C LEU K 44 13.75 -24.83 -5.90
N SER K 45 14.48 -24.62 -7.00
CA SER K 45 15.45 -23.54 -7.10
C SER K 45 14.97 -22.43 -8.01
N CYS K 46 13.65 -22.26 -8.10
CA CYS K 46 13.07 -21.20 -8.93
C CYS K 46 13.45 -19.83 -8.40
N GLY K 47 14.09 -19.03 -9.24
CA GLY K 47 14.52 -17.70 -8.85
C GLY K 47 15.73 -17.65 -7.95
N ALA K 48 16.53 -18.72 -7.91
CA ALA K 48 17.63 -18.79 -6.97
C ALA K 48 18.85 -18.03 -7.47
N THR K 49 19.58 -17.43 -6.55
CA THR K 49 20.87 -16.84 -6.84
C THR K 49 21.94 -17.93 -6.88
N PRO K 50 23.10 -17.64 -7.47
CA PRO K 50 24.19 -18.63 -7.42
C PRO K 50 24.53 -19.09 -6.00
N GLN K 51 24.46 -18.18 -5.03
CA GLN K 51 24.71 -18.55 -3.64
C GLN K 51 23.65 -19.53 -3.13
N ASP K 52 22.42 -19.41 -3.61
CA ASP K 52 21.37 -20.34 -3.22
C ASP K 52 21.59 -21.71 -3.84
N LEU K 53 21.99 -21.75 -5.12
CA LEU K 53 22.27 -23.03 -5.77
C LEU K 53 23.43 -23.74 -5.08
N ASN K 54 24.45 -22.99 -4.67
CA ASN K 54 25.54 -23.58 -3.90
C ASN K 54 25.06 -24.08 -2.54
N THR K 55 24.08 -23.39 -1.95
CA THR K 55 23.55 -23.83 -0.65
C THR K 55 22.86 -25.18 -0.77
N MET K 56 22.00 -25.33 -1.79
CA MET K 56 21.26 -26.58 -1.97
C MET K 56 22.19 -27.74 -2.27
N LEU K 57 23.22 -27.52 -3.10
CA LEU K 57 24.17 -28.58 -3.39
C LEU K 57 25.01 -28.94 -2.18
N ASN K 58 25.29 -27.96 -1.31
CA ASN K 58 26.10 -28.22 -0.12
C ASN K 58 25.35 -29.02 0.94
N THR K 59 24.02 -29.00 0.93
CA THR K 59 23.27 -29.77 1.92
C THR K 59 23.21 -31.26 1.58
N VAL K 60 23.70 -31.66 0.41
CA VAL K 60 23.77 -33.08 0.07
C VAL K 60 24.89 -33.71 0.89
N GLY K 61 24.55 -34.71 1.70
CA GLY K 61 25.52 -35.33 2.59
C GLY K 61 26.33 -36.42 1.94
N GLY K 62 25.65 -37.37 1.29
CA GLY K 62 26.30 -38.42 0.55
C GLY K 62 26.47 -38.05 -0.91
N HIS K 63 26.69 -39.09 -1.73
CA HIS K 63 26.84 -38.94 -3.18
C HIS K 63 27.96 -37.96 -3.54
N GLN K 64 29.02 -37.94 -2.76
CA GLN K 64 30.12 -37.02 -3.02
C GLN K 64 30.88 -37.36 -4.30
N ALA K 65 30.77 -38.59 -4.80
CA ALA K 65 31.31 -38.90 -6.12
C ALA K 65 30.56 -38.13 -7.20
N ALA K 66 29.22 -38.12 -7.13
CA ALA K 66 28.45 -37.32 -8.06
C ALA K 66 28.71 -35.83 -7.86
N MET K 67 28.99 -35.41 -6.62
CA MET K 67 29.20 -33.99 -6.38
C MET K 67 30.55 -33.52 -6.93
N GLN K 68 31.55 -34.41 -6.94
CA GLN K 68 32.80 -34.07 -7.60
C GLN K 68 32.64 -34.03 -9.12
N MET K 69 31.87 -34.97 -9.69
CA MET K 69 31.59 -34.91 -11.13
C MET K 69 30.90 -33.60 -11.49
N LEU K 70 29.97 -33.17 -10.64
CA LEU K 70 29.24 -31.94 -10.91
C LEU K 70 30.18 -30.74 -10.94
N LYS K 71 31.14 -30.69 -10.02
CA LYS K 71 32.09 -29.58 -10.00
C LYS K 71 32.92 -29.54 -11.29
N GLU K 72 33.30 -30.70 -11.81
CA GLU K 72 34.08 -30.74 -13.05
C GLU K 72 33.26 -30.31 -14.25
N THR K 73 31.95 -30.56 -14.22
CA THR K 73 31.08 -30.06 -15.30
C THR K 73 30.90 -28.56 -15.20
N ILE K 74 30.79 -28.03 -13.97
CA ILE K 74 30.65 -26.60 -13.79
C ILE K 74 31.92 -25.88 -14.24
N ASN K 75 33.09 -26.37 -13.84
CA ASN K 75 34.34 -25.77 -14.30
C ASN K 75 34.44 -25.84 -15.82
N GLU K 76 33.98 -26.93 -16.42
CA GLU K 76 33.99 -27.05 -17.87
C GLU K 76 33.11 -25.99 -18.52
N GLU K 77 31.94 -25.73 -17.94
CA GLU K 77 31.03 -24.74 -18.52
C GLU K 77 31.50 -23.32 -18.27
N ALA K 78 32.14 -23.08 -17.12
CA ALA K 78 32.67 -21.75 -16.83
C ALA K 78 33.78 -21.38 -17.81
N ALA K 79 34.59 -22.35 -18.25
CA ALA K 79 35.64 -22.07 -19.22
C ALA K 79 35.08 -21.70 -20.58
N GLU K 80 33.95 -22.29 -20.98
CA GLU K 80 33.33 -21.91 -22.24
C GLU K 80 32.70 -20.53 -22.15
N TRP K 81 32.10 -20.20 -21.01
CA TRP K 81 31.56 -18.85 -20.83
C TRP K 81 32.65 -17.80 -20.86
N ASP K 82 33.87 -18.15 -20.42
CA ASP K 82 34.99 -17.22 -20.51
C ASP K 82 35.50 -17.13 -21.94
N ARG K 83 35.61 -18.28 -22.62
CA ARG K 83 36.01 -18.30 -24.03
C ARG K 83 35.02 -17.52 -24.91
N LEU K 84 33.82 -17.26 -24.42
CA LEU K 84 32.77 -16.60 -25.20
C LEU K 84 32.46 -15.19 -24.73
N HIS K 85 32.53 -14.92 -23.43
CA HIS K 85 32.22 -13.61 -22.85
C HIS K 85 33.45 -13.06 -22.14
N PRO K 86 34.42 -12.53 -22.88
CA PRO K 86 35.53 -11.81 -22.21
C PRO K 86 35.00 -10.58 -21.48
N VAL K 87 35.42 -10.42 -20.23
CA VAL K 87 34.98 -9.30 -19.40
C VAL K 87 35.88 -8.10 -19.69
N HIS K 88 35.28 -7.01 -20.17
CA HIS K 88 36.03 -5.84 -20.56
C HIS K 88 36.66 -5.15 -19.35
N ALA K 89 37.66 -4.32 -19.63
CA ALA K 89 38.32 -3.55 -18.58
C ALA K 89 37.80 -2.12 -18.55
N GLN K 96 30.04 1.12 -18.68
CA GLN K 96 31.06 0.10 -18.84
C GLN K 96 30.96 -0.94 -17.74
N MET K 97 29.90 -1.74 -17.78
CA MET K 97 29.63 -2.73 -16.75
C MET K 97 30.64 -3.87 -16.82
N ARG K 98 31.24 -4.20 -15.68
CA ARG K 98 32.12 -5.35 -15.58
C ARG K 98 31.30 -6.62 -15.77
N GLU K 99 31.53 -7.31 -16.87
CA GLU K 99 30.76 -8.50 -17.18
C GLU K 99 31.15 -9.64 -16.23
N PRO K 100 30.20 -10.52 -15.91
CA PRO K 100 30.53 -11.63 -14.99
C PRO K 100 31.38 -12.69 -15.65
N ARG K 101 32.35 -13.20 -14.90
CA ARG K 101 33.12 -14.36 -15.32
C ARG K 101 32.35 -15.63 -14.95
N GLY K 102 32.85 -16.77 -15.45
CA GLY K 102 32.26 -18.05 -15.07
C GLY K 102 32.36 -18.31 -13.58
N SER K 103 33.51 -17.98 -12.98
CA SER K 103 33.67 -18.10 -11.54
C SER K 103 32.72 -17.16 -10.79
N ASP K 104 32.28 -16.07 -11.42
CA ASP K 104 31.28 -15.22 -10.80
C ASP K 104 29.90 -15.85 -10.89
N ILE K 105 29.59 -16.49 -12.02
CA ILE K 105 28.30 -17.15 -12.19
C ILE K 105 28.19 -18.34 -11.24
N ALA K 106 29.30 -19.02 -10.96
CA ALA K 106 29.28 -20.18 -10.06
C ALA K 106 29.34 -19.78 -8.59
N GLY K 107 29.46 -18.49 -8.28
CA GLY K 107 29.47 -18.05 -6.91
C GLY K 107 30.75 -18.29 -6.14
N THR K 108 31.86 -18.56 -6.83
CA THR K 108 33.15 -18.73 -6.18
C THR K 108 33.88 -17.40 -5.99
N THR K 109 33.84 -16.53 -7.00
CA THR K 109 34.55 -15.25 -6.95
C THR K 109 33.61 -14.05 -6.91
N SER K 110 32.31 -14.28 -6.73
CA SER K 110 31.34 -13.20 -6.64
C SER K 110 30.69 -13.21 -5.27
N THR K 111 30.17 -12.06 -4.87
CA THR K 111 29.46 -11.90 -3.61
C THR K 111 27.96 -11.89 -3.87
N LEU K 112 27.19 -12.01 -2.80
CA LEU K 112 25.74 -11.95 -2.95
C LEU K 112 25.32 -10.63 -3.58
N GLN K 113 25.88 -9.51 -3.09
CA GLN K 113 25.53 -8.19 -3.62
C GLN K 113 25.73 -8.12 -5.12
N GLU K 114 26.88 -8.57 -5.61
CA GLU K 114 27.13 -8.57 -7.05
C GLU K 114 26.11 -9.43 -7.79
N GLN K 115 25.70 -10.54 -7.18
CA GLN K 115 24.75 -11.45 -7.84
C GLN K 115 23.36 -10.84 -7.92
N ILE K 116 22.90 -10.23 -6.83
CA ILE K 116 21.58 -9.60 -6.85
C ILE K 116 21.56 -8.45 -7.84
N GLY K 117 22.72 -7.86 -8.13
CA GLY K 117 22.76 -6.72 -9.03
C GLY K 117 22.62 -7.13 -10.49
N TRP K 118 23.43 -8.10 -10.93
CA TRP K 118 23.34 -8.61 -12.29
C TRP K 118 21.92 -9.06 -12.62
N MET K 119 21.28 -9.76 -11.67
CA MET K 119 19.96 -10.31 -11.90
C MET K 119 18.87 -9.25 -11.87
N THR K 120 19.18 -8.02 -11.42
CA THR K 120 18.21 -6.92 -11.38
C THR K 120 18.83 -5.69 -12.03
N HIS K 121 18.80 -5.66 -13.36
CA HIS K 121 19.35 -4.54 -14.13
C HIS K 121 18.48 -4.37 -15.36
N ASN K 122 18.42 -3.15 -15.90
CA ASN K 122 17.65 -2.92 -17.13
C ASN K 122 18.11 -3.85 -18.24
N PRO K 123 19.42 -4.04 -18.50
CA PRO K 123 19.87 -5.24 -19.22
C PRO K 123 20.30 -6.30 -18.23
N PRO K 124 19.40 -7.19 -17.82
CA PRO K 124 19.71 -8.11 -16.72
C PRO K 124 20.57 -9.28 -17.18
N ILE K 125 21.57 -9.62 -16.36
CA ILE K 125 22.40 -10.80 -16.59
C ILE K 125 21.88 -11.90 -15.65
N PRO K 126 21.09 -12.86 -16.14
CA PRO K 126 20.48 -13.88 -15.24
C PRO K 126 21.48 -14.96 -14.85
N VAL K 127 22.45 -14.58 -14.02
CA VAL K 127 23.51 -15.50 -13.62
C VAL K 127 22.98 -16.67 -12.81
N GLY K 128 21.82 -16.50 -12.14
CA GLY K 128 21.21 -17.64 -11.48
C GLY K 128 20.70 -18.66 -12.46
N GLU K 129 20.09 -18.21 -13.56
CA GLU K 129 19.58 -19.13 -14.58
C GLU K 129 20.71 -19.76 -15.37
N ILE K 130 21.79 -19.01 -15.63
CA ILE K 130 22.94 -19.57 -16.33
C ILE K 130 23.62 -20.64 -15.48
N TYR K 131 23.86 -20.33 -14.20
CA TYR K 131 24.44 -21.32 -13.30
C TYR K 131 23.55 -22.55 -13.19
N LYS K 132 22.24 -22.35 -13.03
CA LYS K 132 21.32 -23.47 -12.95
C LYS K 132 21.36 -24.31 -14.22
N ARG K 133 21.59 -23.68 -15.38
CA ARG K 133 21.71 -24.45 -16.62
C ARG K 133 22.95 -25.35 -16.59
N TRP K 134 24.07 -24.84 -16.07
CA TRP K 134 25.28 -25.65 -15.98
C TRP K 134 25.09 -26.80 -14.99
N ILE K 135 24.40 -26.53 -13.87
CA ILE K 135 24.19 -27.56 -12.87
C ILE K 135 23.33 -28.68 -13.43
N ILE K 136 22.24 -28.33 -14.13
CA ILE K 136 21.34 -29.35 -14.68
C ILE K 136 22.08 -30.20 -15.71
N LEU K 137 22.97 -29.59 -16.48
CA LEU K 137 23.81 -30.35 -17.39
C LEU K 137 24.65 -31.38 -16.65
N GLY K 138 25.21 -31.00 -15.50
CA GLY K 138 25.98 -31.94 -14.71
C GLY K 138 25.11 -33.03 -14.12
N LEU K 139 23.88 -32.69 -13.73
CA LEU K 139 22.96 -33.69 -13.18
C LEU K 139 22.53 -34.69 -14.25
N ASN K 140 22.41 -34.26 -15.50
CA ASN K 140 22.07 -35.19 -16.57
C ASN K 140 23.12 -36.27 -16.71
N LYS K 141 24.40 -35.92 -16.53
CA LYS K 141 25.44 -36.93 -16.60
C LYS K 141 25.41 -37.84 -15.38
N ILE K 142 25.02 -37.31 -14.22
CA ILE K 142 24.95 -38.12 -13.02
C ILE K 142 23.81 -39.13 -13.11
N VAL K 143 22.69 -38.72 -13.71
CA VAL K 143 21.57 -39.65 -13.86
C VAL K 143 21.92 -40.75 -14.85
N ARG K 144 22.56 -40.38 -15.96
CA ARG K 144 23.06 -41.39 -16.90
C ARG K 144 24.09 -42.30 -16.23
N MET K 145 24.95 -41.72 -15.39
CA MET K 145 25.93 -42.51 -14.65
C MET K 145 25.24 -43.53 -13.75
N TYR K 146 24.29 -43.07 -12.93
CA TYR K 146 23.58 -43.94 -12.00
C TYR K 146 22.64 -44.93 -12.68
N SER K 147 22.38 -44.76 -13.98
CA SER K 147 21.53 -45.69 -14.70
C SER K 147 22.20 -47.06 -14.74
N PRO K 148 21.61 -48.06 -14.07
CA PRO K 148 22.30 -49.36 -13.93
C PRO K 148 22.42 -50.10 -15.25
N THR K 149 21.33 -50.21 -15.99
CA THR K 149 21.27 -51.05 -17.17
C THR K 149 21.11 -50.20 -18.43
N SER K 150 21.72 -50.68 -19.52
CA SER K 150 21.52 -50.05 -20.82
C SER K 150 20.12 -50.36 -21.36
N ILE K 151 19.66 -49.51 -22.28
CA ILE K 151 18.35 -49.72 -22.87
C ILE K 151 18.32 -50.98 -23.72
N LEU K 152 19.48 -51.39 -24.24
CA LEU K 152 19.55 -52.61 -25.06
C LEU K 152 19.31 -53.87 -24.24
N ASP K 153 19.46 -53.79 -22.91
CA ASP K 153 19.31 -54.95 -22.05
C ASP K 153 18.02 -54.91 -21.24
N ILE K 154 17.03 -54.14 -21.68
CA ILE K 154 15.70 -54.13 -21.06
C ILE K 154 14.81 -55.05 -21.89
N ARG K 155 14.50 -56.23 -21.34
CA ARG K 155 13.79 -57.28 -22.07
C ARG K 155 12.63 -57.79 -21.25
N GLN K 156 11.46 -57.91 -21.88
CA GLN K 156 10.26 -58.37 -21.18
C GLN K 156 10.44 -59.81 -20.71
N GLY K 157 10.27 -60.03 -19.42
CA GLY K 157 10.40 -61.34 -18.84
C GLY K 157 9.37 -62.32 -19.37
N PRO K 158 9.59 -63.61 -19.12
CA PRO K 158 8.64 -64.62 -19.63
C PRO K 158 7.22 -64.43 -19.13
N LYS K 159 7.04 -64.05 -17.87
CA LYS K 159 5.72 -63.80 -17.31
C LYS K 159 5.50 -62.33 -16.96
N GLU K 160 6.42 -61.46 -17.35
CA GLU K 160 6.31 -60.04 -17.01
C GLU K 160 5.20 -59.39 -17.82
N PRO K 161 4.25 -58.70 -17.17
CA PRO K 161 3.20 -58.01 -17.94
C PRO K 161 3.80 -56.93 -18.83
N PHE K 162 3.13 -56.68 -19.96
CA PHE K 162 3.67 -55.75 -20.94
C PHE K 162 3.80 -54.35 -20.37
N ARG K 163 2.82 -53.92 -19.57
CA ARG K 163 2.84 -52.58 -19.01
C ARG K 163 4.03 -52.39 -18.06
N ASP K 164 4.35 -53.42 -17.27
CA ASP K 164 5.52 -53.31 -16.41
C ASP K 164 6.80 -53.28 -17.23
N TYR K 165 6.83 -53.98 -18.36
CA TYR K 165 8.02 -53.95 -19.21
C TYR K 165 8.20 -52.58 -19.84
N VAL K 166 7.11 -51.99 -20.35
CA VAL K 166 7.18 -50.65 -20.93
C VAL K 166 7.58 -49.62 -19.87
N ASP K 167 7.17 -49.82 -18.61
CA ASP K 167 7.59 -48.93 -17.54
C ASP K 167 9.10 -48.92 -17.38
N ARG K 168 9.71 -50.10 -17.27
CA ARG K 168 11.16 -50.15 -17.15
C ARG K 168 11.84 -49.64 -18.42
N PHE K 169 11.22 -49.84 -19.58
CA PHE K 169 11.82 -49.41 -20.83
C PHE K 169 11.94 -47.90 -20.89
N TYR K 170 10.86 -47.18 -20.60
CA TYR K 170 10.87 -45.72 -20.73
C TYR K 170 11.53 -45.01 -19.57
N LYS K 171 11.58 -45.63 -18.38
CA LYS K 171 12.36 -45.05 -17.29
C LYS K 171 13.84 -45.14 -17.59
N THR K 172 14.29 -46.27 -18.15
CA THR K 172 15.67 -46.39 -18.57
C THR K 172 15.97 -45.42 -19.71
N LEU K 173 15.07 -45.32 -20.68
CA LEU K 173 15.26 -44.38 -21.79
C LEU K 173 15.30 -42.94 -21.29
N ARG K 174 14.61 -42.64 -20.18
CA ARG K 174 14.65 -41.29 -19.63
C ARG K 174 16.01 -40.99 -19.02
N ALA K 175 16.60 -41.96 -18.32
CA ALA K 175 17.88 -41.72 -17.66
C ALA K 175 19.02 -41.60 -18.67
N GLU K 176 18.92 -42.27 -19.81
CA GLU K 176 19.99 -42.27 -20.79
C GLU K 176 19.85 -41.15 -21.82
N GLN K 177 18.62 -40.74 -22.14
CA GLN K 177 18.41 -39.62 -23.04
C GLN K 177 18.45 -38.27 -22.34
N ALA K 178 18.75 -38.25 -21.03
CA ALA K 178 18.78 -37.02 -20.24
C ALA K 178 17.45 -36.26 -20.30
N SER K 179 16.35 -37.01 -20.33
CA SER K 179 14.99 -36.45 -20.38
C SER K 179 14.80 -35.56 -21.60
N GLN K 180 15.39 -35.95 -22.72
CA GLN K 180 15.29 -35.20 -23.97
C GLN K 180 14.75 -36.11 -25.06
N GLU K 181 13.55 -35.81 -25.55
CA GLU K 181 12.93 -36.61 -26.60
C GLU K 181 13.70 -36.50 -27.91
N ASN K 184 11.03 -41.31 -31.76
CA ASN K 184 12.17 -41.93 -32.40
C ASN K 184 11.82 -43.33 -32.90
N ALA K 185 11.91 -43.53 -34.22
CA ALA K 185 11.49 -44.80 -34.82
C ALA K 185 12.39 -45.95 -34.39
N ALA K 186 13.68 -45.69 -34.13
CA ALA K 186 14.58 -46.76 -33.73
C ALA K 186 14.24 -47.29 -32.34
N THR K 187 13.75 -46.43 -31.44
CA THR K 187 13.33 -46.90 -30.13
C THR K 187 11.99 -47.65 -30.21
N GLU K 188 11.12 -47.27 -31.13
CA GLU K 188 9.85 -47.97 -31.30
C GLU K 188 10.08 -49.40 -31.79
N THR K 189 11.07 -49.60 -32.67
CA THR K 189 11.42 -50.95 -33.09
C THR K 189 12.11 -51.72 -31.98
N LEU K 190 12.85 -51.04 -31.12
CA LEU K 190 13.51 -51.72 -30.01
C LEU K 190 12.51 -52.15 -28.94
N LEU K 191 11.44 -51.37 -28.74
CA LEU K 191 10.42 -51.75 -27.77
C LEU K 191 9.73 -53.05 -28.18
N VAL K 192 9.41 -53.19 -29.47
CA VAL K 192 8.81 -54.43 -29.97
C VAL K 192 9.85 -55.54 -30.03
N GLN K 193 11.10 -55.21 -30.35
CA GLN K 193 12.14 -56.22 -30.49
C GLN K 193 12.39 -56.98 -29.20
N ASN K 194 12.39 -56.28 -28.07
CA ASN K 194 12.72 -56.88 -26.79
C ASN K 194 11.49 -57.31 -25.99
N ALA K 195 10.29 -57.17 -26.55
CA ALA K 195 9.13 -57.79 -25.93
C ALA K 195 9.24 -59.32 -26.04
N ASN K 196 8.59 -60.02 -25.11
CA ASN K 196 8.66 -61.47 -25.10
C ASN K 196 8.00 -62.04 -26.37
N PRO K 197 8.31 -63.29 -26.73
CA PRO K 197 7.83 -63.82 -28.02
C PRO K 197 6.33 -63.69 -28.27
N ASP K 198 5.49 -63.83 -27.23
CA ASP K 198 4.05 -63.79 -27.45
C ASP K 198 3.56 -62.39 -27.77
N CYS K 199 3.88 -61.41 -26.91
CA CYS K 199 3.43 -60.05 -27.19
C CYS K 199 4.11 -59.48 -28.42
N LYS K 200 5.36 -59.88 -28.69
CA LYS K 200 6.02 -59.44 -29.92
C LYS K 200 5.25 -59.88 -31.15
N THR K 201 4.67 -61.08 -31.12
CA THR K 201 3.88 -61.56 -32.25
C THR K 201 2.59 -60.75 -32.39
N ILE K 202 1.95 -60.42 -31.26
CA ILE K 202 0.72 -59.64 -31.30
C ILE K 202 1.00 -58.22 -31.80
N LEU K 203 2.13 -57.64 -31.37
CA LEU K 203 2.45 -56.28 -31.79
C LEU K 203 2.81 -56.22 -33.27
N LYS K 204 3.56 -57.20 -33.76
CA LYS K 204 3.92 -57.21 -35.18
C LYS K 204 2.71 -57.47 -36.06
N ALA K 205 1.73 -58.23 -35.57
CA ALA K 205 0.49 -58.44 -36.30
C ALA K 205 -0.39 -57.20 -36.29
N LEU K 206 -0.19 -56.30 -35.34
CA LEU K 206 -1.05 -55.13 -35.20
C LEU K 206 -0.89 -54.15 -36.36
N GLY K 207 0.22 -54.20 -37.08
CA GLY K 207 0.48 -53.27 -38.15
C GLY K 207 1.12 -52.00 -37.65
N PRO K 208 2.03 -51.42 -38.44
CA PRO K 208 2.72 -50.20 -38.00
C PRO K 208 1.79 -49.03 -37.77
N GLY K 209 2.34 -47.92 -37.26
CA GLY K 209 1.53 -46.76 -36.96
C GLY K 209 0.64 -46.90 -35.74
N ALA K 210 0.79 -47.99 -34.98
CA ALA K 210 -0.05 -48.22 -33.82
C ALA K 210 0.43 -47.39 -32.63
N THR K 211 -0.51 -46.75 -31.95
CA THR K 211 -0.17 -45.98 -30.76
C THR K 211 0.19 -46.92 -29.61
N LEU K 212 0.93 -46.39 -28.65
CA LEU K 212 1.28 -47.16 -27.47
C LEU K 212 0.03 -47.65 -26.74
N GLU K 213 -1.04 -46.85 -26.75
CA GLU K 213 -2.28 -47.28 -26.10
C GLU K 213 -2.83 -48.54 -26.76
N GLU K 214 -2.84 -48.57 -28.10
CA GLU K 214 -3.26 -49.76 -28.82
C GLU K 214 -2.32 -50.94 -28.57
N MET K 215 -1.02 -50.67 -28.42
CA MET K 215 -0.08 -51.77 -28.22
C MET K 215 -0.29 -52.44 -26.88
N MET K 216 -0.59 -51.67 -25.83
CA MET K 216 -0.76 -52.27 -24.52
C MET K 216 -2.17 -52.79 -24.28
N THR K 217 -3.16 -52.27 -25.01
CA THR K 217 -4.46 -52.93 -25.06
C THR K 217 -4.34 -54.32 -25.68
N ALA K 218 -3.49 -54.45 -26.69
CA ALA K 218 -3.35 -55.74 -27.38
C ALA K 218 -2.59 -56.75 -26.54
N CYS K 219 -1.70 -56.31 -25.66
CA CYS K 219 -0.92 -57.21 -24.82
C CYS K 219 -1.35 -57.15 -23.36
N GLN K 220 -2.63 -56.88 -23.11
CA GLN K 220 -3.10 -56.82 -21.73
C GLN K 220 -3.05 -58.19 -21.08
N GLY K 221 -3.58 -59.21 -21.75
CA GLY K 221 -3.52 -60.58 -21.27
C GLY K 221 -4.12 -60.82 -19.90
N PRO L 2 2.54 -20.50 -11.44
CA PRO L 2 1.23 -20.08 -11.94
C PRO L 2 1.08 -18.57 -12.03
N ILE L 3 0.00 -18.12 -12.66
CA ILE L 3 -0.31 -16.71 -12.79
C ILE L 3 -1.38 -16.38 -11.76
N VAL L 4 -1.02 -15.55 -10.78
CA VAL L 4 -1.89 -15.19 -9.67
C VAL L 4 -2.14 -13.68 -9.70
N GLN L 5 -3.01 -13.23 -8.81
CA GLN L 5 -3.41 -11.83 -8.74
C GLN L 5 -2.53 -11.07 -7.76
N ASN L 6 -2.15 -9.85 -8.15
CA ASN L 6 -1.29 -9.00 -7.35
C ASN L 6 -2.12 -8.05 -6.49
N LEU L 7 -1.46 -7.35 -5.58
CA LEU L 7 -2.11 -6.28 -4.83
C LEU L 7 -2.32 -5.03 -5.66
N GLN L 8 -1.73 -4.95 -6.84
CA GLN L 8 -2.06 -3.92 -7.83
C GLN L 8 -3.04 -4.44 -8.86
N GLY L 9 -3.65 -5.61 -8.59
CA GLY L 9 -4.58 -6.24 -9.50
C GLY L 9 -3.94 -6.93 -10.69
N GLN L 10 -2.68 -6.64 -10.99
CA GLN L 10 -2.05 -7.21 -12.17
C GLN L 10 -1.81 -8.71 -11.99
N MET L 11 -2.10 -9.48 -13.03
CA MET L 11 -1.82 -10.90 -12.99
C MET L 11 -0.32 -11.12 -13.15
N VAL L 12 0.30 -11.75 -12.15
CA VAL L 12 1.74 -11.86 -12.07
C VAL L 12 2.14 -13.34 -12.01
N HIS L 13 3.36 -13.63 -12.42
CA HIS L 13 3.87 -14.99 -12.35
C HIS L 13 4.38 -15.30 -10.95
N GLN L 14 4.38 -16.57 -10.60
CA GLN L 14 4.79 -17.04 -9.29
C GLN L 14 5.38 -18.43 -9.42
N CYS L 15 6.48 -18.69 -8.72
CA CYS L 15 7.08 -20.01 -8.72
C CYS L 15 6.09 -21.02 -8.16
N ILE L 16 6.07 -22.22 -8.75
CA ILE L 16 5.23 -23.28 -8.20
C ILE L 16 5.76 -23.66 -6.82
N SER L 17 4.84 -23.87 -5.87
CA SER L 17 5.33 -23.96 -4.50
C SER L 17 5.81 -25.38 -4.18
N PRO L 18 6.75 -25.51 -3.24
CA PRO L 18 7.18 -26.84 -2.82
C PRO L 18 6.05 -27.69 -2.25
N ARG L 19 5.11 -27.07 -1.54
CA ARG L 19 3.97 -27.81 -1.00
C ARG L 19 3.11 -28.38 -2.11
N THR L 20 2.94 -27.62 -3.20
CA THR L 20 2.14 -28.09 -4.31
C THR L 20 2.82 -29.23 -5.05
N LEU L 21 4.13 -29.12 -5.28
CA LEU L 21 4.86 -30.19 -5.95
C LEU L 21 4.87 -31.46 -5.12
N ASN L 22 5.09 -31.33 -3.81
CA ASN L 22 5.11 -32.49 -2.93
C ASN L 22 3.76 -33.20 -2.92
N ALA L 23 2.67 -32.44 -2.93
CA ALA L 23 1.35 -33.05 -2.85
C ALA L 23 1.04 -33.87 -4.11
N TRP L 24 1.39 -33.34 -5.28
CA TRP L 24 1.13 -34.08 -6.52
C TRP L 24 1.94 -35.36 -6.57
N VAL L 25 3.19 -35.32 -6.09
CA VAL L 25 4.00 -36.54 -6.06
C VAL L 25 3.43 -37.55 -5.09
N LYS L 26 2.90 -37.09 -3.95
CA LYS L 26 2.26 -38.00 -3.00
C LYS L 26 1.00 -38.62 -3.59
N VAL L 27 0.20 -37.82 -4.30
CA VAL L 27 -1.06 -38.32 -4.85
C VAL L 27 -0.81 -39.43 -5.86
N VAL L 28 0.20 -39.27 -6.71
CA VAL L 28 0.50 -40.29 -7.70
C VAL L 28 1.11 -41.53 -7.04
N GLU L 29 1.96 -41.32 -6.04
CA GLU L 29 2.59 -42.46 -5.37
C GLU L 29 1.58 -43.28 -4.57
N GLU L 30 0.57 -42.62 -4.00
CA GLU L 30 -0.39 -43.28 -3.13
C GLU L 30 -1.56 -43.88 -3.91
N LYS L 31 -2.12 -43.12 -4.84
CA LYS L 31 -3.34 -43.49 -5.53
C LYS L 31 -3.12 -43.99 -6.95
N ALA L 32 -1.87 -44.00 -7.43
CA ALA L 32 -1.55 -44.39 -8.80
C ALA L 32 -2.39 -43.59 -9.80
N PHE L 33 -3.23 -44.28 -10.56
CA PHE L 33 -4.15 -43.62 -11.48
C PHE L 33 -5.60 -43.98 -11.20
N SER L 34 -5.95 -44.01 -9.91
CA SER L 34 -7.34 -44.06 -9.51
C SER L 34 -8.06 -42.83 -10.06
N PRO L 35 -9.36 -42.91 -10.33
CA PRO L 35 -10.05 -41.78 -10.98
C PRO L 35 -9.94 -40.46 -10.23
N GLU L 36 -9.91 -40.48 -8.90
CA GLU L 36 -9.85 -39.23 -8.13
C GLU L 36 -8.52 -38.50 -8.27
N VAL L 37 -7.53 -39.11 -8.92
CA VAL L 37 -6.24 -38.44 -9.13
C VAL L 37 -6.40 -37.27 -10.10
N ILE L 38 -7.32 -37.37 -11.05
CA ILE L 38 -7.48 -36.35 -12.08
C ILE L 38 -8.05 -35.06 -11.49
N PRO L 39 -9.15 -35.08 -10.72
CA PRO L 39 -9.60 -33.83 -10.10
C PRO L 39 -8.58 -33.25 -9.13
N MET L 40 -7.74 -34.09 -8.53
CA MET L 40 -6.67 -33.58 -7.68
C MET L 40 -5.61 -32.87 -8.51
N PHE L 41 -5.28 -33.42 -9.68
CA PHE L 41 -4.33 -32.76 -10.57
C PHE L 41 -4.87 -31.42 -11.03
N SER L 42 -6.12 -31.39 -11.48
CA SER L 42 -6.70 -30.15 -11.98
C SER L 42 -6.76 -29.08 -10.89
N ALA L 43 -6.97 -29.49 -9.64
CA ALA L 43 -7.03 -28.53 -8.54
C ALA L 43 -5.65 -28.07 -8.11
N LEU L 44 -4.67 -28.98 -8.06
CA LEU L 44 -3.30 -28.61 -7.76
C LEU L 44 -2.63 -27.79 -8.85
N SER L 45 -3.20 -27.76 -10.06
CA SER L 45 -2.61 -27.03 -11.18
C SER L 45 -3.40 -25.76 -11.50
N CYS L 46 -4.07 -25.19 -10.52
CA CYS L 46 -4.94 -24.04 -10.76
C CYS L 46 -4.10 -22.82 -11.13
N GLY L 47 -4.46 -22.18 -12.24
CA GLY L 47 -3.74 -21.01 -12.72
C GLY L 47 -2.40 -21.28 -13.34
N ALA L 48 -2.12 -22.51 -13.75
CA ALA L 48 -0.78 -22.88 -14.18
C ALA L 48 -0.53 -22.50 -15.64
N THR L 49 0.75 -22.33 -15.95
CA THR L 49 1.25 -22.15 -17.31
C THR L 49 1.67 -23.51 -17.88
N PRO L 50 1.90 -23.60 -19.19
CA PRO L 50 2.40 -24.88 -19.73
C PRO L 50 3.69 -25.34 -19.08
N GLN L 51 4.59 -24.43 -18.72
CA GLN L 51 5.81 -24.82 -18.03
C GLN L 51 5.50 -25.44 -16.67
N ASP L 52 4.51 -24.91 -15.96
CA ASP L 52 4.13 -25.50 -14.68
C ASP L 52 3.54 -26.90 -14.86
N LEU L 53 2.65 -27.05 -15.84
CA LEU L 53 2.05 -28.35 -16.10
C LEU L 53 3.12 -29.38 -16.48
N ASN L 54 4.14 -28.96 -17.22
CA ASN L 54 5.24 -29.86 -17.58
C ASN L 54 6.08 -30.23 -16.36
N THR L 55 6.33 -29.26 -15.48
CA THR L 55 7.04 -29.55 -14.24
C THR L 55 6.32 -30.59 -13.41
N MET L 56 4.99 -30.48 -13.31
CA MET L 56 4.24 -31.44 -12.51
C MET L 56 4.30 -32.84 -13.10
N LEU L 57 4.20 -32.96 -14.42
CA LEU L 57 4.33 -34.26 -15.06
C LEU L 57 5.75 -34.81 -14.95
N ASN L 58 6.75 -33.92 -14.95
CA ASN L 58 8.14 -34.37 -14.87
C ASN L 58 8.51 -34.86 -13.48
N THR L 59 7.76 -34.49 -12.45
CA THR L 59 8.05 -34.99 -11.11
C THR L 59 7.53 -36.41 -10.90
N VAL L 60 6.75 -36.94 -11.84
CA VAL L 60 6.30 -38.33 -11.74
C VAL L 60 7.48 -39.24 -12.01
N GLY L 61 7.82 -40.08 -11.03
CA GLY L 61 8.95 -40.98 -11.16
C GLY L 61 8.66 -42.20 -12.01
N GLY L 62 7.75 -43.05 -11.55
CA GLY L 62 7.35 -44.23 -12.29
C GLY L 62 6.27 -43.94 -13.30
N HIS L 63 5.51 -44.98 -13.63
CA HIS L 63 4.38 -44.88 -14.55
C HIS L 63 4.81 -44.31 -15.89
N GLN L 64 6.02 -44.65 -16.33
CA GLN L 64 6.55 -44.07 -17.56
C GLN L 64 5.81 -44.56 -18.81
N ALA L 65 5.14 -45.71 -18.75
CA ALA L 65 4.30 -46.11 -19.87
C ALA L 65 3.10 -45.19 -20.01
N ALA L 66 2.51 -44.80 -18.88
CA ALA L 66 1.39 -43.86 -18.91
C ALA L 66 1.84 -42.47 -19.34
N MET L 67 3.04 -42.06 -18.90
CA MET L 67 3.54 -40.75 -19.31
C MET L 67 3.80 -40.69 -20.81
N GLN L 68 4.28 -41.80 -21.40
CA GLN L 68 4.48 -41.83 -22.84
C GLN L 68 3.16 -41.79 -23.58
N MET L 69 2.14 -42.50 -23.08
CA MET L 69 0.81 -42.41 -23.66
C MET L 69 0.27 -41.00 -23.55
N LEU L 70 0.54 -40.34 -22.42
CA LEU L 70 0.11 -38.96 -22.26
C LEU L 70 0.72 -38.06 -23.33
N LYS L 71 2.01 -38.24 -23.61
CA LYS L 71 2.66 -37.46 -24.67
C LYS L 71 2.00 -37.69 -26.02
N GLU L 72 1.64 -38.95 -26.32
CA GLU L 72 1.05 -39.24 -27.63
C GLU L 72 -0.33 -38.61 -27.78
N THR L 73 -1.08 -38.48 -26.67
CA THR L 73 -2.37 -37.79 -26.74
C THR L 73 -2.19 -36.29 -26.92
N ILE L 74 -1.16 -35.73 -26.28
CA ILE L 74 -0.87 -34.30 -26.43
C ILE L 74 -0.54 -33.97 -27.88
N ASN L 75 0.26 -34.83 -28.54
CA ASN L 75 0.57 -34.62 -29.94
C ASN L 75 -0.67 -34.67 -30.81
N GLU L 76 -1.62 -35.55 -30.47
CA GLU L 76 -2.85 -35.65 -31.24
C GLU L 76 -3.69 -34.38 -31.11
N GLU L 77 -3.83 -33.86 -29.89
CA GLU L 77 -4.61 -32.64 -29.70
C GLU L 77 -3.87 -31.43 -30.25
N ALA L 78 -2.54 -31.46 -30.26
CA ALA L 78 -1.78 -30.37 -30.86
C ALA L 78 -1.90 -30.37 -32.38
N ALA L 79 -1.92 -31.56 -32.99
CA ALA L 79 -2.16 -31.64 -34.43
C ALA L 79 -3.57 -31.20 -34.77
N GLU L 80 -4.53 -31.54 -33.92
CA GLU L 80 -5.91 -31.08 -34.13
C GLU L 80 -6.01 -29.58 -33.94
N TRP L 81 -5.24 -29.02 -33.01
CA TRP L 81 -5.23 -27.56 -32.83
C TRP L 81 -4.66 -26.87 -34.06
N ASP L 82 -3.61 -27.44 -34.65
CA ASP L 82 -2.96 -26.81 -35.80
C ASP L 82 -3.87 -26.81 -37.02
N ARG L 83 -4.59 -27.91 -37.25
CA ARG L 83 -5.46 -27.98 -38.43
C ARG L 83 -6.74 -27.18 -38.26
N LEU L 84 -7.19 -26.94 -37.03
CA LEU L 84 -8.32 -26.06 -36.79
C LEU L 84 -7.92 -24.60 -36.63
N HIS L 85 -6.62 -24.32 -36.50
CA HIS L 85 -6.09 -22.97 -36.53
C HIS L 85 -5.01 -22.92 -37.60
N PRO L 86 -5.38 -22.87 -38.87
CA PRO L 86 -4.38 -22.85 -39.93
C PRO L 86 -3.53 -21.59 -39.86
N VAL L 87 -2.32 -21.69 -40.44
CA VAL L 87 -1.41 -20.55 -40.50
C VAL L 87 -1.84 -19.65 -41.64
N HIS L 88 -2.92 -18.89 -41.43
CA HIS L 88 -3.44 -17.99 -42.45
C HIS L 88 -2.45 -16.89 -42.74
N ALA L 89 -1.94 -16.86 -43.98
CA ALA L 89 -1.02 -15.82 -44.42
C ALA L 89 -1.81 -14.70 -45.11
N GLY L 90 -1.08 -13.73 -45.66
CA GLY L 90 -1.70 -12.64 -46.37
C GLY L 90 -1.64 -11.32 -45.61
N PRO L 91 -2.81 -10.69 -45.41
CA PRO L 91 -2.84 -9.38 -44.75
C PRO L 91 -2.65 -9.46 -43.25
N ILE L 92 -1.44 -9.19 -42.78
CA ILE L 92 -1.12 -9.19 -41.36
C ILE L 92 -1.28 -7.77 -40.85
N ALA L 93 -2.22 -7.57 -39.92
CA ALA L 93 -2.40 -6.26 -39.31
C ALA L 93 -1.12 -5.85 -38.58
N PRO L 94 -0.84 -4.55 -38.46
CA PRO L 94 0.44 -4.13 -37.86
C PRO L 94 0.68 -4.68 -36.46
N GLY L 95 -0.32 -4.61 -35.58
CA GLY L 95 -0.17 -5.13 -34.24
C GLY L 95 -0.85 -6.47 -34.03
N GLN L 96 -0.76 -7.35 -35.03
CA GLN L 96 -1.37 -8.68 -34.96
C GLN L 96 -0.48 -9.62 -34.17
N MET L 97 -0.96 -10.11 -33.03
CA MET L 97 -0.18 -11.01 -32.20
C MET L 97 -0.06 -12.38 -32.86
N ARG L 98 1.14 -12.96 -32.78
CA ARG L 98 1.36 -14.31 -33.27
C ARG L 98 0.62 -15.29 -32.37
N GLU L 99 -0.33 -16.02 -32.94
CA GLU L 99 -1.10 -16.98 -32.16
C GLU L 99 -0.32 -18.27 -31.95
N PRO L 100 -0.59 -18.99 -30.87
CA PRO L 100 0.23 -20.17 -30.54
C PRO L 100 -0.08 -21.36 -31.43
N ARG L 101 0.96 -22.12 -31.74
CA ARG L 101 0.80 -23.42 -32.38
C ARG L 101 0.58 -24.48 -31.30
N GLY L 102 0.31 -25.72 -31.72
CA GLY L 102 0.14 -26.80 -30.76
C GLY L 102 1.37 -27.04 -29.90
N SER L 103 2.56 -26.84 -30.47
CA SER L 103 3.79 -27.01 -29.69
C SER L 103 4.01 -25.86 -28.70
N ASP L 104 3.41 -24.69 -28.95
CA ASP L 104 3.55 -23.59 -28.00
C ASP L 104 2.65 -23.80 -26.79
N ILE L 105 1.42 -24.26 -27.01
CA ILE L 105 0.52 -24.60 -25.92
C ILE L 105 1.13 -25.66 -25.01
N ALA L 106 1.96 -26.54 -25.56
CA ALA L 106 2.55 -27.63 -24.80
C ALA L 106 3.88 -27.25 -24.15
N GLY L 107 4.43 -26.08 -24.46
CA GLY L 107 5.69 -25.67 -23.86
C GLY L 107 6.93 -26.30 -24.44
N THR L 108 6.84 -26.86 -25.65
CA THR L 108 8.02 -27.43 -26.31
C THR L 108 8.74 -26.43 -27.18
N THR L 109 8.04 -25.42 -27.69
CA THR L 109 8.62 -24.39 -28.54
C THR L 109 8.29 -22.99 -28.07
N SER L 110 7.87 -22.82 -26.81
CA SER L 110 7.50 -21.53 -26.28
C SER L 110 8.21 -21.28 -24.96
N THR L 111 8.51 -20.02 -24.70
CA THR L 111 9.17 -19.61 -23.46
C THR L 111 8.12 -19.24 -22.40
N LEU L 112 8.59 -19.12 -21.16
CA LEU L 112 7.69 -18.69 -20.09
C LEU L 112 7.11 -17.31 -20.37
N GLN L 113 7.93 -16.42 -20.92
CA GLN L 113 7.45 -15.07 -21.24
C GLN L 113 6.36 -15.11 -22.29
N GLU L 114 6.49 -15.99 -23.29
CA GLU L 114 5.46 -16.10 -24.31
C GLU L 114 4.16 -16.66 -23.75
N GLN L 115 4.26 -17.67 -22.87
CA GLN L 115 3.05 -18.24 -22.27
C GLN L 115 2.32 -17.21 -21.41
N ILE L 116 3.08 -16.44 -20.63
CA ILE L 116 2.46 -15.37 -19.85
C ILE L 116 1.90 -14.30 -20.77
N GLY L 117 2.59 -14.01 -21.89
CA GLY L 117 2.09 -13.02 -22.83
C GLY L 117 0.73 -13.40 -23.40
N TRP L 118 0.56 -14.67 -23.77
CA TRP L 118 -0.74 -15.12 -24.25
C TRP L 118 -1.78 -15.12 -23.14
N MET L 119 -1.39 -15.53 -21.93
CA MET L 119 -2.35 -15.71 -20.85
C MET L 119 -2.83 -14.39 -20.25
N THR L 120 -2.11 -13.29 -20.46
CA THR L 120 -2.51 -12.00 -19.91
C THR L 120 -2.83 -10.98 -20.99
N HIS L 121 -3.03 -11.42 -22.23
CA HIS L 121 -3.27 -10.52 -23.34
C HIS L 121 -4.71 -10.01 -23.32
N ASN L 122 -4.95 -8.96 -24.10
CA ASN L 122 -6.30 -8.42 -24.34
C ASN L 122 -6.61 -8.54 -25.81
N PRO L 123 -7.41 -9.53 -26.23
CA PRO L 123 -8.05 -10.57 -25.42
C PRO L 123 -7.08 -11.70 -25.11
N PRO L 124 -7.29 -12.43 -24.00
CA PRO L 124 -6.33 -13.46 -23.61
C PRO L 124 -6.54 -14.77 -24.36
N ILE L 125 -5.43 -15.50 -24.51
CA ILE L 125 -5.43 -16.86 -25.00
C ILE L 125 -4.91 -17.76 -23.88
N PRO L 126 -5.81 -18.47 -23.18
CA PRO L 126 -5.41 -19.29 -22.01
C PRO L 126 -4.71 -20.60 -22.37
N VAL L 127 -3.45 -20.48 -22.78
CA VAL L 127 -2.68 -21.64 -23.21
C VAL L 127 -2.44 -22.62 -22.06
N GLY L 128 -2.49 -22.17 -20.82
CA GLY L 128 -2.41 -23.10 -19.70
C GLY L 128 -3.68 -23.92 -19.54
N GLU L 129 -4.83 -23.30 -19.78
CA GLU L 129 -6.09 -24.03 -19.67
C GLU L 129 -6.32 -24.93 -20.88
N ILE L 130 -5.94 -24.47 -22.07
CA ILE L 130 -6.01 -25.32 -23.26
C ILE L 130 -5.14 -26.55 -23.07
N TYR L 131 -3.91 -26.34 -22.59
CA TYR L 131 -3.00 -27.46 -22.34
C TYR L 131 -3.55 -28.37 -21.23
N LYS L 132 -4.14 -27.78 -20.19
CA LYS L 132 -4.71 -28.60 -19.13
C LYS L 132 -5.87 -29.45 -19.63
N ARG L 133 -6.64 -28.94 -20.61
CA ARG L 133 -7.69 -29.77 -21.21
C ARG L 133 -7.10 -30.98 -21.91
N TRP L 134 -5.99 -30.79 -22.62
CA TRP L 134 -5.32 -31.89 -23.31
C TRP L 134 -4.79 -32.92 -22.32
N ILE L 135 -4.17 -32.46 -21.23
CA ILE L 135 -3.56 -33.37 -20.27
C ILE L 135 -4.64 -34.21 -19.58
N ILE L 136 -5.81 -33.62 -19.33
CA ILE L 136 -6.88 -34.35 -18.65
C ILE L 136 -7.49 -35.38 -19.57
N LEU L 137 -7.62 -35.06 -20.87
CA LEU L 137 -8.07 -36.06 -21.83
C LEU L 137 -7.12 -37.25 -21.88
N GLY L 138 -5.82 -36.99 -21.80
CA GLY L 138 -4.87 -38.09 -21.77
C GLY L 138 -4.93 -38.89 -20.48
N LEU L 139 -5.06 -38.20 -19.34
CA LEU L 139 -5.17 -38.90 -18.06
C LEU L 139 -6.46 -39.72 -17.98
N ASN L 140 -7.54 -39.25 -18.61
CA ASN L 140 -8.77 -40.03 -18.64
C ASN L 140 -8.56 -41.38 -19.31
N LYS L 141 -7.79 -41.39 -20.41
CA LYS L 141 -7.49 -42.66 -21.08
C LYS L 141 -6.62 -43.55 -20.21
N ILE L 142 -5.70 -42.95 -19.44
CA ILE L 142 -4.85 -43.74 -18.55
C ILE L 142 -5.69 -44.37 -17.45
N VAL L 143 -6.72 -43.66 -16.97
CA VAL L 143 -7.58 -44.21 -15.93
C VAL L 143 -8.34 -45.43 -16.46
N ARG L 144 -8.85 -45.34 -17.69
CA ARG L 144 -9.49 -46.50 -18.32
C ARG L 144 -8.53 -47.67 -18.43
N MET L 145 -7.30 -47.41 -18.87
CA MET L 145 -6.30 -48.47 -19.02
C MET L 145 -6.03 -49.16 -17.69
N TYR L 146 -5.78 -48.38 -16.65
CA TYR L 146 -5.42 -48.93 -15.35
C TYR L 146 -6.58 -49.63 -14.65
N SER L 147 -7.80 -49.46 -15.12
CA SER L 147 -8.96 -50.09 -14.48
C SER L 147 -8.82 -51.61 -14.56
N PRO L 148 -8.72 -52.31 -13.42
CA PRO L 148 -8.43 -53.75 -13.46
C PRO L 148 -9.61 -54.62 -13.86
N THR L 149 -10.85 -54.15 -13.71
CA THR L 149 -12.02 -54.98 -13.96
C THR L 149 -13.04 -54.22 -14.78
N SER L 150 -13.73 -54.93 -15.66
CA SER L 150 -14.81 -54.36 -16.44
C SER L 150 -16.07 -54.22 -15.58
N ILE L 151 -16.95 -53.31 -16.00
CA ILE L 151 -18.20 -53.09 -15.29
C ILE L 151 -19.10 -54.32 -15.33
N LEU L 152 -18.93 -55.19 -16.34
CA LEU L 152 -19.74 -56.39 -16.43
C LEU L 152 -19.26 -57.49 -15.49
N ASP L 153 -17.96 -57.50 -15.17
CA ASP L 153 -17.40 -58.48 -14.25
C ASP L 153 -17.57 -58.09 -12.79
N ILE L 154 -18.22 -56.97 -12.51
CA ILE L 154 -18.56 -56.59 -11.14
C ILE L 154 -19.87 -57.27 -10.79
N ARG L 155 -19.79 -58.26 -9.89
CA ARG L 155 -20.95 -59.03 -9.47
C ARG L 155 -20.93 -59.18 -7.95
N GLN L 156 -22.11 -59.09 -7.35
CA GLN L 156 -22.22 -59.22 -5.90
C GLN L 156 -21.98 -60.66 -5.49
N GLY L 157 -21.05 -60.85 -4.54
CA GLY L 157 -20.78 -62.15 -4.01
C GLY L 157 -21.95 -62.70 -3.22
N PRO L 158 -21.81 -63.94 -2.75
CA PRO L 158 -22.92 -64.55 -1.98
C PRO L 158 -23.15 -63.88 -0.64
N LYS L 159 -22.08 -63.56 0.09
CA LYS L 159 -22.18 -62.94 1.41
C LYS L 159 -21.78 -61.47 1.40
N GLU L 160 -21.54 -60.90 0.23
CA GLU L 160 -21.12 -59.50 0.16
C GLU L 160 -22.31 -58.59 0.43
N PRO L 161 -22.21 -57.66 1.39
CA PRO L 161 -23.32 -56.73 1.62
C PRO L 161 -23.54 -55.83 0.41
N PHE L 162 -24.80 -55.41 0.24
CA PHE L 162 -25.17 -54.63 -0.93
C PHE L 162 -24.39 -53.33 -1.04
N ARG L 163 -23.94 -52.77 0.09
CA ARG L 163 -23.23 -51.49 0.04
C ARG L 163 -21.83 -51.67 -0.55
N ASP L 164 -21.10 -52.70 -0.11
CA ASP L 164 -19.78 -52.96 -0.69
C ASP L 164 -19.88 -53.27 -2.17
N TYR L 165 -20.99 -53.88 -2.60
CA TYR L 165 -21.19 -54.18 -4.01
C TYR L 165 -21.40 -52.90 -4.83
N VAL L 166 -22.26 -51.99 -4.34
CA VAL L 166 -22.47 -50.74 -5.03
C VAL L 166 -21.22 -49.87 -5.00
N ASP L 167 -20.41 -49.97 -3.93
CA ASP L 167 -19.15 -49.24 -3.90
C ASP L 167 -18.23 -49.65 -5.03
N ARG L 168 -18.00 -50.96 -5.18
CA ARG L 168 -17.15 -51.45 -6.26
C ARG L 168 -17.77 -51.17 -7.62
N PHE L 169 -19.10 -51.24 -7.72
CA PHE L 169 -19.76 -51.01 -9.00
C PHE L 169 -19.52 -49.60 -9.49
N TYR L 170 -19.78 -48.61 -8.65
CA TYR L 170 -19.67 -47.22 -9.08
C TYR L 170 -18.23 -46.72 -9.14
N LYS L 171 -17.33 -47.33 -8.37
CA LYS L 171 -15.91 -47.01 -8.55
C LYS L 171 -15.39 -47.52 -9.88
N THR L 172 -15.75 -48.75 -10.24
CA THR L 172 -15.42 -49.27 -11.56
C THR L 172 -16.07 -48.42 -12.65
N LEU L 173 -17.35 -48.10 -12.47
CA LEU L 173 -18.05 -47.27 -13.44
C LEU L 173 -17.35 -45.92 -13.61
N ARG L 174 -16.87 -45.34 -12.52
CA ARG L 174 -16.23 -44.04 -12.59
C ARG L 174 -14.93 -44.11 -13.40
N ALA L 175 -14.22 -45.22 -13.29
CA ALA L 175 -12.94 -45.34 -13.98
C ALA L 175 -13.13 -45.57 -15.48
N GLU L 176 -14.22 -46.22 -15.89
CA GLU L 176 -14.44 -46.54 -17.30
C GLU L 176 -15.10 -45.42 -18.08
N GLN L 177 -16.03 -44.69 -17.47
CA GLN L 177 -16.61 -43.51 -18.10
C GLN L 177 -15.77 -42.26 -17.93
N ALA L 178 -14.60 -42.38 -17.30
CA ALA L 178 -13.67 -41.26 -17.07
C ALA L 178 -14.34 -40.14 -16.26
N SER L 179 -15.06 -40.52 -15.20
CA SER L 179 -15.72 -39.59 -14.28
C SER L 179 -16.73 -38.69 -15.00
N GLN L 180 -17.36 -39.21 -16.05
CA GLN L 180 -18.40 -38.50 -16.77
C GLN L 180 -19.72 -39.26 -16.63
N GLU L 181 -20.83 -38.51 -16.61
CA GLU L 181 -22.16 -39.11 -16.47
C GLU L 181 -22.46 -40.11 -17.58
N ALA L 186 -30.24 -47.67 -18.18
CA ALA L 186 -29.00 -48.04 -18.86
C ALA L 186 -28.08 -48.79 -17.92
N THR L 187 -27.24 -48.06 -17.19
CA THR L 187 -26.42 -48.67 -16.14
C THR L 187 -27.26 -49.04 -14.91
N GLU L 188 -28.46 -48.46 -14.79
CA GLU L 188 -29.31 -48.78 -13.64
C GLU L 188 -29.71 -50.25 -13.65
N THR L 189 -30.17 -50.75 -14.80
CA THR L 189 -30.60 -52.14 -14.87
C THR L 189 -29.42 -53.10 -14.76
N LEU L 190 -28.21 -52.66 -15.12
CA LEU L 190 -27.04 -53.49 -14.92
C LEU L 190 -26.77 -53.72 -13.45
N LEU L 191 -27.02 -52.69 -12.62
CA LEU L 191 -26.75 -52.80 -11.19
C LEU L 191 -27.61 -53.87 -10.54
N VAL L 192 -28.88 -53.98 -10.96
CA VAL L 192 -29.74 -55.00 -10.36
C VAL L 192 -29.40 -56.39 -10.90
N GLN L 193 -28.95 -56.48 -12.15
CA GLN L 193 -28.74 -57.78 -12.78
C GLN L 193 -27.58 -58.54 -12.15
N ASN L 194 -26.52 -57.83 -11.76
CA ASN L 194 -25.33 -58.47 -11.22
C ASN L 194 -25.35 -58.59 -9.70
N ALA L 195 -26.48 -58.27 -9.06
CA ALA L 195 -26.65 -58.55 -7.65
C ALA L 195 -26.99 -60.02 -7.46
N ASN L 196 -26.63 -60.55 -6.29
CA ASN L 196 -26.94 -61.94 -6.00
C ASN L 196 -28.45 -62.13 -5.98
N PRO L 197 -28.95 -63.32 -6.38
CA PRO L 197 -30.38 -63.45 -6.68
C PRO L 197 -31.29 -63.20 -5.49
N ASP L 198 -30.86 -63.59 -4.28
CA ASP L 198 -31.70 -63.38 -3.10
C ASP L 198 -31.96 -61.90 -2.86
N CYS L 199 -30.94 -61.05 -3.03
CA CYS L 199 -31.20 -59.61 -2.95
C CYS L 199 -31.85 -59.10 -4.22
N LYS L 200 -31.47 -59.66 -5.37
CA LYS L 200 -31.99 -59.17 -6.65
C LYS L 200 -33.51 -59.23 -6.72
N THR L 201 -34.13 -60.21 -6.06
CA THR L 201 -35.58 -60.27 -6.02
C THR L 201 -36.17 -59.04 -5.33
N ILE L 202 -35.45 -58.49 -4.34
CA ILE L 202 -35.97 -57.34 -3.62
C ILE L 202 -35.89 -56.07 -4.47
N LEU L 203 -34.85 -55.94 -5.31
CA LEU L 203 -34.77 -54.80 -6.21
C LEU L 203 -35.90 -54.82 -7.24
N LYS L 204 -36.15 -55.98 -7.84
CA LYS L 204 -37.28 -56.11 -8.76
C LYS L 204 -38.60 -55.91 -8.03
N ALA L 205 -38.70 -56.33 -6.77
CA ALA L 205 -39.90 -56.08 -6.00
C ALA L 205 -40.11 -54.58 -5.80
N LEU L 206 -39.06 -53.87 -5.42
CA LEU L 206 -39.15 -52.42 -5.31
C LEU L 206 -39.52 -51.78 -6.64
N GLY L 207 -38.99 -52.32 -7.74
CA GLY L 207 -39.40 -51.91 -9.06
C GLY L 207 -38.65 -50.69 -9.56
N PRO L 208 -39.08 -50.18 -10.72
CA PRO L 208 -38.43 -49.02 -11.32
C PRO L 208 -38.80 -47.74 -10.57
N GLY L 209 -38.17 -46.64 -10.98
CA GLY L 209 -38.47 -45.33 -10.42
C GLY L 209 -37.89 -45.16 -9.03
N ALA L 210 -37.21 -46.20 -8.57
CA ALA L 210 -36.67 -46.21 -7.24
C ALA L 210 -35.37 -45.40 -7.18
N THR L 211 -35.15 -44.76 -6.04
CA THR L 211 -33.89 -44.09 -5.77
C THR L 211 -32.90 -45.09 -5.18
N LEU L 212 -31.61 -44.83 -5.40
CA LEU L 212 -30.59 -45.70 -4.83
C LEU L 212 -30.71 -45.78 -3.32
N GLU L 213 -31.16 -44.69 -2.68
CA GLU L 213 -31.39 -44.73 -1.24
C GLU L 213 -32.43 -45.78 -0.88
N GLU L 214 -33.52 -45.84 -1.65
CA GLU L 214 -34.54 -46.87 -1.40
C GLU L 214 -33.98 -48.27 -1.64
N MET L 215 -33.13 -48.43 -2.66
CA MET L 215 -32.64 -49.76 -2.98
C MET L 215 -31.62 -50.26 -1.95
N MET L 216 -30.83 -49.35 -1.38
CA MET L 216 -29.82 -49.78 -0.42
C MET L 216 -30.44 -50.16 0.92
N THR L 217 -31.62 -49.63 1.23
CA THR L 217 -32.29 -50.00 2.47
C THR L 217 -32.86 -51.42 2.40
N ALA L 218 -33.32 -51.83 1.21
CA ALA L 218 -34.00 -53.12 1.08
C ALA L 218 -33.05 -54.28 1.36
N CYS L 219 -31.81 -54.21 0.88
CA CYS L 219 -30.82 -55.26 1.11
C CYS L 219 -29.81 -54.88 2.18
N GLN L 220 -30.26 -54.20 3.24
CA GLN L 220 -29.37 -53.78 4.31
C GLN L 220 -29.04 -54.90 5.29
N GLY L 221 -29.90 -55.91 5.38
CA GLY L 221 -29.68 -57.02 6.29
C GLY L 221 -28.49 -57.89 5.91
C10 A1CH4 M . 23.07 26.71 -21.28
C13 A1CH4 M . 23.18 23.60 -19.67
C15 A1CH4 M . 25.49 23.41 -19.04
C17 A1CH4 M . 27.58 24.51 -19.49
C20 A1CH4 M . 25.74 23.45 -17.67
C21 A1CH4 M . 22.18 27.96 -18.00
C22 A1CH4 M . 22.50 29.26 -17.60
C24 A1CH4 M . 24.36 28.42 -16.32
C26 A1CH4 M . 24.29 21.39 -19.74
C01 A1CH4 M . 24.42 31.43 -25.08
C02 A1CH4 M . 24.47 30.07 -25.38
C03 A1CH4 M . 23.83 29.14 -24.57
C04 A1CH4 M . 23.13 29.58 -23.43
C05 A1CH4 M . 23.10 30.98 -23.15
C06 A1CH4 M . 23.74 31.92 -23.97
C07 A1CH4 M . 22.37 28.90 -22.40
C08 A1CH4 M . 21.93 29.91 -21.56
C09 A1CH4 M . 22.12 27.41 -22.28
C11 A1CH4 M . 23.22 25.13 -19.39
C12 A1CH4 M . 22.63 25.45 -17.99
C14 A1CH4 M . 22.96 26.87 -17.55
C16 A1CH4 M . 26.41 23.94 -19.95
C18 A1CH4 M . 27.86 24.57 -18.12
C19 A1CH4 M . 26.93 24.03 -17.21
C23 A1CH4 M . 23.58 29.49 -16.75
C25 A1CH4 M . 24.05 27.11 -16.71
C27 A1CH4 M . 29.89 25.78 -18.69
F01 A1CH4 M . 25.40 28.66 -15.49
F02 A1CH4 M . 21.74 30.30 -18.02
N01 A1CH4 M . 22.35 31.13 -22.00
N02 A1CH4 M . 22.50 25.88 -20.42
N03 A1CH4 M . 24.28 22.83 -19.49
O01 A1CH4 M . 24.28 26.92 -21.30
O02 A1CH4 M . 22.10 23.16 -20.06
O03 A1CH4 M . 25.15 29.65 -26.49
O04 A1CH4 M . 29.05 25.15 -17.72
C10 A1CH4 N . 22.10 35.10 7.31
C13 A1CH4 N . 21.50 31.97 8.44
C15 A1CH4 N . 22.14 31.92 10.75
C17 A1CH4 N . 23.18 33.42 12.34
C20 A1CH4 N . 21.16 31.60 11.69
C21 A1CH4 N . 18.40 35.55 8.44
C22 A1CH4 N . 17.84 36.75 8.85
C24 A1CH4 N . 17.93 36.01 11.15
C26 A1CH4 N . 22.70 30.00 9.31
C01 A1CH4 N . 24.35 40.77 6.49
C02 A1CH4 N . 25.00 39.55 6.31
C03 A1CH4 N . 24.29 38.36 6.19
C04 A1CH4 N . 22.89 38.39 6.27
C05 A1CH4 N . 22.24 39.65 6.45
C06 A1CH4 N . 22.95 40.86 6.56
C07 A1CH4 N . 21.86 37.39 6.19
C08 A1CH4 N . 20.66 38.06 6.33
C09 A1CH4 N . 22.07 35.89 6.00
C11 A1CH4 N . 20.87 33.37 8.64
C12 A1CH4 N . 19.37 33.24 8.96
C14 A1CH4 N . 18.74 34.56 9.38
C16 A1CH4 N . 23.16 32.83 11.08
C18 A1CH4 N . 22.21 33.10 13.29
C19 A1CH4 N . 21.19 32.19 12.96
C23 A1CH4 N . 17.60 36.99 10.20
C25 A1CH4 N . 18.49 34.80 10.74
C27 A1CH4 N . 23.02 34.95 14.62
F01 A1CH4 N . 17.71 36.23 12.46
F02 A1CH4 N . 17.53 37.69 7.93
N01 A1CH4 N . 20.89 39.40 6.49
N02 A1CH4 N . 21.08 34.25 7.49
N03 A1CH4 N . 22.10 31.33 9.48
O01 A1CH4 N . 23.02 35.23 8.13
O02 A1CH4 N . 21.44 31.47 7.30
O03 A1CH4 N . 26.36 39.51 6.24
O04 A1CH4 N . 22.31 33.73 14.53
C10 A1CH4 O . -4.47 36.64 21.52
C13 A1CH4 O . -4.56 33.19 21.81
C15 A1CH4 O . -6.13 32.78 23.58
C17 A1CH4 O . -7.36 34.09 25.20
C20 A1CH4 O . -7.29 32.07 23.26
C21 A1CH4 O . -7.33 35.87 18.98
C22 A1CH4 O . -8.37 36.76 18.69
C24 A1CH4 O . -9.83 35.49 20.14
C26 A1CH4 O . -4.13 31.37 23.42
C01 A1CH4 O . -4.43 42.84 22.29
C02 A1CH4 O . -3.58 41.92 22.90
C03 A1CH4 O . -3.47 40.61 22.41
C04 A1CH4 O . -4.22 40.24 21.29
C05 A1CH4 O . -5.07 41.21 20.68
C06 A1CH4 O . -5.19 42.52 21.17
C07 A1CH4 O . -4.35 39.01 20.53
C08 A1CH4 O . -5.26 39.30 19.52
C09 A1CH4 O . -3.64 37.70 20.77
C11 A1CH4 O . -5.47 34.34 21.30
C12 A1CH4 O . -6.42 33.81 20.18
C14 A1CH4 O . -7.54 34.79 19.85
C16 A1CH4 O . -6.16 33.79 24.54
C18 A1CH4 O . -8.53 33.39 24.89
C19 A1CH4 O . -8.48 32.38 23.92
C23 A1CH4 O . -9.62 36.57 19.27
C25 A1CH4 O . -8.79 34.61 20.43
C27 A1CH4 O . -9.77 35.00 26.21
F01 A1CH4 O . -11.03 35.29 20.71
F02 A1CH4 O . -8.17 37.80 17.85
N01 A1CH4 O . -5.68 40.59 19.62
N02 A1CH4 O . -4.71 35.50 20.84
N03 A1CH4 O . -4.93 32.47 22.91
O01 A1CH4 O . -4.87 36.83 22.67
O02 A1CH4 O . -3.52 32.95 21.18
O03 A1CH4 O . -2.85 42.29 24.00
O04 A1CH4 O . -9.67 33.74 25.58
C10 A1CH4 P . -29.90 28.74 7.19
C13 A1CH4 P . -29.30 25.43 7.21
C15 A1CH4 P . -31.43 24.33 6.96
C17 A1CH4 P . -33.77 24.88 6.85
C20 A1CH4 P . -31.56 23.54 5.83
C21 A1CH4 P . -29.36 28.11 3.24
C22 A1CH4 P . -29.97 28.82 2.21
C24 A1CH4 P . -31.57 27.02 1.93
C26 A1CH4 P . -29.83 23.42 8.57
C01 A1CH4 P . -32.60 34.25 7.71
C02 A1CH4 P . -32.27 33.35 8.74
C03 A1CH4 P . -31.37 32.32 8.53
C04 A1CH4 P . -30.79 32.17 7.26
C05 A1CH4 P . -31.13 33.11 6.24
C06 A1CH4 P . -32.05 34.15 6.44
C07 A1CH4 P . -29.83 31.24 6.70
C08 A1CH4 P . -29.65 31.64 5.39
C09 A1CH4 P . -29.17 30.08 7.41
C11 A1CH4 P . -29.71 26.48 6.15
C12 A1CH4 P . -29.19 26.07 4.75
C14 A1CH4 P . -29.84 26.86 3.62
C16 A1CH4 P . -32.54 25.01 7.49
C18 A1CH4 P . -33.93 24.09 5.72
C19 A1CH4 P . -32.81 23.42 5.20
C23 A1CH4 P . -31.08 28.27 1.55
C25 A1CH4 P . -30.95 26.32 2.96
C27 A1CH4 P . -36.16 24.99 5.51
F01 A1CH4 P . -32.64 26.51 1.29
F02 A1CH4 P . -29.50 30.03 1.84
N01 A1CH4 P . -30.43 32.74 5.12
N02 A1CH4 P . -29.22 27.82 6.48
N03 A1CH4 P . -30.17 24.45 7.57
O01 A1CH4 P . -31.02 28.54 7.65
O02 A1CH4 P . -28.17 25.58 7.71
O03 A1CH4 P . -32.86 33.50 9.96
O04 A1CH4 P . -35.19 24.02 5.16
C10 A1CH4 Q . -29.05 19.98 -21.66
C13 A1CH4 Q . -27.61 17.09 -20.80
C15 A1CH4 Q . -28.15 15.65 -22.63
C17 A1CH4 Q . -29.44 15.72 -24.66
C20 A1CH4 Q . -27.06 15.14 -23.34
C21 A1CH4 Q . -25.42 20.59 -23.24
C22 A1CH4 Q . -25.18 21.39 -24.37
C24 A1CH4 Q . -25.11 19.40 -25.74
C26 A1CH4 Q . -28.31 14.77 -20.34
C01 A1CH4 Q . -32.55 24.57 -23.99
C02 A1CH4 Q . -32.97 23.55 -23.14
C03 A1CH4 Q . -32.04 22.79 -22.43
C04 A1CH4 Q . -30.67 23.06 -22.59
C05 A1CH4 Q . -30.27 24.12 -23.47
C06 A1CH4 Q . -31.21 24.89 -24.18
C07 A1CH4 Q . -29.47 22.49 -22.03
C08 A1CH4 Q . -28.42 23.20 -22.58
C09 A1CH4 Q . -29.39 21.34 -21.04
C11 A1CH4 Q . -27.31 18.23 -21.83
C12 A1CH4 Q . -25.80 18.33 -22.14
C14 A1CH4 Q . -25.51 19.20 -23.36
C16 A1CH4 Q . -29.35 15.94 -23.29
C18 A1CH4 Q . -28.36 15.20 -25.38
C19 A1CH4 Q . -27.17 14.92 -24.70
C23 A1CH4 Q . -25.02 20.79 -25.62
C25 A1CH4 Q . -25.36 18.61 -24.62
C27 A1CH4 Q . -29.62 15.62 -27.40
F01 A1CH4 Q . -24.96 18.82 -26.95
F02 A1CH4 Q . -25.09 22.72 -24.24
N01 A1CH4 Q . -28.90 24.17 -23.43
N02 A1CH4 Q . -27.84 19.51 -21.36
N03 A1CH4 Q . -28.02 15.87 -21.25
O01 A1CH4 Q . -29.85 19.38 -22.38
O02 A1CH4 Q . -27.47 17.36 -19.61
O03 A1CH4 Q . -34.30 23.28 -22.99
O04 A1CH4 Q . -28.53 15.00 -26.73
C10 A1CH4 R . -2.72 19.60 -36.09
C13 A1CH4 R . -1.69 16.86 -34.49
C15 A1CH4 R . -0.02 15.76 -35.82
C17 A1CH4 R . 0.98 16.01 -38.00
C20 A1CH4 R . 1.25 15.61 -35.25
C21 A1CH4 R . 0.38 21.13 -33.91
C22 A1CH4 R . 1.16 22.22 -34.25
C24 A1CH4 R . 2.91 20.74 -34.98
C26 A1CH4 R . -1.72 14.38 -34.72
C01 A1CH4 R . -4.00 24.01 -40.29
C02 A1CH4 R . -4.64 22.79 -40.15
C03 A1CH4 R . -4.48 22.04 -38.97
C04 A1CH4 R . -3.67 22.53 -37.94
C05 A1CH4 R . -3.03 23.80 -38.12
C06 A1CH4 R . -3.18 24.55 -39.29
C07 A1CH4 R . -3.31 22.03 -36.64
C08 A1CH4 R . -2.48 22.99 -36.10
C09 A1CH4 R . -3.76 20.72 -36.00
C11 A1CH4 R . -1.04 18.23 -34.81
C12 A1CH4 R . 0.00 18.61 -33.74
C14 A1CH4 R . 0.86 19.82 -34.10
C16 A1CH4 R . -0.16 15.96 -37.19
C18 A1CH4 R . 2.25 15.86 -37.44
C19 A1CH4 R . 2.38 15.67 -36.06
C23 A1CH4 R . 2.43 22.03 -34.79
C25 A1CH4 R . 2.14 19.64 -34.64
C27 A1CH4 R . 3.20 16.64 -39.54
F01 A1CH4 R . 4.15 20.57 -35.50
F02 A1CH4 R . 0.71 23.48 -34.07
N01 A1CH4 R . -2.32 24.03 -36.97
N02 A1CH4 R . -2.08 19.28 -34.96
N03 A1CH4 R . -1.15 15.71 -34.99
O01 A1CH4 R . -2.51 19.02 -37.16
O02 A1CH4 R . -2.69 16.88 -33.76
O03 A1CH4 R . -5.42 22.30 -41.15
O04 A1CH4 R . 3.33 15.92 -38.31
C10 A1CH4 S . -18.89 -36.35 -10.89
C13 A1CH4 S . -19.31 -32.94 -10.91
C15 A1CH4 S . -21.69 -32.63 -10.89
C17 A1CH4 S . -23.68 -33.99 -11.09
C20 A1CH4 S . -22.24 -32.01 -9.75
C21 A1CH4 S . -18.92 -35.76 -7.08
C22 A1CH4 S . -19.36 -36.71 -6.14
C24 A1CH4 S . -21.45 -35.51 -5.93
C26 A1CH4 S . -20.33 -31.11 -12.25
C01 A1CH4 S . -19.64 -42.40 -11.79
C02 A1CH4 S . -19.57 -41.40 -12.74
C03 A1CH4 S . -19.05 -40.14 -12.43
C04 A1CH4 S . -18.62 -39.88 -11.11
C05 A1CH4 S . -18.70 -40.94 -10.15
C06 A1CH4 S . -19.21 -42.20 -10.48
C07 A1CH4 S . -18.04 -38.73 -10.46
C08 A1CH4 S . -17.83 -39.13 -9.15
C09 A1CH4 S . -17.76 -37.37 -11.08
C11 A1CH4 S . -19.49 -34.13 -9.92
C12 A1CH4 S . -19.29 -33.65 -8.46
C14 A1CH4 S . -19.75 -34.68 -7.44
C16 A1CH4 S . -22.42 -33.63 -11.56
C18 A1CH4 S . -24.24 -33.38 -9.96
C19 A1CH4 S . -23.49 -32.38 -9.29
C23 A1CH4 S . -20.63 -36.57 -5.57
C25 A1CH4 S . -21.01 -34.56 -6.87
C27 A1CH4 S . -26.17 -34.80 -10.28
F01 A1CH4 S . -22.68 -35.38 -5.38
F02 A1CH4 S . -18.57 -37.74 -5.80
N01 A1CH4 S . -18.21 -40.44 -8.97
N02 A1CH4 S . -18.57 -35.24 -10.22
N03 A1CH4 S . -20.41 -32.26 -11.33
O01 A1CH4 S . -20.01 -36.53 -11.36
O02 A1CH4 S . -18.16 -32.67 -11.25
O03 A1CH4 S . -20.00 -41.64 -14.02
O04 A1CH4 S . -25.48 -33.79 -9.56
C10 A1CH4 T . -24.98 -28.94 17.56
C13 A1CH4 T . -24.40 -25.73 16.97
C15 A1CH4 T . -25.61 -24.60 18.71
C17 A1CH4 T . -27.07 -25.16 20.54
C20 A1CH4 T . -24.84 -23.80 19.56
C21 A1CH4 T . -21.48 -28.43 19.70
C22 A1CH4 T . -21.13 -29.13 20.85
C24 A1CH4 T . -22.02 -27.35 22.21
C26 A1CH4 T . -25.73 -23.71 16.44
C01 A1CH4 T . -26.81 -34.63 19.37
C02 A1CH4 T . -27.46 -33.79 18.48
C03 A1CH4 T . -26.82 -32.70 17.90
C04 A1CH4 T . -25.48 -32.44 18.23
C05 A1CH4 T . -24.82 -33.33 19.14
C06 A1CH4 T . -25.46 -34.42 19.72
C07 A1CH4 T . -24.53 -31.44 17.82
C08 A1CH4 T . -23.36 -31.75 18.50
C09 A1CH4 T . -24.78 -30.30 16.86
C11 A1CH4 T . -23.91 -26.76 18.02
C12 A1CH4 T . -22.49 -26.39 18.53
C14 A1CH4 T . -22.10 -27.17 19.79
C16 A1CH4 T . -26.73 -25.28 19.19
C18 A1CH4 T . -26.33 -24.36 21.40
C19 A1CH4 T . -25.20 -23.68 20.90
C23 A1CH4 T . -21.40 -28.59 22.11
C25 A1CH4 T . -22.37 -26.64 21.06
C27 A1CH4 T . -27.93 -24.97 23.12
F01 A1CH4 T . -22.28 -26.83 23.44
F02 A1CH4 T . -20.53 -30.33 20.76
N01 A1CH4 T . -23.53 -32.86 19.28
N02 A1CH4 T . -23.94 -28.10 17.45
N03 A1CH4 T . -25.23 -24.73 17.36
O01 A1CH4 T . -26.01 -28.66 18.16
O02 A1CH4 T . -24.01 -25.90 15.81
O03 A1CH4 T . -28.78 -34.02 18.16
O04 A1CH4 T . -26.75 -24.28 22.72
C10 A1CH4 U . -2.82 -20.27 36.34
C13 A1CH4 U . -2.46 -17.30 34.76
C15 A1CH4 U . -1.41 -15.84 36.34
C17 A1CH4 U . -0.76 -15.89 38.67
C20 A1CH4 U . -0.16 -15.32 36.00
C21 A1CH4 U . 0.80 -20.83 34.76
C22 A1CH4 U . 1.81 -21.60 35.31
C24 A1CH4 U . 2.91 -19.59 36.10
C26 A1CH4 U . -3.22 -14.95 34.96
C01 A1CH4 U . -3.58 -24.95 40.37
C02 A1CH4 U . -4.45 -23.89 40.12
C03 A1CH4 U . -4.33 -23.12 38.97
C04 A1CH4 U . -3.29 -23.39 38.05
C05 A1CH4 U . -2.40 -24.47 38.34
C06 A1CH4 U . -2.53 -25.26 39.49
C07 A1CH4 U . -2.88 -22.80 36.81
C08 A1CH4 U . -1.79 -23.53 36.39
C09 A1CH4 U . -3.53 -21.62 36.10
C11 A1CH4 U . -1.53 -18.47 35.20
C12 A1CH4 U . -0.29 -18.58 34.27
C14 A1CH4 U . 0.83 -19.44 34.87
C16 A1CH4 U . -1.71 -16.13 37.68
C18 A1CH4 U . 0.50 -15.37 38.33
C19 A1CH4 U . 0.78 -15.09 36.99
C23 A1CH4 U . 2.88 -20.98 35.98
C25 A1CH4 U . 1.89 -18.83 35.54
C27 A1CH4 U . 1.10 -15.66 40.67
F01 A1CH4 U . 3.93 -18.98 36.75
F02 A1CH4 U . 1.78 -22.94 35.20
N01 A1CH4 U . -1.50 -24.53 37.30
N02 A1CH4 U . -2.26 -19.73 35.25
N03 A1CH4 U . -2.37 -16.08 35.35
O01 A1CH4 U . -2.77 -19.75 37.45
O02 A1CH4 U . -3.29 -17.56 33.87
O03 A1CH4 U . -5.46 -23.63 41.01
O04 A1CH4 U . 1.39 -15.16 39.37
C10 A1CH4 V . 25.72 -19.48 26.64
C13 A1CH4 V . 25.07 -16.65 24.76
C15 A1CH4 V . 27.25 -15.66 24.51
C17 A1CH4 V . 29.48 -16.02 25.36
C20 A1CH4 V . 27.76 -15.53 23.22
C21 A1CH4 V . 26.07 -21.03 23.03
C22 A1CH4 V . 26.98 -22.03 22.67
C24 A1CH4 V . 28.47 -20.37 21.75
C26 A1CH4 V . 25.36 -14.18 24.89
C01 A1CH4 V . 27.92 -23.94 30.39
C02 A1CH4 V . 27.47 -22.69 30.79
C03 A1CH4 V . 26.70 -21.89 29.94
C04 A1CH4 V . 26.38 -22.38 28.66
C05 A1CH4 V . 26.86 -23.67 28.29
C06 A1CH4 V . 27.63 -24.47 29.14
C07 A1CH4 V . 25.63 -21.85 27.56
C08 A1CH4 V . 25.68 -22.82 26.57
C09 A1CH4 V . 24.93 -20.50 27.48
C11 A1CH4 V . 25.65 -18.07 24.58
C12 A1CH4 V . 25.40 -18.57 23.13
C14 A1CH4 V . 26.37 -19.69 22.74
C16 A1CH4 V . 28.11 -15.90 25.58
C18 A1CH4 V . 30.01 -15.89 24.06
C19 A1CH4 V . 29.14 -15.64 22.99
C23 A1CH4 V . 28.17 -21.70 22.02
C25 A1CH4 V . 27.57 -19.37 22.10
C27 A1CH4 V . 32.18 -16.30 25.07
F01 A1CH4 V . 29.62 -20.05 21.13
F02 A1CH4 V . 26.68 -23.32 22.95
N01 A1CH4 V . 26.40 -23.90 27.00
N02 A1CH4 V . 25.11 -19.03 25.54
N03 A1CH4 V . 25.87 -15.55 24.72
O01 A1CH4 V . 26.86 -19.12 26.97
O02 A1CH4 V . 23.85 -16.58 24.95
O03 A1CH4 V . 27.79 -22.21 32.04
O04 A1CH4 V . 31.38 -16.01 23.93
C10 A1CH4 W . 31.93 -26.96 -1.95
C13 A1CH4 W . 30.59 -24.13 -3.13
C15 A1CH4 W . 31.56 -23.83 -5.30
C17 A1CH4 W . 33.22 -24.90 -6.70
C20 A1CH4 W . 30.67 -23.79 -6.38
C21 A1CH4 W . 28.73 -28.49 -3.79
C22 A1CH4 W . 28.68 -29.76 -4.36
C24 A1CH4 W . 29.03 -28.79 -6.54
C26 A1CH4 W . 31.34 -21.86 -3.85
C01 A1CH4 W . 35.26 -32.09 -0.62
C02 A1CH4 W . 35.62 -30.77 -0.37
C03 A1CH4 W . 34.68 -29.75 -0.41
C04 A1CH4 W . 33.34 -30.05 -0.70
C05 A1CH4 W . 33.00 -31.42 -0.96
C06 A1CH4 W . 33.94 -32.45 -0.92
C07 A1CH4 W . 32.15 -29.26 -0.81
C08 A1CH4 W . 31.15 -30.17 -1.13
C09 A1CH4 W . 32.02 -27.75 -0.64
C11 A1CH4 W . 30.42 -25.65 -3.43
C12 A1CH4 W . 29.00 -25.96 -3.97
C14 A1CH4 W . 28.93 -27.36 -4.59
C16 A1CH4 W . 32.84 -24.38 -5.46
C18 A1CH4 W . 32.33 -24.87 -7.78
C19 A1CH4 W . 31.05 -24.31 -7.61
C23 A1CH4 W . 28.83 -29.91 -5.74
C25 A1CH4 W . 29.09 -27.52 -5.97
C27 A1CH4 W . 33.99 -26.14 -9.03
F01 A1CH4 W . 29.18 -28.92 -7.88
F02 A1CH4 W . 28.48 -30.84 -3.58
N01 A1CH4 W . 31.65 -31.43 -1.21
N02 A1CH4 W . 30.73 -26.44 -2.23
N03 A1CH4 W . 31.15 -23.30 -4.06
O01 A1CH4 W . 32.90 -26.82 -2.69
O02 A1CH4 W . 30.19 -23.76 -2.01
O03 A1CH4 W . 36.93 -30.46 -0.07
O04 A1CH4 W . 32.77 -25.41 -8.98
C10 A1CH4 X . 9.75 -34.85 -20.98
C13 A1CH4 X . 8.46 -31.79 -21.24
C15 A1CH4 X . 7.17 -31.79 -23.27
C17 A1CH4 X . 6.70 -33.33 -25.06
C20 A1CH4 X . 5.82 -31.46 -23.18
C21 A1CH4 X . 6.29 -35.39 -19.00
C22 A1CH4 X . 5.59 -36.58 -18.91
C24 A1CH4 X . 4.01 -35.78 -20.54
C26 A1CH4 X . 8.58 -29.85 -22.79
C01 A1CH4 X . 11.92 -40.54 -22.13
C02 A1CH4 X . 12.51 -39.33 -22.49
C03 A1CH4 X . 12.10 -38.14 -21.89
C04 A1CH4 X . 11.09 -38.16 -20.91
C05 A1CH4 X . 10.51 -39.42 -20.57
C06 A1CH4 X . 10.92 -40.63 -21.17
C07 A1CH4 X . 10.45 -37.16 -20.10
C08 A1CH4 X . 9.53 -37.83 -19.33
C09 A1CH4 X . 10.72 -35.66 -20.12
C11 A1CH4 X . 7.89 -33.19 -20.90
C12 A1CH4 X . 6.65 -33.06 -19.97
C14 A1CH4 X . 5.87 -34.37 -19.86
C16 A1CH4 X . 7.62 -32.72 -24.21
C18 A1CH4 X . 5.35 -33.01 -24.98
C19 A1CH4 X . 4.91 -32.07 -24.04
C23 A1CH4 X . 4.44 -36.77 -19.68
C25 A1CH4 X . 4.72 -34.58 -20.63
C27 A1CH4 X . 4.98 -34.78 -26.61
F01 A1CH4 X . 2.90 -35.96 -21.30
F02 A1CH4 X . 6.02 -37.55 -18.07
N01 A1CH4 X . 9.57 -39.17 -19.61
N02 A1CH4 X . 8.91 -34.06 -20.30
N03 A1CH4 X . 8.08 -31.17 -22.39
O01 A1CH4 X . 9.74 -34.94 -22.21
O02 A1CH4 X . 9.27 -31.30 -20.44
O03 A1CH4 X . 13.49 -39.30 -23.44
O04 A1CH4 X . 4.50 -33.66 -25.88
#